data_4BLA
#
_entry.id   4BLA
#
_cell.length_a   117.920
_cell.length_b   372.570
_cell.length_c   86.250
_cell.angle_alpha   90.00
_cell.angle_beta   90.00
_cell.angle_gamma   90.00
#
_symmetry.space_group_name_H-M   'P 21 21 2'
#
_entity_poly.entity_id   1
_entity_poly.type   'polypeptide(L)'
_entity_poly.pdbx_seq_one_letter_code
;MKTEEGKLVIWINGDKGYNGLAEVGKKFEKDTGIKVTVEHPDKLEEKFPQVAATGDGPDIIFWAHDRFGGYAQSGLLAEI
TPDKAFQDKLYPFTWDAVRYNGKLIAYPIAVEALSLIYNKDLLPNPPKTWEEIPALDKELKAKGKSALMFNLQEPYFTWP
LIAADGGYAFKYENGKYDIKDVGVDNAGAKAGLTFLVDLIKNKHMNADTDYSIAEAAFNKGETAMTINGPWAWSNIDTSK
VNYGVTVLPTFKGQPSKPFVGVLSAGINAASPNKELAKEFLENYLLTDEGLEAVNKDKPLGAVALKSYEEELAKDPRIAA
TMENAQKGEIMPNIPQMSAFWYAVRTAVINAASGRQTVDAALAAAQTNAAAPGLHAIYGECRRLYPDQPNPLQVTAIVKY
WLGGPDPLDYVSMYRNVGSPSANIPEHWHYISFGLSDLYGDNRVHEFTGTDGPSGFGFELTFRLKRETGESAPPTWPAEL
MQGLARYVFQSENTFCSGDHVSWHSPLDNSESRIQHMLLTEDPQMQPVQTPFGVVTFLQIVGVCTEELHSAQQWNGQGIL
ELLRTVPIAGGPWLITDMRRGETIFEIDPHLQERVDKGIETDGSNLSGVSAKCAWDDLPSRGEDPIRTRQLESVHLKFNQ
ESGALIPLCLRGRLLHGRHFTYKSITGDMAITFVSTGVEGAFATEEHPYAAHGPWLQILLTEEFVEKMLEDLEDLTSPEE
FKLPKEYSWPEKKLKVSILPDVVFDSPLVEHHHHHH
;
_entity_poly.pdbx_strand_id   A,B,C,D
#
# COMPACT_ATOMS: atom_id res chain seq x y z
N GLU A 5 -49.78 15.45 3.61
CA GLU A 5 -50.98 15.10 2.84
C GLU A 5 -51.41 16.21 1.86
N GLY A 6 -50.60 17.27 1.75
CA GLY A 6 -50.94 18.43 0.92
C GLY A 6 -51.75 19.45 1.71
N LYS A 7 -51.86 19.14 3.00
CA LYS A 7 -52.52 19.87 4.06
C LYS A 7 -51.40 20.20 5.03
N LEU A 8 -51.61 21.09 6.01
CA LEU A 8 -50.52 21.42 6.91
C LEU A 8 -50.78 21.02 8.36
N VAL A 9 -49.85 20.19 8.84
CA VAL A 9 -49.82 19.61 10.17
C VAL A 9 -48.67 20.22 10.97
N ILE A 10 -48.97 20.62 12.21
CA ILE A 10 -48.00 21.24 13.10
C ILE A 10 -47.95 20.50 14.43
N TRP A 11 -46.73 20.26 14.93
CA TRP A 11 -46.55 19.62 16.23
C TRP A 11 -45.93 20.67 17.15
N ILE A 12 -46.50 20.85 18.34
CA ILE A 12 -45.98 21.82 19.31
C ILE A 12 -46.23 21.46 20.81
N ASN A 13 -45.30 21.83 21.69
CA ASN A 13 -45.34 21.47 23.14
C ASN A 13 -46.64 21.90 23.80
N GLY A 14 -47.11 21.19 24.82
CA GLY A 14 -48.44 21.42 25.38
C GLY A 14 -48.82 22.76 26.00
N ASP A 15 -47.83 23.58 26.36
CA ASP A 15 -48.06 24.90 27.02
C ASP A 15 -48.58 26.11 26.23
N LYS A 16 -48.25 26.25 24.95
CA LYS A 16 -48.60 27.45 24.17
C LYS A 16 -50.02 27.48 23.59
N GLY A 17 -50.40 28.58 22.93
CA GLY A 17 -51.76 28.83 22.44
C GLY A 17 -52.18 28.28 21.07
N TYR A 18 -52.41 26.98 21.03
CA TYR A 18 -52.75 26.27 19.80
C TYR A 18 -54.12 26.61 19.28
N ASN A 19 -55.05 26.89 20.16
CA ASN A 19 -56.42 27.16 19.74
C ASN A 19 -56.39 28.43 18.91
N GLY A 20 -55.59 29.41 19.32
CA GLY A 20 -55.40 30.60 18.52
C GLY A 20 -54.82 30.19 17.17
N LEU A 21 -53.82 29.32 17.19
CA LEU A 21 -53.26 28.79 15.95
C LEU A 21 -54.33 28.09 15.16
N ALA A 22 -55.24 27.40 15.83
CA ALA A 22 -56.34 26.73 15.17
C ALA A 22 -57.24 27.78 14.53
N GLU A 23 -57.41 28.91 15.21
CA GLU A 23 -58.21 29.98 14.65
C GLU A 23 -57.51 30.46 13.37
N VAL A 24 -56.18 30.59 13.43
CA VAL A 24 -55.41 30.95 12.25
C VAL A 24 -55.56 29.84 11.22
N GLY A 25 -55.66 28.59 11.67
CA GLY A 25 -55.91 27.47 10.78
C GLY A 25 -57.29 27.61 10.14
N LYS A 26 -58.24 28.14 10.89
CA LYS A 26 -59.56 28.38 10.34
C LYS A 26 -59.49 29.50 9.31
N LYS A 27 -58.75 30.54 9.65
CA LYS A 27 -58.53 31.68 8.76
C LYS A 27 -57.80 31.20 7.49
N PHE A 28 -56.89 30.26 7.69
CA PHE A 28 -56.18 29.65 6.56
C PHE A 28 -57.18 28.92 5.68
N GLU A 29 -58.09 28.20 6.33
CA GLU A 29 -59.11 27.43 5.62
C GLU A 29 -60.08 28.33 4.86
N LYS A 30 -60.35 29.51 5.41
CA LYS A 30 -61.25 30.42 4.74
C LYS A 30 -60.63 30.96 3.46
N ASP A 31 -59.40 31.45 3.57
CA ASP A 31 -58.76 32.11 2.44
C ASP A 31 -58.20 31.15 1.40
N THR A 32 -57.75 29.97 1.82
CA THR A 32 -57.08 29.05 0.89
C THR A 32 -57.79 27.71 0.67
N GLY A 33 -58.62 27.30 1.62
CA GLY A 33 -59.35 26.05 1.50
C GLY A 33 -58.59 24.85 2.04
N ILE A 34 -57.34 25.06 2.45
CA ILE A 34 -56.50 24.00 3.02
C ILE A 34 -56.71 23.84 4.51
N LYS A 35 -56.98 22.61 4.93
CA LYS A 35 -57.24 22.33 6.35
C LYS A 35 -55.95 22.34 7.16
N VAL A 36 -55.99 23.03 8.30
CA VAL A 36 -54.83 23.12 9.18
C VAL A 36 -55.17 22.48 10.53
N THR A 37 -54.56 21.34 10.82
CA THR A 37 -54.76 20.64 12.08
C THR A 37 -53.61 20.91 13.06
N VAL A 38 -53.94 21.26 14.30
CA VAL A 38 -52.90 21.53 15.31
C VAL A 38 -53.00 20.57 16.49
N GLU A 39 -51.94 19.78 16.69
CA GLU A 39 -51.85 18.78 17.76
C GLU A 39 -50.68 19.10 18.68
N HIS A 40 -50.67 18.59 19.91
CA HIS A 40 -49.57 18.89 20.82
C HIS A 40 -49.12 17.67 21.59
N PRO A 41 -48.63 16.68 20.86
CA PRO A 41 -48.17 15.39 21.40
C PRO A 41 -46.98 15.59 22.38
N ASP A 42 -46.77 14.65 23.30
CA ASP A 42 -45.65 14.67 24.25
C ASP A 42 -44.26 14.34 23.69
N LYS A 43 -43.22 14.95 24.27
CA LYS A 43 -41.80 14.67 23.92
C LYS A 43 -41.46 14.82 22.44
N LEU A 44 -42.01 15.86 21.85
CA LEU A 44 -41.91 16.09 20.42
C LEU A 44 -40.52 16.34 19.93
N GLU A 45 -39.72 16.98 20.77
CA GLU A 45 -38.38 17.33 20.36
C GLU A 45 -37.61 16.06 20.03
N GLU A 46 -37.87 15.02 20.81
CA GLU A 46 -37.29 13.70 20.59
C GLU A 46 -37.93 12.96 19.43
N LYS A 47 -39.26 13.08 19.32
CA LYS A 47 -40.06 12.45 18.26
C LYS A 47 -39.74 12.94 16.85
N PHE A 48 -39.42 14.23 16.70
CA PHE A 48 -39.26 14.80 15.35
C PHE A 48 -38.19 14.11 14.53
N PRO A 49 -36.98 13.94 15.06
CA PRO A 49 -36.04 13.19 14.21
C PRO A 49 -36.52 11.77 13.88
N GLN A 50 -37.22 11.15 14.82
CA GLN A 50 -37.69 9.78 14.65
C GLN A 50 -38.70 9.62 13.52
N VAL A 51 -39.73 10.49 13.50
CA VAL A 51 -40.80 10.37 12.52
C VAL A 51 -40.59 11.25 11.28
N ALA A 52 -39.67 12.20 11.37
CA ALA A 52 -39.50 13.15 10.28
C ALA A 52 -39.12 12.42 9.03
N ALA A 53 -38.30 11.39 9.21
CA ALA A 53 -37.80 10.61 8.10
C ALA A 53 -38.89 9.88 7.34
N THR A 54 -39.87 9.30 8.06
CA THR A 54 -40.88 8.49 7.38
C THR A 54 -41.75 9.37 6.49
N GLY A 55 -42.19 10.49 7.02
CA GLY A 55 -42.97 11.43 6.26
C GLY A 55 -44.28 11.76 6.94
N ASP A 56 -44.48 11.12 8.10
CA ASP A 56 -45.59 11.40 9.01
C ASP A 56 -45.28 12.49 10.02
N GLY A 57 -44.26 13.29 9.74
CA GLY A 57 -43.92 14.42 10.57
C GLY A 57 -44.78 15.61 10.16
N PRO A 58 -44.67 16.72 10.90
CA PRO A 58 -45.39 17.93 10.57
C PRO A 58 -44.65 18.75 9.51
N ASP A 59 -45.40 19.52 8.75
CA ASP A 59 -44.85 20.45 7.79
C ASP A 59 -44.08 21.56 8.51
N ILE A 60 -44.62 22.00 9.64
CA ILE A 60 -43.99 23.06 10.43
C ILE A 60 -43.82 22.63 11.88
N ILE A 61 -42.64 22.91 12.44
CA ILE A 61 -42.35 22.58 13.84
C ILE A 61 -41.96 23.81 14.64
N PHE A 62 -42.63 23.97 15.79
CA PHE A 62 -42.38 25.07 16.73
C PHE A 62 -41.55 24.69 17.97
N TRP A 63 -40.45 25.41 18.23
CA TRP A 63 -39.64 25.23 19.46
C TRP A 63 -38.57 26.29 19.61
N ALA A 64 -38.02 26.40 20.80
CA ALA A 64 -36.88 27.26 21.06
C ALA A 64 -35.76 26.89 20.09
N HIS A 65 -34.92 27.86 19.69
CA HIS A 65 -33.92 27.60 18.67
C HIS A 65 -32.90 26.52 19.04
N ASP A 66 -32.64 26.33 20.33
CA ASP A 66 -31.56 25.46 20.78
C ASP A 66 -31.60 24.03 20.23
N ARG A 67 -32.79 23.53 19.94
CA ARG A 67 -32.94 22.18 19.41
C ARG A 67 -32.60 22.20 17.93
N PHE A 68 -33.01 23.29 17.28
CA PHE A 68 -32.97 23.42 15.82
C PHE A 68 -31.57 23.18 15.26
N GLY A 69 -30.56 23.57 16.03
CA GLY A 69 -29.18 23.33 15.65
C GLY A 69 -28.90 21.87 15.42
N GLY A 70 -29.44 21.01 16.29
CA GLY A 70 -29.30 19.57 16.11
C GLY A 70 -30.01 19.16 14.83
N TYR A 71 -31.29 19.53 14.76
CA TYR A 71 -32.15 19.32 13.60
C TYR A 71 -31.44 19.71 12.29
N ALA A 72 -30.71 20.82 12.33
CA ALA A 72 -30.08 21.31 11.12
C ALA A 72 -28.89 20.44 10.68
N GLN A 73 -28.14 19.91 11.65
CA GLN A 73 -26.98 19.07 11.29
C GLN A 73 -27.44 17.74 10.72
N SER A 74 -28.57 17.25 11.21
CA SER A 74 -29.14 15.98 10.75
C SER A 74 -29.84 16.13 9.40
N GLY A 75 -30.07 17.36 8.95
CA GLY A 75 -30.70 17.60 7.66
C GLY A 75 -32.21 17.47 7.62
N LEU A 76 -32.88 17.90 8.68
CA LEU A 76 -34.34 17.78 8.77
C LEU A 76 -35.09 19.05 8.42
N LEU A 77 -34.37 20.17 8.31
CA LEU A 77 -34.99 21.47 8.10
C LEU A 77 -34.61 22.07 6.75
N ALA A 78 -35.61 22.68 6.11
CA ALA A 78 -35.46 23.34 4.82
C ALA A 78 -34.97 24.77 4.97
N GLU A 79 -34.22 25.23 3.97
CA GLU A 79 -33.77 26.61 3.98
C GLU A 79 -34.94 27.52 3.71
N ILE A 80 -35.10 28.54 4.55
CA ILE A 80 -36.15 29.51 4.37
C ILE A 80 -35.59 30.73 3.64
N THR A 81 -36.40 31.31 2.76
CA THR A 81 -35.95 32.43 1.94
C THR A 81 -36.92 33.62 2.01
N PRO A 82 -36.77 34.48 3.03
CA PRO A 82 -37.59 35.68 3.10
C PRO A 82 -36.94 36.91 2.44
N ASP A 83 -37.74 37.69 1.73
CA ASP A 83 -37.31 38.96 1.14
C ASP A 83 -37.02 40.01 2.21
N LYS A 84 -36.20 40.98 1.86
CA LYS A 84 -35.79 42.03 2.80
C LYS A 84 -37.00 42.78 3.38
N ALA A 85 -38.10 42.82 2.63
CA ALA A 85 -39.31 43.50 3.11
C ALA A 85 -39.75 42.87 4.42
N PHE A 86 -39.66 41.53 4.45
CA PHE A 86 -39.94 40.70 5.63
C PHE A 86 -38.89 40.68 6.75
N GLN A 87 -37.62 40.57 6.38
CA GLN A 87 -36.55 40.48 7.38
C GLN A 87 -36.49 41.77 8.19
N ASP A 88 -36.95 42.86 7.57
CA ASP A 88 -36.96 44.17 8.23
C ASP A 88 -38.12 44.35 9.21
N LYS A 89 -39.16 43.54 9.07
CA LYS A 89 -40.28 43.56 10.01
C LYS A 89 -39.86 43.05 11.38
N LEU A 90 -38.87 42.17 11.39
CA LEU A 90 -38.35 41.54 12.59
C LEU A 90 -36.99 42.11 13.01
N TYR A 91 -36.67 42.01 14.30
CA TYR A 91 -35.38 42.49 14.78
C TYR A 91 -34.22 41.67 14.21
N PRO A 92 -33.10 42.34 13.87
CA PRO A 92 -31.97 41.64 13.28
C PRO A 92 -31.45 40.49 14.14
N PHE A 93 -31.42 40.71 15.45
CA PHE A 93 -30.85 39.73 16.36
C PHE A 93 -31.71 38.45 16.47
N THR A 94 -33.01 38.54 16.23
CA THR A 94 -33.82 37.32 16.22
C THR A 94 -33.48 36.43 15.02
N TRP A 95 -33.11 37.05 13.90
CA TRP A 95 -32.63 36.29 12.76
C TRP A 95 -31.29 35.59 13.10
N ASP A 96 -30.43 36.26 13.85
CA ASP A 96 -29.16 35.66 14.28
C ASP A 96 -29.43 34.32 14.98
N ALA A 97 -30.49 34.30 15.80
CA ALA A 97 -30.84 33.12 16.60
C ALA A 97 -31.19 31.93 15.70
N VAL A 98 -31.54 32.20 14.44
CA VAL A 98 -31.96 31.13 13.55
C VAL A 98 -30.99 30.87 12.39
N ARG A 99 -29.74 31.28 12.55
CA ARG A 99 -28.75 30.98 11.53
C ARG A 99 -27.84 29.87 11.98
N TYR A 100 -27.79 28.84 11.17
CA TYR A 100 -26.80 27.81 11.37
C TYR A 100 -26.04 27.66 10.08
N ASN A 101 -24.72 27.63 10.16
CA ASN A 101 -23.93 27.48 8.95
C ASN A 101 -24.32 28.52 7.95
N GLY A 102 -24.63 29.70 8.44
CA GLY A 102 -24.83 30.81 7.54
C GLY A 102 -26.18 30.77 6.87
N LYS A 103 -26.96 29.72 7.11
CA LYS A 103 -28.27 29.67 6.49
C LYS A 103 -29.40 29.92 7.49
N LEU A 104 -30.51 30.49 7.01
CA LEU A 104 -31.72 30.69 7.82
C LEU A 104 -32.63 29.46 7.81
N ILE A 105 -32.93 28.94 9.00
CA ILE A 105 -33.66 27.69 9.11
C ILE A 105 -35.04 27.82 9.81
N ALA A 106 -35.46 29.02 10.18
CA ALA A 106 -36.77 29.18 10.83
C ALA A 106 -37.20 30.63 10.96
N TYR A 107 -38.50 30.82 11.08
CA TYR A 107 -39.08 32.13 11.35
C TYR A 107 -39.13 32.34 12.85
N PRO A 108 -38.46 33.38 13.37
CA PRO A 108 -38.58 33.61 14.82
C PRO A 108 -40.00 34.04 15.18
N ILE A 109 -40.53 33.44 16.24
CA ILE A 109 -41.88 33.69 16.70
C ILE A 109 -41.89 34.47 18.00
N ALA A 110 -41.24 33.97 19.06
CA ALA A 110 -41.28 34.65 20.37
C ALA A 110 -39.97 34.58 21.11
N VAL A 111 -39.63 35.63 21.86
CA VAL A 111 -38.34 35.69 22.58
C VAL A 111 -38.57 35.66 24.09
N GLU A 112 -37.80 34.82 24.79
CA GLU A 112 -37.87 34.78 26.23
C GLU A 112 -36.51 35.13 26.83
N ALA A 113 -36.52 36.03 27.83
CA ALA A 113 -35.28 36.47 28.46
C ALA A 113 -35.44 36.71 29.96
N LEU A 114 -34.39 36.48 30.75
CA LEU A 114 -34.48 36.74 32.18
C LEU A 114 -34.51 38.24 32.46
N SER A 115 -35.24 38.64 33.50
CA SER A 115 -35.33 40.04 33.90
C SER A 115 -35.18 40.24 35.40
N LEU A 116 -35.00 41.49 35.83
CA LEU A 116 -34.93 41.80 37.26
C LEU A 116 -36.30 42.11 37.83
N ILE A 117 -36.73 41.33 38.83
CA ILE A 117 -38.03 41.52 39.47
C ILE A 117 -37.86 42.10 40.87
N TYR A 118 -38.60 43.19 41.13
CA TYR A 118 -38.54 43.87 42.42
C TYR A 118 -39.90 44.12 43.04
N ASN A 119 -39.91 44.18 44.37
CA ASN A 119 -41.09 44.53 45.12
C ASN A 119 -41.21 46.05 45.27
N LYS A 120 -42.24 46.62 44.65
CA LYS A 120 -42.41 48.07 44.62
C LYS A 120 -42.50 48.66 46.02
N ASP A 121 -43.02 47.87 46.97
CA ASP A 121 -43.16 48.34 48.34
C ASP A 121 -41.80 48.48 49.02
N LEU A 122 -40.93 47.50 48.84
CA LEU A 122 -39.61 47.53 49.47
C LEU A 122 -38.59 48.43 48.78
N LEU A 123 -38.70 48.62 47.47
CA LEU A 123 -37.65 49.31 46.73
C LEU A 123 -38.27 50.12 45.61
N PRO A 124 -38.75 51.32 45.93
CA PRO A 124 -39.43 52.18 44.96
C PRO A 124 -38.55 52.46 43.76
N ASN A 125 -37.26 52.68 44.00
CA ASN A 125 -36.33 52.92 42.91
C ASN A 125 -35.27 51.83 42.94
N PRO A 126 -35.38 50.82 42.07
CA PRO A 126 -34.43 49.72 42.09
C PRO A 126 -33.02 50.15 41.74
N PRO A 127 -32.00 49.40 42.19
CA PRO A 127 -30.64 49.77 41.86
C PRO A 127 -30.39 49.63 40.36
N LYS A 128 -29.58 50.52 39.80
CA LYS A 128 -29.21 50.42 38.39
C LYS A 128 -27.87 49.69 38.23
N THR A 129 -27.19 49.41 39.35
CA THR A 129 -25.89 48.73 39.35
C THR A 129 -25.79 47.66 40.47
N TRP A 130 -24.97 46.63 40.26
CA TRP A 130 -24.78 45.60 41.30
C TRP A 130 -24.07 46.16 42.54
N GLU A 131 -23.14 47.08 42.32
CA GLU A 131 -22.28 47.58 43.40
C GLU A 131 -23.07 48.28 44.52
N GLU A 132 -24.28 48.74 44.21
CA GLU A 132 -25.13 49.38 45.21
C GLU A 132 -25.68 48.39 46.22
N ILE A 133 -25.85 47.15 45.74
CA ILE A 133 -26.65 46.15 46.45
C ILE A 133 -26.19 45.80 47.87
N PRO A 134 -24.87 45.67 48.10
CA PRO A 134 -24.41 45.42 49.47
C PRO A 134 -25.00 46.38 50.50
N ALA A 135 -24.86 47.68 50.27
CA ALA A 135 -25.42 48.67 51.17
C ALA A 135 -26.93 48.50 51.26
N LEU A 136 -27.57 48.17 50.13
CA LEU A 136 -29.01 47.99 50.11
C LEU A 136 -29.39 46.77 50.94
N ASP A 137 -28.59 45.72 50.80
CA ASP A 137 -28.80 44.51 51.57
C ASP A 137 -28.69 44.82 53.05
N LYS A 138 -27.70 45.63 53.39
CA LYS A 138 -27.46 46.02 54.77
C LYS A 138 -28.67 46.75 55.32
N GLU A 139 -29.22 47.62 54.49
CA GLU A 139 -30.42 48.38 54.78
C GLU A 139 -31.60 47.43 54.94
N LEU A 140 -31.74 46.46 54.04
CA LEU A 140 -32.87 45.53 54.14
C LEU A 140 -32.67 44.60 55.33
N LYS A 141 -31.44 44.15 55.54
CA LYS A 141 -31.11 43.33 56.71
C LYS A 141 -31.45 44.09 57.98
N ALA A 142 -31.41 45.40 57.91
CA ALA A 142 -31.74 46.25 59.05
C ALA A 142 -33.19 46.03 59.50
N LYS A 143 -34.06 45.71 58.55
CA LYS A 143 -35.45 45.42 58.88
C LYS A 143 -35.78 43.94 58.71
N GLY A 144 -34.80 43.07 58.95
CA GLY A 144 -35.05 41.65 58.99
C GLY A 144 -35.39 41.06 57.64
N LYS A 145 -34.92 41.70 56.57
CA LYS A 145 -35.15 41.20 55.23
C LYS A 145 -33.84 41.07 54.47
N SER A 146 -33.85 40.35 53.36
CA SER A 146 -32.67 40.26 52.49
C SER A 146 -32.97 40.81 51.11
N ALA A 147 -31.92 41.25 50.42
CA ALA A 147 -32.03 41.93 49.14
C ALA A 147 -32.30 41.05 47.94
N LEU A 148 -31.55 39.96 47.79
CA LEU A 148 -31.55 39.18 46.56
C LEU A 148 -31.50 37.70 46.83
N MET A 149 -32.25 36.92 46.06
CA MET A 149 -32.17 35.46 46.13
C MET A 149 -32.45 34.88 44.74
N PHE A 150 -31.55 34.02 44.26
CA PHE A 150 -31.78 33.33 43.00
C PHE A 150 -30.98 32.02 42.93
N ASN A 151 -31.32 31.16 41.98
CA ASN A 151 -30.69 29.85 41.90
C ASN A 151 -29.21 29.98 41.68
N LEU A 152 -28.41 29.51 42.62
CA LEU A 152 -26.98 29.58 42.43
C LEU A 152 -26.46 28.22 41.98
N GLN A 153 -27.35 27.25 41.82
CA GLN A 153 -26.91 25.91 41.46
C GLN A 153 -26.90 25.70 39.94
N GLU A 154 -27.65 26.55 39.24
CA GLU A 154 -27.73 26.49 37.79
C GLU A 154 -27.15 27.74 37.15
N PRO A 155 -26.18 27.58 36.23
CA PRO A 155 -25.51 28.72 35.59
C PRO A 155 -26.37 29.62 34.72
N TYR A 156 -27.58 29.22 34.38
CA TYR A 156 -28.43 30.05 33.52
C TYR A 156 -28.65 31.39 34.21
N PHE A 157 -28.74 31.32 35.53
CA PHE A 157 -29.07 32.47 36.35
C PHE A 157 -27.86 33.26 36.82
N THR A 158 -26.70 32.63 36.86
CA THR A 158 -25.50 33.31 37.27
C THR A 158 -24.63 33.72 36.09
N TRP A 159 -24.95 33.27 34.90
CA TRP A 159 -24.15 33.61 33.75
C TRP A 159 -24.20 35.07 33.38
N PRO A 160 -25.35 35.75 33.57
CA PRO A 160 -25.38 37.17 33.20
C PRO A 160 -24.31 37.98 33.87
N LEU A 161 -24.12 37.73 35.13
CA LEU A 161 -23.10 38.45 35.86
C LEU A 161 -21.72 37.98 35.38
N ILE A 162 -21.58 36.67 35.14
CA ILE A 162 -20.30 36.13 34.67
C ILE A 162 -20.00 36.65 33.26
N ALA A 163 -21.05 36.85 32.49
CA ALA A 163 -20.94 37.27 31.12
C ALA A 163 -20.82 38.78 31.08
N ALA A 164 -21.33 39.41 32.13
CA ALA A 164 -21.46 40.87 32.20
C ALA A 164 -20.22 41.61 31.75
N ASP A 165 -19.04 41.20 32.24
CA ASP A 165 -17.82 41.97 31.99
C ASP A 165 -16.98 41.49 30.81
N GLY A 166 -17.48 40.56 30.03
CA GLY A 166 -16.78 40.16 28.82
C GLY A 166 -16.72 38.67 28.56
N GLY A 167 -17.17 37.87 29.55
CA GLY A 167 -17.21 36.43 29.44
C GLY A 167 -18.11 35.94 28.33
N TYR A 168 -17.75 34.83 27.71
CA TYR A 168 -18.58 34.25 26.67
C TYR A 168 -18.36 32.75 26.51
N ALA A 169 -19.31 32.06 25.88
CA ALA A 169 -19.17 30.63 25.65
C ALA A 169 -18.48 30.41 24.32
N PHE A 170 -19.12 30.86 23.26
CA PHE A 170 -18.58 30.76 21.90
C PHE A 170 -18.85 32.05 21.15
N LYS A 171 -17.93 32.57 20.34
CA LYS A 171 -18.24 33.81 19.62
C LYS A 171 -18.47 33.52 18.18
N TYR A 172 -19.62 33.91 17.65
CA TYR A 172 -19.87 33.71 16.24
C TYR A 172 -19.73 35.07 15.61
N GLU A 173 -18.74 35.24 14.74
CA GLU A 173 -18.58 36.51 14.04
C GLU A 173 -19.31 36.53 12.70
N ASN A 174 -19.43 35.38 12.05
CA ASN A 174 -20.16 35.26 10.80
C ASN A 174 -21.33 34.28 10.86
N GLY A 175 -21.97 34.17 12.02
CA GLY A 175 -23.18 33.36 12.10
C GLY A 175 -22.78 31.92 12.32
N LYS A 176 -21.48 31.73 12.46
CA LYS A 176 -20.84 30.44 12.65
C LYS A 176 -20.09 30.56 13.96
N TYR A 177 -20.21 29.55 14.82
CA TYR A 177 -19.55 29.50 16.11
C TYR A 177 -18.17 28.86 16.09
N ASP A 178 -17.19 29.56 16.63
CA ASP A 178 -15.83 29.07 16.74
C ASP A 178 -15.73 28.30 18.04
N ILE A 179 -15.72 26.98 17.91
CA ILE A 179 -15.80 26.07 19.04
C ILE A 179 -14.55 26.08 19.92
N LYS A 180 -13.41 26.38 19.30
CA LYS A 180 -12.14 26.62 19.99
C LYS A 180 -12.14 27.87 20.88
N ASP A 181 -12.77 28.94 20.41
CA ASP A 181 -12.71 30.22 21.11
C ASP A 181 -13.76 30.20 22.19
N VAL A 182 -13.31 29.76 23.37
CA VAL A 182 -14.13 29.72 24.57
C VAL A 182 -13.70 30.89 25.45
N GLY A 183 -14.65 31.46 26.18
CA GLY A 183 -14.41 32.67 26.96
C GLY A 183 -14.77 32.55 28.42
N VAL A 184 -14.46 31.41 29.03
CA VAL A 184 -14.74 31.20 30.44
C VAL A 184 -13.52 31.52 31.30
N ASP A 185 -12.42 31.88 30.65
CA ASP A 185 -11.13 32.09 31.33
C ASP A 185 -10.73 33.56 31.45
N ASN A 186 -11.50 34.46 30.83
CA ASN A 186 -11.12 35.87 30.77
C ASN A 186 -11.43 36.67 32.03
N ALA A 187 -10.89 37.88 32.07
CA ALA A 187 -10.99 38.73 33.26
C ALA A 187 -12.44 38.94 33.67
N GLY A 188 -13.32 39.09 32.69
CA GLY A 188 -14.73 39.32 32.96
C GLY A 188 -15.42 38.23 33.74
N ALA A 189 -15.33 36.99 33.26
CA ALA A 189 -15.93 35.86 33.96
C ALA A 189 -15.36 35.77 35.36
N LYS A 190 -14.05 35.98 35.44
CA LYS A 190 -13.34 35.97 36.71
C LYS A 190 -13.86 37.09 37.60
N ALA A 191 -14.20 38.22 36.97
CA ALA A 191 -14.67 39.39 37.71
C ALA A 191 -16.04 39.08 38.32
N GLY A 192 -16.92 38.58 37.46
CA GLY A 192 -18.25 38.23 37.88
C GLY A 192 -18.23 37.17 38.98
N LEU A 193 -17.52 36.06 38.77
CA LEU A 193 -17.52 35.01 39.78
C LEU A 193 -16.88 35.44 41.08
N THR A 194 -15.84 36.28 41.03
CA THR A 194 -15.26 36.75 42.28
C THR A 194 -16.31 37.60 42.98
N PHE A 195 -17.04 38.38 42.19
CA PHE A 195 -18.10 39.22 42.77
C PHE A 195 -19.22 38.37 43.36
N LEU A 196 -19.65 37.32 42.65
CA LEU A 196 -20.67 36.42 43.19
C LEU A 196 -20.17 35.76 44.46
N VAL A 197 -18.95 35.24 44.39
CA VAL A 197 -18.37 34.59 45.53
C VAL A 197 -18.25 35.60 46.65
N ASP A 198 -17.91 36.83 46.33
CA ASP A 198 -17.80 37.87 47.36
C ASP A 198 -19.14 38.20 47.96
N LEU A 199 -20.18 38.20 47.14
CA LEU A 199 -21.54 38.36 47.63
C LEU A 199 -21.87 37.26 48.63
N ILE A 200 -21.51 36.02 48.27
CA ILE A 200 -21.78 34.87 49.14
C ILE A 200 -20.94 34.90 50.42
N LYS A 201 -19.67 35.33 50.33
CA LYS A 201 -18.80 35.41 51.51
C LYS A 201 -19.33 36.41 52.52
N ASN A 202 -19.83 37.54 52.04
CA ASN A 202 -20.33 38.57 52.94
C ASN A 202 -21.77 38.33 53.37
N LYS A 203 -22.25 37.10 53.18
CA LYS A 203 -23.53 36.67 53.74
C LYS A 203 -24.67 37.58 53.25
N HIS A 204 -24.56 38.01 52.01
CA HIS A 204 -25.64 38.69 51.31
C HIS A 204 -26.47 37.66 50.54
N MET A 205 -25.86 36.47 50.36
CA MET A 205 -26.49 35.33 49.73
C MET A 205 -26.02 34.03 50.36
N ASN A 206 -26.77 32.97 50.09
CA ASN A 206 -26.49 31.63 50.62
C ASN A 206 -26.35 30.64 49.47
N ALA A 207 -25.26 29.87 49.48
CA ALA A 207 -24.94 28.96 48.39
C ALA A 207 -26.05 27.92 48.22
N ASP A 208 -26.79 27.67 49.29
CA ASP A 208 -27.87 26.67 49.30
C ASP A 208 -29.13 27.04 48.50
N THR A 209 -29.35 28.34 48.25
CA THR A 209 -30.60 28.81 47.62
C THR A 209 -30.94 28.11 46.31
N ASP A 210 -32.20 27.72 46.16
CA ASP A 210 -32.68 27.01 44.96
C ASP A 210 -33.93 27.72 44.40
N TYR A 211 -34.56 27.10 43.41
CA TYR A 211 -35.76 27.66 42.79
C TYR A 211 -36.86 27.88 43.82
N SER A 212 -37.15 26.84 44.58
CA SER A 212 -38.28 26.88 45.49
C SER A 212 -38.04 27.84 46.65
N ILE A 213 -36.81 27.91 47.15
CA ILE A 213 -36.52 28.81 48.26
C ILE A 213 -36.63 30.26 47.80
N ALA A 214 -36.14 30.54 46.59
CA ALA A 214 -36.21 31.89 46.08
C ALA A 214 -37.69 32.23 45.85
N GLU A 215 -38.40 31.31 45.19
CA GLU A 215 -39.80 31.52 44.86
C GLU A 215 -40.69 31.64 46.09
N ALA A 216 -40.41 30.79 47.07
CA ALA A 216 -41.18 30.79 48.30
C ALA A 216 -40.93 32.12 49.00
N ALA A 217 -39.69 32.56 48.98
CA ALA A 217 -39.33 33.79 49.66
C ALA A 217 -40.05 35.01 49.09
N PHE A 218 -40.04 35.18 47.76
CA PHE A 218 -40.66 36.37 47.16
C PHE A 218 -42.15 36.32 47.32
N ASN A 219 -42.68 35.12 47.16
CA ASN A 219 -44.13 34.95 47.21
C ASN A 219 -44.69 35.08 48.63
N LYS A 220 -43.86 34.77 49.62
CA LYS A 220 -44.22 34.92 51.04
C LYS A 220 -43.94 36.32 51.57
N GLY A 221 -43.19 37.10 50.80
CA GLY A 221 -42.83 38.46 51.15
C GLY A 221 -41.62 38.51 52.08
N GLU A 222 -40.78 37.49 52.00
CA GLU A 222 -39.59 37.38 52.83
C GLU A 222 -38.36 38.04 52.22
N THR A 223 -38.29 38.08 50.89
CA THR A 223 -37.16 38.69 50.20
C THR A 223 -37.51 39.78 49.19
N ALA A 224 -36.59 40.72 49.03
CA ALA A 224 -36.83 41.94 48.26
C ALA A 224 -36.71 41.82 46.75
N MET A 225 -35.83 40.96 46.24
CA MET A 225 -35.60 40.89 44.78
C MET A 225 -35.43 39.49 44.19
N THR A 226 -35.61 39.39 42.87
CA THR A 226 -35.32 38.12 42.19
C THR A 226 -35.01 38.28 40.69
N ILE A 227 -34.58 37.17 40.11
CA ILE A 227 -34.31 37.05 38.68
C ILE A 227 -35.01 35.79 38.16
N ASN A 228 -35.84 35.91 37.12
CA ASN A 228 -36.61 34.74 36.68
C ASN A 228 -37.20 34.98 35.31
N GLY A 229 -37.75 33.94 34.67
CA GLY A 229 -38.39 34.09 33.38
C GLY A 229 -39.90 34.22 33.48
N PRO A 230 -40.57 34.55 32.36
CA PRO A 230 -42.01 34.78 32.38
C PRO A 230 -42.85 33.67 33.06
N TRP A 231 -42.46 32.42 32.91
CA TRP A 231 -43.23 31.32 33.48
C TRP A 231 -43.49 31.46 34.98
N ALA A 232 -42.52 32.04 35.69
CA ALA A 232 -42.60 32.16 37.14
C ALA A 232 -43.70 33.11 37.59
N TRP A 233 -43.96 34.07 36.70
CA TRP A 233 -44.81 35.22 36.99
C TRP A 233 -46.21 34.84 37.46
N SER A 234 -46.77 33.82 36.81
CA SER A 234 -48.11 33.37 37.09
C SER A 234 -48.22 33.12 38.59
N ASN A 235 -47.19 32.48 39.17
CA ASN A 235 -47.20 32.18 40.60
C ASN A 235 -47.11 33.44 41.46
N ILE A 236 -46.44 34.47 40.95
CA ILE A 236 -46.32 35.71 41.71
C ILE A 236 -47.65 36.47 41.67
N ASP A 237 -48.40 36.31 40.59
CA ASP A 237 -49.69 36.99 40.47
C ASP A 237 -50.64 36.51 41.56
N THR A 238 -50.60 35.21 41.85
CA THR A 238 -51.42 34.62 42.90
C THR A 238 -50.97 35.10 44.28
N SER A 239 -49.68 35.42 44.40
CA SER A 239 -49.10 35.87 45.67
C SER A 239 -49.51 37.31 46.05
N LYS A 240 -50.15 38.04 45.14
CA LYS A 240 -50.61 39.42 45.39
C LYS A 240 -49.57 40.43 45.87
N VAL A 241 -48.30 40.14 45.59
CA VAL A 241 -47.20 41.01 45.98
C VAL A 241 -47.22 42.18 45.02
N ASN A 242 -47.08 43.44 45.42
CA ASN A 242 -47.04 44.45 44.35
C ASN A 242 -45.62 44.64 43.86
N TYR A 243 -45.37 44.10 42.67
CA TYR A 243 -44.02 44.02 42.11
C TYR A 243 -43.90 44.66 40.73
N GLY A 244 -42.68 45.08 40.38
CA GLY A 244 -42.39 45.61 39.06
C GLY A 244 -41.24 44.83 38.43
N VAL A 245 -41.24 44.74 37.09
CA VAL A 245 -40.16 44.07 36.37
C VAL A 245 -39.36 45.03 35.48
N THR A 246 -38.04 45.03 35.66
CA THR A 246 -37.14 45.98 35.00
C THR A 246 -35.78 45.36 34.66
N VAL A 247 -34.96 46.19 33.99
CA VAL A 247 -33.64 45.77 33.55
C VAL A 247 -32.73 45.36 34.71
N LEU A 248 -31.89 44.36 34.45
CA LEU A 248 -30.93 43.83 35.42
C LEU A 248 -29.85 44.87 35.70
N PRO A 249 -29.23 44.79 36.89
CA PRO A 249 -28.20 45.80 37.18
C PRO A 249 -26.98 45.66 36.25
N THR A 250 -26.32 46.77 35.95
CA THR A 250 -25.08 46.73 35.17
C THR A 250 -23.91 46.40 36.08
N PHE A 251 -22.89 45.78 35.51
CA PHE A 251 -21.65 45.49 36.26
C PHE A 251 -20.47 46.14 35.55
N LYS A 252 -19.71 46.95 36.28
CA LYS A 252 -18.56 47.67 35.70
C LYS A 252 -18.90 48.41 34.41
N GLY A 253 -20.09 48.99 34.36
CA GLY A 253 -20.43 49.86 33.24
C GLY A 253 -21.01 49.17 32.02
N GLN A 254 -21.09 47.84 32.07
CA GLN A 254 -21.59 47.04 30.95
C GLN A 254 -22.86 46.29 31.33
N PRO A 255 -23.72 46.00 30.34
CA PRO A 255 -24.97 45.28 30.62
C PRO A 255 -24.76 43.86 31.12
N SER A 256 -25.65 43.41 32.00
CA SER A 256 -25.71 42.01 32.35
C SER A 256 -26.22 41.29 31.11
N LYS A 257 -25.81 40.04 30.91
CA LYS A 257 -26.33 39.25 29.80
C LYS A 257 -27.15 38.04 30.25
N PRO A 258 -28.46 38.10 30.07
CA PRO A 258 -29.27 36.92 30.37
C PRO A 258 -29.54 36.15 29.10
N PHE A 259 -29.29 34.84 29.08
CA PHE A 259 -29.44 34.09 27.83
C PHE A 259 -30.85 34.28 27.30
N VAL A 260 -30.94 34.63 26.03
CA VAL A 260 -32.22 34.84 25.41
C VAL A 260 -32.48 33.76 24.41
N GLY A 261 -33.62 33.10 24.55
CA GLY A 261 -33.99 32.04 23.63
C GLY A 261 -35.32 32.36 23.00
N VAL A 262 -35.41 32.28 21.67
CA VAL A 262 -36.61 32.68 20.95
C VAL A 262 -37.39 31.49 20.41
N LEU A 263 -38.64 31.34 20.81
CA LEU A 263 -39.54 30.37 20.21
C LEU A 263 -39.59 30.60 18.70
N SER A 264 -39.26 29.57 17.94
CA SER A 264 -39.22 29.71 16.48
C SER A 264 -39.93 28.56 15.79
N ALA A 265 -40.36 28.80 14.55
CA ALA A 265 -41.05 27.77 13.74
C ALA A 265 -40.26 27.46 12.47
N GLY A 266 -39.91 26.19 12.29
CA GLY A 266 -39.13 25.72 11.16
C GLY A 266 -39.93 24.82 10.24
N ILE A 267 -39.51 24.74 8.98
CA ILE A 267 -40.21 23.91 7.99
C ILE A 267 -39.45 22.62 7.67
N ASN A 268 -40.15 21.49 7.81
CA ASN A 268 -39.58 20.17 7.58
C ASN A 268 -39.13 20.02 6.14
N ALA A 269 -37.89 19.57 5.97
CA ALA A 269 -37.29 19.42 4.66
C ALA A 269 -38.01 18.37 3.82
N ALA A 270 -38.74 17.47 4.48
CA ALA A 270 -39.47 16.42 3.77
C ALA A 270 -40.92 16.79 3.50
N SER A 271 -41.23 18.09 3.65
CA SER A 271 -42.58 18.58 3.43
C SER A 271 -42.78 18.95 1.96
N PRO A 272 -43.86 18.46 1.34
CA PRO A 272 -44.20 18.88 -0.03
C PRO A 272 -44.61 20.34 -0.17
N ASN A 273 -45.16 20.88 0.92
CA ASN A 273 -45.93 22.11 0.92
C ASN A 273 -45.15 23.31 1.41
N LYS A 274 -43.83 23.24 1.26
CA LYS A 274 -42.93 24.23 1.84
C LYS A 274 -43.39 25.64 1.54
N GLU A 275 -43.84 25.84 0.31
CA GLU A 275 -44.32 27.16 -0.11
C GLU A 275 -45.61 27.58 0.58
N LEU A 276 -46.51 26.63 0.82
CA LEU A 276 -47.74 26.94 1.55
C LEU A 276 -47.38 27.37 2.96
N ALA A 277 -46.42 26.65 3.55
CA ALA A 277 -45.94 26.97 4.88
C ALA A 277 -45.33 28.37 4.90
N LYS A 278 -44.53 28.69 3.89
CA LYS A 278 -43.90 30.01 3.82
C LYS A 278 -44.97 31.10 3.71
N GLU A 279 -45.99 30.86 2.90
CA GLU A 279 -47.07 31.82 2.74
C GLU A 279 -47.78 31.98 4.09
N PHE A 280 -48.04 30.86 4.73
CA PHE A 280 -48.74 30.81 5.99
C PHE A 280 -47.96 31.50 7.08
N LEU A 281 -46.69 31.16 7.19
CA LEU A 281 -45.83 31.70 8.22
C LEU A 281 -45.65 33.22 8.00
N GLU A 282 -45.38 33.62 6.76
CA GLU A 282 -45.09 35.01 6.46
C GLU A 282 -46.35 35.90 6.47
N ASN A 283 -47.47 35.41 5.94
CA ASN A 283 -48.66 36.28 5.72
C ASN A 283 -49.88 36.10 6.62
N TYR A 284 -49.88 35.11 7.48
CA TYR A 284 -51.02 34.88 8.37
C TYR A 284 -50.68 34.79 9.84
N LEU A 285 -49.70 33.96 10.17
CA LEU A 285 -49.26 33.82 11.55
C LEU A 285 -48.56 35.09 11.93
N LEU A 286 -47.59 35.51 11.14
CA LEU A 286 -46.86 36.72 11.46
C LEU A 286 -47.66 37.95 11.06
N THR A 287 -48.86 38.08 11.61
CA THR A 287 -49.71 39.25 11.42
C THR A 287 -50.32 39.62 12.75
N ASP A 288 -50.80 40.85 12.85
CA ASP A 288 -51.46 41.32 14.06
C ASP A 288 -52.54 40.32 14.44
N GLU A 289 -53.28 39.84 13.44
CA GLU A 289 -54.39 38.93 13.71
C GLU A 289 -53.98 37.54 14.22
N GLY A 290 -53.02 36.92 13.56
CA GLY A 290 -52.61 35.59 13.98
C GLY A 290 -51.99 35.63 15.37
N LEU A 291 -51.03 36.52 15.55
CA LEU A 291 -50.39 36.70 16.84
C LEU A 291 -51.36 37.13 17.94
N GLU A 292 -52.30 38.04 17.63
CA GLU A 292 -53.28 38.44 18.65
C GLU A 292 -54.09 37.23 19.06
N ALA A 293 -54.49 36.45 18.05
CA ALA A 293 -55.28 35.23 18.26
C ALA A 293 -54.56 34.32 19.23
N VAL A 294 -53.29 34.05 18.92
CA VAL A 294 -52.47 33.23 19.79
C VAL A 294 -52.25 33.88 21.18
N ASN A 295 -52.07 35.19 21.21
CA ASN A 295 -51.78 35.89 22.46
C ASN A 295 -52.90 35.80 23.48
N LYS A 296 -54.13 35.91 23.01
CA LYS A 296 -55.32 35.84 23.87
C LYS A 296 -55.43 34.48 24.51
N ASP A 297 -55.23 33.44 23.71
CA ASP A 297 -55.35 32.08 24.19
C ASP A 297 -54.32 31.81 25.27
N LYS A 298 -53.05 31.95 24.92
CA LYS A 298 -51.98 31.80 25.91
C LYS A 298 -50.86 32.78 25.54
N PRO A 299 -50.50 33.70 26.46
CA PRO A 299 -49.49 34.71 26.13
C PRO A 299 -48.17 34.14 25.64
N LEU A 300 -47.62 34.69 24.57
CA LEU A 300 -46.37 34.23 23.98
C LEU A 300 -45.16 34.82 24.69
N GLY A 301 -45.38 35.93 25.38
CA GLY A 301 -44.29 36.71 25.94
C GLY A 301 -43.96 37.86 25.00
N ALA A 302 -42.68 38.22 24.94
CA ALA A 302 -42.26 39.32 24.10
C ALA A 302 -42.00 38.80 22.68
N VAL A 303 -42.82 39.24 21.75
CA VAL A 303 -42.82 38.71 20.40
C VAL A 303 -41.65 39.32 19.59
N ALA A 304 -41.35 38.76 18.41
CA ALA A 304 -40.20 39.20 17.57
C ALA A 304 -40.54 40.24 16.50
N LEU A 305 -41.82 40.45 16.24
CA LEU A 305 -42.26 41.43 15.24
C LEU A 305 -42.32 42.81 15.87
N LYS A 306 -41.47 43.70 15.35
CA LYS A 306 -41.29 45.04 15.91
C LYS A 306 -42.62 45.73 16.17
N SER A 307 -43.44 45.74 15.12
CA SER A 307 -44.75 46.39 15.12
C SER A 307 -45.60 45.89 16.27
N TYR A 308 -45.62 44.58 16.41
CA TYR A 308 -46.43 43.93 17.43
C TYR A 308 -45.83 44.13 18.82
N GLU A 309 -44.51 44.18 18.91
CA GLU A 309 -43.89 44.38 20.21
C GLU A 309 -44.31 45.73 20.72
N GLU A 310 -44.34 46.73 19.83
CA GLU A 310 -44.78 48.09 20.20
C GLU A 310 -46.17 48.13 20.80
N GLU A 311 -47.07 47.31 20.26
CA GLU A 311 -48.41 47.17 20.80
C GLU A 311 -48.29 46.54 22.16
N LEU A 312 -47.45 45.52 22.27
CA LEU A 312 -47.29 44.80 23.53
C LEU A 312 -46.42 45.57 24.53
N ALA A 313 -45.62 46.49 24.00
CA ALA A 313 -44.53 47.13 24.74
C ALA A 313 -44.99 47.99 25.90
N LYS A 314 -46.26 48.35 25.94
CA LYS A 314 -46.75 49.16 27.04
C LYS A 314 -46.69 48.37 28.33
N ASP A 315 -46.88 47.06 28.24
CA ASP A 315 -46.64 46.20 29.39
C ASP A 315 -45.22 46.50 29.82
N PRO A 316 -45.03 47.04 31.04
CA PRO A 316 -43.67 47.39 31.49
C PRO A 316 -42.79 46.12 31.48
N ARG A 317 -43.48 45.02 31.70
CA ARG A 317 -42.91 43.70 31.80
C ARG A 317 -42.29 43.24 30.47
N ILE A 318 -43.06 43.44 29.41
CA ILE A 318 -42.62 43.03 28.09
C ILE A 318 -41.43 43.89 27.69
N ALA A 319 -41.50 45.15 28.06
CA ALA A 319 -40.43 46.08 27.76
C ALA A 319 -39.17 45.50 28.36
N ALA A 320 -39.22 45.19 29.66
CA ALA A 320 -38.04 44.64 30.34
C ALA A 320 -37.50 43.35 29.73
N THR A 321 -38.37 42.42 29.37
CA THR A 321 -37.88 41.18 28.75
C THR A 321 -37.13 41.53 27.49
N MET A 322 -37.66 42.46 26.70
CA MET A 322 -37.00 42.81 25.44
C MET A 322 -35.76 43.70 25.63
N GLU A 323 -35.74 44.48 26.70
CA GLU A 323 -34.58 45.29 26.97
C GLU A 323 -33.44 44.34 27.36
N ASN A 324 -33.75 43.45 28.30
CA ASN A 324 -32.82 42.39 28.67
C ASN A 324 -32.47 41.47 27.50
N ALA A 325 -33.45 41.16 26.66
CA ALA A 325 -33.17 40.31 25.53
C ALA A 325 -32.19 40.93 24.56
N GLN A 326 -32.36 42.23 24.30
CA GLN A 326 -31.44 42.93 23.41
C GLN A 326 -30.07 43.05 24.04
N LYS A 327 -30.03 43.37 25.33
CA LYS A 327 -28.76 43.51 26.04
C LYS A 327 -28.00 42.20 26.26
N GLY A 328 -28.73 41.11 26.36
CA GLY A 328 -28.12 39.80 26.52
C GLY A 328 -27.79 39.14 25.20
N GLU A 329 -27.19 37.96 25.30
CA GLU A 329 -26.81 37.17 24.13
C GLU A 329 -27.77 36.02 23.87
N ILE A 330 -27.79 35.60 22.61
CA ILE A 330 -28.55 34.47 22.09
C ILE A 330 -27.87 33.14 22.34
N MET A 331 -28.65 32.14 22.74
CA MET A 331 -28.09 30.81 23.03
C MET A 331 -27.42 30.25 21.77
N PRO A 332 -26.25 29.63 21.93
CA PRO A 332 -25.61 28.90 20.83
C PRO A 332 -26.42 27.69 20.41
N ASN A 333 -26.28 27.29 19.14
CA ASN A 333 -26.99 26.14 18.61
C ASN A 333 -26.20 24.84 18.50
N ILE A 334 -24.87 24.91 18.52
CA ILE A 334 -24.05 23.71 18.39
C ILE A 334 -24.39 22.76 19.57
N PRO A 335 -24.12 21.45 19.43
CA PRO A 335 -24.41 20.45 20.47
C PRO A 335 -23.52 20.56 21.74
N GLN A 336 -22.37 21.22 21.59
CA GLN A 336 -21.39 21.35 22.65
C GLN A 336 -21.90 22.22 23.79
N MET A 337 -23.03 22.89 23.56
CA MET A 337 -23.68 23.67 24.61
C MET A 337 -23.81 22.76 25.80
N SER A 338 -24.25 21.54 25.53
CA SER A 338 -24.39 20.59 26.62
C SER A 338 -23.07 20.48 27.38
N ALA A 339 -21.93 20.47 26.69
CA ALA A 339 -20.62 20.34 27.35
C ALA A 339 -20.31 21.55 28.24
N PHE A 340 -20.59 22.73 27.69
CA PHE A 340 -20.46 24.00 28.40
C PHE A 340 -21.26 23.99 29.70
N TRP A 341 -22.53 23.62 29.62
CA TRP A 341 -23.41 23.63 30.77
C TRP A 341 -22.90 22.79 31.96
N TYR A 342 -22.35 21.60 31.72
CA TYR A 342 -21.86 20.77 32.84
C TYR A 342 -20.64 21.41 33.48
N ALA A 343 -19.72 21.90 32.64
CA ALA A 343 -18.51 22.55 33.11
C ALA A 343 -18.81 23.73 34.04
N VAL A 344 -19.63 24.65 33.55
CA VAL A 344 -19.83 25.87 34.28
C VAL A 344 -20.46 25.56 35.61
N ARG A 345 -21.43 24.67 35.59
CA ARG A 345 -22.25 24.51 36.75
C ARG A 345 -21.34 24.07 37.87
N THR A 346 -20.48 23.11 37.58
CA THR A 346 -19.56 22.58 38.58
C THR A 346 -18.62 23.69 39.06
N ALA A 347 -18.17 24.51 38.13
CA ALA A 347 -17.31 25.64 38.44
C ALA A 347 -17.96 26.61 39.43
N VAL A 348 -19.19 27.00 39.14
CA VAL A 348 -19.92 27.93 39.98
C VAL A 348 -20.09 27.34 41.39
N ILE A 349 -20.58 26.11 41.47
CA ILE A 349 -20.82 25.47 42.75
C ILE A 349 -19.52 25.37 43.57
N ASN A 350 -18.47 24.87 42.95
CA ASN A 350 -17.19 24.69 43.62
C ASN A 350 -16.61 26.02 44.08
N ALA A 351 -16.78 27.06 43.29
CA ALA A 351 -16.28 28.37 43.65
C ALA A 351 -17.09 28.94 44.82
N ALA A 352 -18.38 28.63 44.83
CA ALA A 352 -19.29 29.16 45.84
C ALA A 352 -19.23 28.42 47.17
N SER A 353 -18.83 27.14 47.13
CA SER A 353 -18.75 26.34 48.35
C SER A 353 -17.38 26.47 49.02
N GLY A 354 -16.41 27.02 48.30
CA GLY A 354 -15.05 27.17 48.81
C GLY A 354 -14.11 26.01 48.47
N ARG A 355 -14.64 25.02 47.75
CA ARG A 355 -13.86 23.87 47.32
C ARG A 355 -12.70 24.29 46.42
N GLN A 356 -12.92 25.33 45.62
CA GLN A 356 -11.93 25.80 44.65
C GLN A 356 -11.83 27.32 44.55
N THR A 357 -10.69 27.81 44.07
CA THR A 357 -10.54 29.24 43.82
C THR A 357 -11.29 29.61 42.54
N VAL A 358 -11.62 30.89 42.38
CA VAL A 358 -12.28 31.35 41.16
C VAL A 358 -11.44 31.11 39.90
N ASP A 359 -10.16 31.44 39.99
CA ASP A 359 -9.26 31.34 38.83
C ASP A 359 -9.09 29.90 38.39
N ALA A 360 -8.92 29.03 39.38
CA ALA A 360 -8.72 27.61 39.14
C ALA A 360 -10.00 26.94 38.64
N ALA A 361 -11.14 27.33 39.21
CA ALA A 361 -12.41 26.74 38.80
C ALA A 361 -12.71 27.09 37.36
N LEU A 362 -12.50 28.36 36.99
CA LEU A 362 -12.78 28.79 35.62
C LEU A 362 -11.70 28.28 34.65
N ALA A 363 -10.48 28.16 35.17
CA ALA A 363 -9.40 27.60 34.38
C ALA A 363 -9.70 26.12 34.14
N ALA A 364 -10.18 25.44 35.17
CA ALA A 364 -10.53 24.04 35.06
C ALA A 364 -11.72 23.86 34.11
N ALA A 365 -12.68 24.77 34.23
CA ALA A 365 -13.89 24.74 33.42
C ALA A 365 -13.67 25.00 31.93
N GLN A 366 -12.76 25.91 31.59
CA GLN A 366 -12.50 26.20 30.18
C GLN A 366 -11.96 24.95 29.51
N THR A 367 -11.01 24.31 30.17
CA THR A 367 -10.40 23.09 29.69
C THR A 367 -11.36 21.90 29.64
N ASN A 368 -12.26 21.79 30.62
CA ASN A 368 -13.09 20.58 30.68
C ASN A 368 -14.16 20.61 29.60
N ALA A 369 -14.46 21.80 29.10
CA ALA A 369 -15.41 21.97 28.01
C ALA A 369 -14.83 21.39 26.73
N ALA A 370 -13.51 21.26 26.68
CA ALA A 370 -12.85 20.78 25.48
C ALA A 370 -13.04 19.28 25.30
N ALA A 371 -12.69 18.51 26.33
CA ALA A 371 -12.83 17.06 26.28
C ALA A 371 -13.58 16.55 27.52
N PRO A 372 -14.88 16.81 27.59
CA PRO A 372 -15.72 16.40 28.72
C PRO A 372 -15.80 14.89 28.93
N GLY A 373 -15.90 14.12 27.86
CA GLY A 373 -16.10 12.69 27.97
C GLY A 373 -14.97 11.99 28.67
N LEU A 374 -13.76 12.40 28.29
CA LEU A 374 -12.58 11.85 28.92
C LEU A 374 -12.66 12.17 30.40
N HIS A 375 -12.99 13.41 30.70
CA HIS A 375 -12.97 13.84 32.06
C HIS A 375 -14.08 13.18 32.87
N ALA A 376 -15.24 13.03 32.28
CA ALA A 376 -16.36 12.47 33.01
C ALA A 376 -15.99 11.08 33.42
N ILE A 377 -15.38 10.36 32.49
CA ILE A 377 -14.85 9.04 32.81
C ILE A 377 -13.80 9.14 33.90
N TYR A 378 -12.90 10.10 33.76
CA TYR A 378 -11.89 10.33 34.78
C TYR A 378 -12.58 10.51 36.15
N GLY A 379 -13.78 11.07 36.15
CA GLY A 379 -14.55 11.24 37.37
C GLY A 379 -14.81 9.91 38.09
N GLU A 380 -15.37 8.97 37.33
CA GLU A 380 -15.66 7.66 37.86
C GLU A 380 -14.38 7.00 38.31
N CYS A 381 -13.31 7.18 37.53
CA CYS A 381 -12.00 6.62 37.87
C CYS A 381 -11.49 7.21 39.17
N ARG A 382 -11.75 8.50 39.36
CA ARG A 382 -11.36 9.21 40.57
C ARG A 382 -12.10 8.73 41.81
N ARG A 383 -13.39 8.41 41.66
CA ARG A 383 -14.17 7.87 42.79
C ARG A 383 -13.63 6.54 43.31
N LEU A 384 -13.28 5.62 42.41
CA LEU A 384 -12.70 4.33 42.84
C LEU A 384 -11.27 4.44 43.32
N TYR A 385 -10.50 5.33 42.71
CA TYR A 385 -9.08 5.43 42.99
C TYR A 385 -8.62 6.84 43.32
N PRO A 386 -9.07 7.37 44.46
CA PRO A 386 -8.65 8.66 45.01
C PRO A 386 -7.17 8.64 45.36
N ASP A 387 -6.68 7.45 45.69
CA ASP A 387 -5.27 7.26 46.02
C ASP A 387 -4.37 7.52 44.83
N GLN A 388 -4.86 7.23 43.63
CA GLN A 388 -4.04 7.36 42.43
C GLN A 388 -4.64 8.39 41.49
N PRO A 389 -4.19 9.65 41.64
CA PRO A 389 -4.59 10.74 40.75
C PRO A 389 -4.01 10.58 39.36
N ASN A 390 -2.78 10.11 39.32
CA ASN A 390 -2.12 9.84 38.06
C ASN A 390 -1.62 8.40 38.02
N PRO A 391 -2.17 7.61 37.10
CA PRO A 391 -1.78 6.22 36.90
C PRO A 391 -1.00 6.00 35.63
N LEU A 392 -0.15 4.98 35.58
CA LEU A 392 0.61 4.75 34.38
C LEU A 392 -0.40 4.65 33.23
N GLN A 393 -0.10 5.36 32.13
CA GLN A 393 -1.03 5.48 31.03
C GLN A 393 -0.37 5.33 29.66
N VAL A 394 -0.90 4.42 28.85
CA VAL A 394 -0.42 4.24 27.49
C VAL A 394 -1.16 5.18 26.55
N THR A 395 -0.40 6.01 25.82
CA THR A 395 -0.99 6.96 24.87
C THR A 395 -0.67 6.58 23.42
N ALA A 396 -1.66 6.63 22.57
CA ALA A 396 -1.47 6.45 21.12
C ALA A 396 -0.95 7.74 20.54
N ILE A 397 0.30 7.75 20.10
CA ILE A 397 0.94 8.99 19.67
C ILE A 397 0.37 9.45 18.34
N VAL A 398 0.09 8.51 17.45
CA VAL A 398 -0.61 8.83 16.22
C VAL A 398 -2.11 8.59 16.43
N LYS A 399 -2.84 9.68 16.64
CA LYS A 399 -4.28 9.63 16.93
C LYS A 399 -5.08 9.02 15.80
N TYR A 400 -6.11 8.28 16.18
CA TYR A 400 -6.94 7.54 15.24
C TYR A 400 -7.51 8.42 14.13
N TRP A 401 -8.01 9.58 14.52
CA TRP A 401 -8.67 10.46 13.56
C TRP A 401 -7.71 11.22 12.65
N LEU A 402 -6.41 10.95 12.78
CA LEU A 402 -5.41 11.49 11.86
C LEU A 402 -4.78 10.37 11.03
N GLY A 403 -5.42 9.21 11.03
CA GLY A 403 -4.94 8.07 10.26
C GLY A 403 -4.29 6.99 11.11
N GLY A 404 -4.21 7.22 12.42
CA GLY A 404 -3.59 6.26 13.31
C GLY A 404 -4.27 4.90 13.29
N PRO A 405 -3.51 3.84 13.57
CA PRO A 405 -4.00 2.46 13.66
C PRO A 405 -4.74 2.14 14.98
N ASP A 406 -4.35 2.79 16.08
CA ASP A 406 -4.90 2.51 17.41
C ASP A 406 -6.08 3.43 17.76
N PRO A 407 -7.29 2.87 17.86
CA PRO A 407 -8.46 3.71 18.14
C PRO A 407 -8.62 4.18 19.59
N LEU A 408 -7.97 3.53 20.53
CA LEU A 408 -8.04 3.94 21.93
C LEU A 408 -6.96 4.97 22.24
N ASP A 409 -7.39 6.20 22.44
CA ASP A 409 -6.50 7.34 22.68
C ASP A 409 -5.65 7.12 23.92
N TYR A 410 -6.27 6.66 24.98
CA TYR A 410 -5.57 6.40 26.22
C TYR A 410 -6.01 5.07 26.81
N VAL A 411 -5.10 4.43 27.54
CA VAL A 411 -5.48 3.28 28.37
C VAL A 411 -4.80 3.47 29.71
N SER A 412 -5.62 3.76 30.73
CA SER A 412 -5.09 3.97 32.09
C SER A 412 -4.93 2.64 32.82
N MET A 413 -3.87 2.56 33.62
CA MET A 413 -3.49 1.31 34.27
C MET A 413 -3.38 1.47 35.78
N TYR A 414 -4.29 0.82 36.51
CA TYR A 414 -4.38 0.98 37.96
C TYR A 414 -3.92 -0.25 38.72
N ARG A 415 -3.51 -0.05 39.97
CA ARG A 415 -3.30 -1.15 40.90
C ARG A 415 -4.49 -1.24 41.83
N ASN A 416 -5.20 -2.36 41.77
CA ASN A 416 -6.29 -2.64 42.69
C ASN A 416 -5.75 -3.62 43.71
N VAL A 417 -5.76 -3.29 44.99
CA VAL A 417 -5.18 -4.21 45.97
C VAL A 417 -6.11 -5.40 46.18
N GLY A 418 -7.40 -5.17 45.93
CA GLY A 418 -8.43 -6.18 46.07
C GLY A 418 -8.95 -6.32 47.48
N SER A 419 -9.60 -7.45 47.76
CA SER A 419 -10.09 -7.77 49.08
C SER A 419 -9.77 -9.24 49.42
N PRO A 420 -8.78 -9.49 50.31
CA PRO A 420 -8.50 -10.90 50.63
C PRO A 420 -9.70 -11.59 51.26
N SER A 421 -10.49 -10.82 52.02
CA SER A 421 -11.67 -11.33 52.71
C SER A 421 -12.77 -11.79 51.76
N ALA A 422 -12.84 -11.18 50.58
CA ALA A 422 -13.82 -11.57 49.57
C ALA A 422 -13.20 -12.53 48.54
N ASN A 423 -11.95 -12.92 48.78
CA ASN A 423 -11.20 -13.83 47.91
C ASN A 423 -10.91 -13.24 46.55
N ILE A 424 -10.68 -11.93 46.52
CA ILE A 424 -10.32 -11.21 45.31
C ILE A 424 -8.80 -10.93 45.26
N PRO A 425 -8.08 -11.56 44.31
CA PRO A 425 -6.62 -11.35 44.35
C PRO A 425 -6.25 -9.91 44.03
N GLU A 426 -5.08 -9.45 44.45
CA GLU A 426 -4.60 -8.14 44.01
C GLU A 426 -4.39 -8.22 42.49
N HIS A 427 -4.76 -7.15 41.76
CA HIS A 427 -4.68 -7.15 40.30
C HIS A 427 -4.42 -5.77 39.71
N TRP A 428 -4.17 -5.76 38.40
CA TRP A 428 -4.06 -4.52 37.65
C TRP A 428 -5.38 -4.28 36.93
N HIS A 429 -5.88 -3.05 36.95
CA HIS A 429 -7.17 -2.70 36.32
C HIS A 429 -6.97 -1.73 35.18
N TYR A 430 -7.17 -2.22 33.96
CA TYR A 430 -7.01 -1.43 32.76
C TYR A 430 -8.34 -0.80 32.36
N ILE A 431 -8.33 0.51 32.07
CA ILE A 431 -9.49 1.25 31.55
C ILE A 431 -9.14 1.93 30.24
N SER A 432 -10.05 1.86 29.26
CA SER A 432 -9.73 2.38 27.93
C SER A 432 -10.41 3.70 27.66
N PHE A 433 -9.90 4.45 26.69
CA PHE A 433 -10.49 5.74 26.32
C PHE A 433 -10.52 5.93 24.80
N GLY A 434 -11.72 5.96 24.22
CA GLY A 434 -11.84 6.14 22.79
C GLY A 434 -13.09 5.51 22.18
N LEU A 435 -13.59 4.47 22.82
CA LEU A 435 -14.80 3.82 22.32
C LEU A 435 -16.01 4.71 22.55
N SER A 436 -15.95 5.51 23.60
CA SER A 436 -16.99 6.47 23.87
C SER A 436 -16.61 7.81 23.23
N ASP A 437 -17.52 8.79 23.28
CA ASP A 437 -17.26 10.11 22.74
C ASP A 437 -16.49 10.97 23.75
N LEU A 438 -15.19 11.12 23.54
CA LEU A 438 -14.37 11.89 24.46
C LEU A 438 -14.48 13.39 24.16
N TYR A 439 -14.43 13.75 22.88
CA TYR A 439 -14.28 15.15 22.46
C TYR A 439 -15.59 15.76 21.96
N GLY A 440 -16.45 14.94 21.37
CA GLY A 440 -17.77 15.42 21.01
C GLY A 440 -17.78 16.49 19.93
N ASP A 441 -16.78 16.52 19.07
CA ASP A 441 -16.76 17.47 17.96
C ASP A 441 -16.78 16.75 16.61
N ASN A 442 -17.19 15.50 16.61
CA ASN A 442 -17.36 14.71 15.38
C ASN A 442 -16.04 14.27 14.72
N ARG A 443 -14.94 14.35 15.45
CA ARG A 443 -13.65 13.93 14.91
C ARG A 443 -13.55 12.38 14.77
N VAL A 444 -14.24 11.64 15.64
CA VAL A 444 -14.26 10.16 15.58
C VAL A 444 -15.68 9.59 15.57
N HIS A 445 -16.53 10.10 16.46
CA HIS A 445 -17.88 9.58 16.63
C HIS A 445 -18.85 10.70 16.33
N GLU A 446 -19.93 10.41 15.63
CA GLU A 446 -20.97 11.38 15.37
C GLU A 446 -21.63 11.73 16.69
N PHE A 447 -21.82 13.02 16.94
CA PHE A 447 -22.46 13.48 18.15
C PHE A 447 -23.94 13.06 18.11
N THR A 448 -24.46 12.58 19.23
CA THR A 448 -25.85 12.09 19.33
C THR A 448 -26.74 12.77 20.40
N GLY A 449 -26.12 13.49 21.33
CA GLY A 449 -26.82 14.17 22.41
C GLY A 449 -26.66 13.47 23.74
N THR A 450 -27.22 14.05 24.79
CA THR A 450 -27.10 13.51 26.14
C THR A 450 -27.81 12.17 26.22
N ASP A 451 -29.01 12.14 25.66
CA ASP A 451 -29.78 10.90 25.54
C ASP A 451 -29.11 9.98 24.54
N GLY A 452 -29.13 8.68 24.80
CA GLY A 452 -28.48 7.71 23.94
C GLY A 452 -27.03 7.51 24.30
N PRO A 453 -26.37 6.53 23.66
CA PRO A 453 -25.01 6.13 23.97
C PRO A 453 -23.96 7.13 23.46
N SER A 454 -23.01 7.47 24.31
CA SER A 454 -21.85 8.24 23.89
C SER A 454 -20.94 7.37 23.05
N GLY A 455 -20.72 7.75 21.80
CA GLY A 455 -19.92 6.92 20.92
C GLY A 455 -20.58 5.56 20.81
N PHE A 456 -19.83 4.49 21.06
CA PHE A 456 -20.40 3.14 21.10
C PHE A 456 -21.09 2.86 22.43
N GLY A 457 -21.02 3.81 23.36
CA GLY A 457 -21.77 3.69 24.60
C GLY A 457 -21.05 2.95 25.71
N PHE A 458 -19.80 2.57 25.49
CA PHE A 458 -19.04 1.87 26.51
C PHE A 458 -17.54 2.04 26.37
N GLU A 459 -16.83 1.66 27.42
CA GLU A 459 -15.36 1.55 27.38
C GLU A 459 -14.97 0.17 27.84
N LEU A 460 -13.81 -0.28 27.40
CA LEU A 460 -13.33 -1.59 27.80
C LEU A 460 -12.49 -1.49 29.07
N THR A 461 -12.63 -2.54 29.89
CA THR A 461 -11.79 -2.70 31.06
C THR A 461 -11.25 -4.13 31.13
N PHE A 462 -10.23 -4.31 31.98
CA PHE A 462 -9.58 -5.62 32.10
C PHE A 462 -8.93 -5.73 33.46
N ARG A 463 -9.00 -6.90 34.07
CA ARG A 463 -8.40 -7.13 35.37
C ARG A 463 -7.42 -8.31 35.34
N LEU A 464 -6.13 -7.99 35.44
CA LEU A 464 -5.05 -8.96 35.32
C LEU A 464 -4.38 -9.25 36.65
N LYS A 465 -4.49 -10.50 37.12
CA LYS A 465 -3.91 -10.90 38.40
C LYS A 465 -2.45 -10.47 38.47
N ARG A 466 -2.11 -9.75 39.53
CA ARG A 466 -0.76 -9.24 39.72
C ARG A 466 0.15 -10.39 40.09
N GLU A 467 1.25 -10.53 39.37
CA GLU A 467 2.21 -11.54 39.74
C GLU A 467 2.95 -11.08 40.99
N THR A 468 3.52 -12.02 41.73
CA THR A 468 4.20 -11.67 42.97
C THR A 468 5.38 -10.77 42.67
N GLY A 469 5.57 -9.76 43.50
CA GLY A 469 6.71 -8.87 43.34
C GLY A 469 6.77 -8.15 42.01
N GLU A 470 5.63 -7.75 41.47
CA GLU A 470 5.62 -7.01 40.21
C GLU A 470 5.48 -5.52 40.50
N SER A 471 6.49 -4.75 40.11
CA SER A 471 6.53 -3.32 40.39
C SER A 471 5.48 -2.52 39.63
N ALA A 472 5.26 -2.88 38.36
CA ALA A 472 4.40 -2.10 37.49
C ALA A 472 3.51 -3.00 36.63
N PRO A 473 2.33 -2.50 36.23
CA PRO A 473 1.44 -3.29 35.37
C PRO A 473 2.04 -3.47 34.00
N PRO A 474 1.99 -4.69 33.44
CA PRO A 474 2.45 -4.91 32.06
C PRO A 474 1.60 -4.15 31.04
N THR A 475 2.14 -3.91 29.84
CA THR A 475 1.45 -3.09 28.86
C THR A 475 0.72 -3.89 27.77
N TRP A 476 0.93 -5.20 27.71
CA TRP A 476 0.34 -5.98 26.62
C TRP A 476 -1.20 -5.92 26.61
N PRO A 477 -1.83 -5.79 27.80
CA PRO A 477 -3.29 -5.71 27.77
C PRO A 477 -3.82 -4.50 27.02
N ALA A 478 -3.04 -3.42 26.93
CA ALA A 478 -3.46 -2.23 26.19
C ALA A 478 -3.53 -2.60 24.72
N GLU A 479 -2.52 -3.33 24.25
CA GLU A 479 -2.47 -3.72 22.84
C GLU A 479 -3.65 -4.63 22.52
N LEU A 480 -3.98 -5.49 23.48
CA LEU A 480 -5.16 -6.35 23.32
C LEU A 480 -6.40 -5.48 23.15
N MET A 481 -6.54 -4.49 24.04
CA MET A 481 -7.72 -3.66 24.00
C MET A 481 -7.78 -2.93 22.67
N GLN A 482 -6.63 -2.50 22.19
CA GLN A 482 -6.57 -1.84 20.90
C GLN A 482 -7.08 -2.80 19.84
N GLY A 483 -6.68 -4.07 19.95
CA GLY A 483 -7.13 -5.08 19.01
C GLY A 483 -8.64 -5.20 18.97
N LEU A 484 -9.20 -5.40 20.15
CA LEU A 484 -10.65 -5.49 20.27
C LEU A 484 -11.33 -4.22 19.74
N ALA A 485 -10.75 -3.07 20.09
CA ALA A 485 -11.33 -1.79 19.74
C ALA A 485 -11.40 -1.63 18.23
N ARG A 486 -10.33 -2.07 17.54
CA ARG A 486 -10.35 -2.00 16.08
C ARG A 486 -11.49 -2.85 15.58
N TYR A 487 -11.59 -4.06 16.14
CA TYR A 487 -12.68 -4.95 15.75
C TYR A 487 -14.01 -4.22 15.97
N VAL A 488 -14.19 -3.61 17.13
CA VAL A 488 -15.46 -2.96 17.36
C VAL A 488 -15.77 -2.04 16.21
N PHE A 489 -14.81 -1.18 15.86
CA PHE A 489 -15.02 -0.24 14.78
C PHE A 489 -15.20 -0.91 13.42
N GLN A 490 -14.26 -1.77 13.04
CA GLN A 490 -14.41 -2.49 11.79
C GLN A 490 -15.53 -3.53 11.79
N SER A 491 -15.55 -4.33 12.84
CA SER A 491 -16.49 -5.45 12.94
C SER A 491 -17.91 -4.97 13.01
N GLU A 492 -18.10 -3.90 13.76
CA GLU A 492 -19.41 -3.35 13.95
C GLU A 492 -20.28 -4.44 14.52
N ASN A 493 -19.68 -5.28 15.35
CA ASN A 493 -20.41 -6.28 16.10
C ASN A 493 -20.89 -5.70 17.41
N THR A 494 -22.11 -6.04 17.81
CA THR A 494 -22.63 -5.55 19.08
C THR A 494 -21.81 -6.12 20.22
N PHE A 495 -21.47 -5.26 21.17
CA PHE A 495 -20.87 -5.67 22.43
C PHE A 495 -21.75 -5.37 23.63
N CYS A 496 -22.24 -6.45 24.23
CA CYS A 496 -23.08 -6.39 25.41
C CYS A 496 -22.54 -7.40 26.41
N SER A 497 -22.88 -7.23 27.68
CA SER A 497 -22.49 -8.21 28.67
C SER A 497 -23.04 -9.56 28.23
N GLY A 498 -22.17 -10.56 28.17
CA GLY A 498 -22.56 -11.92 27.79
C GLY A 498 -22.03 -12.37 26.45
N ASP A 499 -21.71 -11.41 25.59
CA ASP A 499 -21.13 -11.70 24.30
C ASP A 499 -19.76 -12.36 24.49
N HIS A 500 -19.33 -13.11 23.48
CA HIS A 500 -18.05 -13.79 23.50
C HIS A 500 -17.23 -13.36 22.30
N VAL A 501 -15.91 -13.48 22.42
CA VAL A 501 -14.95 -13.11 21.37
C VAL A 501 -13.98 -14.25 21.04
N SER A 502 -13.97 -14.73 19.80
CA SER A 502 -13.07 -15.80 19.45
C SER A 502 -11.71 -15.28 19.04
N TRP A 503 -10.67 -15.56 19.82
CA TRP A 503 -9.36 -15.00 19.52
C TRP A 503 -8.41 -16.01 18.90
N HIS A 504 -8.33 -17.20 19.48
CA HIS A 504 -7.42 -18.21 19.01
C HIS A 504 -5.98 -17.83 19.14
N SER A 505 -5.69 -16.99 20.12
CA SER A 505 -4.32 -16.54 20.30
C SER A 505 -4.04 -16.40 21.78
N PRO A 506 -2.78 -16.46 22.17
CA PRO A 506 -2.47 -16.19 23.57
C PRO A 506 -2.90 -14.76 23.81
N LEU A 507 -3.61 -14.51 24.90
CA LEU A 507 -4.10 -13.17 25.17
C LEU A 507 -2.89 -12.28 25.30
N ASP A 508 -1.85 -12.84 25.90
CA ASP A 508 -0.65 -12.09 26.25
C ASP A 508 0.54 -12.57 25.45
N ASN A 509 0.27 -13.29 24.36
CA ASN A 509 1.36 -13.77 23.51
C ASN A 509 2.30 -14.69 24.26
N SER A 510 1.74 -15.42 25.21
CA SER A 510 2.49 -16.42 25.97
C SER A 510 1.93 -17.80 25.63
N GLU A 511 2.31 -18.81 26.40
CA GLU A 511 1.86 -20.17 26.15
C GLU A 511 0.59 -20.53 26.92
N SER A 512 -0.07 -19.50 27.41
CA SER A 512 -1.22 -19.63 28.28
C SER A 512 -2.42 -20.26 27.58
N ARG A 513 -3.21 -20.96 28.38
CA ARG A 513 -4.37 -21.67 27.92
C ARG A 513 -5.56 -20.70 27.69
N ILE A 514 -5.38 -19.47 28.16
CA ILE A 514 -6.38 -18.42 28.06
C ILE A 514 -6.24 -17.82 26.65
N GLN A 515 -7.12 -18.21 25.74
CA GLN A 515 -6.94 -17.81 24.36
C GLN A 515 -8.21 -17.19 23.81
N HIS A 516 -9.16 -16.90 24.69
CA HIS A 516 -10.43 -16.32 24.27
C HIS A 516 -10.95 -15.34 25.32
N MET A 517 -12.02 -14.64 24.99
CA MET A 517 -12.54 -13.60 25.89
C MET A 517 -14.05 -13.62 25.96
N LEU A 518 -14.57 -13.36 27.17
CA LEU A 518 -15.99 -13.13 27.39
C LEU A 518 -16.11 -11.73 27.96
N LEU A 519 -17.29 -11.14 27.78
CA LEU A 519 -17.52 -9.77 28.22
C LEU A 519 -18.62 -9.66 29.28
N THR A 520 -18.34 -8.90 30.33
CA THR A 520 -19.34 -8.70 31.38
C THR A 520 -19.27 -7.29 31.94
N GLU A 521 -20.34 -6.87 32.63
CA GLU A 521 -20.35 -5.56 33.27
C GLU A 521 -19.27 -5.50 34.31
N ASP A 522 -18.57 -4.38 34.38
CA ASP A 522 -17.50 -4.21 35.35
C ASP A 522 -18.09 -4.29 36.76
N PRO A 523 -17.40 -4.99 37.66
CA PRO A 523 -17.92 -5.27 38.97
C PRO A 523 -18.11 -4.02 39.82
N GLN A 524 -17.13 -3.12 39.84
CA GLN A 524 -17.20 -1.99 40.74
C GLN A 524 -17.35 -0.62 40.07
N MET A 525 -17.44 -0.59 38.75
CA MET A 525 -17.51 0.68 38.04
C MET A 525 -18.97 0.95 37.70
N GLN A 526 -19.45 2.14 38.04
CA GLN A 526 -20.82 2.46 37.70
C GLN A 526 -20.83 3.29 36.45
N PRO A 527 -21.83 3.11 35.57
CA PRO A 527 -21.93 3.93 34.35
C PRO A 527 -22.05 5.44 34.63
N VAL A 528 -21.71 6.27 33.64
CA VAL A 528 -21.66 7.73 33.81
C VAL A 528 -22.44 8.53 32.75
N GLN A 529 -22.92 9.70 33.19
CA GLN A 529 -23.57 10.65 32.27
C GLN A 529 -22.57 11.71 31.78
N THR A 530 -22.31 11.67 30.48
CA THR A 530 -21.38 12.58 29.83
C THR A 530 -22.29 13.40 28.92
N PRO A 531 -21.98 14.68 28.70
CA PRO A 531 -22.91 15.50 27.90
C PRO A 531 -23.18 14.93 26.51
N PHE A 532 -22.25 14.10 26.04
CA PHE A 532 -22.36 13.48 24.72
C PHE A 532 -23.04 12.11 24.76
N GLY A 533 -23.48 11.67 25.93
CA GLY A 533 -24.19 10.40 26.05
C GLY A 533 -23.95 9.63 27.35
N VAL A 534 -24.33 8.36 27.40
CA VAL A 534 -24.10 7.53 28.60
C VAL A 534 -23.02 6.49 28.34
N VAL A 535 -22.12 6.29 29.29
CA VAL A 535 -21.03 5.32 29.11
C VAL A 535 -21.07 4.23 30.17
N THR A 536 -21.05 2.96 29.71
CA THR A 536 -20.99 1.82 30.60
C THR A 536 -19.59 1.19 30.42
N PHE A 537 -19.23 0.26 31.31
CA PHE A 537 -17.89 -0.33 31.24
C PHE A 537 -17.95 -1.84 31.14
N LEU A 538 -17.46 -2.34 29.99
CA LEU A 538 -17.44 -3.77 29.73
C LEU A 538 -16.06 -4.33 30.10
N GLN A 539 -16.02 -5.20 31.12
CA GLN A 539 -14.78 -5.90 31.48
C GLN A 539 -14.52 -7.14 30.61
N ILE A 540 -13.25 -7.29 30.23
CA ILE A 540 -12.81 -8.44 29.46
C ILE A 540 -12.40 -9.55 30.45
N VAL A 541 -12.83 -10.78 30.15
CA VAL A 541 -12.53 -11.94 30.99
C VAL A 541 -11.89 -13.03 30.14
N GLY A 542 -10.65 -13.39 30.50
CA GLY A 542 -9.91 -14.38 29.77
C GLY A 542 -10.44 -15.77 30.05
N VAL A 543 -10.63 -16.56 29.00
CA VAL A 543 -11.15 -17.90 29.18
C VAL A 543 -10.38 -18.88 28.32
N CYS A 544 -10.54 -20.16 28.65
CA CYS A 544 -9.99 -21.29 27.88
C CYS A 544 -10.91 -21.64 26.74
N THR A 545 -10.39 -22.39 25.77
CA THR A 545 -11.18 -22.73 24.56
C THR A 545 -12.43 -23.54 24.93
N GLU A 546 -12.26 -24.41 25.92
CA GLU A 546 -13.37 -25.23 26.41
C GLU A 546 -14.49 -24.35 27.02
N GLU A 547 -14.09 -23.35 27.79
CA GLU A 547 -15.05 -22.45 28.44
C GLU A 547 -15.80 -21.60 27.43
N LEU A 548 -15.07 -21.16 26.40
CA LEU A 548 -15.66 -20.42 25.30
C LEU A 548 -16.71 -21.29 24.62
N HIS A 549 -16.35 -22.55 24.42
CA HIS A 549 -17.26 -23.46 23.73
C HIS A 549 -18.54 -23.61 24.54
N SER A 550 -18.38 -23.71 25.85
CA SER A 550 -19.52 -23.86 26.72
C SER A 550 -20.41 -22.64 26.62
N ALA A 551 -19.75 -21.48 26.51
CA ALA A 551 -20.49 -20.23 26.41
C ALA A 551 -21.30 -20.23 25.12
N GLN A 552 -20.70 -20.70 24.03
CA GLN A 552 -21.42 -20.76 22.77
C GLN A 552 -22.58 -21.76 22.84
N GLN A 553 -22.34 -22.89 23.49
CA GLN A 553 -23.33 -23.97 23.53
C GLN A 553 -24.51 -23.58 24.42
N TRP A 554 -24.25 -22.86 25.52
CA TRP A 554 -25.30 -22.48 26.47
C TRP A 554 -25.55 -20.98 26.36
N ASN A 555 -24.94 -20.18 27.22
CA ASN A 555 -24.93 -18.72 27.07
C ASN A 555 -23.83 -18.11 27.92
N GLY A 556 -23.46 -16.88 27.62
CA GLY A 556 -22.32 -16.25 28.26
C GLY A 556 -22.56 -16.00 29.73
N GLN A 557 -23.79 -15.62 30.04
CA GLN A 557 -24.13 -15.22 31.40
C GLN A 557 -23.90 -16.36 32.39
N GLY A 558 -24.31 -17.55 31.97
CA GLY A 558 -24.17 -18.72 32.80
C GLY A 558 -22.70 -19.04 33.06
N ILE A 559 -21.89 -18.97 32.00
CA ILE A 559 -20.49 -19.32 32.14
C ILE A 559 -19.80 -18.27 32.98
N LEU A 560 -20.26 -17.03 32.87
CA LEU A 560 -19.70 -15.98 33.70
C LEU A 560 -19.95 -16.31 35.17
N GLU A 561 -21.19 -16.71 35.48
CA GLU A 561 -21.49 -17.08 36.88
C GLU A 561 -20.59 -18.22 37.37
N LEU A 562 -20.44 -19.23 36.52
CA LEU A 562 -19.54 -20.34 36.85
C LEU A 562 -18.13 -19.87 37.13
N LEU A 563 -17.66 -18.89 36.36
CA LEU A 563 -16.33 -18.33 36.57
C LEU A 563 -16.24 -17.58 37.90
N ARG A 564 -17.36 -16.99 38.32
CA ARG A 564 -17.41 -16.28 39.59
C ARG A 564 -17.25 -17.23 40.78
N THR A 565 -17.86 -18.41 40.69
CA THR A 565 -17.77 -19.40 41.80
C THR A 565 -16.36 -19.98 41.99
N VAL A 566 -15.62 -20.15 40.89
CA VAL A 566 -14.23 -20.65 40.95
C VAL A 566 -13.26 -19.48 41.05
N PRO A 567 -12.72 -19.21 42.25
CA PRO A 567 -11.92 -17.98 42.42
C PRO A 567 -10.65 -17.90 41.60
N ILE A 568 -9.94 -19.02 41.46
CA ILE A 568 -8.67 -19.00 40.74
C ILE A 568 -8.92 -18.63 39.29
N ALA A 569 -10.11 -18.99 38.78
CA ALA A 569 -10.46 -18.75 37.39
C ALA A 569 -11.23 -17.43 37.11
N GLY A 570 -11.37 -16.58 38.12
CA GLY A 570 -12.08 -15.33 37.98
C GLY A 570 -12.52 -14.80 39.33
N GLY A 571 -13.44 -15.52 39.96
CA GLY A 571 -13.95 -15.11 41.25
C GLY A 571 -14.98 -14.02 41.07
N PRO A 572 -15.44 -13.41 42.17
CA PRO A 572 -16.52 -12.42 42.18
C PRO A 572 -16.31 -11.25 41.21
N TRP A 573 -15.06 -10.81 41.05
CA TRP A 573 -14.72 -9.72 40.13
C TRP A 573 -14.10 -10.16 38.80
N LEU A 574 -14.02 -11.48 38.59
CA LEU A 574 -13.57 -12.03 37.30
C LEU A 574 -12.17 -11.59 36.86
N ILE A 575 -11.18 -11.86 37.71
CA ILE A 575 -9.80 -11.55 37.40
C ILE A 575 -9.22 -12.65 36.51
N THR A 576 -8.54 -12.23 35.46
CA THR A 576 -7.95 -13.16 34.52
C THR A 576 -6.57 -13.53 35.02
N ASP A 577 -6.30 -14.83 35.12
CA ASP A 577 -4.97 -15.30 35.48
C ASP A 577 -4.46 -15.98 34.23
N MET A 578 -3.48 -15.37 33.57
CA MET A 578 -2.96 -15.94 32.35
C MET A 578 -2.31 -17.28 32.60
N ARG A 579 -1.69 -17.39 33.76
CA ARG A 579 -0.91 -18.56 34.12
C ARG A 579 -1.79 -19.77 34.36
N ARG A 580 -3.08 -19.54 34.52
CA ARG A 580 -4.02 -20.60 34.92
C ARG A 580 -3.87 -21.76 33.95
N GLY A 581 -3.89 -22.97 34.51
CA GLY A 581 -3.63 -24.15 33.72
C GLY A 581 -4.82 -25.07 33.56
N GLU A 582 -5.86 -24.89 34.37
CA GLU A 582 -7.02 -25.77 34.32
C GLU A 582 -8.28 -25.04 33.91
N THR A 583 -9.16 -25.75 33.22
CA THR A 583 -10.47 -25.21 32.91
C THR A 583 -11.32 -25.34 34.17
N ILE A 584 -12.43 -24.61 34.24
CA ILE A 584 -13.30 -24.71 35.41
C ILE A 584 -13.90 -26.10 35.54
N PHE A 585 -13.90 -26.86 34.44
CA PHE A 585 -14.49 -28.19 34.40
C PHE A 585 -13.54 -29.26 34.92
N GLU A 586 -12.26 -29.04 34.73
CA GLU A 586 -11.22 -29.90 35.28
C GLU A 586 -11.05 -29.72 36.80
N ILE A 587 -11.45 -28.55 37.28
CA ILE A 587 -11.42 -28.19 38.70
C ILE A 587 -12.62 -28.73 39.49
N ASP A 588 -13.77 -28.79 38.82
CA ASP A 588 -15.01 -29.26 39.40
C ASP A 588 -15.84 -29.92 38.29
N PRO A 589 -15.77 -31.25 38.15
CA PRO A 589 -16.52 -31.96 37.10
C PRO A 589 -18.03 -31.67 37.09
N HIS A 590 -18.62 -31.43 38.26
CA HIS A 590 -20.05 -31.10 38.38
C HIS A 590 -20.51 -29.82 37.69
N LEU A 591 -19.60 -28.92 37.32
CA LEU A 591 -19.97 -27.68 36.63
C LEU A 591 -20.57 -28.00 35.26
N GLN A 592 -20.03 -29.04 34.62
CA GLN A 592 -20.53 -29.51 33.34
C GLN A 592 -22.04 -29.79 33.49
N GLU A 593 -22.43 -30.44 34.59
CA GLU A 593 -23.86 -30.68 34.85
C GLU A 593 -24.70 -29.40 34.81
N ARG A 594 -24.23 -28.32 35.45
CA ARG A 594 -24.99 -27.07 35.48
C ARG A 594 -25.17 -26.55 34.06
N VAL A 595 -24.14 -26.71 33.24
CA VAL A 595 -24.19 -26.29 31.82
C VAL A 595 -25.25 -27.06 31.01
N ASP A 596 -25.32 -28.37 31.19
CA ASP A 596 -26.28 -29.16 30.43
C ASP A 596 -27.72 -28.75 30.72
N LYS A 597 -28.07 -28.54 31.99
CA LYS A 597 -29.43 -28.12 32.31
C LYS A 597 -29.78 -26.79 31.72
N GLY A 598 -28.82 -25.88 31.75
CA GLY A 598 -29.04 -24.57 31.20
C GLY A 598 -29.39 -24.78 29.75
N ILE A 599 -28.64 -25.63 29.05
CA ILE A 599 -28.98 -25.90 27.65
C ILE A 599 -30.39 -26.50 27.55
N GLU A 600 -30.77 -27.35 28.51
CA GLU A 600 -32.13 -27.95 28.49
C GLU A 600 -33.24 -27.01 28.68
N THR A 601 -33.04 -26.12 29.64
CA THR A 601 -34.11 -25.23 30.09
C THR A 601 -34.02 -23.86 29.43
N ASP A 602 -32.89 -23.56 28.79
CA ASP A 602 -32.70 -22.29 28.11
C ASP A 602 -32.60 -22.47 26.59
N GLY A 603 -32.27 -23.68 26.12
CA GLY A 603 -31.94 -23.84 24.72
C GLY A 603 -30.47 -23.50 24.55
N SER A 604 -29.97 -23.62 23.32
CA SER A 604 -28.57 -23.33 23.02
C SER A 604 -28.45 -22.14 22.09
N ASN A 605 -27.36 -21.39 22.23
CA ASN A 605 -27.17 -20.18 21.44
C ASN A 605 -26.45 -20.36 20.10
N LEU A 606 -26.12 -21.60 19.77
CA LEU A 606 -25.40 -21.97 18.56
C LEU A 606 -26.33 -22.23 17.38
N SER A 607 -26.31 -21.40 16.35
CA SER A 607 -27.26 -21.61 15.27
C SER A 607 -26.72 -22.58 14.19
N GLY A 608 -25.42 -22.86 14.23
CA GLY A 608 -24.79 -23.73 13.24
C GLY A 608 -23.32 -23.87 13.50
N VAL A 609 -22.65 -24.80 12.83
CA VAL A 609 -21.21 -24.93 13.03
C VAL A 609 -20.54 -25.32 11.69
N SER A 610 -19.26 -24.93 11.57
CA SER A 610 -18.46 -25.35 10.44
C SER A 610 -17.66 -26.55 10.88
N ALA A 611 -17.89 -27.67 10.21
CA ALA A 611 -17.28 -28.93 10.65
C ALA A 611 -17.05 -29.86 9.49
N LYS A 612 -16.26 -30.91 9.72
CA LYS A 612 -16.08 -31.96 8.74
C LYS A 612 -17.31 -32.84 8.70
N CYS A 613 -18.01 -32.82 7.57
CA CYS A 613 -19.23 -33.59 7.41
C CYS A 613 -19.67 -33.66 5.94
N ALA A 614 -20.59 -34.57 5.66
CA ALA A 614 -21.11 -34.73 4.30
C ALA A 614 -22.36 -35.58 4.29
N TRP A 615 -23.16 -35.41 3.24
CA TRP A 615 -24.34 -36.24 3.02
C TRP A 615 -24.27 -36.72 1.56
N ASP A 616 -25.12 -37.67 1.17
CA ASP A 616 -25.03 -38.26 -0.18
C ASP A 616 -25.73 -37.45 -1.28
N ASP A 617 -24.93 -36.79 -2.11
CA ASP A 617 -25.45 -35.87 -3.10
C ASP A 617 -25.16 -36.38 -4.52
N LEU A 618 -25.92 -35.88 -5.48
CA LEU A 618 -25.78 -36.27 -6.89
C LEU A 618 -25.95 -37.78 -7.07
N PRO A 625 -30.66 -24.46 -13.66
CA PRO A 625 -29.73 -25.60 -13.62
C PRO A 625 -29.71 -26.30 -12.26
N ILE A 626 -30.15 -25.61 -11.22
CA ILE A 626 -30.34 -26.23 -9.92
C ILE A 626 -31.81 -26.50 -9.66
N ARG A 627 -32.07 -27.59 -8.93
CA ARG A 627 -33.43 -28.03 -8.65
C ARG A 627 -33.56 -28.47 -7.21
N THR A 628 -34.72 -28.23 -6.61
CA THR A 628 -34.99 -28.68 -5.27
C THR A 628 -35.41 -30.15 -5.33
N ARG A 629 -34.46 -31.04 -5.10
CA ARG A 629 -34.71 -32.48 -5.11
C ARG A 629 -35.43 -32.91 -3.85
N GLN A 630 -36.10 -34.05 -3.95
CA GLN A 630 -36.69 -34.69 -2.79
C GLN A 630 -36.08 -36.07 -2.70
N LEU A 631 -35.86 -36.55 -1.48
CA LEU A 631 -35.20 -37.82 -1.27
C LEU A 631 -36.00 -38.59 -0.25
N GLU A 632 -36.03 -39.91 -0.38
CA GLU A 632 -36.69 -40.73 0.62
C GLU A 632 -35.63 -41.41 1.50
N SER A 633 -34.38 -41.44 1.03
CA SER A 633 -33.26 -41.99 1.80
C SER A 633 -32.15 -40.93 1.94
N VAL A 634 -31.52 -40.91 3.11
CA VAL A 634 -30.46 -39.96 3.40
C VAL A 634 -29.41 -40.61 4.26
N HIS A 635 -28.14 -40.39 3.93
CA HIS A 635 -27.05 -40.89 4.74
C HIS A 635 -26.12 -39.74 5.10
N LEU A 636 -26.06 -39.40 6.37
CA LEU A 636 -25.21 -38.31 6.81
C LEU A 636 -23.91 -38.90 7.32
N LYS A 637 -22.81 -38.19 7.13
CA LYS A 637 -21.50 -38.58 7.64
C LYS A 637 -20.91 -37.45 8.45
N PHE A 638 -20.31 -37.78 9.59
CA PHE A 638 -19.74 -36.80 10.53
C PHE A 638 -18.36 -37.15 11.06
N ASN A 639 -17.61 -36.12 11.41
CA ASN A 639 -16.38 -36.25 12.16
C ASN A 639 -16.76 -36.50 13.61
N GLN A 640 -15.82 -36.97 14.43
CA GLN A 640 -16.12 -37.18 15.83
C GLN A 640 -16.52 -35.83 16.46
N GLU A 641 -15.85 -34.77 16.01
CA GLU A 641 -16.06 -33.43 16.57
C GLU A 641 -17.47 -32.91 16.29
N SER A 642 -17.94 -33.09 15.06
CA SER A 642 -19.28 -32.70 14.70
C SER A 642 -20.35 -33.69 15.18
N GLY A 643 -19.99 -34.97 15.23
CA GLY A 643 -20.89 -35.99 15.73
C GLY A 643 -21.23 -35.68 17.18
N ALA A 644 -20.24 -35.14 17.89
CA ALA A 644 -20.44 -34.80 19.30
C ALA A 644 -21.54 -33.79 19.54
N LEU A 645 -21.84 -32.98 18.52
CA LEU A 645 -22.79 -31.89 18.65
C LEU A 645 -24.19 -32.33 18.30
N ILE A 646 -24.37 -33.57 17.83
CA ILE A 646 -25.69 -34.04 17.40
C ILE A 646 -26.71 -33.99 18.56
N PRO A 647 -26.31 -34.41 19.76
CA PRO A 647 -27.23 -34.21 20.88
C PRO A 647 -27.64 -32.74 21.06
N LEU A 648 -26.67 -31.83 20.97
CA LEU A 648 -26.94 -30.40 21.08
C LEU A 648 -27.90 -29.95 19.99
N CYS A 649 -27.66 -30.43 18.79
CA CYS A 649 -28.47 -30.11 17.63
C CYS A 649 -29.94 -30.50 17.84
N LEU A 650 -30.14 -31.66 18.45
CA LEU A 650 -31.47 -32.24 18.66
C LEU A 650 -32.11 -31.73 19.95
N ARG A 651 -31.44 -32.00 21.08
CA ARG A 651 -31.95 -31.60 22.38
C ARG A 651 -32.05 -30.09 22.52
N GLY A 652 -31.01 -29.38 22.09
CA GLY A 652 -30.90 -27.94 22.25
C GLY A 652 -31.70 -27.03 21.31
N ARG A 653 -31.97 -27.50 20.09
CA ARG A 653 -32.60 -26.63 19.12
C ARG A 653 -33.88 -27.26 18.57
N LEU A 654 -33.81 -28.50 18.07
CA LEU A 654 -35.00 -29.07 17.51
C LEU A 654 -36.17 -29.21 18.52
N LEU A 655 -35.85 -29.56 19.76
CA LEU A 655 -36.85 -29.68 20.80
C LEU A 655 -37.38 -28.30 21.25
N HIS A 656 -36.70 -27.24 20.82
CA HIS A 656 -37.14 -25.87 21.07
C HIS A 656 -37.62 -25.18 19.78
N GLY A 657 -37.90 -25.98 18.75
CA GLY A 657 -38.38 -25.47 17.47
C GLY A 657 -37.37 -24.60 16.74
N ARG A 658 -36.10 -24.91 16.92
CA ARG A 658 -34.98 -24.18 16.33
C ARG A 658 -34.16 -25.02 15.36
N HIS A 659 -33.77 -24.42 14.24
CA HIS A 659 -32.98 -25.10 13.22
C HIS A 659 -31.54 -25.23 13.64
N PHE A 660 -30.81 -26.12 12.96
CA PHE A 660 -29.37 -26.24 13.16
C PHE A 660 -28.73 -26.59 11.83
N THR A 661 -27.59 -25.97 11.58
CA THR A 661 -26.92 -26.13 10.30
C THR A 661 -25.44 -26.55 10.42
N TYR A 662 -25.14 -27.71 9.86
CA TYR A 662 -23.76 -28.09 9.58
C TYR A 662 -23.35 -27.62 8.16
N LYS A 663 -22.19 -26.94 8.10
CA LYS A 663 -21.56 -26.58 6.82
C LYS A 663 -20.17 -27.22 6.70
N SER A 664 -19.96 -27.88 5.56
CA SER A 664 -18.70 -28.57 5.29
C SER A 664 -17.53 -27.61 5.14
N ILE A 665 -16.44 -27.90 5.84
CA ILE A 665 -15.21 -27.11 5.70
C ILE A 665 -14.59 -27.27 4.32
N THR A 666 -14.65 -28.50 3.77
CA THR A 666 -14.06 -28.87 2.47
C THR A 666 -15.00 -28.81 1.26
N GLY A 667 -16.27 -28.47 1.49
CA GLY A 667 -17.28 -28.66 0.47
C GLY A 667 -18.28 -27.54 0.37
N ASP A 668 -19.18 -27.65 -0.60
CA ASP A 668 -20.35 -26.78 -0.66
C ASP A 668 -21.55 -27.44 -0.01
N MET A 669 -21.34 -28.60 0.60
CA MET A 669 -22.44 -29.32 1.21
C MET A 669 -22.88 -28.68 2.54
N ALA A 670 -24.14 -28.87 2.87
CA ALA A 670 -24.69 -28.35 4.10
C ALA A 670 -25.85 -29.24 4.52
N ILE A 671 -26.03 -29.37 5.82
CA ILE A 671 -27.06 -30.21 6.41
C ILE A 671 -27.77 -29.40 7.46
N THR A 672 -29.04 -29.11 7.23
CA THR A 672 -29.82 -28.31 8.18
C THR A 672 -30.90 -29.17 8.82
N PHE A 673 -30.71 -29.48 10.10
CA PHE A 673 -31.75 -30.18 10.85
C PHE A 673 -32.86 -29.19 11.15
N VAL A 674 -34.09 -29.60 10.79
CA VAL A 674 -35.25 -28.72 10.90
C VAL A 674 -36.30 -29.26 11.86
N SER A 675 -36.69 -28.39 12.80
CA SER A 675 -37.77 -28.67 13.74
C SER A 675 -39.09 -28.29 13.16
N THR A 676 -40.17 -28.86 13.66
CA THR A 676 -41.49 -28.44 13.23
C THR A 676 -41.75 -27.04 13.74
N GLY A 677 -42.50 -26.25 12.97
CA GLY A 677 -42.81 -24.88 13.32
C GLY A 677 -41.75 -23.92 12.82
N VAL A 678 -40.70 -24.43 12.20
CA VAL A 678 -39.75 -23.58 11.51
C VAL A 678 -40.42 -23.11 10.24
N GLU A 679 -40.03 -21.93 9.77
CA GLU A 679 -40.66 -21.34 8.59
C GLU A 679 -39.66 -21.15 7.48
N GLY A 680 -40.09 -21.43 6.24
CA GLY A 680 -39.21 -21.18 5.11
C GLY A 680 -38.40 -22.38 4.65
N ALA A 681 -38.60 -23.52 5.29
CA ALA A 681 -37.91 -24.74 4.86
C ALA A 681 -38.58 -25.31 3.61
N PHE A 682 -37.81 -25.98 2.76
CA PHE A 682 -38.38 -26.69 1.63
C PHE A 682 -38.56 -28.16 1.99
N ALA A 683 -38.33 -28.48 3.25
CA ALA A 683 -38.62 -29.81 3.78
C ALA A 683 -39.98 -29.77 4.47
N THR A 684 -40.82 -30.73 4.13
CA THR A 684 -42.17 -30.81 4.68
C THR A 684 -42.34 -32.12 5.42
N GLU A 685 -43.38 -32.21 6.25
CA GLU A 685 -43.66 -33.45 6.95
C GLU A 685 -43.95 -34.54 5.93
N GLU A 686 -44.63 -34.15 4.85
CA GLU A 686 -44.95 -35.05 3.75
C GLU A 686 -43.69 -35.56 3.06
N HIS A 687 -42.72 -34.66 2.91
CA HIS A 687 -41.43 -34.98 2.29
C HIS A 687 -40.28 -34.44 3.13
N PRO A 688 -39.93 -35.16 4.21
CA PRO A 688 -38.95 -34.65 5.20
C PRO A 688 -37.57 -34.38 4.64
N TYR A 689 -37.08 -35.23 3.75
CA TYR A 689 -35.74 -35.05 3.22
C TYR A 689 -35.82 -34.42 1.85
N ALA A 690 -35.26 -33.21 1.75
CA ALA A 690 -35.21 -32.49 0.47
C ALA A 690 -33.89 -31.74 0.36
N ALA A 691 -33.46 -31.48 -0.87
CA ALA A 691 -32.18 -30.78 -1.08
C ALA A 691 -32.20 -29.79 -2.23
N HIS A 692 -31.57 -28.63 -2.04
CA HIS A 692 -31.36 -27.67 -3.11
C HIS A 692 -29.87 -27.64 -3.46
N GLY A 693 -29.51 -28.29 -4.55
CA GLY A 693 -28.13 -28.45 -4.91
C GLY A 693 -27.45 -29.25 -3.81
N PRO A 694 -26.34 -28.74 -3.29
CA PRO A 694 -25.64 -29.44 -2.23
C PRO A 694 -26.28 -29.21 -0.87
N TRP A 695 -27.33 -28.39 -0.85
CA TRP A 695 -27.96 -28.00 0.40
C TRP A 695 -29.07 -28.97 0.76
N LEU A 696 -29.00 -29.53 1.95
CA LEU A 696 -29.98 -30.51 2.40
C LEU A 696 -30.67 -30.05 3.68
N GLN A 697 -31.98 -30.16 3.67
CA GLN A 697 -32.80 -29.94 4.84
C GLN A 697 -33.52 -31.23 5.14
N ILE A 698 -33.47 -31.64 6.39
CA ILE A 698 -34.22 -32.82 6.82
C ILE A 698 -35.08 -32.43 8.01
N LEU A 699 -36.37 -32.78 7.94
CA LEU A 699 -37.30 -32.46 9.02
C LEU A 699 -37.53 -33.65 9.93
N LEU A 700 -37.33 -33.47 11.24
CA LEU A 700 -37.50 -34.56 12.20
C LEU A 700 -38.61 -34.24 13.20
N THR A 701 -39.54 -35.18 13.36
CA THR A 701 -40.63 -35.02 14.33
C THR A 701 -40.08 -35.20 15.73
N GLU A 702 -40.71 -34.56 16.71
CA GLU A 702 -40.16 -34.51 18.06
C GLU A 702 -39.96 -35.91 18.64
N GLU A 703 -40.91 -36.80 18.38
CA GLU A 703 -40.84 -38.15 18.90
C GLU A 703 -39.60 -38.85 18.34
N PHE A 704 -39.41 -38.69 17.04
CA PHE A 704 -38.30 -39.34 16.37
C PHE A 704 -37.02 -38.81 16.98
N VAL A 705 -37.02 -37.52 17.28
CA VAL A 705 -35.86 -36.86 17.84
C VAL A 705 -35.54 -37.49 19.18
N GLU A 706 -36.59 -37.69 19.98
CA GLU A 706 -36.38 -38.23 21.32
C GLU A 706 -35.79 -39.65 21.22
N LYS A 707 -36.33 -40.41 20.28
CA LYS A 707 -35.84 -41.76 20.08
C LYS A 707 -34.36 -41.76 19.67
N MET A 708 -34.01 -40.86 18.76
CA MET A 708 -32.64 -40.80 18.24
C MET A 708 -31.69 -40.47 19.39
N LEU A 709 -32.14 -39.55 20.22
CA LEU A 709 -31.38 -39.14 21.38
C LEU A 709 -31.07 -40.32 22.29
N GLU A 710 -32.05 -41.23 22.44
CA GLU A 710 -31.80 -42.41 23.30
C GLU A 710 -30.73 -43.32 22.68
N ASP A 711 -30.81 -43.44 21.35
CA ASP A 711 -29.94 -44.33 20.58
C ASP A 711 -28.45 -43.95 20.54
N LEU A 712 -28.15 -42.66 20.61
CA LEU A 712 -26.77 -42.19 20.55
C LEU A 712 -26.06 -42.10 21.90
N GLU A 713 -24.92 -42.78 22.03
CA GLU A 713 -24.08 -42.69 23.23
C GLU A 713 -22.62 -42.95 22.80
N GLU A 720 -15.53 -46.21 24.94
CA GLU A 720 -16.50 -45.90 23.90
C GLU A 720 -16.27 -46.76 22.67
N PHE A 721 -17.33 -46.96 21.90
CA PHE A 721 -17.26 -47.87 20.75
C PHE A 721 -16.24 -47.39 19.71
N LYS A 722 -15.68 -48.34 18.99
CA LYS A 722 -14.60 -48.06 18.06
C LYS A 722 -15.15 -47.49 16.77
N LEU A 723 -14.55 -46.41 16.29
CA LEU A 723 -14.89 -45.82 15.01
C LEU A 723 -14.47 -46.78 13.90
N PRO A 724 -15.21 -46.82 12.78
CA PRO A 724 -16.45 -46.07 12.55
C PRO A 724 -17.62 -46.59 13.35
N LYS A 725 -18.49 -45.65 13.65
CA LYS A 725 -19.74 -45.87 14.37
C LYS A 725 -20.89 -45.65 13.41
N GLU A 726 -21.81 -46.61 13.40
CA GLU A 726 -22.91 -46.65 12.48
C GLU A 726 -24.24 -46.70 13.22
N TYR A 727 -25.19 -45.91 12.73
CA TYR A 727 -26.54 -45.91 13.28
C TYR A 727 -27.47 -46.12 12.10
N SER A 728 -28.56 -46.85 12.32
CA SER A 728 -29.47 -47.14 11.22
C SER A 728 -30.93 -47.04 11.65
N TRP A 729 -31.78 -46.69 10.70
CA TRP A 729 -33.19 -46.61 10.96
C TRP A 729 -34.00 -47.11 9.79
N PRO A 730 -35.34 -47.03 9.88
CA PRO A 730 -36.20 -47.49 8.81
C PRO A 730 -36.31 -46.51 7.63
N GLU A 731 -35.52 -45.43 7.65
CA GLU A 731 -35.58 -44.41 6.60
C GLU A 731 -34.26 -43.72 6.37
N LYS A 732 -33.44 -43.60 7.42
CA LYS A 732 -32.20 -42.85 7.32
C LYS A 732 -31.09 -43.49 8.14
N LYS A 733 -29.85 -43.28 7.69
CA LYS A 733 -28.65 -43.81 8.36
C LYS A 733 -27.68 -42.70 8.72
N LEU A 734 -26.83 -42.99 9.71
CA LEU A 734 -25.84 -42.04 10.16
C LEU A 734 -24.47 -42.67 10.49
N LYS A 735 -23.37 -42.05 10.02
CA LYS A 735 -22.02 -42.53 10.29
C LYS A 735 -21.16 -41.50 10.98
N VAL A 736 -20.36 -41.94 11.94
CA VAL A 736 -19.32 -41.10 12.55
C VAL A 736 -17.94 -41.67 12.19
N SER A 737 -17.11 -40.85 11.55
CA SER A 737 -15.78 -41.26 11.02
C SER A 737 -14.75 -40.12 11.14
N ILE A 738 -13.45 -40.39 10.93
CA ILE A 738 -12.41 -39.39 11.24
C ILE A 738 -11.59 -38.76 10.12
N LEU A 739 -10.62 -39.48 9.60
CA LEU A 739 -9.79 -38.97 8.51
C LEU A 739 -10.35 -39.13 7.08
N PRO A 740 -11.47 -39.86 6.91
CA PRO A 740 -12.02 -40.12 5.59
C PRO A 740 -12.36 -38.81 4.90
N ASP A 741 -12.88 -37.87 5.68
CA ASP A 741 -13.25 -36.58 5.13
C ASP A 741 -12.00 -35.84 4.75
N VAL A 742 -11.02 -35.85 5.66
CA VAL A 742 -9.79 -35.11 5.43
C VAL A 742 -9.04 -35.67 4.23
N VAL A 743 -8.93 -36.99 4.15
CA VAL A 743 -8.24 -37.63 3.04
C VAL A 743 -9.18 -38.56 2.28
N PHE A 744 -9.33 -38.33 0.97
CA PHE A 744 -10.13 -39.20 0.14
C PHE A 744 -9.25 -40.28 -0.40
N ASP A 745 -9.86 -41.38 -0.84
CA ASP A 745 -9.10 -42.38 -1.57
C ASP A 745 -9.19 -42.06 -3.06
N SER A 746 -10.28 -41.40 -3.47
CA SER A 746 -10.47 -41.00 -4.87
C SER A 746 -11.20 -39.66 -4.99
N GLU B 5 -69.48 11.14 46.98
CA GLU B 5 -70.14 11.74 45.83
C GLU B 5 -69.26 11.80 44.60
N GLY B 6 -69.37 10.78 43.76
CA GLY B 6 -68.68 10.74 42.48
C GLY B 6 -69.72 10.66 41.37
N LYS B 7 -69.52 11.44 40.31
CA LYS B 7 -70.42 11.45 39.16
C LYS B 7 -70.03 10.34 38.18
N LEU B 8 -70.95 9.98 37.29
CA LEU B 8 -70.71 8.99 36.24
C LEU B 8 -70.87 9.55 34.83
N VAL B 9 -69.87 9.30 33.97
CA VAL B 9 -69.95 9.73 32.58
C VAL B 9 -69.87 8.47 31.73
N ILE B 10 -70.66 8.41 30.66
CA ILE B 10 -70.67 7.27 29.77
C ILE B 10 -70.53 7.72 28.33
N TRP B 11 -69.75 6.98 27.54
CA TRP B 11 -69.66 7.24 26.11
C TRP B 11 -70.22 6.05 25.34
N ILE B 12 -71.10 6.33 24.38
CA ILE B 12 -71.62 5.30 23.51
C ILE B 12 -71.90 5.89 22.13
N ASN B 13 -71.63 5.10 21.09
CA ASN B 13 -71.75 5.58 19.71
C ASN B 13 -73.18 6.05 19.42
N GLY B 14 -73.31 7.04 18.53
CA GLY B 14 -74.59 7.65 18.27
C GLY B 14 -75.65 6.79 17.61
N ASP B 15 -75.25 5.71 16.94
CA ASP B 15 -76.22 4.82 16.29
C ASP B 15 -76.87 3.85 17.29
N LYS B 16 -76.29 3.77 18.49
CA LYS B 16 -76.80 2.90 19.55
C LYS B 16 -77.88 3.65 20.32
N GLY B 17 -78.52 2.96 21.26
CA GLY B 17 -79.58 3.53 22.06
C GLY B 17 -79.11 4.27 23.30
N TYR B 18 -78.59 5.47 23.09
CA TYR B 18 -78.07 6.30 24.18
C TYR B 18 -79.22 6.93 25.00
N ASN B 19 -80.39 7.07 24.40
CA ASN B 19 -81.55 7.59 25.12
C ASN B 19 -82.11 6.57 26.11
N GLY B 20 -82.13 5.31 25.70
CA GLY B 20 -82.51 4.23 26.59
C GLY B 20 -81.51 4.08 27.71
N LEU B 21 -80.23 4.06 27.37
CA LEU B 21 -79.18 4.03 28.37
C LEU B 21 -79.35 5.23 29.29
N ALA B 22 -79.74 6.37 28.71
CA ALA B 22 -79.97 7.57 29.50
C ALA B 22 -81.15 7.32 30.43
N GLU B 23 -82.17 6.64 29.92
CA GLU B 23 -83.32 6.25 30.74
C GLU B 23 -82.89 5.36 31.89
N VAL B 24 -82.02 4.39 31.60
CA VAL B 24 -81.43 3.56 32.64
C VAL B 24 -80.61 4.46 33.55
N GLY B 25 -79.99 5.46 32.95
CA GLY B 25 -79.21 6.44 33.68
C GLY B 25 -80.11 7.23 34.60
N LYS B 26 -81.33 7.53 34.15
CA LYS B 26 -82.30 8.24 34.97
C LYS B 26 -82.88 7.34 36.05
N LYS B 27 -83.13 6.08 35.73
CA LYS B 27 -83.58 5.13 36.73
C LYS B 27 -82.52 5.03 37.81
N PHE B 28 -81.26 5.03 37.41
CA PHE B 28 -80.13 4.99 38.34
C PHE B 28 -80.04 6.25 39.17
N GLU B 29 -80.18 7.40 38.55
CA GLU B 29 -80.12 8.66 39.31
C GLU B 29 -81.27 8.71 40.29
N LYS B 30 -82.41 8.14 39.91
CA LYS B 30 -83.56 8.04 40.79
C LYS B 30 -83.26 7.10 41.93
N ASP B 31 -82.75 5.94 41.56
CA ASP B 31 -82.51 4.83 42.47
C ASP B 31 -81.33 5.02 43.42
N THR B 32 -80.23 5.57 42.93
CA THR B 32 -79.01 5.76 43.72
C THR B 32 -78.60 7.23 44.00
N GLY B 33 -79.20 8.21 43.32
CA GLY B 33 -78.87 9.61 43.57
C GLY B 33 -77.67 10.14 42.80
N ILE B 34 -77.08 9.28 41.98
CA ILE B 34 -75.88 9.63 41.21
C ILE B 34 -76.27 10.09 39.82
N LYS B 35 -75.75 11.22 39.36
CA LYS B 35 -76.14 11.69 38.04
C LYS B 35 -75.44 10.82 37.01
N VAL B 36 -76.16 10.41 35.97
CA VAL B 36 -75.55 9.65 34.89
C VAL B 36 -75.62 10.44 33.60
N THR B 37 -74.46 10.90 33.12
CA THR B 37 -74.41 11.64 31.86
C THR B 37 -74.07 10.69 30.73
N VAL B 38 -74.85 10.70 29.66
CA VAL B 38 -74.58 9.83 28.52
C VAL B 38 -74.28 10.68 27.29
N GLU B 39 -73.06 10.55 26.77
CA GLU B 39 -72.63 11.32 25.61
C GLU B 39 -72.31 10.40 24.44
N HIS B 40 -72.33 10.96 23.22
CA HIS B 40 -72.05 10.20 22.01
C HIS B 40 -71.19 11.01 21.06
N PRO B 41 -69.99 11.39 21.52
CA PRO B 41 -69.07 12.19 20.69
C PRO B 41 -68.68 11.40 19.45
N ASP B 42 -68.33 12.08 18.36
CA ASP B 42 -67.91 11.37 17.15
C ASP B 42 -66.52 10.79 17.37
N LYS B 43 -66.23 9.66 16.74
CA LYS B 43 -64.91 9.04 16.83
C LYS B 43 -64.50 8.87 18.28
N LEU B 44 -65.44 8.47 19.13
CA LEU B 44 -65.15 8.33 20.55
C LEU B 44 -64.11 7.24 20.76
N GLU B 45 -64.10 6.24 19.88
CA GLU B 45 -63.17 5.13 19.98
C GLU B 45 -61.74 5.63 19.78
N GLU B 46 -61.59 6.69 19.00
CA GLU B 46 -60.30 7.32 18.78
C GLU B 46 -60.05 8.33 19.89
N LYS B 47 -61.10 9.07 20.25
CA LYS B 47 -60.96 10.11 21.25
C LYS B 47 -60.60 9.51 22.59
N PHE B 48 -61.19 8.37 22.93
CA PHE B 48 -61.01 7.78 24.26
C PHE B 48 -59.53 7.60 24.60
N PRO B 49 -58.78 6.87 23.75
CA PRO B 49 -57.34 6.68 24.04
C PRO B 49 -56.52 7.98 24.05
N GLN B 50 -56.97 8.99 23.31
CA GLN B 50 -56.27 10.28 23.29
C GLN B 50 -56.32 10.88 24.69
N VAL B 51 -57.55 10.91 25.20
CA VAL B 51 -57.91 11.55 26.46
C VAL B 51 -57.88 10.64 27.68
N ALA B 52 -57.87 9.32 27.51
CA ALA B 52 -58.12 8.45 28.65
C ALA B 52 -57.17 8.61 29.86
N ALA B 53 -55.88 8.82 29.63
CA ALA B 53 -54.92 8.98 30.72
C ALA B 53 -55.13 10.27 31.53
N THR B 54 -55.42 11.34 30.80
CA THR B 54 -55.52 12.73 31.29
C THR B 54 -56.66 13.04 32.27
N GLY B 55 -57.51 12.08 32.58
CA GLY B 55 -58.65 12.29 33.46
C GLY B 55 -59.78 13.14 32.88
N ASP B 56 -59.70 13.50 31.60
CA ASP B 56 -60.83 14.14 30.93
C ASP B 56 -61.69 13.06 30.31
N GLY B 57 -61.21 11.83 30.34
CA GLY B 57 -61.95 10.71 29.77
C GLY B 57 -63.06 10.22 30.69
N PRO B 58 -64.12 9.65 30.12
CA PRO B 58 -65.27 9.15 30.91
C PRO B 58 -64.95 7.90 31.69
N ASP B 59 -65.78 7.63 32.69
CA ASP B 59 -65.69 6.46 33.53
C ASP B 59 -66.03 5.14 32.83
N ILE B 60 -67.01 5.16 31.92
CA ILE B 60 -67.41 3.93 31.23
C ILE B 60 -67.45 4.19 29.72
N ILE B 61 -66.90 3.24 28.95
CA ILE B 61 -66.86 3.34 27.49
C ILE B 61 -67.50 2.13 26.82
N PHE B 62 -68.40 2.41 25.88
CA PHE B 62 -69.10 1.40 25.09
C PHE B 62 -68.52 1.28 23.67
N TRP B 63 -68.22 0.06 23.23
CA TRP B 63 -67.77 -0.18 21.87
C TRP B 63 -67.67 -1.69 21.57
N ALA B 64 -67.56 -2.06 20.30
CA ALA B 64 -67.33 -3.46 19.95
C ALA B 64 -66.07 -3.97 20.65
N HIS B 65 -66.01 -5.26 20.98
CA HIS B 65 -64.90 -5.78 21.78
C HIS B 65 -63.53 -5.64 21.10
N ASP B 66 -63.53 -5.61 19.76
CA ASP B 66 -62.29 -5.66 18.97
C ASP B 66 -61.26 -4.59 19.38
N ARG B 67 -61.74 -3.47 19.92
CA ARG B 67 -60.87 -2.40 20.39
C ARG B 67 -60.29 -2.73 21.76
N PHE B 68 -61.14 -3.34 22.59
CA PHE B 68 -60.88 -3.49 24.01
C PHE B 68 -59.53 -4.16 24.24
N GLY B 69 -59.16 -5.05 23.33
CA GLY B 69 -57.86 -5.69 23.39
C GLY B 69 -56.77 -4.64 23.38
N GLY B 70 -56.89 -3.66 22.47
CA GLY B 70 -55.91 -2.58 22.38
C GLY B 70 -55.84 -1.76 23.67
N TYR B 71 -57.01 -1.27 24.08
CA TYR B 71 -57.18 -0.52 25.32
C TYR B 71 -56.51 -1.16 26.53
N ALA B 72 -56.58 -2.47 26.61
CA ALA B 72 -56.08 -3.19 27.77
C ALA B 72 -54.57 -3.25 27.83
N GLN B 73 -53.97 -3.35 26.65
CA GLN B 73 -52.51 -3.41 26.57
C GLN B 73 -51.94 -2.02 26.86
N SER B 74 -52.74 -0.99 26.61
CA SER B 74 -52.33 0.38 26.89
C SER B 74 -52.54 0.78 28.36
N GLY B 75 -53.20 -0.09 29.13
CA GLY B 75 -53.43 0.15 30.53
C GLY B 75 -54.50 1.20 30.78
N LEU B 76 -55.52 1.21 29.93
CA LEU B 76 -56.60 2.19 30.03
C LEU B 76 -57.89 1.66 30.65
N LEU B 77 -57.99 0.34 30.84
CA LEU B 77 -59.20 -0.28 31.35
C LEU B 77 -58.87 -0.99 32.66
N ALA B 78 -59.76 -0.95 33.63
CA ALA B 78 -59.53 -1.68 34.87
C ALA B 78 -60.05 -3.09 34.69
N GLU B 79 -59.49 -4.03 35.43
CA GLU B 79 -60.02 -5.37 35.43
C GLU B 79 -61.37 -5.31 36.14
N ILE B 80 -62.35 -6.04 35.63
CA ILE B 80 -63.64 -6.09 36.28
C ILE B 80 -63.77 -7.40 37.04
N THR B 81 -64.32 -7.37 38.24
CA THR B 81 -64.45 -8.59 39.01
C THR B 81 -65.90 -8.92 39.31
N PRO B 82 -66.51 -9.81 38.50
CA PRO B 82 -67.84 -10.30 38.86
C PRO B 82 -67.79 -11.62 39.60
N ASP B 83 -68.76 -11.83 40.48
CA ASP B 83 -68.96 -13.13 41.10
C ASP B 83 -69.48 -14.10 40.04
N LYS B 84 -69.20 -15.39 40.26
CA LYS B 84 -69.50 -16.45 39.30
C LYS B 84 -70.98 -16.49 38.93
N ALA B 85 -71.84 -16.26 39.93
CA ALA B 85 -73.26 -16.27 39.66
C ALA B 85 -73.64 -15.18 38.65
N PHE B 86 -73.04 -14.00 38.76
CA PHE B 86 -73.32 -12.92 37.82
C PHE B 86 -72.88 -13.34 36.42
N GLN B 87 -71.72 -14.00 36.37
CA GLN B 87 -71.15 -14.50 35.12
C GLN B 87 -72.01 -15.59 34.47
N ASP B 88 -72.78 -16.31 35.28
CA ASP B 88 -73.58 -17.43 34.76
C ASP B 88 -74.84 -16.94 34.05
N LYS B 89 -75.18 -15.68 34.28
CA LYS B 89 -76.30 -15.03 33.61
C LYS B 89 -75.99 -14.80 32.13
N LEU B 90 -74.72 -14.61 31.82
CA LEU B 90 -74.27 -14.36 30.45
C LEU B 90 -73.59 -15.58 29.84
N TYR B 91 -73.59 -15.65 28.51
CA TYR B 91 -72.98 -16.75 27.77
C TYR B 91 -71.46 -16.77 27.92
N PRO B 92 -70.85 -17.97 27.94
CA PRO B 92 -69.39 -18.02 28.10
C PRO B 92 -68.63 -17.35 26.94
N PHE B 93 -69.11 -17.56 25.71
CA PHE B 93 -68.40 -17.03 24.54
C PHE B 93 -68.47 -15.51 24.47
N THR B 94 -69.50 -14.89 25.05
CA THR B 94 -69.51 -13.43 25.13
C THR B 94 -68.42 -12.97 26.10
N TRP B 95 -68.23 -13.71 27.18
CA TRP B 95 -67.14 -13.42 28.12
C TRP B 95 -65.78 -13.60 27.43
N ASP B 96 -65.67 -14.64 26.60
CA ASP B 96 -64.44 -14.87 25.83
C ASP B 96 -64.05 -13.63 25.03
N ALA B 97 -65.06 -12.95 24.48
CA ALA B 97 -64.84 -11.79 23.62
C ALA B 97 -64.23 -10.61 24.37
N VAL B 98 -64.41 -10.58 25.69
CA VAL B 98 -63.89 -9.48 26.51
C VAL B 98 -62.74 -9.94 27.39
N ARG B 99 -62.07 -11.03 26.98
CA ARG B 99 -60.93 -11.56 27.71
C ARG B 99 -59.64 -11.23 26.98
N TYR B 100 -58.77 -10.46 27.61
CA TYR B 100 -57.50 -10.15 26.98
C TYR B 100 -56.36 -10.44 27.95
N ASN B 101 -55.43 -11.29 27.53
CA ASN B 101 -54.30 -11.73 28.34
C ASN B 101 -54.74 -12.33 29.68
N GLY B 102 -55.84 -13.08 29.64
CA GLY B 102 -56.34 -13.84 30.77
C GLY B 102 -56.93 -13.03 31.91
N LYS B 103 -57.57 -11.92 31.59
CA LYS B 103 -58.25 -11.04 32.55
C LYS B 103 -59.50 -10.57 31.83
N LEU B 104 -60.52 -10.18 32.59
CA LEU B 104 -61.72 -9.59 32.01
C LEU B 104 -61.66 -8.06 32.11
N ILE B 105 -61.75 -7.41 30.95
CA ILE B 105 -61.58 -5.95 30.84
C ILE B 105 -62.88 -5.23 30.46
N ALA B 106 -63.97 -5.96 30.36
CA ALA B 106 -65.23 -5.34 29.96
C ALA B 106 -66.42 -6.24 30.23
N TYR B 107 -67.60 -5.63 30.36
CA TYR B 107 -68.86 -6.35 30.43
C TYR B 107 -69.44 -6.49 29.02
N PRO B 108 -69.60 -7.74 28.54
CA PRO B 108 -70.15 -8.00 27.20
C PRO B 108 -71.61 -7.59 27.07
N ILE B 109 -71.95 -6.90 25.97
CA ILE B 109 -73.32 -6.39 25.77
C ILE B 109 -74.12 -7.21 24.73
N ALA B 110 -73.66 -7.30 23.49
CA ALA B 110 -74.50 -7.97 22.46
C ALA B 110 -73.76 -8.68 21.31
N VAL B 111 -74.48 -9.58 20.63
CA VAL B 111 -73.93 -10.41 19.54
C VAL B 111 -74.46 -10.06 18.14
N GLU B 112 -73.54 -9.71 17.24
CA GLU B 112 -73.85 -9.36 15.84
C GLU B 112 -73.35 -10.42 14.82
N ALA B 113 -74.28 -10.95 13.98
CA ALA B 113 -73.94 -11.99 12.97
C ALA B 113 -74.64 -11.97 11.56
N LEU B 114 -73.99 -12.60 10.57
CA LEU B 114 -74.46 -12.71 9.17
C LEU B 114 -75.45 -13.85 8.85
N SER B 115 -76.31 -13.64 7.84
CA SER B 115 -77.25 -14.69 7.38
C SER B 115 -77.30 -14.84 5.84
N LEU B 116 -77.78 -16.00 5.39
CA LEU B 116 -78.02 -16.22 3.95
C LEU B 116 -79.36 -15.65 3.55
N ILE B 117 -79.46 -15.17 2.31
CA ILE B 117 -80.75 -14.67 1.81
C ILE B 117 -81.06 -15.25 0.43
N TYR B 118 -82.26 -15.80 0.27
CA TYR B 118 -82.65 -16.39 -1.03
C TYR B 118 -84.03 -15.89 -1.45
N ASN B 119 -84.23 -15.78 -2.77
CA ASN B 119 -85.53 -15.43 -3.34
C ASN B 119 -86.40 -16.68 -3.41
N LYS B 120 -87.49 -16.68 -2.64
CA LYS B 120 -88.40 -17.83 -2.60
C LYS B 120 -89.03 -18.14 -3.96
N ASP B 121 -89.33 -17.10 -4.73
CA ASP B 121 -89.99 -17.25 -6.02
C ASP B 121 -89.13 -17.99 -7.04
N LEU B 122 -87.86 -17.59 -7.19
CA LEU B 122 -87.00 -18.28 -8.14
C LEU B 122 -86.56 -19.62 -7.57
N LEU B 123 -86.26 -19.63 -6.27
CA LEU B 123 -85.81 -20.83 -5.58
C LEU B 123 -86.69 -21.19 -4.38
N PRO B 124 -87.73 -22.02 -4.60
CA PRO B 124 -88.54 -22.42 -3.44
C PRO B 124 -87.72 -23.15 -2.35
N ASN B 125 -86.80 -24.04 -2.74
CA ASN B 125 -85.96 -24.78 -1.78
C ASN B 125 -84.47 -24.51 -2.02
N PRO B 126 -83.84 -23.68 -1.17
CA PRO B 126 -82.42 -23.36 -1.32
C PRO B 126 -81.52 -24.58 -1.12
N PRO B 127 -80.36 -24.62 -1.78
CA PRO B 127 -79.45 -25.75 -1.62
C PRO B 127 -78.90 -25.82 -0.21
N LYS B 128 -78.71 -27.03 0.29
CA LYS B 128 -78.16 -27.22 1.62
C LYS B 128 -76.64 -27.39 1.55
N THR B 129 -76.11 -27.49 0.33
CA THR B 129 -74.68 -27.65 0.13
C THR B 129 -74.21 -26.79 -1.06
N TRP B 130 -72.94 -26.38 -1.04
CA TRP B 130 -72.41 -25.59 -2.15
C TRP B 130 -72.32 -26.37 -3.47
N GLU B 131 -72.02 -27.65 -3.37
CA GLU B 131 -71.78 -28.46 -4.57
C GLU B 131 -73.01 -28.51 -5.48
N GLU B 132 -74.18 -28.22 -4.91
CA GLU B 132 -75.41 -28.19 -5.72
C GLU B 132 -75.48 -26.99 -6.65
N ILE B 133 -74.95 -25.85 -6.22
CA ILE B 133 -75.23 -24.58 -6.90
C ILE B 133 -74.82 -24.54 -8.40
N PRO B 134 -73.71 -25.20 -8.77
CA PRO B 134 -73.32 -25.26 -10.19
C PRO B 134 -74.43 -25.90 -11.03
N ALA B 135 -74.94 -27.03 -10.57
CA ALA B 135 -76.04 -27.74 -11.22
C ALA B 135 -77.30 -26.86 -11.21
N LEU B 136 -77.54 -26.23 -10.07
CA LEU B 136 -78.69 -25.34 -9.86
C LEU B 136 -78.61 -24.10 -10.75
N ASP B 137 -77.41 -23.54 -10.91
CA ASP B 137 -77.18 -22.36 -11.75
C ASP B 137 -77.55 -22.62 -13.21
N LYS B 138 -77.21 -23.80 -13.70
CA LYS B 138 -77.50 -24.14 -15.10
C LYS B 138 -78.98 -24.06 -15.36
N GLU B 139 -79.75 -24.54 -14.40
CA GLU B 139 -81.19 -24.49 -14.51
C GLU B 139 -81.66 -23.04 -14.54
N LEU B 140 -81.12 -22.21 -13.66
CA LEU B 140 -81.58 -20.82 -13.60
C LEU B 140 -81.13 -20.07 -14.86
N LYS B 141 -79.93 -20.39 -15.33
CA LYS B 141 -79.37 -19.85 -16.56
C LYS B 141 -80.23 -20.19 -17.77
N ALA B 142 -80.88 -21.35 -17.74
CA ALA B 142 -81.77 -21.74 -18.83
C ALA B 142 -82.96 -20.79 -18.98
N LYS B 143 -83.33 -20.10 -17.89
CA LYS B 143 -84.41 -19.11 -17.95
C LYS B 143 -83.91 -17.67 -17.88
N GLY B 144 -82.62 -17.48 -18.19
CA GLY B 144 -82.04 -16.15 -18.25
C GLY B 144 -81.75 -15.47 -16.92
N LYS B 145 -81.62 -16.27 -15.86
CA LYS B 145 -81.30 -15.80 -14.50
C LYS B 145 -80.02 -16.45 -13.98
N SER B 146 -79.51 -15.97 -12.85
CA SER B 146 -78.35 -16.59 -12.20
C SER B 146 -78.67 -17.07 -10.78
N ALA B 147 -77.90 -18.03 -10.29
CA ALA B 147 -78.14 -18.64 -8.98
C ALA B 147 -77.67 -17.79 -7.81
N LEU B 148 -76.45 -17.26 -7.90
CA LEU B 148 -75.83 -16.61 -6.74
C LEU B 148 -74.96 -15.43 -7.14
N MET B 149 -75.06 -14.35 -6.35
CA MET B 149 -74.18 -13.20 -6.50
C MET B 149 -73.98 -12.55 -5.13
N PHE B 150 -72.71 -12.35 -4.75
CA PHE B 150 -72.39 -11.66 -3.50
C PHE B 150 -71.03 -10.97 -3.61
N ASN B 151 -70.72 -10.10 -2.65
CA ASN B 151 -69.50 -9.29 -2.68
C ASN B 151 -68.23 -10.14 -2.70
N LEU B 152 -67.49 -10.08 -3.81
CA LEU B 152 -66.25 -10.83 -3.95
C LEU B 152 -65.00 -9.95 -3.77
N GLN B 153 -65.21 -8.68 -3.40
CA GLN B 153 -64.10 -7.74 -3.24
C GLN B 153 -63.62 -7.69 -1.79
N GLU B 154 -64.47 -8.11 -0.85
CA GLU B 154 -64.11 -8.17 0.56
C GLU B 154 -64.07 -9.61 1.05
N PRO B 155 -62.95 -10.04 1.65
CA PRO B 155 -62.81 -11.42 2.11
C PRO B 155 -63.81 -11.80 3.21
N TYR B 156 -64.43 -10.80 3.81
CA TYR B 156 -65.39 -11.01 4.88
C TYR B 156 -66.54 -11.91 4.40
N PHE B 157 -66.85 -11.80 3.11
CA PHE B 157 -67.98 -12.51 2.52
C PHE B 157 -67.59 -13.88 1.96
N THR B 158 -66.31 -14.07 1.64
CA THR B 158 -65.84 -15.34 1.09
C THR B 158 -65.15 -16.21 2.15
N TRP B 159 -64.94 -15.67 3.34
CA TRP B 159 -64.27 -16.42 4.40
C TRP B 159 -65.04 -17.65 4.90
N PRO B 160 -66.38 -17.56 4.95
CA PRO B 160 -67.18 -18.71 5.39
C PRO B 160 -66.90 -19.98 4.58
N LEU B 161 -66.81 -19.83 3.25
CA LEU B 161 -66.54 -20.97 2.39
C LEU B 161 -65.11 -21.47 2.57
N ILE B 162 -64.18 -20.53 2.69
CA ILE B 162 -62.77 -20.87 2.88
C ILE B 162 -62.56 -21.56 4.22
N ALA B 163 -63.37 -21.19 5.19
CA ALA B 163 -63.24 -21.69 6.54
C ALA B 163 -64.06 -22.97 6.72
N ALA B 164 -65.05 -23.12 5.82
CA ALA B 164 -65.98 -24.25 5.90
C ALA B 164 -65.28 -25.60 6.12
N ASP B 165 -64.21 -25.87 5.37
CA ASP B 165 -63.60 -27.19 5.40
C ASP B 165 -62.37 -27.26 6.32
N GLY B 166 -62.12 -26.23 7.14
CA GLY B 166 -61.05 -26.28 8.14
C GLY B 166 -60.14 -25.07 8.22
N GLY B 167 -60.33 -24.09 7.34
CA GLY B 167 -59.55 -22.85 7.35
C GLY B 167 -59.76 -22.00 8.60
N TYR B 168 -58.71 -21.30 9.03
CA TYR B 168 -58.85 -20.39 10.18
C TYR B 168 -57.82 -19.25 10.20
N ALA B 169 -58.13 -18.17 10.94
CA ALA B 169 -57.24 -17.02 11.06
C ALA B 169 -56.25 -17.23 12.17
N PHE B 170 -56.75 -17.25 13.40
CA PHE B 170 -55.91 -17.55 14.55
C PHE B 170 -56.59 -18.59 15.42
N LYS B 171 -55.82 -19.65 15.69
CA LYS B 171 -56.16 -20.78 16.55
C LYS B 171 -56.28 -20.31 18.00
N TYR B 172 -57.16 -20.93 18.81
CA TYR B 172 -57.35 -20.50 20.22
C TYR B 172 -56.71 -21.52 21.18
N GLU B 173 -55.47 -21.23 21.57
CA GLU B 173 -54.67 -22.17 22.35
C GLU B 173 -54.08 -21.55 23.61
N ASN B 174 -54.36 -22.23 24.72
CA ASN B 174 -53.87 -21.93 26.06
C ASN B 174 -54.13 -20.50 26.53
N GLY B 175 -55.32 -19.98 26.22
CA GLY B 175 -55.79 -18.70 26.74
C GLY B 175 -55.59 -17.52 25.80
N LYS B 176 -54.94 -17.77 24.67
CA LYS B 176 -54.67 -16.73 23.66
C LYS B 176 -54.76 -17.19 22.20
N TYR B 177 -54.52 -16.21 21.33
CA TYR B 177 -54.40 -16.42 19.90
C TYR B 177 -52.92 -16.53 19.53
N ASP B 178 -52.55 -17.62 18.87
CA ASP B 178 -51.17 -17.81 18.44
C ASP B 178 -50.97 -17.16 17.08
N ILE B 179 -50.23 -16.04 17.08
CA ILE B 179 -50.07 -15.20 15.89
C ILE B 179 -49.12 -15.82 14.87
N LYS B 180 -48.41 -16.87 15.29
CA LYS B 180 -47.52 -17.58 14.38
C LYS B 180 -48.26 -18.70 13.65
N ASP B 181 -49.32 -19.18 14.29
CA ASP B 181 -50.10 -20.28 13.77
C ASP B 181 -51.28 -19.73 13.01
N VAL B 182 -51.04 -19.43 11.75
CA VAL B 182 -52.08 -18.95 10.86
C VAL B 182 -52.57 -20.14 10.06
N GLY B 183 -53.86 -20.18 9.74
CA GLY B 183 -54.43 -21.35 9.09
C GLY B 183 -55.15 -21.02 7.82
N VAL B 184 -54.55 -20.13 7.05
CA VAL B 184 -55.07 -19.76 5.76
C VAL B 184 -54.40 -20.60 4.70
N ASP B 185 -53.50 -21.49 5.13
CA ASP B 185 -52.71 -22.28 4.21
C ASP B 185 -53.03 -23.80 4.25
N ASN B 186 -53.93 -24.23 5.15
CA ASN B 186 -54.25 -25.66 5.24
C ASN B 186 -55.10 -26.12 4.06
N ALA B 187 -55.15 -27.43 3.89
CA ALA B 187 -55.79 -28.04 2.72
C ALA B 187 -57.25 -27.60 2.55
N GLY B 188 -57.94 -27.43 3.67
CA GLY B 188 -59.33 -27.02 3.68
C GLY B 188 -59.57 -25.63 3.09
N ALA B 189 -58.80 -24.64 3.52
CA ALA B 189 -58.94 -23.28 3.00
C ALA B 189 -58.68 -23.31 1.51
N LYS B 190 -57.65 -24.06 1.14
CA LYS B 190 -57.25 -24.25 -0.24
C LYS B 190 -58.39 -24.89 -1.01
N ALA B 191 -59.06 -25.84 -0.38
CA ALA B 191 -60.17 -26.53 -1.03
C ALA B 191 -61.33 -25.57 -1.25
N GLY B 192 -61.68 -24.83 -0.21
CA GLY B 192 -62.76 -23.87 -0.26
C GLY B 192 -62.52 -22.79 -1.29
N LEU B 193 -61.36 -22.14 -1.22
CA LEU B 193 -61.05 -21.11 -2.19
C LEU B 193 -60.94 -21.73 -3.59
N THR B 194 -60.44 -22.96 -3.70
CA THR B 194 -60.33 -23.59 -5.03
C THR B 194 -61.74 -23.82 -5.55
N PHE B 195 -62.63 -24.21 -4.66
CA PHE B 195 -64.02 -24.40 -5.04
C PHE B 195 -64.62 -23.08 -5.49
N LEU B 196 -64.36 -22.03 -4.69
CA LEU B 196 -64.80 -20.69 -5.05
C LEU B 196 -64.26 -20.28 -6.42
N VAL B 197 -62.98 -20.53 -6.62
CA VAL B 197 -62.37 -20.16 -7.88
C VAL B 197 -62.98 -20.99 -9.01
N ASP B 198 -63.34 -22.24 -8.70
CA ASP B 198 -63.92 -23.13 -9.69
C ASP B 198 -65.32 -22.63 -10.07
N LEU B 199 -65.98 -21.98 -9.10
CA LEU B 199 -67.26 -21.36 -9.42
C LEU B 199 -67.00 -20.28 -10.48
N ILE B 200 -65.96 -19.47 -10.27
CA ILE B 200 -65.64 -18.40 -11.24
C ILE B 200 -65.17 -18.91 -12.63
N LYS B 201 -64.38 -19.98 -12.67
CA LYS B 201 -63.94 -20.55 -13.95
C LYS B 201 -65.14 -21.04 -14.76
N ASN B 202 -66.13 -21.65 -14.09
CA ASN B 202 -67.27 -22.20 -14.83
C ASN B 202 -68.37 -21.16 -15.04
N LYS B 203 -68.06 -19.90 -14.72
CA LYS B 203 -68.90 -18.80 -15.14
C LYS B 203 -70.27 -18.78 -14.46
N HIS B 204 -70.36 -19.42 -13.30
CA HIS B 204 -71.54 -19.27 -12.45
C HIS B 204 -71.45 -17.94 -11.67
N MET B 205 -70.22 -17.40 -11.57
CA MET B 205 -69.91 -16.11 -10.94
C MET B 205 -68.78 -15.38 -11.67
N ASN B 206 -68.75 -14.08 -11.41
CA ASN B 206 -67.86 -13.14 -12.05
C ASN B 206 -67.07 -12.38 -10.98
N ALA B 207 -65.75 -12.45 -11.08
CA ALA B 207 -64.88 -11.94 -10.03
C ALA B 207 -65.03 -10.44 -9.81
N ASP B 208 -65.46 -9.70 -10.83
CA ASP B 208 -65.57 -8.25 -10.67
C ASP B 208 -66.71 -7.88 -9.72
N THR B 209 -67.63 -8.82 -9.47
CA THR B 209 -68.86 -8.51 -8.72
C THR B 209 -68.47 -7.85 -7.39
N ASP B 210 -69.24 -6.82 -7.05
CA ASP B 210 -69.01 -6.01 -5.88
C ASP B 210 -70.28 -6.14 -5.04
N TYR B 211 -70.30 -5.52 -3.87
CA TYR B 211 -71.47 -5.51 -3.01
C TYR B 211 -72.74 -4.93 -3.65
N SER B 212 -72.64 -3.74 -4.26
CA SER B 212 -73.83 -3.10 -4.83
C SER B 212 -74.40 -3.92 -5.98
N ILE B 213 -73.52 -4.51 -6.79
CA ILE B 213 -73.93 -5.28 -7.97
C ILE B 213 -74.68 -6.54 -7.56
N ALA B 214 -74.18 -7.23 -6.54
CA ALA B 214 -74.86 -8.43 -6.05
C ALA B 214 -76.18 -8.03 -5.42
N GLU B 215 -76.12 -6.96 -4.62
CA GLU B 215 -77.31 -6.48 -3.93
C GLU B 215 -78.36 -6.02 -4.94
N ALA B 216 -77.89 -5.35 -5.99
CA ALA B 216 -78.77 -4.88 -7.04
C ALA B 216 -79.34 -6.09 -7.75
N ALA B 217 -78.48 -7.07 -8.04
CA ALA B 217 -78.88 -8.27 -8.78
C ALA B 217 -80.01 -8.99 -8.07
N PHE B 218 -79.89 -9.14 -6.74
CA PHE B 218 -80.89 -9.87 -5.96
C PHE B 218 -82.17 -9.06 -5.75
N ASN B 219 -82.00 -7.75 -5.52
CA ASN B 219 -83.13 -6.85 -5.30
C ASN B 219 -83.86 -6.56 -6.62
N LYS B 220 -83.14 -6.81 -7.71
CA LYS B 220 -83.64 -6.68 -9.07
C LYS B 220 -84.31 -7.95 -9.61
N GLY B 221 -84.23 -9.01 -8.83
CA GLY B 221 -84.83 -10.28 -9.20
C GLY B 221 -83.99 -10.95 -10.28
N GLU B 222 -82.75 -10.50 -10.43
CA GLU B 222 -81.87 -11.05 -11.45
C GLU B 222 -81.13 -12.31 -11.00
N THR B 223 -80.82 -12.38 -9.71
CA THR B 223 -80.14 -13.55 -9.16
C THR B 223 -81.00 -14.21 -8.08
N ALA B 224 -80.83 -15.52 -7.93
CA ALA B 224 -81.69 -16.31 -7.05
C ALA B 224 -81.28 -16.21 -5.58
N MET B 225 -79.98 -16.06 -5.30
CA MET B 225 -79.50 -16.03 -3.91
C MET B 225 -78.44 -14.98 -3.63
N THR B 226 -78.21 -14.73 -2.33
CA THR B 226 -77.14 -13.83 -1.89
C THR B 226 -76.73 -14.15 -0.43
N ILE B 227 -75.65 -13.52 0.02
CA ILE B 227 -75.15 -13.64 1.39
C ILE B 227 -74.93 -12.26 2.00
N ASN B 228 -75.52 -12.01 3.17
CA ASN B 228 -75.49 -10.65 3.75
C ASN B 228 -75.93 -10.62 5.21
N GLY B 229 -75.72 -9.48 5.87
CA GLY B 229 -76.13 -9.34 7.26
C GLY B 229 -77.48 -8.66 7.36
N PRO B 230 -78.02 -8.57 8.59
CA PRO B 230 -79.37 -8.02 8.81
C PRO B 230 -79.58 -6.66 8.15
N TRP B 231 -78.53 -5.84 8.15
CA TRP B 231 -78.59 -4.49 7.60
C TRP B 231 -79.11 -4.49 6.15
N ALA B 232 -78.76 -5.53 5.40
CA ALA B 232 -79.12 -5.59 3.99
C ALA B 232 -80.64 -5.72 3.81
N TRP B 233 -81.27 -6.40 4.78
CA TRP B 233 -82.69 -6.76 4.68
C TRP B 233 -83.56 -5.56 4.31
N SER B 234 -83.35 -4.43 4.99
CA SER B 234 -84.14 -3.22 4.78
C SER B 234 -84.23 -2.86 3.31
N ASN B 235 -83.10 -2.98 2.61
CA ASN B 235 -83.08 -2.67 1.18
C ASN B 235 -83.91 -3.71 0.41
N ILE B 236 -83.95 -4.94 0.93
CA ILE B 236 -84.72 -6.01 0.30
C ILE B 236 -86.22 -5.77 0.55
N ASP B 237 -86.55 -5.18 1.70
CA ASP B 237 -87.92 -4.81 2.04
C ASP B 237 -88.47 -3.81 1.04
N THR B 238 -87.65 -2.86 0.61
CA THR B 238 -88.12 -1.85 -0.32
C THR B 238 -88.37 -2.44 -1.71
N SER B 239 -87.60 -3.44 -2.09
CA SER B 239 -87.74 -4.03 -3.41
C SER B 239 -88.94 -4.99 -3.59
N LYS B 240 -89.66 -5.33 -2.50
CA LYS B 240 -90.82 -6.22 -2.62
C LYS B 240 -90.47 -7.53 -3.33
N VAL B 241 -89.27 -8.04 -3.07
CA VAL B 241 -88.88 -9.34 -3.57
C VAL B 241 -89.27 -10.27 -2.44
N ASN B 242 -89.91 -11.38 -2.75
CA ASN B 242 -90.27 -12.36 -1.75
C ASN B 242 -89.03 -13.19 -1.47
N TYR B 243 -88.41 -12.95 -0.31
CA TYR B 243 -87.16 -13.60 0.07
C TYR B 243 -87.28 -14.32 1.42
N GLY B 244 -86.47 -15.35 1.62
CA GLY B 244 -86.39 -15.99 2.92
C GLY B 244 -84.95 -15.95 3.41
N VAL B 245 -84.79 -15.92 4.74
CA VAL B 245 -83.47 -15.99 5.40
C VAL B 245 -83.30 -17.34 6.11
N THR B 246 -82.18 -18.00 5.84
CA THR B 246 -81.94 -19.36 6.30
C THR B 246 -80.45 -19.62 6.57
N VAL B 247 -80.14 -20.80 7.08
CA VAL B 247 -78.77 -21.20 7.39
C VAL B 247 -77.92 -21.30 6.11
N LEU B 248 -76.64 -20.95 6.21
CA LEU B 248 -75.72 -21.02 5.08
C LEU B 248 -75.49 -22.47 4.66
N PRO B 249 -75.14 -22.71 3.38
CA PRO B 249 -74.88 -24.09 2.94
C PRO B 249 -73.65 -24.70 3.58
N THR B 250 -73.67 -26.02 3.75
CA THR B 250 -72.52 -26.74 4.27
C THR B 250 -71.59 -27.06 3.11
N PHE B 251 -70.29 -27.12 3.38
CA PHE B 251 -69.33 -27.51 2.35
C PHE B 251 -68.62 -28.78 2.81
N LYS B 252 -68.69 -29.81 1.97
CA LYS B 252 -68.11 -31.11 2.28
C LYS B 252 -68.56 -31.64 3.63
N GLY B 253 -69.80 -31.40 4.00
CA GLY B 253 -70.36 -31.93 5.23
C GLY B 253 -70.15 -31.04 6.44
N GLN B 254 -69.12 -30.20 6.38
CA GLN B 254 -68.79 -29.30 7.49
C GLN B 254 -69.45 -27.94 7.30
N PRO B 255 -69.68 -27.22 8.42
CA PRO B 255 -70.45 -25.98 8.31
C PRO B 255 -69.63 -24.77 7.88
N SER B 256 -70.28 -23.86 7.17
CA SER B 256 -69.68 -22.59 6.78
C SER B 256 -69.42 -21.82 8.06
N LYS B 257 -68.26 -21.14 8.14
CA LYS B 257 -67.87 -20.47 9.39
C LYS B 257 -67.87 -18.94 9.27
N PRO B 258 -69.04 -18.31 9.48
CA PRO B 258 -69.15 -16.85 9.41
C PRO B 258 -68.41 -16.14 10.53
N PHE B 259 -68.02 -14.90 10.25
CA PHE B 259 -67.43 -14.02 11.25
C PHE B 259 -68.52 -13.29 12.03
N VAL B 260 -68.28 -13.11 13.33
CA VAL B 260 -69.25 -12.43 14.21
C VAL B 260 -68.58 -11.42 15.12
N GLY B 261 -69.27 -10.32 15.37
CA GLY B 261 -68.73 -9.28 16.26
C GLY B 261 -69.58 -9.14 17.50
N VAL B 262 -68.98 -8.61 18.57
CA VAL B 262 -69.71 -8.41 19.83
C VAL B 262 -69.60 -6.94 20.26
N LEU B 263 -70.63 -6.47 20.94
CA LEU B 263 -70.65 -5.11 21.52
C LEU B 263 -70.41 -5.25 23.02
N SER B 264 -69.42 -4.52 23.54
CA SER B 264 -69.02 -4.60 24.95
C SER B 264 -68.84 -3.23 25.62
N ALA B 265 -68.98 -3.20 26.94
CA ALA B 265 -68.81 -1.97 27.72
C ALA B 265 -67.70 -2.12 28.76
N GLY B 266 -66.73 -1.21 28.74
CA GLY B 266 -65.60 -1.25 29.65
C GLY B 266 -65.51 -0.08 30.61
N ILE B 267 -64.76 -0.31 31.69
CA ILE B 267 -64.57 0.70 32.72
C ILE B 267 -63.14 1.25 32.66
N ASN B 268 -63.05 2.57 32.53
CA ASN B 268 -61.77 3.27 32.48
C ASN B 268 -60.96 3.04 33.76
N ALA B 269 -59.69 2.66 33.60
CA ALA B 269 -58.81 2.38 34.72
C ALA B 269 -58.53 3.59 35.57
N ALA B 270 -58.68 4.77 34.98
CA ALA B 270 -58.44 6.02 35.69
C ALA B 270 -59.71 6.60 36.27
N SER B 271 -60.73 5.74 36.43
CA SER B 271 -62.00 6.18 36.99
C SER B 271 -62.00 6.01 38.51
N PRO B 272 -62.31 7.09 39.26
CA PRO B 272 -62.48 6.97 40.72
C PRO B 272 -63.71 6.16 41.09
N ASN B 273 -64.65 6.11 40.16
CA ASN B 273 -66.00 5.62 40.40
C ASN B 273 -66.27 4.21 39.90
N LYS B 274 -65.25 3.36 39.95
CA LYS B 274 -65.38 2.03 39.33
C LYS B 274 -66.55 1.30 39.95
N GLU B 275 -66.73 1.42 41.26
CA GLU B 275 -67.82 0.71 41.89
C GLU B 275 -69.18 1.24 41.51
N LEU B 276 -69.31 2.56 41.32
CA LEU B 276 -70.60 3.11 40.91
C LEU B 276 -70.92 2.52 39.55
N ALA B 277 -69.89 2.48 38.70
CA ALA B 277 -70.02 1.90 37.38
C ALA B 277 -70.32 0.42 37.48
N LYS B 278 -69.65 -0.27 38.39
CA LYS B 278 -69.88 -1.69 38.58
C LYS B 278 -71.33 -1.86 38.93
N GLU B 279 -71.83 -1.01 39.82
CA GLU B 279 -73.22 -1.10 40.21
C GLU B 279 -74.12 -0.83 39.04
N PHE B 280 -73.79 0.23 38.30
CA PHE B 280 -74.62 0.70 37.20
C PHE B 280 -74.71 -0.38 36.16
N LEU B 281 -73.56 -0.88 35.78
CA LEU B 281 -73.45 -1.91 34.78
C LEU B 281 -74.11 -3.19 35.26
N GLU B 282 -73.86 -3.56 36.53
CA GLU B 282 -74.31 -4.85 37.03
C GLU B 282 -75.82 -4.96 37.30
N ASN B 283 -76.46 -3.99 37.97
CA ASN B 283 -77.85 -4.19 38.43
C ASN B 283 -78.96 -3.42 37.69
N TYR B 284 -78.60 -2.60 36.71
CA TYR B 284 -79.56 -1.79 35.97
C TYR B 284 -79.37 -2.00 34.48
N LEU B 285 -78.15 -1.82 33.98
CA LEU B 285 -77.93 -2.06 32.56
C LEU B 285 -78.04 -3.56 32.28
N LEU B 286 -77.29 -4.39 33.00
CA LEU B 286 -77.39 -5.84 32.75
C LEU B 286 -78.61 -6.45 33.46
N THR B 287 -79.80 -5.92 33.15
CA THR B 287 -81.07 -6.51 33.62
C THR B 287 -82.06 -6.52 32.47
N ASP B 288 -83.11 -7.35 32.56
CA ASP B 288 -84.11 -7.40 31.50
C ASP B 288 -84.63 -6.03 31.16
N GLU B 289 -84.95 -5.25 32.19
CA GLU B 289 -85.57 -3.94 32.02
C GLU B 289 -84.55 -2.97 31.42
N GLY B 290 -83.31 -3.03 31.87
CA GLY B 290 -82.28 -2.15 31.35
C GLY B 290 -82.11 -2.43 29.88
N LEU B 291 -81.90 -3.71 29.57
CA LEU B 291 -81.75 -4.14 28.19
C LEU B 291 -83.03 -3.80 27.44
N GLU B 292 -84.18 -3.93 28.09
CA GLU B 292 -85.45 -3.58 27.47
C GLU B 292 -85.45 -2.07 27.16
N ALA B 293 -84.97 -1.27 28.11
CA ALA B 293 -84.92 0.18 27.96
C ALA B 293 -84.05 0.52 26.76
N VAL B 294 -82.88 -0.13 26.69
CA VAL B 294 -81.97 0.07 25.57
C VAL B 294 -82.54 -0.51 24.27
N ASN B 295 -83.24 -1.64 24.35
CA ASN B 295 -83.68 -2.36 23.16
C ASN B 295 -84.88 -1.68 22.46
N LYS B 296 -85.71 -1.01 23.25
CA LYS B 296 -86.80 -0.19 22.72
C LYS B 296 -86.29 1.01 21.93
N ASP B 297 -85.25 1.67 22.46
CA ASP B 297 -84.66 2.81 21.79
C ASP B 297 -84.08 2.39 20.42
N LYS B 298 -83.12 1.48 20.46
CA LYS B 298 -82.52 0.93 19.25
C LYS B 298 -82.20 -0.54 19.50
N PRO B 299 -82.78 -1.47 18.71
CA PRO B 299 -82.54 -2.90 18.95
C PRO B 299 -81.07 -3.28 19.04
N LEU B 300 -80.73 -4.10 20.02
CA LEU B 300 -79.37 -4.57 20.24
C LEU B 300 -79.06 -5.81 19.41
N GLY B 301 -80.11 -6.51 18.97
CA GLY B 301 -79.97 -7.79 18.29
C GLY B 301 -80.19 -8.94 19.23
N ALA B 302 -79.25 -9.88 19.26
CA ALA B 302 -79.36 -11.02 20.14
C ALA B 302 -78.48 -10.71 21.34
N VAL B 303 -79.13 -10.34 22.44
CA VAL B 303 -78.43 -9.91 23.64
C VAL B 303 -77.70 -11.09 24.24
N ALA B 304 -76.77 -10.78 25.14
CA ALA B 304 -75.93 -11.80 25.76
C ALA B 304 -76.52 -12.29 27.08
N LEU B 305 -77.57 -11.61 27.56
CA LEU B 305 -78.20 -12.01 28.80
C LEU B 305 -79.22 -13.08 28.44
N LYS B 306 -78.93 -14.31 28.85
CA LYS B 306 -79.75 -15.47 28.49
C LYS B 306 -81.24 -15.21 28.65
N SER B 307 -81.65 -14.73 29.82
CA SER B 307 -83.07 -14.53 30.13
C SER B 307 -83.78 -13.70 29.08
N TYR B 308 -83.22 -12.53 28.77
CA TYR B 308 -83.83 -11.61 27.82
C TYR B 308 -83.65 -12.09 26.36
N GLU B 309 -82.54 -12.77 26.12
CA GLU B 309 -82.25 -13.27 24.78
C GLU B 309 -83.35 -14.25 24.39
N GLU B 310 -83.69 -15.14 25.31
CA GLU B 310 -84.74 -16.13 25.04
C GLU B 310 -86.05 -15.43 24.66
N GLU B 311 -86.26 -14.27 25.27
CA GLU B 311 -87.46 -13.49 25.06
C GLU B 311 -87.50 -12.82 23.69
N LEU B 312 -86.34 -12.40 23.20
CA LEU B 312 -86.28 -11.79 21.85
C LEU B 312 -86.15 -12.81 20.70
N ALA B 313 -86.06 -14.09 21.08
CA ALA B 313 -85.77 -15.22 20.19
C ALA B 313 -86.85 -15.71 19.22
N LYS B 314 -88.10 -15.26 19.35
CA LYS B 314 -89.20 -15.87 18.59
C LYS B 314 -89.05 -15.77 17.06
N ASP B 315 -88.60 -14.63 16.56
CA ASP B 315 -88.43 -14.49 15.10
C ASP B 315 -87.38 -15.50 14.59
N PRO B 316 -87.75 -16.35 13.61
CA PRO B 316 -86.84 -17.42 13.14
C PRO B 316 -85.53 -16.92 12.51
N ARG B 317 -85.54 -15.70 12.00
CA ARG B 317 -84.34 -15.14 11.40
C ARG B 317 -83.23 -15.03 12.44
N ILE B 318 -83.58 -14.55 13.63
CA ILE B 318 -82.59 -14.42 14.70
C ILE B 318 -82.06 -15.80 15.08
N ALA B 319 -82.94 -16.79 15.03
CA ALA B 319 -82.53 -18.16 15.31
C ALA B 319 -81.44 -18.50 14.32
N ALA B 320 -81.70 -18.27 13.03
CA ALA B 320 -80.68 -18.54 12.01
C ALA B 320 -79.38 -17.74 12.16
N THR B 321 -79.47 -16.48 12.60
CA THR B 321 -78.25 -15.68 12.80
C THR B 321 -77.42 -16.37 13.88
N MET B 322 -78.10 -16.79 14.95
CA MET B 322 -77.41 -17.41 16.08
C MET B 322 -76.97 -18.84 15.73
N GLU B 323 -77.72 -19.50 14.85
CA GLU B 323 -77.33 -20.82 14.42
C GLU B 323 -76.02 -20.68 13.66
N ASN B 324 -76.01 -19.77 12.69
CA ASN B 324 -74.80 -19.46 11.94
C ASN B 324 -73.71 -19.00 12.90
N ALA B 325 -74.09 -18.26 13.94
CA ALA B 325 -73.14 -17.79 14.94
C ALA B 325 -72.47 -18.94 15.69
N GLN B 326 -73.21 -20.00 16.00
CA GLN B 326 -72.64 -21.14 16.71
C GLN B 326 -71.68 -21.88 15.76
N LYS B 327 -72.16 -22.05 14.53
CA LYS B 327 -71.45 -22.77 13.46
C LYS B 327 -70.18 -22.05 13.01
N GLY B 328 -70.19 -20.73 13.16
CA GLY B 328 -69.07 -19.88 12.81
C GLY B 328 -68.15 -19.52 13.96
N GLU B 329 -67.07 -18.85 13.61
CA GLU B 329 -66.07 -18.43 14.58
C GLU B 329 -66.19 -16.96 14.97
N ILE B 330 -65.69 -16.65 16.16
CA ILE B 330 -65.64 -15.30 16.67
C ILE B 330 -64.42 -14.53 16.17
N MET B 331 -64.65 -13.29 15.76
CA MET B 331 -63.59 -12.46 15.20
C MET B 331 -62.45 -12.24 16.21
N PRO B 332 -61.21 -12.31 15.72
CA PRO B 332 -60.04 -11.95 16.54
C PRO B 332 -60.05 -10.47 16.89
N ASN B 333 -59.42 -10.09 17.99
CA ASN B 333 -59.27 -8.68 18.38
C ASN B 333 -57.86 -8.07 18.13
N ILE B 334 -56.91 -8.89 17.70
CA ILE B 334 -55.50 -8.48 17.51
C ILE B 334 -55.27 -7.29 16.53
N PRO B 335 -54.14 -6.53 16.68
CA PRO B 335 -53.79 -5.35 15.85
C PRO B 335 -53.41 -5.66 14.39
N GLN B 336 -52.94 -6.89 14.23
CA GLN B 336 -52.42 -7.46 13.00
C GLN B 336 -53.47 -7.75 11.94
N MET B 337 -54.73 -7.72 12.38
CA MET B 337 -55.87 -7.97 11.51
C MET B 337 -55.80 -7.23 10.18
N SER B 338 -55.44 -5.94 10.21
CA SER B 338 -55.36 -5.18 8.97
C SER B 338 -54.43 -5.82 7.94
N ALA B 339 -53.29 -6.34 8.39
CA ALA B 339 -52.34 -6.97 7.46
C ALA B 339 -52.98 -8.22 6.89
N PHE B 340 -53.59 -8.97 7.78
CA PHE B 340 -54.35 -10.14 7.43
C PHE B 340 -55.41 -9.83 6.41
N TRP B 341 -56.28 -8.90 6.75
CA TRP B 341 -57.40 -8.61 5.86
C TRP B 341 -56.86 -8.21 4.52
N TYR B 342 -55.83 -7.38 4.56
CA TYR B 342 -55.21 -6.96 3.32
C TYR B 342 -54.57 -8.16 2.58
N ALA B 343 -53.98 -9.12 3.30
CA ALA B 343 -53.41 -10.29 2.63
C ALA B 343 -54.49 -11.17 1.98
N VAL B 344 -55.54 -11.47 2.74
CA VAL B 344 -56.62 -12.30 2.24
C VAL B 344 -57.25 -11.58 1.05
N ARG B 345 -57.36 -10.26 1.11
CA ARG B 345 -57.94 -9.48 0.01
C ARG B 345 -57.16 -9.74 -1.27
N THR B 346 -55.83 -9.66 -1.19
CA THR B 346 -54.95 -9.93 -2.34
C THR B 346 -55.04 -11.39 -2.78
N ALA B 347 -55.12 -12.31 -1.82
CA ALA B 347 -55.18 -13.74 -2.12
C ALA B 347 -56.44 -14.04 -2.91
N VAL B 348 -57.57 -13.59 -2.37
CA VAL B 348 -58.87 -13.81 -3.00
C VAL B 348 -58.85 -13.20 -4.39
N ILE B 349 -58.50 -11.93 -4.49
CA ILE B 349 -58.46 -11.24 -5.79
C ILE B 349 -57.55 -11.98 -6.77
N ASN B 350 -56.31 -12.25 -6.37
CA ASN B 350 -55.35 -12.93 -7.24
C ASN B 350 -55.84 -14.33 -7.61
N ALA B 351 -56.43 -15.02 -6.63
CA ALA B 351 -56.95 -16.36 -6.85
C ALA B 351 -58.22 -16.34 -7.69
N ALA B 352 -59.01 -15.28 -7.55
CA ALA B 352 -60.31 -15.16 -8.23
C ALA B 352 -60.17 -14.68 -9.67
N SER B 353 -59.15 -13.86 -9.91
CA SER B 353 -58.90 -13.33 -11.24
C SER B 353 -58.07 -14.31 -12.08
N GLY B 354 -57.45 -15.28 -11.41
CA GLY B 354 -56.63 -16.27 -12.10
C GLY B 354 -55.15 -15.96 -12.24
N ARG B 355 -54.72 -14.85 -11.65
CA ARG B 355 -53.31 -14.44 -11.65
C ARG B 355 -52.42 -15.50 -10.97
N GLN B 356 -52.95 -16.08 -9.90
CA GLN B 356 -52.20 -17.00 -9.03
C GLN B 356 -53.04 -18.20 -8.69
N THR B 357 -52.39 -19.34 -8.55
CA THR B 357 -53.09 -20.54 -8.12
C THR B 357 -53.45 -20.34 -6.67
N VAL B 358 -54.48 -21.05 -6.21
CA VAL B 358 -54.94 -20.96 -4.82
C VAL B 358 -53.89 -21.27 -3.79
N ASP B 359 -53.14 -22.34 -4.00
CA ASP B 359 -52.16 -22.74 -3.01
C ASP B 359 -51.11 -21.66 -2.79
N ALA B 360 -50.62 -21.11 -3.90
CA ALA B 360 -49.61 -20.07 -3.83
C ALA B 360 -50.20 -18.80 -3.24
N ALA B 361 -51.41 -18.43 -3.65
CA ALA B 361 -52.06 -17.24 -3.14
C ALA B 361 -52.26 -17.36 -1.64
N LEU B 362 -52.74 -18.53 -1.20
CA LEU B 362 -53.00 -18.74 0.23
C LEU B 362 -51.68 -18.93 0.99
N ALA B 363 -50.69 -19.45 0.28
CA ALA B 363 -49.35 -19.57 0.83
C ALA B 363 -48.78 -18.15 0.99
N ALA B 364 -49.02 -17.33 -0.01
CA ALA B 364 -48.59 -15.95 0.00
C ALA B 364 -49.30 -15.18 1.09
N ALA B 365 -50.58 -15.46 1.31
CA ALA B 365 -51.32 -14.77 2.38
C ALA B 365 -50.74 -15.16 3.73
N GLN B 366 -50.45 -16.46 3.88
CA GLN B 366 -49.88 -16.98 5.11
C GLN B 366 -48.53 -16.37 5.40
N THR B 367 -47.72 -16.28 4.36
CA THR B 367 -46.39 -15.69 4.51
C THR B 367 -46.45 -14.20 4.82
N ASN B 368 -47.33 -13.46 4.16
CA ASN B 368 -47.29 -12.00 4.29
C ASN B 368 -47.95 -11.51 5.59
N ALA B 369 -48.92 -12.32 6.05
CA ALA B 369 -49.66 -12.12 7.29
C ALA B 369 -48.81 -12.25 8.54
N ALA B 370 -47.65 -12.89 8.39
CA ALA B 370 -46.76 -13.10 9.53
C ALA B 370 -45.48 -12.30 9.35
N ALA B 371 -45.45 -11.44 8.33
CA ALA B 371 -44.30 -10.58 8.07
C ALA B 371 -44.79 -9.15 7.99
N PRO B 372 -44.98 -8.49 9.15
CA PRO B 372 -45.50 -7.13 9.16
C PRO B 372 -44.62 -6.25 8.30
N GLY B 373 -43.32 -6.51 8.35
CA GLY B 373 -42.35 -5.75 7.56
C GLY B 373 -42.48 -5.97 6.06
N LEU B 374 -42.58 -7.24 5.63
CA LEU B 374 -42.79 -7.55 4.22
C LEU B 374 -44.06 -6.85 3.74
N HIS B 375 -45.10 -6.89 4.56
CA HIS B 375 -46.34 -6.27 4.16
C HIS B 375 -46.22 -4.75 4.10
N ALA B 376 -45.58 -4.16 5.10
CA ALA B 376 -45.48 -2.70 5.16
C ALA B 376 -44.79 -2.17 3.92
N ILE B 377 -43.75 -2.87 3.49
CA ILE B 377 -43.08 -2.50 2.24
C ILE B 377 -44.01 -2.77 1.04
N TYR B 378 -44.72 -3.90 1.08
CA TYR B 378 -45.62 -4.23 -0.01
C TYR B 378 -46.70 -3.16 -0.16
N GLY B 379 -47.08 -2.54 0.96
CA GLY B 379 -48.07 -1.48 0.92
C GLY B 379 -47.58 -0.37 0.00
N GLU B 380 -46.35 0.07 0.25
CA GLU B 380 -45.75 1.10 -0.58
C GLU B 380 -45.64 0.69 -2.04
N CYS B 381 -45.21 -0.55 -2.24
CA CYS B 381 -45.06 -1.05 -3.60
C CYS B 381 -46.39 -1.07 -4.34
N ARG B 382 -47.49 -1.34 -3.63
CA ARG B 382 -48.81 -1.34 -4.26
C ARG B 382 -49.28 0.09 -4.55
N ARG B 383 -48.90 1.02 -3.69
CA ARG B 383 -49.24 2.43 -3.91
C ARG B 383 -48.64 2.90 -5.22
N LEU B 384 -47.39 2.55 -5.46
CA LEU B 384 -46.71 2.98 -6.69
C LEU B 384 -47.11 2.17 -7.92
N TYR B 385 -47.42 0.89 -7.72
CA TYR B 385 -47.69 -0.01 -8.84
C TYR B 385 -49.01 -0.77 -8.68
N PRO B 386 -50.13 -0.04 -8.73
CA PRO B 386 -51.48 -0.62 -8.72
C PRO B 386 -51.70 -1.50 -9.92
N ASP B 387 -51.00 -1.19 -11.01
CA ASP B 387 -51.10 -1.96 -12.25
C ASP B 387 -50.56 -3.39 -12.18
N GLN B 388 -49.54 -3.63 -11.35
CA GLN B 388 -48.88 -4.93 -11.26
C GLN B 388 -48.94 -5.45 -9.84
N PRO B 389 -50.00 -6.17 -9.52
CA PRO B 389 -50.28 -6.68 -8.18
C PRO B 389 -49.32 -7.78 -7.87
N ASN B 390 -49.12 -8.65 -8.86
CA ASN B 390 -48.03 -9.60 -8.78
C ASN B 390 -47.05 -9.30 -9.90
N PRO B 391 -45.82 -9.03 -9.50
CA PRO B 391 -44.70 -8.77 -10.39
C PRO B 391 -43.61 -9.82 -10.32
N LEU B 392 -42.94 -10.11 -11.44
CA LEU B 392 -41.94 -11.18 -11.44
C LEU B 392 -40.99 -10.95 -10.29
N GLN B 393 -40.76 -12.01 -9.52
CA GLN B 393 -40.06 -11.87 -8.24
C GLN B 393 -39.08 -13.03 -8.05
N VAL B 394 -37.81 -12.67 -7.82
CA VAL B 394 -36.79 -13.68 -7.54
C VAL B 394 -36.77 -14.01 -6.06
N THR B 395 -36.92 -15.30 -5.77
CA THR B 395 -36.97 -15.79 -4.40
C THR B 395 -35.71 -16.54 -4.06
N ALA B 396 -35.12 -16.22 -2.93
CA ALA B 396 -34.01 -17.01 -2.41
C ALA B 396 -34.61 -18.28 -1.82
N ILE B 397 -34.36 -19.41 -2.47
CA ILE B 397 -34.97 -20.69 -2.08
C ILE B 397 -34.36 -21.27 -0.80
N VAL B 398 -33.05 -21.10 -0.61
CA VAL B 398 -32.38 -21.44 0.63
C VAL B 398 -32.26 -20.20 1.50
N LYS B 399 -33.14 -20.05 2.48
CA LYS B 399 -33.19 -18.82 3.25
C LYS B 399 -31.91 -18.55 4.04
N TYR B 400 -31.54 -17.27 4.10
CA TYR B 400 -30.29 -16.82 4.72
C TYR B 400 -30.13 -17.30 6.15
N TRP B 401 -31.21 -17.27 6.92
CA TRP B 401 -31.16 -17.66 8.33
C TRP B 401 -31.06 -19.18 8.53
N LEU B 402 -31.02 -19.93 7.43
CA LEU B 402 -30.79 -21.37 7.48
C LEU B 402 -29.41 -21.69 6.86
N GLY B 403 -28.58 -20.66 6.72
CA GLY B 403 -27.24 -20.81 6.18
C GLY B 403 -27.08 -20.32 4.76
N GLY B 404 -28.15 -19.88 4.13
CA GLY B 404 -28.12 -19.49 2.72
C GLY B 404 -27.12 -18.39 2.40
N PRO B 405 -26.61 -18.39 1.16
CA PRO B 405 -25.67 -17.38 0.71
C PRO B 405 -26.32 -16.04 0.39
N ASP B 406 -27.57 -16.08 -0.08
CA ASP B 406 -28.30 -14.88 -0.48
C ASP B 406 -29.12 -14.31 0.67
N PRO B 407 -28.72 -13.13 1.21
CA PRO B 407 -29.42 -12.54 2.36
C PRO B 407 -30.75 -11.88 2.01
N LEU B 408 -30.95 -11.56 0.72
CA LEU B 408 -32.20 -10.93 0.28
C LEU B 408 -33.21 -12.02 -0.06
N ASP B 409 -34.24 -12.12 0.80
CA ASP B 409 -35.27 -13.13 0.65
C ASP B 409 -35.99 -12.99 -0.67
N TYR B 410 -36.36 -11.76 -1.02
CA TYR B 410 -37.06 -11.48 -2.29
C TYR B 410 -36.50 -10.27 -3.00
N VAL B 411 -36.59 -10.29 -4.32
CA VAL B 411 -36.31 -9.08 -5.11
C VAL B 411 -37.42 -8.96 -6.16
N SER B 412 -38.26 -7.94 -6.01
CA SER B 412 -39.39 -7.76 -6.93
C SER B 412 -38.97 -6.91 -8.10
N MET B 413 -39.44 -7.25 -9.30
CA MET B 413 -39.05 -6.50 -10.48
C MET B 413 -40.29 -5.93 -11.19
N TYR B 414 -40.38 -4.60 -11.19
CA TYR B 414 -41.53 -3.88 -11.68
C TYR B 414 -41.21 -3.24 -13.01
N ARG B 415 -42.27 -2.87 -13.73
CA ARG B 415 -42.13 -2.05 -14.92
C ARG B 415 -42.62 -0.65 -14.61
N ASN B 416 -41.73 0.34 -14.74
CA ASN B 416 -42.10 1.73 -14.57
C ASN B 416 -42.02 2.38 -15.94
N VAL B 417 -43.14 2.79 -16.51
CA VAL B 417 -43.03 3.34 -17.85
C VAL B 417 -42.33 4.68 -17.80
N GLY B 418 -42.55 5.42 -16.71
CA GLY B 418 -41.90 6.71 -16.57
C GLY B 418 -42.53 7.62 -17.58
N SER B 419 -41.91 8.75 -17.83
CA SER B 419 -42.39 9.67 -18.86
C SER B 419 -41.26 10.28 -19.67
N PRO B 420 -41.08 9.88 -20.93
CA PRO B 420 -39.99 10.44 -21.74
C PRO B 420 -40.04 11.93 -22.06
N SER B 421 -41.17 12.58 -21.86
CA SER B 421 -41.25 14.00 -22.10
C SER B 421 -40.26 14.65 -21.14
N ALA B 422 -40.15 14.07 -19.95
CA ALA B 422 -39.22 14.53 -18.91
C ALA B 422 -37.85 13.81 -18.92
N ASN B 423 -37.59 12.95 -19.90
CA ASN B 423 -36.32 12.23 -20.03
C ASN B 423 -36.19 11.01 -19.11
N ILE B 424 -37.29 10.53 -18.56
CA ILE B 424 -37.23 9.32 -17.78
C ILE B 424 -37.57 8.18 -18.71
N PRO B 425 -36.56 7.44 -19.16
CA PRO B 425 -36.81 6.34 -20.08
C PRO B 425 -37.56 5.25 -19.35
N GLU B 426 -38.49 4.58 -20.01
CA GLU B 426 -39.16 3.44 -19.40
C GLU B 426 -38.07 2.50 -18.90
N HIS B 427 -38.28 1.98 -17.70
CA HIS B 427 -37.29 1.15 -17.06
C HIS B 427 -37.86 0.10 -16.14
N TRP B 428 -36.97 -0.75 -15.62
CA TRP B 428 -37.32 -1.75 -14.63
C TRP B 428 -36.94 -1.29 -13.22
N HIS B 429 -37.85 -1.50 -12.26
CA HIS B 429 -37.62 -1.05 -10.89
C HIS B 429 -37.50 -2.25 -9.97
N TYR B 430 -36.29 -2.49 -9.46
CA TYR B 430 -36.02 -3.62 -8.58
C TYR B 430 -36.11 -3.16 -7.14
N ILE B 431 -36.83 -3.91 -6.31
CA ILE B 431 -36.89 -3.63 -4.88
C ILE B 431 -36.50 -4.88 -4.11
N SER B 432 -35.71 -4.69 -3.05
CA SER B 432 -35.18 -5.84 -2.30
C SER B 432 -35.95 -6.05 -1.00
N PHE B 433 -35.88 -7.28 -0.50
CA PHE B 433 -36.53 -7.64 0.75
C PHE B 433 -35.62 -8.55 1.56
N GLY B 434 -35.14 -8.05 2.71
CA GLY B 434 -34.29 -8.85 3.58
C GLY B 434 -33.37 -8.02 4.44
N LEU B 435 -32.97 -6.85 3.96
CA LEU B 435 -32.07 -5.97 4.71
C LEU B 435 -32.75 -5.36 5.92
N SER B 436 -34.08 -5.37 5.93
CA SER B 436 -34.83 -4.84 7.05
C SER B 436 -35.55 -5.98 7.78
N ASP B 437 -36.22 -5.67 8.87
CA ASP B 437 -36.93 -6.69 9.62
C ASP B 437 -38.25 -6.99 8.95
N LEU B 438 -38.30 -8.10 8.22
CA LEU B 438 -39.52 -8.49 7.54
C LEU B 438 -40.46 -9.21 8.51
N TYR B 439 -39.89 -10.11 9.30
CA TYR B 439 -40.71 -11.02 10.12
C TYR B 439 -40.79 -10.64 11.61
N GLY B 440 -39.71 -10.08 12.14
CA GLY B 440 -39.71 -9.58 13.50
C GLY B 440 -39.66 -10.63 14.59
N ASP B 441 -39.15 -11.80 14.21
CA ASP B 441 -38.97 -12.94 15.09
C ASP B 441 -37.52 -13.15 15.49
N ASN B 442 -36.63 -12.27 15.03
CA ASN B 442 -35.23 -12.32 15.41
C ASN B 442 -34.44 -13.38 14.66
N ARG B 443 -35.09 -13.97 13.66
CA ARG B 443 -34.47 -15.01 12.84
C ARG B 443 -33.24 -14.46 12.12
N VAL B 444 -33.28 -13.18 11.75
CA VAL B 444 -32.11 -12.53 11.13
C VAL B 444 -31.72 -11.22 11.83
N HIS B 445 -32.73 -10.45 12.24
CA HIS B 445 -32.51 -9.14 12.85
C HIS B 445 -33.08 -9.02 14.25
N GLU B 446 -32.31 -8.42 15.14
CA GLU B 446 -32.73 -8.24 16.50
C GLU B 446 -33.89 -7.24 16.51
N PHE B 447 -35.01 -7.65 17.07
CA PHE B 447 -36.21 -6.83 17.09
C PHE B 447 -35.94 -5.65 18.01
N THR B 448 -36.21 -4.46 17.51
CA THR B 448 -35.84 -3.24 18.20
C THR B 448 -37.05 -2.40 18.60
N GLY B 449 -38.24 -2.82 18.19
CA GLY B 449 -39.45 -2.07 18.49
C GLY B 449 -39.79 -1.12 17.36
N THR B 450 -40.90 -0.40 17.52
CA THR B 450 -41.39 0.50 16.48
C THR B 450 -40.44 1.68 16.25
N ASP B 451 -39.95 2.25 17.34
CA ASP B 451 -38.96 3.32 17.28
C ASP B 451 -37.59 2.83 16.77
N GLY B 452 -36.92 3.66 15.98
CA GLY B 452 -35.63 3.27 15.43
C GLY B 452 -35.78 2.52 14.12
N PRO B 453 -34.66 2.18 13.47
CA PRO B 453 -34.62 1.51 12.17
C PRO B 453 -34.93 -0.01 12.20
N SER B 454 -35.75 -0.45 11.26
CA SER B 454 -36.01 -1.87 11.05
C SER B 454 -34.81 -2.50 10.35
N GLY B 455 -34.18 -3.46 11.03
CA GLY B 455 -32.98 -4.09 10.51
C GLY B 455 -31.92 -3.05 10.26
N PHE B 456 -31.26 -3.13 9.10
CA PHE B 456 -30.24 -2.17 8.75
C PHE B 456 -30.84 -0.82 8.43
N GLY B 457 -32.17 -0.73 8.43
CA GLY B 457 -32.87 0.54 8.31
C GLY B 457 -33.23 0.94 6.89
N PHE B 458 -32.86 0.11 5.91
CA PHE B 458 -33.13 0.41 4.52
C PHE B 458 -33.28 -0.82 3.67
N GLU B 459 -33.76 -0.61 2.46
CA GLU B 459 -33.81 -1.64 1.43
C GLU B 459 -33.19 -1.05 0.17
N LEU B 460 -32.63 -1.91 -0.67
CA LEU B 460 -32.00 -1.46 -1.89
C LEU B 460 -33.04 -1.37 -3.01
N THR B 461 -32.83 -0.42 -3.92
CA THR B 461 -33.61 -0.33 -5.16
C THR B 461 -32.71 -0.08 -6.35
N PHE B 462 -33.25 -0.26 -7.55
CA PHE B 462 -32.42 -0.06 -8.75
C PHE B 462 -33.31 0.26 -9.96
N ARG B 463 -32.87 1.22 -10.79
CA ARG B 463 -33.63 1.57 -12.00
C ARG B 463 -32.80 1.35 -13.25
N LEU B 464 -33.22 0.35 -14.03
CA LEU B 464 -32.49 -0.07 -15.23
C LEU B 464 -33.29 0.30 -16.47
N LYS B 465 -32.79 1.25 -17.25
CA LYS B 465 -33.53 1.71 -18.41
C LYS B 465 -33.89 0.54 -19.27
N ARG B 466 -35.16 0.46 -19.67
CA ARG B 466 -35.58 -0.66 -20.49
C ARG B 466 -35.05 -0.40 -21.90
N GLU B 467 -34.19 -1.31 -22.31
CA GLU B 467 -33.55 -1.38 -23.60
C GLU B 467 -34.35 -2.17 -24.64
N THR B 468 -34.00 -2.03 -25.91
CA THR B 468 -34.75 -2.67 -27.01
C THR B 468 -34.77 -4.19 -26.93
N GLY B 469 -35.93 -4.73 -27.29
CA GLY B 469 -36.17 -6.16 -27.32
C GLY B 469 -36.12 -6.79 -25.94
N GLU B 470 -36.46 -6.02 -24.93
CA GLU B 470 -36.57 -6.56 -23.59
C GLU B 470 -38.05 -6.79 -23.31
N SER B 471 -38.46 -8.06 -23.39
CA SER B 471 -39.85 -8.40 -23.12
C SER B 471 -40.10 -8.37 -21.61
N ALA B 472 -39.07 -8.79 -20.88
CA ALA B 472 -39.10 -9.00 -19.43
C ALA B 472 -37.92 -8.32 -18.72
N PRO B 473 -38.05 -8.03 -17.40
CA PRO B 473 -36.90 -7.45 -16.72
C PRO B 473 -35.80 -8.50 -16.55
N PRO B 474 -34.55 -8.13 -16.85
CA PRO B 474 -33.43 -9.04 -16.63
C PRO B 474 -33.24 -9.29 -15.15
N THR B 475 -32.66 -10.42 -14.80
CA THR B 475 -32.56 -10.84 -13.40
C THR B 475 -31.19 -10.56 -12.79
N TRP B 476 -30.22 -10.12 -13.59
CA TRP B 476 -28.88 -9.93 -13.04
C TRP B 476 -28.83 -8.85 -11.93
N PRO B 477 -29.65 -7.79 -12.05
CA PRO B 477 -29.63 -6.81 -10.95
C PRO B 477 -30.01 -7.42 -9.59
N ALA B 478 -30.74 -8.53 -9.60
CA ALA B 478 -31.09 -9.17 -8.34
C ALA B 478 -29.84 -9.73 -7.67
N GLU B 479 -29.00 -10.42 -8.43
CA GLU B 479 -27.75 -10.95 -7.89
C GLU B 479 -26.81 -9.82 -7.46
N LEU B 480 -26.79 -8.72 -8.23
CA LEU B 480 -25.99 -7.58 -7.84
C LEU B 480 -26.44 -7.07 -6.48
N MET B 481 -27.74 -6.99 -6.30
CA MET B 481 -28.27 -6.53 -5.02
C MET B 481 -27.91 -7.48 -3.88
N GLN B 482 -27.90 -8.77 -4.19
CA GLN B 482 -27.52 -9.76 -3.19
C GLN B 482 -26.06 -9.53 -2.77
N GLY B 483 -25.22 -9.31 -3.79
CA GLY B 483 -23.81 -9.07 -3.56
C GLY B 483 -23.61 -7.92 -2.61
N LEU B 484 -24.22 -6.79 -2.95
CA LEU B 484 -24.16 -5.63 -2.07
C LEU B 484 -24.64 -6.03 -0.66
N ALA B 485 -25.70 -6.83 -0.60
CA ALA B 485 -26.26 -7.17 0.71
C ALA B 485 -25.29 -7.93 1.62
N ARG B 486 -24.58 -8.91 1.06
CA ARG B 486 -23.71 -9.73 1.88
C ARG B 486 -22.71 -8.84 2.58
N TYR B 487 -22.15 -7.93 1.80
CA TYR B 487 -21.17 -7.05 2.32
C TYR B 487 -21.76 -6.28 3.46
N VAL B 488 -22.98 -5.82 3.30
CA VAL B 488 -23.54 -4.98 4.33
C VAL B 488 -23.62 -5.77 5.61
N PHE B 489 -24.04 -7.02 5.50
CA PHE B 489 -24.14 -7.87 6.66
C PHE B 489 -22.77 -8.14 7.28
N GLN B 490 -21.78 -8.30 6.43
CA GLN B 490 -20.42 -8.57 6.88
C GLN B 490 -19.84 -7.33 7.55
N SER B 491 -20.56 -6.22 7.42
CA SER B 491 -20.28 -5.02 8.21
C SER B 491 -19.28 -4.09 7.59
N GLU B 492 -18.79 -3.16 8.42
CA GLU B 492 -18.17 -1.89 8.03
C GLU B 492 -19.22 -0.79 8.04
N ASN B 493 -20.44 -1.16 8.40
CA ASN B 493 -21.57 -0.23 8.59
C ASN B 493 -22.46 -0.04 7.37
N THR B 494 -23.67 0.44 7.67
CA THR B 494 -24.77 0.58 6.73
C THR B 494 -24.54 1.73 5.77
N PHE B 495 -25.25 1.71 4.64
CA PHE B 495 -25.16 2.78 3.67
C PHE B 495 -26.10 3.95 3.95
N CYS B 496 -25.70 5.08 3.42
CA CYS B 496 -26.45 6.33 3.49
C CYS B 496 -26.45 6.95 2.10
N SER B 497 -27.41 7.82 1.84
CA SER B 497 -27.39 8.54 0.60
C SER B 497 -26.09 9.32 0.53
N GLY B 498 -25.40 9.20 -0.59
CA GLY B 498 -24.15 9.91 -0.82
C GLY B 498 -22.96 9.00 -0.80
N ASP B 499 -23.12 7.84 -0.18
CA ASP B 499 -22.06 6.84 -0.14
C ASP B 499 -21.77 6.36 -1.54
N HIS B 500 -20.58 5.78 -1.70
CA HIS B 500 -20.13 5.23 -2.97
C HIS B 500 -19.66 3.81 -2.75
N VAL B 501 -20.02 2.93 -3.67
CA VAL B 501 -19.55 1.55 -3.61
C VAL B 501 -18.90 1.25 -4.93
N SER B 502 -17.68 0.74 -4.90
CA SER B 502 -16.96 0.45 -6.14
C SER B 502 -16.80 -1.04 -6.42
N TRP B 503 -17.53 -1.53 -7.41
CA TRP B 503 -17.34 -2.87 -7.93
C TRP B 503 -16.00 -3.06 -8.64
N HIS B 504 -15.59 -2.05 -9.39
CA HIS B 504 -14.45 -2.14 -10.29
C HIS B 504 -14.64 -3.24 -11.33
N SER B 505 -15.88 -3.44 -11.77
CA SER B 505 -16.21 -4.44 -12.78
C SER B 505 -17.53 -4.02 -13.38
N PRO B 506 -17.76 -4.32 -14.68
CA PRO B 506 -19.13 -4.03 -15.14
C PRO B 506 -20.23 -4.72 -14.35
N LEU B 507 -21.28 -3.97 -14.02
CA LEU B 507 -22.35 -4.41 -13.14
C LEU B 507 -23.17 -5.60 -13.71
N ASP B 508 -23.33 -5.66 -15.03
CA ASP B 508 -24.12 -6.71 -15.66
C ASP B 508 -23.24 -7.79 -16.28
N ASN B 509 -21.96 -7.79 -15.92
CA ASN B 509 -20.99 -8.76 -16.42
C ASN B 509 -20.87 -8.71 -17.94
N SER B 510 -21.17 -7.53 -18.49
CA SER B 510 -21.02 -7.24 -19.92
C SER B 510 -20.00 -6.13 -19.95
N GLU B 511 -18.97 -6.21 -20.78
CA GLU B 511 -17.99 -5.13 -20.80
C GLU B 511 -18.74 -3.82 -20.97
N SER B 512 -18.61 -2.95 -19.97
CA SER B 512 -19.37 -1.71 -19.90
C SER B 512 -18.60 -0.66 -19.10
N ARG B 513 -18.75 0.60 -19.48
CA ARG B 513 -18.05 1.66 -18.77
C ARG B 513 -18.70 1.88 -17.40
N ILE B 514 -19.82 1.19 -17.15
CA ILE B 514 -20.51 1.32 -15.87
C ILE B 514 -19.96 0.21 -14.96
N GLN B 515 -19.02 0.54 -14.08
CA GLN B 515 -18.35 -0.47 -13.27
C GLN B 515 -18.36 -0.15 -11.78
N HIS B 516 -19.14 0.83 -11.35
CA HIS B 516 -19.18 1.22 -9.95
C HIS B 516 -20.58 1.66 -9.58
N MET B 517 -20.79 2.04 -8.32
CA MET B 517 -22.13 2.42 -7.85
C MET B 517 -22.08 3.60 -6.90
N LEU B 518 -23.10 4.47 -6.99
CA LEU B 518 -23.36 5.50 -5.98
C LEU B 518 -24.75 5.22 -5.37
N LEU B 519 -25.00 5.72 -4.15
CA LEU B 519 -26.28 5.46 -3.48
C LEU B 519 -27.02 6.75 -3.16
N THR B 520 -28.32 6.73 -3.42
CA THR B 520 -29.16 7.91 -3.21
C THR B 520 -30.59 7.57 -2.76
N GLU B 521 -31.34 8.56 -2.32
CA GLU B 521 -32.74 8.34 -1.97
C GLU B 521 -33.54 7.91 -3.18
N ASP B 522 -34.47 6.98 -2.97
CA ASP B 522 -35.34 6.56 -4.07
C ASP B 522 -36.21 7.76 -4.41
N PRO B 523 -36.20 8.19 -5.68
CA PRO B 523 -36.93 9.39 -6.09
C PRO B 523 -38.42 9.31 -5.80
N GLN B 524 -38.97 8.09 -5.80
CA GLN B 524 -40.41 7.91 -5.65
C GLN B 524 -40.87 7.23 -4.35
N MET B 525 -40.18 6.16 -3.95
CA MET B 525 -40.62 5.41 -2.78
C MET B 525 -40.39 6.19 -1.53
N GLN B 526 -41.44 6.28 -0.71
CA GLN B 526 -41.37 7.02 0.54
C GLN B 526 -41.13 6.06 1.66
N PRO B 527 -40.29 6.46 2.62
CA PRO B 527 -40.01 5.58 3.76
C PRO B 527 -41.29 5.19 4.48
N VAL B 528 -41.25 4.03 5.13
CA VAL B 528 -42.43 3.42 5.73
C VAL B 528 -42.22 3.17 7.22
N GLN B 529 -43.33 3.20 7.96
CA GLN B 529 -43.36 2.91 9.39
C GLN B 529 -43.79 1.47 9.56
N THR B 530 -42.99 0.71 10.29
CA THR B 530 -43.25 -0.71 10.45
C THR B 530 -43.31 -1.04 11.93
N PRO B 531 -44.12 -2.04 12.30
CA PRO B 531 -44.11 -2.36 13.73
C PRO B 531 -42.71 -2.65 14.26
N PHE B 532 -41.74 -2.90 13.37
CA PHE B 532 -40.38 -3.26 13.77
C PHE B 532 -39.34 -2.13 13.58
N GLY B 533 -39.78 -1.01 13.04
CA GLY B 533 -38.89 0.11 12.82
C GLY B 533 -39.19 0.89 11.55
N VAL B 534 -38.25 1.75 11.17
CA VAL B 534 -38.41 2.59 9.98
C VAL B 534 -37.55 2.06 8.86
N VAL B 535 -38.15 2.04 7.66
CA VAL B 535 -37.48 1.54 6.45
C VAL B 535 -37.42 2.64 5.43
N THR B 536 -36.21 2.93 4.95
CA THR B 536 -36.00 3.87 3.86
C THR B 536 -35.54 3.08 2.62
N PHE B 537 -35.50 3.73 1.47
CA PHE B 537 -35.11 3.03 0.25
C PHE B 537 -33.97 3.74 -0.46
N LEU B 538 -32.84 3.03 -0.54
CA LEU B 538 -31.64 3.54 -1.19
C LEU B 538 -31.56 2.98 -2.61
N GLN B 539 -31.62 3.86 -3.59
CA GLN B 539 -31.42 3.45 -4.96
C GLN B 539 -29.95 3.35 -5.34
N ILE B 540 -29.65 2.37 -6.17
CA ILE B 540 -28.31 2.18 -6.69
C ILE B 540 -28.18 2.93 -8.01
N VAL B 541 -27.06 3.63 -8.21
CA VAL B 541 -26.84 4.35 -9.48
C VAL B 541 -25.49 3.99 -10.14
N GLY B 542 -25.54 3.35 -11.30
CA GLY B 542 -24.34 2.90 -11.98
C GLY B 542 -23.55 4.07 -12.52
N VAL B 543 -22.23 4.03 -12.33
CA VAL B 543 -21.37 5.11 -12.75
C VAL B 543 -20.07 4.60 -13.35
N CYS B 544 -19.34 5.50 -13.99
CA CYS B 544 -18.05 5.18 -14.57
C CYS B 544 -16.95 5.36 -13.53
N THR B 545 -15.79 4.78 -13.82
CA THR B 545 -14.67 4.85 -12.90
C THR B 545 -14.33 6.33 -12.63
N GLU B 546 -14.46 7.16 -13.68
CA GLU B 546 -14.13 8.58 -13.58
C GLU B 546 -15.06 9.33 -12.63
N GLU B 547 -16.35 9.01 -12.77
CA GLU B 547 -17.37 9.65 -11.97
C GLU B 547 -17.21 9.25 -10.50
N LEU B 548 -16.84 8.01 -10.29
CA LEU B 548 -16.59 7.53 -8.92
C LEU B 548 -15.43 8.29 -8.29
N HIS B 549 -14.35 8.46 -9.07
CA HIS B 549 -13.16 9.10 -8.51
C HIS B 549 -13.53 10.52 -8.11
N SER B 550 -14.32 11.13 -8.98
CA SER B 550 -14.77 12.49 -8.78
C SER B 550 -15.63 12.55 -7.54
N ALA B 551 -16.41 11.49 -7.35
CA ALA B 551 -17.28 11.41 -6.18
C ALA B 551 -16.46 11.39 -4.93
N GLN B 552 -15.41 10.58 -4.92
CA GLN B 552 -14.57 10.53 -3.73
C GLN B 552 -13.96 11.88 -3.53
N GLN B 553 -13.40 12.40 -4.61
CA GLN B 553 -12.52 13.56 -4.50
C GLN B 553 -13.27 14.75 -3.93
N TRP B 554 -14.56 14.83 -4.25
CA TRP B 554 -15.42 15.94 -3.84
C TRP B 554 -16.47 15.44 -2.84
N ASN B 555 -17.62 15.00 -3.31
CA ASN B 555 -18.57 14.29 -2.47
C ASN B 555 -19.65 13.65 -3.32
N GLY B 556 -20.35 12.68 -2.77
CA GLY B 556 -21.28 11.89 -3.55
C GLY B 556 -22.50 12.68 -3.96
N GLN B 557 -22.97 13.55 -3.07
CA GLN B 557 -24.18 14.32 -3.32
C GLN B 557 -24.05 15.18 -4.58
N GLY B 558 -22.89 15.80 -4.72
CA GLY B 558 -22.60 16.64 -5.87
C GLY B 558 -22.63 15.89 -7.19
N ILE B 559 -22.01 14.72 -7.20
CA ILE B 559 -21.98 13.95 -8.44
C ILE B 559 -23.39 13.42 -8.75
N LEU B 560 -24.18 13.15 -7.71
CA LEU B 560 -25.54 12.70 -7.96
C LEU B 560 -26.28 13.85 -8.62
N GLU B 561 -26.03 15.06 -8.13
CA GLU B 561 -26.65 16.23 -8.72
C GLU B 561 -26.31 16.32 -10.20
N LEU B 562 -25.04 16.15 -10.52
CA LEU B 562 -24.62 16.29 -11.92
C LEU B 562 -25.20 15.18 -12.80
N LEU B 563 -25.40 14.00 -12.22
CA LEU B 563 -25.98 12.89 -12.97
C LEU B 563 -27.46 13.17 -13.26
N ARG B 564 -28.10 13.96 -12.39
CA ARG B 564 -29.50 14.34 -12.60
C ARG B 564 -29.68 15.27 -13.79
N THR B 565 -28.76 16.22 -13.95
CA THR B 565 -28.81 17.19 -15.05
C THR B 565 -28.66 16.54 -16.41
N VAL B 566 -27.83 15.50 -16.49
CA VAL B 566 -27.60 14.78 -17.74
C VAL B 566 -28.55 13.58 -17.81
N PRO B 567 -29.59 13.66 -18.66
CA PRO B 567 -30.62 12.60 -18.71
C PRO B 567 -30.13 11.23 -19.11
N ILE B 568 -29.23 11.23 -20.08
CA ILE B 568 -28.76 9.99 -20.64
C ILE B 568 -27.97 9.25 -19.56
N ALA B 569 -27.32 10.03 -18.69
CA ALA B 569 -26.51 9.52 -17.59
C ALA B 569 -27.29 9.22 -16.30
N GLY B 570 -28.59 9.51 -16.28
CA GLY B 570 -29.39 9.35 -15.07
C GLY B 570 -30.71 10.08 -15.16
N GLY B 571 -30.65 11.39 -15.23
CA GLY B 571 -31.86 12.20 -15.32
C GLY B 571 -32.41 12.34 -13.93
N PRO B 572 -33.59 12.94 -13.79
CA PRO B 572 -34.17 13.26 -12.49
C PRO B 572 -34.31 12.07 -11.55
N TRP B 573 -34.57 10.89 -12.11
CA TRP B 573 -34.69 9.67 -11.31
C TRP B 573 -33.42 8.79 -11.31
N LEU B 574 -32.37 9.26 -11.99
CA LEU B 574 -31.08 8.61 -11.95
C LEU B 574 -31.23 7.17 -12.35
N ILE B 575 -31.84 7.00 -13.51
CA ILE B 575 -31.97 5.71 -14.17
C ILE B 575 -30.60 5.38 -14.66
N THR B 576 -30.22 4.12 -14.58
CA THR B 576 -28.90 3.70 -14.98
C THR B 576 -29.02 2.95 -16.28
N ASP B 577 -28.20 3.29 -17.25
CA ASP B 577 -28.17 2.55 -18.51
C ASP B 577 -26.84 1.88 -18.67
N MET B 578 -26.83 0.57 -18.78
CA MET B 578 -25.57 -0.13 -18.88
C MET B 578 -24.81 0.26 -20.14
N ARG B 579 -25.53 0.49 -21.21
CA ARG B 579 -24.89 0.63 -22.52
C ARG B 579 -24.23 2.00 -22.71
N ARG B 580 -24.31 2.85 -21.70
CA ARG B 580 -23.75 4.19 -21.78
C ARG B 580 -22.24 4.15 -22.02
N GLY B 581 -21.75 5.03 -22.88
CA GLY B 581 -20.35 5.00 -23.28
C GLY B 581 -19.49 6.17 -22.83
N GLU B 582 -20.10 7.28 -22.46
CA GLU B 582 -19.34 8.48 -22.07
C GLU B 582 -19.58 8.92 -20.63
N THR B 583 -18.56 9.51 -20.01
CA THR B 583 -18.70 10.07 -18.67
C THR B 583 -19.35 11.44 -18.74
N ILE B 584 -19.86 11.95 -17.60
CA ILE B 584 -20.48 13.26 -17.56
C ILE B 584 -19.50 14.41 -17.78
N PHE B 585 -18.21 14.11 -17.73
CA PHE B 585 -17.18 15.14 -17.94
C PHE B 585 -16.82 15.27 -19.41
N GLU B 586 -16.94 14.16 -20.12
CA GLU B 586 -16.75 14.15 -21.54
C GLU B 586 -17.94 14.75 -22.29
N ILE B 587 -19.12 14.67 -21.68
CA ILE B 587 -20.33 15.22 -22.27
C ILE B 587 -20.44 16.74 -22.10
N ASP B 588 -20.03 17.23 -20.95
CA ASP B 588 -20.05 18.66 -20.66
C ASP B 588 -18.82 18.92 -19.82
N PRO B 589 -17.70 19.26 -20.47
CA PRO B 589 -16.42 19.47 -19.79
C PRO B 589 -16.52 20.51 -18.70
N HIS B 590 -17.35 21.52 -18.93
CA HIS B 590 -17.54 22.60 -17.96
C HIS B 590 -18.11 22.11 -16.63
N LEU B 591 -18.56 20.85 -16.59
CA LEU B 591 -19.01 20.25 -15.35
C LEU B 591 -17.81 20.08 -14.42
N GLN B 592 -16.65 19.82 -15.01
CA GLN B 592 -15.48 19.63 -14.18
C GLN B 592 -15.31 20.86 -13.31
N GLU B 593 -15.49 22.04 -13.90
CA GLU B 593 -15.44 23.27 -13.12
C GLU B 593 -16.33 23.18 -11.88
N ARG B 594 -17.53 22.63 -12.06
CA ARG B 594 -18.51 22.55 -10.97
C ARG B 594 -17.99 21.75 -9.80
N VAL B 595 -17.22 20.70 -10.10
CA VAL B 595 -16.64 19.85 -9.06
C VAL B 595 -15.56 20.60 -8.26
N ASP B 596 -14.64 21.22 -8.97
CA ASP B 596 -13.54 21.94 -8.34
C ASP B 596 -14.04 22.99 -7.36
N LYS B 597 -15.03 23.78 -7.77
CA LYS B 597 -15.62 24.78 -6.88
C LYS B 597 -16.26 24.13 -5.68
N GLY B 598 -16.99 23.05 -5.93
CA GLY B 598 -17.61 22.30 -4.84
C GLY B 598 -16.56 21.94 -3.81
N ILE B 599 -15.44 21.40 -4.26
CA ILE B 599 -14.35 21.07 -3.35
C ILE B 599 -13.90 22.30 -2.55
N GLU B 600 -13.90 23.46 -3.21
CA GLU B 600 -13.44 24.69 -2.58
C GLU B 600 -14.37 25.12 -1.46
N THR B 601 -15.69 24.91 -1.65
CA THR B 601 -16.68 25.46 -0.72
C THR B 601 -17.25 24.41 0.24
N ASP B 602 -17.07 23.13 -0.10
CA ASP B 602 -17.56 22.02 0.71
C ASP B 602 -16.42 21.27 1.41
N GLY B 603 -15.20 21.39 0.88
CA GLY B 603 -14.10 20.60 1.36
C GLY B 603 -14.10 19.24 0.67
N SER B 604 -13.04 18.48 0.83
CA SER B 604 -12.93 17.20 0.15
C SER B 604 -13.28 16.14 1.14
N ASN B 605 -13.95 15.09 0.66
CA ASN B 605 -14.30 13.96 1.52
C ASN B 605 -13.21 12.92 1.62
N LEU B 606 -12.13 13.12 0.87
CA LEU B 606 -11.03 12.16 0.79
C LEU B 606 -10.04 12.45 1.89
N SER B 607 -10.10 11.70 2.98
CA SER B 607 -9.30 12.01 4.17
C SER B 607 -7.85 11.58 3.94
N GLY B 608 -7.60 10.82 2.89
CA GLY B 608 -6.27 10.32 2.60
C GLY B 608 -6.21 9.46 1.35
N VAL B 609 -5.03 9.01 1.01
CA VAL B 609 -4.83 8.20 -0.19
C VAL B 609 -3.62 7.26 -0.01
N SER B 610 -3.64 6.15 -0.74
CA SER B 610 -2.49 5.25 -0.77
C SER B 610 -1.72 5.50 -2.04
N ALA B 611 -0.45 5.86 -1.91
CA ALA B 611 0.30 6.31 -3.07
C ALA B 611 1.79 6.12 -2.95
N LYS B 612 2.47 6.28 -4.07
CA LYS B 612 3.93 6.27 -4.11
C LYS B 612 4.46 7.59 -3.61
N CYS B 613 5.13 7.58 -2.46
CA CYS B 613 5.68 8.79 -1.89
C CYS B 613 6.71 8.40 -0.86
N ALA B 614 7.47 9.39 -0.42
CA ALA B 614 8.55 9.13 0.52
C ALA B 614 9.00 10.44 1.08
N TRP B 615 9.70 10.39 2.21
CA TRP B 615 10.29 11.59 2.77
C TRP B 615 11.69 11.33 3.29
N ASP B 616 12.43 12.40 3.54
CA ASP B 616 13.82 12.29 3.94
C ASP B 616 14.23 13.55 4.65
N ASP B 617 15.25 13.41 5.49
CA ASP B 617 15.84 14.57 6.09
C ASP B 617 16.89 15.16 5.15
N LEU B 618 17.37 16.37 5.47
CA LEU B 618 18.53 16.90 4.78
C LEU B 618 19.66 15.89 4.91
N PRO B 619 19.82 15.29 6.10
CA PRO B 619 20.70 14.13 6.19
C PRO B 619 20.07 12.87 5.66
N SER B 620 20.89 11.83 5.57
CA SER B 620 20.44 10.60 4.98
C SER B 620 19.25 10.08 5.68
N ARG B 621 19.25 10.13 7.04
CA ARG B 621 18.13 9.73 7.96
C ARG B 621 18.26 8.38 8.67
N GLY B 622 19.34 7.65 8.40
CA GLY B 622 19.73 6.44 9.13
C GLY B 622 18.57 5.79 9.85
N GLU B 623 17.61 5.28 9.07
CA GLU B 623 16.26 5.05 9.58
C GLU B 623 16.19 4.33 10.91
N ASP B 624 15.38 4.89 11.80
CA ASP B 624 15.22 4.42 13.16
C ASP B 624 13.82 4.77 13.67
N PRO B 625 13.10 3.77 14.20
CA PRO B 625 11.68 3.88 14.60
C PRO B 625 11.43 4.70 15.87
N ILE B 626 10.17 5.11 16.06
CA ILE B 626 9.68 5.70 17.31
C ILE B 626 10.56 6.92 17.66
N ARG B 627 10.84 7.15 18.95
CA ARG B 627 11.72 8.20 19.39
C ARG B 627 11.26 9.49 18.76
N THR B 628 9.98 9.80 18.93
CA THR B 628 9.39 10.92 18.20
C THR B 628 10.28 12.14 18.35
N ARG B 629 10.70 12.67 17.21
CA ARG B 629 11.63 13.77 17.17
C ARG B 629 11.20 14.88 16.24
N GLN B 630 11.54 16.11 16.58
CA GLN B 630 11.29 17.26 15.73
C GLN B 630 12.32 17.34 14.65
N LEU B 631 11.98 17.94 13.50
CA LEU B 631 12.92 18.11 12.38
C LEU B 631 12.95 19.56 11.96
N GLU B 632 14.09 20.03 11.46
CA GLU B 632 14.16 21.41 11.01
C GLU B 632 13.90 21.51 9.54
N SER B 633 14.26 20.45 8.83
CA SER B 633 14.04 20.38 7.39
C SER B 633 13.28 19.11 7.01
N VAL B 634 12.56 19.19 5.89
CA VAL B 634 11.79 18.07 5.37
C VAL B 634 11.85 18.05 3.86
N HIS B 635 12.05 16.87 3.29
CA HIS B 635 12.01 16.73 1.85
C HIS B 635 11.03 15.64 1.45
N LEU B 636 9.94 16.03 0.79
CA LEU B 636 8.90 15.11 0.39
C LEU B 636 9.09 14.71 -1.07
N LYS B 637 8.77 13.46 -1.38
CA LYS B 637 8.87 12.97 -2.75
C LYS B 637 7.55 12.33 -3.15
N PHE B 638 7.11 12.59 -4.38
CA PHE B 638 5.85 12.08 -4.89
C PHE B 638 6.00 11.60 -6.35
N ASN B 639 5.16 10.67 -6.78
CA ASN B 639 5.00 10.34 -8.19
C ASN B 639 3.96 11.29 -8.78
N GLN B 640 3.77 11.26 -10.10
CA GLN B 640 2.83 12.20 -10.68
C GLN B 640 1.42 12.03 -10.13
N GLU B 641 0.97 10.79 -10.02
CA GLU B 641 -0.41 10.54 -9.61
C GLU B 641 -0.68 11.11 -8.22
N SER B 642 0.28 10.95 -7.30
CA SER B 642 0.10 11.45 -5.95
C SER B 642 0.39 12.93 -5.86
N GLY B 643 1.33 13.42 -6.67
CA GLY B 643 1.64 14.84 -6.67
C GLY B 643 0.44 15.64 -7.13
N ALA B 644 -0.29 15.06 -8.09
CA ALA B 644 -1.44 15.72 -8.67
C ALA B 644 -2.54 15.92 -7.63
N LEU B 645 -2.42 15.27 -6.49
CA LEU B 645 -3.39 15.39 -5.42
C LEU B 645 -2.98 16.47 -4.43
N ILE B 646 -1.76 17.04 -4.57
CA ILE B 646 -1.32 18.06 -3.61
C ILE B 646 -2.27 19.26 -3.57
N PRO B 647 -2.70 19.75 -4.75
CA PRO B 647 -3.69 20.82 -4.70
C PRO B 647 -4.95 20.41 -3.92
N LEU B 648 -5.41 19.19 -4.13
CA LEU B 648 -6.57 18.67 -3.40
C LEU B 648 -6.30 18.59 -1.89
N CYS B 649 -5.09 18.18 -1.54
CA CYS B 649 -4.70 18.07 -0.15
C CYS B 649 -4.75 19.43 0.51
N LEU B 650 -4.18 20.43 -0.17
CA LEU B 650 -4.07 21.76 0.40
C LEU B 650 -5.40 22.53 0.31
N ARG B 651 -5.87 22.76 -0.91
CA ARG B 651 -7.08 23.54 -1.14
C ARG B 651 -8.30 22.81 -0.61
N GLY B 652 -8.33 21.49 -0.81
CA GLY B 652 -9.48 20.67 -0.47
C GLY B 652 -9.66 20.37 1.01
N ARG B 653 -8.57 20.33 1.79
CA ARG B 653 -8.66 19.95 3.19
C ARG B 653 -7.98 20.87 4.17
N LEU B 654 -6.70 21.20 3.95
CA LEU B 654 -5.98 22.09 4.87
C LEU B 654 -6.69 23.45 5.03
N LEU B 655 -7.20 24.00 3.92
CA LEU B 655 -7.91 25.28 3.95
C LEU B 655 -9.29 25.18 4.64
N HIS B 656 -9.76 23.95 4.86
CA HIS B 656 -11.00 23.70 5.59
C HIS B 656 -10.79 23.11 6.98
N GLY B 657 -9.59 23.29 7.53
CA GLY B 657 -9.28 22.80 8.87
C GLY B 657 -9.23 21.29 9.00
N ARG B 658 -8.92 20.61 7.91
CA ARG B 658 -8.87 19.14 7.87
C ARG B 658 -7.46 18.63 7.54
N HIS B 659 -7.17 17.38 7.92
CA HIS B 659 -5.87 16.76 7.64
C HIS B 659 -5.88 15.96 6.33
N PHE B 660 -4.73 15.51 5.87
CA PHE B 660 -4.67 14.61 4.71
C PHE B 660 -3.42 13.75 4.86
N THR B 661 -3.57 12.45 4.58
CA THR B 661 -2.50 11.47 4.77
C THR B 661 -2.12 10.73 3.50
N TYR B 662 -0.87 10.89 3.07
CA TYR B 662 -0.30 10.02 2.05
C TYR B 662 0.30 8.82 2.77
N LYS B 663 -0.09 7.63 2.32
CA LYS B 663 0.48 6.39 2.85
C LYS B 663 1.27 5.69 1.76
N SER B 664 2.52 5.39 2.06
CA SER B 664 3.40 4.75 1.10
C SER B 664 2.97 3.33 0.82
N ILE B 665 2.78 2.99 -0.46
CA ILE B 665 2.48 1.59 -0.84
C ILE B 665 3.69 0.68 -0.67
N THR B 666 4.89 1.17 -1.03
CA THR B 666 6.11 0.32 -1.04
C THR B 666 6.97 0.42 0.21
N GLY B 667 6.62 1.32 1.13
CA GLY B 667 7.39 1.54 2.35
C GLY B 667 6.48 1.35 3.55
N ASP B 668 6.92 1.85 4.70
CA ASP B 668 6.05 2.02 5.86
C ASP B 668 5.93 3.50 6.22
N MET B 669 6.28 4.35 5.27
CA MET B 669 6.25 5.78 5.48
C MET B 669 4.86 6.36 5.37
N ALA B 670 4.67 7.51 5.99
CA ALA B 670 3.43 8.27 5.88
C ALA B 670 3.76 9.74 6.05
N ILE B 671 2.95 10.56 5.36
CA ILE B 671 3.09 12.02 5.38
C ILE B 671 1.70 12.55 5.65
N THR B 672 1.50 13.17 6.81
CA THR B 672 0.18 13.70 7.14
C THR B 672 0.26 15.21 7.16
N PHE B 673 -0.36 15.84 6.17
CA PHE B 673 -0.50 17.29 6.15
C PHE B 673 -1.55 17.67 7.16
N VAL B 674 -1.20 18.64 7.99
CA VAL B 674 -2.04 19.10 9.08
C VAL B 674 -2.20 20.61 8.98
N SER B 675 -3.44 21.09 9.06
CA SER B 675 -3.71 22.52 9.11
C SER B 675 -3.64 22.94 10.55
N THR B 676 -3.52 24.22 10.82
CA THR B 676 -3.56 24.69 12.20
C THR B 676 -4.94 24.38 12.73
N GLY B 677 -5.01 24.03 14.00
CA GLY B 677 -6.29 23.74 14.61
C GLY B 677 -6.74 22.30 14.45
N VAL B 678 -5.95 21.48 13.78
CA VAL B 678 -6.22 20.05 13.81
C VAL B 678 -5.85 19.59 15.20
N GLU B 679 -6.53 18.58 15.70
CA GLU B 679 -6.31 18.19 17.08
C GLU B 679 -5.78 16.79 17.14
N GLY B 680 -4.81 16.59 18.02
CA GLY B 680 -4.16 15.30 18.17
C GLY B 680 -2.85 15.17 17.40
N ALA B 681 -2.45 16.24 16.72
CA ALA B 681 -1.19 16.21 15.98
C ALA B 681 -0.03 16.50 16.94
N PHE B 682 1.12 15.86 16.68
CA PHE B 682 2.32 16.14 17.44
C PHE B 682 3.17 17.15 16.67
N ALA B 683 2.68 17.60 15.53
CA ALA B 683 3.27 18.71 14.80
C ALA B 683 2.56 19.94 15.30
N THR B 684 3.30 20.91 15.83
CA THR B 684 2.72 22.11 16.41
C THR B 684 3.18 23.35 15.66
N GLU B 685 2.55 24.51 15.89
CA GLU B 685 2.99 25.73 15.21
C GLU B 685 4.42 26.03 15.62
N GLU B 686 4.75 25.73 16.88
CA GLU B 686 6.10 25.93 17.42
C GLU B 686 7.14 25.11 16.64
N HIS B 687 6.78 23.87 16.29
CA HIS B 687 7.59 23.05 15.37
C HIS B 687 6.72 22.39 14.32
N PRO B 688 6.67 22.96 13.13
CA PRO B 688 5.83 22.41 12.07
C PRO B 688 6.16 20.98 11.68
N TYR B 689 7.43 20.61 11.62
CA TYR B 689 7.83 19.30 11.10
C TYR B 689 8.24 18.36 12.21
N ALA B 690 7.48 17.28 12.37
CA ALA B 690 7.79 16.28 13.37
C ALA B 690 7.49 14.92 12.79
N ALA B 691 8.13 13.90 13.34
CA ALA B 691 7.92 12.54 12.87
C ALA B 691 7.93 11.55 14.00
N HIS B 692 7.02 10.59 13.93
CA HIS B 692 7.01 9.42 14.81
C HIS B 692 7.36 8.16 14.05
N GLY B 693 8.59 7.70 14.24
CA GLY B 693 9.06 6.62 13.41
C GLY B 693 9.03 7.12 11.98
N PRO B 694 8.47 6.34 11.07
CA PRO B 694 8.39 6.71 9.65
C PRO B 694 7.19 7.59 9.33
N TRP B 695 6.37 7.87 10.34
CA TRP B 695 5.17 8.68 10.12
C TRP B 695 5.52 10.14 10.39
N LEU B 696 5.33 11.00 9.40
CA LEU B 696 5.71 12.40 9.49
C LEU B 696 4.44 13.23 9.44
N GLN B 697 4.31 14.17 10.39
CA GLN B 697 3.23 15.15 10.35
C GLN B 697 3.85 16.52 10.16
N ILE B 698 3.35 17.25 9.17
CA ILE B 698 3.80 18.60 8.92
C ILE B 698 2.64 19.56 8.98
N LEU B 699 2.79 20.61 9.78
CA LEU B 699 1.74 21.60 9.96
C LEU B 699 2.00 22.81 9.09
N LEU B 700 1.01 23.21 8.31
CA LEU B 700 1.16 24.36 7.42
C LEU B 700 0.14 25.43 7.80
N THR B 701 0.50 26.69 7.58
CA THR B 701 -0.35 27.81 7.95
C THR B 701 -1.12 28.30 6.75
N GLU B 702 -2.29 28.89 6.98
CA GLU B 702 -3.17 29.26 5.88
C GLU B 702 -2.40 30.13 4.87
N GLU B 703 -1.59 31.04 5.38
CA GLU B 703 -0.80 31.89 4.50
C GLU B 703 0.16 31.10 3.60
N PHE B 704 0.94 30.26 4.26
CA PHE B 704 1.98 29.52 3.55
C PHE B 704 1.36 28.57 2.53
N VAL B 705 0.20 28.01 2.90
CA VAL B 705 -0.51 27.10 2.00
C VAL B 705 -0.91 27.85 0.73
N GLU B 706 -1.39 29.08 0.89
CA GLU B 706 -1.84 29.85 -0.27
C GLU B 706 -0.65 30.11 -1.20
N LYS B 707 0.48 30.49 -0.59
CA LYS B 707 1.66 30.75 -1.40
C LYS B 707 2.07 29.47 -2.12
N MET B 708 1.99 28.38 -1.37
CA MET B 708 2.41 27.10 -1.89
C MET B 708 1.55 26.75 -3.12
N LEU B 709 0.25 27.03 -3.01
CA LEU B 709 -0.64 26.77 -4.13
C LEU B 709 -0.25 27.59 -5.34
N GLU B 710 0.15 28.85 -5.09
CA GLU B 710 0.50 29.73 -6.21
C GLU B 710 1.67 29.14 -6.98
N ASP B 711 2.65 28.63 -6.23
CA ASP B 711 3.86 28.09 -6.83
C ASP B 711 3.65 26.76 -7.57
N LEU B 712 2.70 25.94 -7.12
CA LEU B 712 2.57 24.62 -7.76
C LEU B 712 2.03 24.67 -9.18
N GLU B 713 0.74 25.00 -9.34
CA GLU B 713 0.10 25.03 -10.65
C GLU B 713 0.51 23.88 -11.56
N LEU B 723 8.43 17.76 -15.82
CA LEU B 723 9.05 17.07 -14.70
C LEU B 723 10.33 16.37 -15.14
N PRO B 724 11.24 16.08 -14.18
CA PRO B 724 10.97 16.37 -12.77
C PRO B 724 10.95 17.81 -12.39
N LYS B 725 9.87 18.11 -11.70
CA LYS B 725 9.61 19.39 -11.10
C LYS B 725 10.19 19.32 -9.72
N GLU B 726 11.03 20.29 -9.35
CA GLU B 726 11.59 20.32 -8.01
C GLU B 726 11.25 21.70 -7.43
N TYR B 727 10.77 21.74 -6.20
CA TYR B 727 10.36 22.97 -5.53
C TYR B 727 11.05 23.13 -4.19
N SER B 728 11.30 24.39 -3.83
CA SER B 728 12.05 24.76 -2.62
C SER B 728 11.40 25.97 -1.95
N TRP B 729 11.62 26.10 -0.64
CA TRP B 729 11.09 27.19 0.17
C TRP B 729 12.06 27.55 1.29
N PRO B 730 11.83 28.67 2.00
CA PRO B 730 12.78 28.98 3.07
C PRO B 730 13.05 27.88 4.08
N GLU B 731 12.15 26.93 4.29
CA GLU B 731 12.37 25.84 5.27
C GLU B 731 12.34 24.44 4.70
N LYS B 732 11.58 24.26 3.64
CA LYS B 732 11.18 22.93 3.19
C LYS B 732 11.29 22.78 1.70
N LYS B 733 11.61 21.58 1.26
CA LYS B 733 11.80 21.31 -0.16
C LYS B 733 11.03 20.06 -0.51
N LEU B 734 10.52 19.99 -1.72
CA LEU B 734 9.80 18.81 -2.16
C LEU B 734 9.97 18.61 -3.64
N LYS B 735 9.77 17.39 -4.11
CA LYS B 735 10.02 17.15 -5.52
C LYS B 735 9.08 16.12 -6.10
N VAL B 736 8.95 16.10 -7.43
CA VAL B 736 8.22 15.03 -8.09
C VAL B 736 9.18 14.11 -8.88
N SER B 737 9.14 12.81 -8.61
CA SER B 737 10.03 11.87 -9.27
C SER B 737 9.27 10.59 -9.60
N ILE B 738 9.76 9.82 -10.56
CA ILE B 738 8.99 8.71 -11.09
C ILE B 738 9.43 7.30 -10.68
N LEU B 739 10.70 6.99 -10.89
CA LEU B 739 11.23 5.65 -10.60
C LEU B 739 11.95 5.46 -9.24
N PRO B 740 12.11 6.54 -8.44
CA PRO B 740 12.79 6.35 -7.17
C PRO B 740 12.08 5.36 -6.25
N ASP B 741 10.76 5.37 -6.31
CA ASP B 741 9.93 4.66 -5.36
C ASP B 741 9.97 3.13 -5.46
N VAL B 742 10.36 2.60 -6.61
CA VAL B 742 10.33 1.15 -6.83
C VAL B 742 11.13 0.35 -5.80
N VAL B 743 10.54 -0.76 -5.37
CA VAL B 743 11.06 -1.58 -4.28
C VAL B 743 12.24 -2.50 -4.64
N PHE B 744 12.17 -3.14 -5.80
CA PHE B 744 13.20 -4.07 -6.24
C PHE B 744 13.51 -3.94 -7.71
N ASP B 745 14.79 -4.04 -8.08
CA ASP B 745 15.21 -4.02 -9.48
C ASP B 745 16.32 -5.06 -9.74
N SER B 746 16.57 -5.37 -11.01
CA SER B 746 17.61 -6.33 -11.39
C SER B 746 18.71 -5.59 -12.15
N GLU C 5 45.07 -24.04 -43.97
CA GLU C 5 46.08 -24.54 -43.03
C GLU C 5 45.75 -24.15 -41.59
N GLY C 6 46.44 -24.80 -40.67
CA GLY C 6 46.19 -24.64 -39.24
C GLY C 6 47.09 -25.59 -38.49
N LYS C 7 47.84 -25.07 -37.53
CA LYS C 7 48.79 -25.85 -36.73
C LYS C 7 48.11 -26.50 -35.53
N LEU C 8 48.79 -27.48 -34.92
CA LEU C 8 48.28 -28.15 -33.72
C LEU C 8 49.29 -28.18 -32.56
N VAL C 9 48.86 -27.68 -31.40
CA VAL C 9 49.65 -27.63 -30.18
C VAL C 9 48.98 -28.45 -29.05
N ILE C 10 49.78 -29.25 -28.34
CA ILE C 10 49.26 -30.14 -27.29
C ILE C 10 50.03 -29.92 -25.98
N TRP C 11 49.30 -29.92 -24.86
CA TRP C 11 49.90 -29.83 -23.53
C TRP C 11 49.68 -31.11 -22.74
N ILE C 12 50.76 -31.61 -22.15
CA ILE C 12 50.73 -32.80 -21.30
C ILE C 12 51.77 -32.77 -20.17
N ASN C 13 51.42 -33.34 -19.03
CA ASN C 13 52.25 -33.28 -17.84
C ASN C 13 53.63 -33.91 -18.09
N GLY C 14 54.67 -33.36 -17.46
CA GLY C 14 56.03 -33.78 -17.73
C GLY C 14 56.38 -35.21 -17.38
N ASP C 15 55.57 -35.85 -16.54
CA ASP C 15 55.78 -37.24 -16.16
C ASP C 15 55.17 -38.22 -17.16
N LYS C 16 54.35 -37.73 -18.10
CA LYS C 16 53.71 -38.58 -19.11
C LYS C 16 54.62 -38.83 -20.31
N GLY C 17 54.15 -39.68 -21.21
CA GLY C 17 54.90 -40.04 -22.41
C GLY C 17 54.65 -39.11 -23.58
N TYR C 18 55.25 -37.92 -23.52
CA TYR C 18 55.08 -36.91 -24.56
C TYR C 18 55.81 -37.27 -25.85
N ASN C 19 56.84 -38.11 -25.74
CA ASN C 19 57.59 -38.52 -26.92
C ASN C 19 56.81 -39.44 -27.85
N GLY C 20 56.08 -40.40 -27.28
CA GLY C 20 55.21 -41.24 -28.09
C GLY C 20 54.13 -40.43 -28.77
N LEU C 21 53.47 -39.56 -28.00
CA LEU C 21 52.45 -38.68 -28.55
C LEU C 21 53.04 -37.81 -29.67
N ALA C 22 54.28 -37.36 -29.50
CA ALA C 22 54.91 -36.54 -30.52
C ALA C 22 55.08 -37.35 -31.80
N GLU C 23 55.45 -38.63 -31.61
CA GLU C 23 55.58 -39.56 -32.74
C GLU C 23 54.22 -39.74 -33.39
N VAL C 24 53.17 -39.84 -32.59
CA VAL C 24 51.82 -39.88 -33.14
C VAL C 24 51.62 -38.59 -33.92
N GLY C 25 52.19 -37.51 -33.42
CA GLY C 25 52.16 -36.24 -34.13
C GLY C 25 52.93 -36.33 -35.44
N LYS C 26 54.03 -37.09 -35.44
CA LYS C 26 54.83 -37.27 -36.64
C LYS C 26 54.05 -38.07 -37.67
N LYS C 27 53.37 -39.13 -37.21
CA LYS C 27 52.58 -39.95 -38.13
C LYS C 27 51.43 -39.11 -38.70
N PHE C 28 50.85 -38.25 -37.85
CA PHE C 28 49.79 -37.37 -38.31
C PHE C 28 50.28 -36.33 -39.31
N GLU C 29 51.44 -35.77 -39.02
CA GLU C 29 52.05 -34.77 -39.88
C GLU C 29 52.44 -35.42 -41.20
N LYS C 30 52.88 -36.66 -41.14
CA LYS C 30 53.31 -37.37 -42.33
C LYS C 30 52.11 -37.66 -43.22
N ASP C 31 51.04 -38.16 -42.63
CA ASP C 31 49.86 -38.55 -43.40
C ASP C 31 49.03 -37.33 -43.87
N THR C 32 49.03 -36.24 -43.08
CA THR C 32 48.17 -35.10 -43.39
C THR C 32 48.90 -33.78 -43.71
N GLY C 33 50.15 -33.66 -43.28
CA GLY C 33 50.95 -32.47 -43.54
C GLY C 33 50.88 -31.31 -42.55
N ILE C 34 50.02 -31.44 -41.54
CA ILE C 34 49.87 -30.41 -40.50
C ILE C 34 50.88 -30.64 -39.38
N LYS C 35 51.58 -29.59 -38.98
CA LYS C 35 52.61 -29.71 -37.95
C LYS C 35 52.02 -29.91 -36.57
N VAL C 36 52.53 -30.93 -35.87
CA VAL C 36 52.08 -31.27 -34.53
C VAL C 36 53.22 -31.04 -33.55
N THR C 37 53.06 -30.01 -32.73
CA THR C 37 54.04 -29.65 -31.72
C THR C 37 53.57 -30.12 -30.35
N VAL C 38 54.45 -30.78 -29.60
CA VAL C 38 54.11 -31.28 -28.29
C VAL C 38 54.94 -30.60 -27.22
N GLU C 39 54.27 -29.91 -26.31
CA GLU C 39 54.95 -29.21 -25.25
C GLU C 39 54.50 -29.76 -23.91
N HIS C 40 55.35 -29.63 -22.90
CA HIS C 40 55.01 -30.08 -21.55
C HIS C 40 55.48 -29.03 -20.51
N PRO C 41 54.85 -27.85 -20.52
CA PRO C 41 55.20 -26.74 -19.62
C PRO C 41 54.87 -27.01 -18.15
N ASP C 42 55.55 -26.35 -17.22
CA ASP C 42 55.25 -26.51 -15.80
C ASP C 42 53.92 -25.86 -15.45
N LYS C 43 53.22 -26.45 -14.48
CA LYS C 43 51.96 -25.90 -13.97
C LYS C 43 51.01 -25.64 -15.11
N LEU C 44 50.92 -26.62 -16.01
CA LEU C 44 50.12 -26.47 -17.21
C LEU C 44 48.66 -26.26 -16.87
N GLU C 45 48.22 -26.95 -15.81
CA GLU C 45 46.82 -26.90 -15.40
C GLU C 45 46.39 -25.53 -14.91
N GLU C 46 47.24 -24.87 -14.13
CA GLU C 46 46.94 -23.54 -13.63
C GLU C 46 47.05 -22.57 -14.77
N LYS C 47 48.04 -22.83 -15.63
CA LYS C 47 48.35 -21.97 -16.77
C LYS C 47 47.27 -21.93 -17.84
N PHE C 48 46.64 -23.07 -18.11
CA PHE C 48 45.70 -23.17 -19.22
C PHE C 48 44.53 -22.18 -19.12
N PRO C 49 43.85 -22.12 -17.96
CA PRO C 49 42.73 -21.17 -17.84
C PRO C 49 43.15 -19.70 -17.96
N GLN C 50 44.37 -19.38 -17.53
CA GLN C 50 44.91 -18.02 -17.63
C GLN C 50 45.16 -17.54 -19.06
N VAL C 51 45.99 -18.31 -19.79
CA VAL C 51 46.43 -17.94 -21.14
C VAL C 51 45.35 -18.16 -22.18
N ALA C 52 44.42 -19.06 -21.90
CA ALA C 52 43.34 -19.38 -22.84
C ALA C 52 42.43 -18.16 -23.03
N ALA C 53 42.33 -17.32 -22.00
CA ALA C 53 41.46 -16.15 -22.11
C ALA C 53 41.90 -15.27 -23.28
N THR C 54 43.18 -15.31 -23.67
CA THR C 54 43.69 -14.47 -24.76
C THR C 54 43.89 -15.10 -26.15
N GLY C 55 43.64 -16.40 -26.31
CA GLY C 55 43.84 -17.05 -27.60
C GLY C 55 45.27 -17.53 -27.76
N ASP C 56 46.02 -17.57 -26.65
CA ASP C 56 47.39 -18.09 -26.66
C ASP C 56 47.61 -19.50 -26.10
N GLY C 57 46.54 -20.20 -25.73
CA GLY C 57 46.67 -21.55 -25.24
C GLY C 57 46.74 -22.57 -26.35
N PRO C 58 46.90 -23.85 -26.00
CA PRO C 58 47.00 -24.97 -26.93
C PRO C 58 45.70 -25.24 -27.65
N ASP C 59 45.76 -25.96 -28.76
CA ASP C 59 44.56 -26.43 -29.41
C ASP C 59 43.95 -27.58 -28.61
N ILE C 60 44.81 -28.41 -28.02
CA ILE C 60 44.38 -29.57 -27.22
C ILE C 60 45.11 -29.63 -25.87
N ILE C 61 44.38 -29.91 -24.79
CA ILE C 61 44.98 -30.05 -23.46
C ILE C 61 44.63 -31.40 -22.82
N PHE C 62 45.64 -32.09 -22.31
CA PHE C 62 45.47 -33.37 -21.62
C PHE C 62 45.56 -33.11 -20.13
N TRP C 63 44.63 -33.65 -19.34
CA TRP C 63 44.72 -33.55 -17.88
C TRP C 63 43.63 -34.40 -17.20
N ALA C 64 43.77 -34.67 -15.89
CA ALA C 64 42.72 -35.39 -15.15
C ALA C 64 41.37 -34.69 -15.28
N HIS C 65 40.28 -35.45 -15.26
CA HIS C 65 38.96 -34.91 -15.53
C HIS C 65 38.49 -33.89 -14.49
N ASP C 66 38.99 -34.03 -13.27
CA ASP C 66 38.50 -33.20 -12.16
C ASP C 66 38.55 -31.70 -12.46
N ARG C 67 39.50 -31.29 -13.29
CA ARG C 67 39.63 -29.89 -13.68
C ARG C 67 38.64 -29.53 -14.79
N PHE C 68 38.39 -30.49 -15.68
CA PHE C 68 37.65 -30.21 -16.91
C PHE C 68 36.29 -29.62 -16.60
N GLY C 69 35.69 -30.06 -15.50
CA GLY C 69 34.43 -29.49 -15.07
C GLY C 69 34.58 -27.99 -14.87
N GLY C 70 35.70 -27.55 -14.30
CA GLY C 70 35.95 -26.13 -14.14
C GLY C 70 36.13 -25.39 -15.46
N TYR C 71 37.07 -25.88 -16.28
CA TYR C 71 37.33 -25.34 -17.61
C TYR C 71 36.07 -25.18 -18.44
N ALA C 72 35.22 -26.19 -18.35
CA ALA C 72 33.99 -26.27 -19.13
C ALA C 72 33.03 -25.19 -18.70
N GLN C 73 33.03 -24.91 -17.40
CA GLN C 73 32.12 -23.91 -16.85
C GLN C 73 32.51 -22.50 -17.28
N SER C 74 33.81 -22.28 -17.46
CA SER C 74 34.33 -20.97 -17.86
C SER C 74 34.24 -20.74 -19.38
N GLY C 75 33.88 -21.77 -20.15
CA GLY C 75 33.74 -21.64 -21.59
C GLY C 75 35.06 -21.68 -22.34
N LEU C 76 35.95 -22.54 -21.86
CA LEU C 76 37.28 -22.74 -22.43
C LEU C 76 37.42 -24.03 -23.24
N LEU C 77 36.40 -24.87 -23.20
CA LEU C 77 36.47 -26.18 -23.84
C LEU C 77 35.37 -26.22 -24.88
N ALA C 78 35.65 -26.80 -26.05
CA ALA C 78 34.60 -26.96 -27.04
C ALA C 78 33.91 -28.30 -26.83
N GLU C 79 32.61 -28.37 -27.10
CA GLU C 79 31.92 -29.63 -27.04
C GLU C 79 32.30 -30.52 -28.22
N ILE C 80 32.66 -31.77 -27.95
CA ILE C 80 32.95 -32.73 -29.02
C ILE C 80 31.70 -33.47 -29.44
N THR C 81 31.67 -33.84 -30.72
CA THR C 81 30.53 -34.45 -31.38
C THR C 81 30.91 -35.76 -32.09
N PRO C 82 31.59 -36.69 -31.39
CA PRO C 82 31.92 -38.00 -32.00
C PRO C 82 30.64 -38.73 -32.28
N ASP C 83 30.66 -39.76 -33.11
CA ASP C 83 29.42 -40.46 -33.37
C ASP C 83 29.36 -41.74 -32.57
N LYS C 84 28.16 -42.27 -32.48
CA LYS C 84 27.88 -43.42 -31.63
C LYS C 84 28.82 -44.59 -31.93
N ALA C 85 29.11 -44.79 -33.21
CA ALA C 85 29.99 -45.87 -33.66
C ALA C 85 31.34 -45.74 -32.97
N PHE C 86 31.83 -44.51 -32.87
CA PHE C 86 33.09 -44.22 -32.22
C PHE C 86 33.00 -44.37 -30.69
N GLN C 87 31.88 -43.95 -30.11
CA GLN C 87 31.69 -43.98 -28.66
C GLN C 87 31.62 -45.43 -28.13
N ASP C 88 31.26 -46.36 -29.00
CA ASP C 88 31.11 -47.77 -28.64
C ASP C 88 32.48 -48.45 -28.57
N LYS C 89 33.48 -47.81 -29.18
CA LYS C 89 34.86 -48.29 -29.14
C LYS C 89 35.44 -48.17 -27.73
N LEU C 90 34.93 -47.21 -26.96
CA LEU C 90 35.38 -46.93 -25.60
C LEU C 90 34.36 -47.33 -24.50
N TYR C 91 34.85 -47.64 -23.31
CA TYR C 91 33.99 -48.01 -22.17
C TYR C 91 33.05 -46.90 -21.75
N PRO C 92 31.81 -47.24 -21.34
CA PRO C 92 30.84 -46.20 -20.96
C PRO C 92 31.31 -45.30 -19.81
N PHE C 93 31.95 -45.90 -18.81
CA PHE C 93 32.34 -45.14 -17.64
C PHE C 93 33.46 -44.11 -17.96
N THR C 94 34.27 -44.41 -18.98
CA THR C 94 35.29 -43.42 -19.37
C THR C 94 34.63 -42.20 -20.03
N TRP C 95 33.56 -42.43 -20.78
CA TRP C 95 32.75 -41.35 -21.34
C TRP C 95 32.02 -40.58 -20.25
N ASP C 96 31.50 -41.31 -19.27
CA ASP C 96 30.84 -40.69 -18.12
C ASP C 96 31.71 -39.63 -17.44
N ALA C 97 32.99 -39.98 -17.24
CA ALA C 97 33.89 -39.08 -16.50
C ALA C 97 34.10 -37.75 -17.23
N VAL C 98 33.92 -37.78 -18.54
CA VAL C 98 34.10 -36.61 -19.38
C VAL C 98 32.74 -36.13 -19.80
N ARG C 99 31.85 -36.04 -18.82
CA ARG C 99 30.53 -35.51 -19.04
C ARG C 99 30.33 -34.40 -18.03
N TYR C 100 30.13 -33.18 -18.48
CA TYR C 100 29.89 -32.09 -17.56
C TYR C 100 28.58 -31.48 -18.03
N ASN C 101 27.56 -31.48 -17.16
CA ASN C 101 26.24 -30.98 -17.56
C ASN C 101 25.72 -31.60 -18.86
N GLY C 102 25.81 -32.92 -19.01
CA GLY C 102 25.21 -33.56 -20.16
C GLY C 102 26.03 -33.54 -21.44
N LYS C 103 27.14 -32.80 -21.44
CA LYS C 103 27.96 -32.68 -22.64
C LYS C 103 29.32 -33.35 -22.53
N LEU C 104 29.81 -33.85 -23.66
CA LEU C 104 31.16 -34.41 -23.73
C LEU C 104 32.16 -33.29 -23.96
N ILE C 105 33.15 -33.20 -23.08
CA ILE C 105 34.11 -32.09 -23.14
C ILE C 105 35.55 -32.58 -23.33
N ALA C 106 35.73 -33.89 -23.51
CA ALA C 106 37.06 -34.45 -23.74
C ALA C 106 37.00 -35.93 -24.14
N TYR C 107 38.04 -36.38 -24.83
CA TYR C 107 38.20 -37.80 -25.16
C TYR C 107 38.96 -38.53 -24.06
N PRO C 108 38.34 -39.57 -23.47
CA PRO C 108 39.08 -40.37 -22.47
C PRO C 108 40.25 -41.13 -23.09
N ILE C 109 41.38 -41.13 -22.40
CA ILE C 109 42.59 -41.78 -22.86
C ILE C 109 42.87 -43.05 -22.03
N ALA C 110 42.97 -42.90 -20.72
CA ALA C 110 43.29 -44.04 -19.86
C ALA C 110 42.73 -43.87 -18.45
N VAL C 111 42.59 -44.99 -17.74
CA VAL C 111 41.92 -45.02 -16.44
C VAL C 111 42.87 -45.34 -15.28
N GLU C 112 43.05 -44.39 -14.37
CA GLU C 112 43.79 -44.66 -13.14
C GLU C 112 42.77 -44.88 -12.03
N ALA C 113 42.90 -46.00 -11.34
CA ALA C 113 42.05 -46.37 -10.20
C ALA C 113 42.85 -47.11 -9.14
N LEU C 114 42.50 -46.97 -7.86
CA LEU C 114 43.21 -47.71 -6.83
C LEU C 114 42.92 -49.19 -6.98
N SER C 115 43.95 -50.00 -6.73
CA SER C 115 43.80 -51.45 -6.75
C SER C 115 44.39 -52.01 -5.47
N LEU C 116 44.10 -53.29 -5.19
CA LEU C 116 44.68 -53.95 -4.03
C LEU C 116 46.02 -54.57 -4.41
N ILE C 117 47.11 -54.10 -3.79
CA ILE C 117 48.43 -54.64 -4.08
C ILE C 117 48.83 -55.57 -2.93
N TYR C 118 49.20 -56.80 -3.25
CA TYR C 118 49.55 -57.79 -2.23
C TYR C 118 50.88 -58.47 -2.51
N ASN C 119 51.58 -58.86 -1.45
CA ASN C 119 52.86 -59.56 -1.59
C ASN C 119 52.65 -61.06 -1.77
N LYS C 120 52.94 -61.55 -2.97
CA LYS C 120 52.67 -62.94 -3.33
C LYS C 120 53.39 -63.92 -2.39
N ASP C 121 54.52 -63.48 -1.86
CA ASP C 121 55.31 -64.31 -0.95
C ASP C 121 54.61 -64.62 0.38
N LEU C 122 54.03 -63.61 1.04
CA LEU C 122 53.35 -63.83 2.31
C LEU C 122 51.98 -64.48 2.08
N LEU C 123 51.42 -64.25 0.89
CA LEU C 123 50.04 -64.63 0.56
C LEU C 123 49.76 -65.05 -0.89
N PRO C 124 49.95 -66.34 -1.22
CA PRO C 124 49.70 -66.83 -2.59
C PRO C 124 48.28 -66.50 -3.09
N ASN C 125 47.28 -66.56 -2.22
CA ASN C 125 45.88 -66.24 -2.56
C ASN C 125 45.25 -65.04 -1.82
N PRO C 126 45.17 -63.87 -2.47
CA PRO C 126 44.61 -62.62 -1.87
C PRO C 126 43.13 -62.70 -1.49
N PRO C 127 42.70 -61.93 -0.47
CA PRO C 127 41.29 -61.96 -0.07
C PRO C 127 40.33 -61.36 -1.10
N LYS C 128 39.17 -62.00 -1.29
CA LYS C 128 38.16 -61.48 -2.21
C LYS C 128 37.13 -60.59 -1.52
N THR C 129 37.13 -60.58 -0.20
CA THR C 129 36.18 -59.80 0.60
C THR C 129 36.84 -59.17 1.82
N TRP C 130 36.31 -58.05 2.30
CA TRP C 130 36.86 -57.39 3.48
C TRP C 130 36.72 -58.27 4.70
N GLU C 131 35.64 -59.04 4.73
CA GLU C 131 35.31 -59.85 5.89
C GLU C 131 36.39 -60.87 6.24
N GLU C 132 37.21 -61.25 5.27
CA GLU C 132 38.29 -62.18 5.55
C GLU C 132 39.38 -61.50 6.37
N ILE C 133 39.54 -60.19 6.22
CA ILE C 133 40.72 -59.49 6.75
C ILE C 133 40.91 -59.61 8.27
N PRO C 134 39.82 -59.51 9.04
CA PRO C 134 39.97 -59.67 10.49
C PRO C 134 40.61 -61.01 10.88
N ALA C 135 40.10 -62.13 10.34
CA ALA C 135 40.70 -63.45 10.59
C ALA C 135 42.13 -63.61 10.07
N LEU C 136 42.37 -63.12 8.85
CA LEU C 136 43.68 -63.23 8.20
C LEU C 136 44.78 -62.46 8.93
N ASP C 137 44.43 -61.31 9.46
CA ASP C 137 45.39 -60.48 10.17
C ASP C 137 45.89 -61.20 11.44
N LYS C 138 44.99 -61.91 12.11
CA LYS C 138 45.33 -62.64 13.33
C LYS C 138 46.39 -63.69 13.03
N GLU C 139 46.23 -64.36 11.90
CA GLU C 139 47.19 -65.35 11.45
C GLU C 139 48.56 -64.75 11.18
N LEU C 140 48.59 -63.67 10.40
CA LEU C 140 49.85 -63.05 10.03
C LEU C 140 50.53 -62.47 11.28
N LYS C 141 49.74 -62.00 12.24
CA LYS C 141 50.26 -61.46 13.51
C LYS C 141 51.05 -62.40 14.45
N ALA C 142 50.70 -63.69 14.51
CA ALA C 142 51.44 -64.63 15.37
C ALA C 142 52.90 -64.72 14.91
N LYS C 143 53.13 -64.41 13.65
CA LYS C 143 54.48 -64.24 13.10
C LYS C 143 54.86 -62.76 13.12
N GLY C 144 53.93 -61.90 13.54
CA GLY C 144 54.16 -60.47 13.68
C GLY C 144 53.96 -59.62 12.44
N LYS C 145 53.46 -60.22 11.36
CA LYS C 145 53.13 -59.48 10.14
C LYS C 145 51.76 -58.81 10.28
N SER C 146 51.46 -57.85 9.39
CA SER C 146 50.14 -57.21 9.37
C SER C 146 49.43 -57.50 8.05
N ALA C 147 48.10 -57.41 8.05
CA ALA C 147 47.32 -57.77 6.86
C ALA C 147 47.26 -56.68 5.79
N LEU C 148 46.91 -55.46 6.19
CA LEU C 148 46.63 -54.40 5.23
C LEU C 148 47.09 -53.07 5.81
N MET C 149 47.76 -52.26 5.01
CA MET C 149 48.14 -50.93 5.46
C MET C 149 48.08 -49.94 4.28
N PHE C 150 47.34 -48.86 4.49
CA PHE C 150 47.21 -47.79 3.50
C PHE C 150 46.94 -46.42 4.15
N ASN C 151 47.00 -45.36 3.34
CA ASN C 151 46.86 -43.99 3.83
C ASN C 151 45.46 -43.71 4.40
N LEU C 152 45.39 -43.47 5.71
CA LEU C 152 44.12 -43.17 6.36
C LEU C 152 43.93 -41.66 6.61
N GLN C 153 44.84 -40.84 6.08
CA GLN C 153 44.78 -39.40 6.27
C GLN C 153 44.10 -38.69 5.09
N GLU C 154 43.99 -39.39 3.95
CA GLU C 154 43.35 -38.83 2.77
C GLU C 154 42.12 -39.67 2.38
N PRO C 155 40.93 -39.04 2.32
CA PRO C 155 39.70 -39.81 2.07
C PRO C 155 39.67 -40.51 0.73
N TYR C 156 40.55 -40.13 -0.17
CA TYR C 156 40.60 -40.72 -1.50
C TYR C 156 40.78 -42.22 -1.34
N PHE C 157 41.54 -42.60 -0.31
CA PHE C 157 41.91 -44.00 -0.09
C PHE C 157 40.91 -44.78 0.77
N THR C 158 40.11 -44.08 1.58
CA THR C 158 39.12 -44.74 2.45
C THR C 158 37.69 -44.67 1.87
N TRP C 159 37.52 -43.91 0.79
CA TRP C 159 36.21 -43.77 0.16
C TRP C 159 35.70 -45.09 -0.45
N PRO C 160 36.61 -45.94 -0.96
CA PRO C 160 36.16 -47.21 -1.52
C PRO C 160 35.33 -48.07 -0.57
N LEU C 161 35.73 -48.15 0.70
CA LEU C 161 35.01 -48.94 1.69
C LEU C 161 33.70 -48.28 2.16
N ILE C 162 33.73 -46.95 2.32
CA ILE C 162 32.56 -46.20 2.75
C ILE C 162 31.48 -46.20 1.67
N ALA C 163 31.93 -46.24 0.40
CA ALA C 163 31.02 -46.17 -0.74
C ALA C 163 30.55 -47.57 -1.14
N ALA C 164 31.33 -48.57 -0.73
CA ALA C 164 31.11 -49.97 -1.06
C ALA C 164 29.65 -50.36 -0.88
N ASP C 165 29.02 -49.91 0.21
CA ASP C 165 27.68 -50.36 0.58
C ASP C 165 26.52 -49.38 0.27
N GLY C 166 26.78 -48.35 -0.52
CA GLY C 166 25.72 -47.48 -0.98
C GLY C 166 26.03 -45.99 -0.86
N GLY C 167 27.18 -45.68 -0.27
CA GLY C 167 27.63 -44.31 -0.13
C GLY C 167 27.98 -43.63 -1.45
N TYR C 168 27.71 -42.34 -1.57
CA TYR C 168 28.10 -41.58 -2.77
C TYR C 168 28.30 -40.09 -2.45
N ALA C 169 29.03 -39.39 -3.32
CA ALA C 169 29.27 -37.97 -3.11
C ALA C 169 28.13 -37.22 -3.77
N PHE C 170 27.96 -37.42 -5.07
CA PHE C 170 26.80 -36.88 -5.79
C PHE C 170 26.26 -37.87 -6.76
N LYS C 171 24.93 -37.88 -6.75
CA LYS C 171 24.15 -38.75 -7.57
C LYS C 171 23.79 -38.09 -8.91
N TYR C 172 23.92 -38.83 -10.01
CA TYR C 172 23.59 -38.29 -11.34
C TYR C 172 22.15 -38.65 -11.65
N GLU C 173 21.30 -37.63 -11.61
CA GLU C 173 19.87 -37.75 -11.88
C GLU C 173 19.40 -36.63 -12.81
N ASN C 174 18.50 -36.99 -13.73
CA ASN C 174 17.92 -36.08 -14.69
C ASN C 174 18.99 -35.31 -15.47
N GLY C 175 20.09 -36.00 -15.78
CA GLY C 175 21.11 -35.53 -16.70
C GLY C 175 22.21 -34.68 -16.08
N LYS C 176 22.01 -34.31 -14.81
CA LYS C 176 22.93 -33.44 -14.09
C LYS C 176 23.08 -33.87 -12.62
N TYR C 177 24.15 -33.40 -11.98
CA TYR C 177 24.39 -33.65 -10.56
C TYR C 177 23.61 -32.70 -9.69
N ASP C 178 22.91 -33.29 -8.72
CA ASP C 178 22.08 -32.60 -7.75
C ASP C 178 22.87 -32.27 -6.51
N ILE C 179 23.27 -31.00 -6.40
CA ILE C 179 24.20 -30.55 -5.37
C ILE C 179 23.73 -30.60 -3.92
N LYS C 180 22.41 -30.64 -3.70
CA LYS C 180 21.83 -30.78 -2.37
C LYS C 180 21.69 -32.23 -1.91
N ASP C 181 21.79 -33.16 -2.87
CA ASP C 181 21.63 -34.61 -2.59
C ASP C 181 22.98 -35.32 -2.51
N VAL C 182 23.47 -35.35 -1.27
CA VAL C 182 24.72 -35.96 -0.92
C VAL C 182 24.35 -37.30 -0.23
N GLY C 183 25.21 -38.30 -0.38
CA GLY C 183 24.92 -39.62 0.14
C GLY C 183 26.01 -40.14 1.03
N VAL C 184 26.50 -39.25 1.88
CA VAL C 184 27.51 -39.58 2.87
C VAL C 184 26.85 -39.82 4.23
N ASP C 185 25.53 -39.69 4.32
CA ASP C 185 24.86 -39.81 5.60
C ASP C 185 24.03 -41.09 5.68
N ASN C 186 23.93 -41.80 4.56
CA ASN C 186 23.05 -42.97 4.48
C ASN C 186 23.65 -44.23 5.11
N ALA C 187 22.81 -45.25 5.24
CA ALA C 187 23.18 -46.48 5.94
C ALA C 187 24.46 -47.12 5.41
N GLY C 188 24.65 -47.05 4.09
CA GLY C 188 25.84 -47.61 3.46
C GLY C 188 27.10 -46.93 3.93
N ALA C 189 27.11 -45.59 3.87
CA ALA C 189 28.28 -44.84 4.33
C ALA C 189 28.60 -45.21 5.77
N LYS C 190 27.56 -45.30 6.59
CA LYS C 190 27.74 -45.66 8.00
C LYS C 190 28.26 -47.09 8.15
N ALA C 191 27.79 -48.01 7.30
CA ALA C 191 28.21 -49.39 7.41
C ALA C 191 29.70 -49.46 7.11
N GLY C 192 30.08 -48.81 6.02
CA GLY C 192 31.47 -48.78 5.59
C GLY C 192 32.37 -48.12 6.64
N LEU C 193 32.01 -46.91 7.04
CA LEU C 193 32.84 -46.17 8.00
C LEU C 193 32.87 -46.89 9.34
N THR C 194 31.77 -47.55 9.70
CA THR C 194 31.73 -48.28 10.96
C THR C 194 32.71 -49.45 10.86
N PHE C 195 32.75 -50.08 9.69
CA PHE C 195 33.64 -51.21 9.48
C PHE C 195 35.10 -50.75 9.54
N LEU C 196 35.38 -49.61 8.90
CA LEU C 196 36.71 -49.05 8.98
C LEU C 196 37.06 -48.80 10.46
N VAL C 197 36.12 -48.20 11.19
CA VAL C 197 36.37 -47.89 12.60
C VAL C 197 36.57 -49.19 13.39
N ASP C 198 35.86 -50.24 13.01
CA ASP C 198 35.99 -51.52 13.71
C ASP C 198 37.33 -52.20 13.43
N LEU C 199 37.80 -52.09 12.18
CA LEU C 199 39.11 -52.60 11.80
C LEU C 199 40.22 -51.94 12.63
N ILE C 200 40.09 -50.63 12.80
CA ILE C 200 41.03 -49.84 13.60
C ILE C 200 40.98 -50.15 15.10
N LYS C 201 39.77 -50.36 15.63
CA LYS C 201 39.62 -50.65 17.06
C LYS C 201 40.33 -51.94 17.47
N ASN C 202 40.24 -52.98 16.65
CA ASN C 202 40.84 -54.27 17.00
C ASN C 202 42.33 -54.36 16.69
N LYS C 203 42.96 -53.22 16.38
CA LYS C 203 44.42 -53.13 16.27
C LYS C 203 44.98 -53.99 15.13
N HIS C 204 44.23 -54.09 14.04
CA HIS C 204 44.72 -54.68 12.81
C HIS C 204 45.32 -53.59 11.91
N MET C 205 45.00 -52.35 12.25
CA MET C 205 45.49 -51.19 11.54
C MET C 205 45.66 -50.09 12.59
N ASN C 206 46.32 -49.02 12.22
CA ASN C 206 46.66 -47.96 13.14
C ASN C 206 46.22 -46.61 12.56
N ALA C 207 45.44 -45.87 13.35
CA ALA C 207 44.80 -44.64 12.88
C ALA C 207 45.82 -43.58 12.45
N ASP C 208 46.98 -43.60 13.09
CA ASP C 208 48.03 -42.65 12.78
C ASP C 208 48.60 -42.91 11.38
N THR C 209 48.41 -44.13 10.89
CA THR C 209 49.06 -44.57 9.65
C THR C 209 48.79 -43.61 8.51
N ASP C 210 49.86 -43.21 7.83
CA ASP C 210 49.73 -42.28 6.72
C ASP C 210 50.30 -42.94 5.46
N TYR C 211 50.36 -42.19 4.37
CA TYR C 211 50.78 -42.74 3.08
C TYR C 211 52.22 -43.33 3.06
N SER C 212 53.20 -42.53 3.50
CA SER C 212 54.60 -42.95 3.45
C SER C 212 54.91 -44.14 4.38
N ILE C 213 54.26 -44.16 5.54
CA ILE C 213 54.43 -45.25 6.50
C ILE C 213 53.96 -46.58 5.91
N ALA C 214 52.80 -46.55 5.27
CA ALA C 214 52.24 -47.75 4.67
C ALA C 214 53.12 -48.22 3.52
N GLU C 215 53.57 -47.26 2.70
CA GLU C 215 54.42 -47.57 1.55
C GLU C 215 55.73 -48.20 1.98
N ALA C 216 56.31 -47.66 3.05
CA ALA C 216 57.56 -48.18 3.58
C ALA C 216 57.29 -49.59 4.10
N ALA C 217 56.17 -49.73 4.80
CA ALA C 217 55.78 -50.99 5.40
C ALA C 217 55.68 -52.05 4.33
N PHE C 218 54.98 -51.73 3.24
CA PHE C 218 54.77 -52.69 2.17
C PHE C 218 56.06 -52.97 1.41
N ASN C 219 56.90 -51.95 1.23
CA ASN C 219 58.16 -52.13 0.50
C ASN C 219 59.19 -52.90 1.32
N LYS C 220 59.03 -52.86 2.64
CA LYS C 220 59.90 -53.57 3.57
C LYS C 220 59.46 -55.00 3.86
N GLY C 221 58.27 -55.36 3.39
CA GLY C 221 57.73 -56.69 3.60
C GLY C 221 57.07 -56.86 4.96
N GLU C 222 56.67 -55.74 5.57
CA GLU C 222 56.08 -55.77 6.91
C GLU C 222 54.58 -56.05 6.84
N THR C 223 53.95 -55.65 5.74
CA THR C 223 52.53 -55.89 5.56
C THR C 223 52.25 -56.68 4.30
N ALA C 224 51.18 -57.47 4.33
CA ALA C 224 50.87 -58.39 3.24
C ALA C 224 50.20 -57.69 2.08
N MET C 225 49.45 -56.62 2.37
CA MET C 225 48.69 -55.92 1.34
C MET C 225 48.72 -54.41 1.51
N THR C 226 48.35 -53.71 0.45
CA THR C 226 48.17 -52.26 0.48
C THR C 226 47.18 -51.89 -0.62
N ILE C 227 46.76 -50.63 -0.63
CA ILE C 227 45.85 -50.10 -1.64
C ILE C 227 46.43 -48.82 -2.22
N ASN C 228 46.58 -48.79 -3.53
CA ASN C 228 47.26 -47.69 -4.21
C ASN C 228 47.04 -47.67 -5.70
N GLY C 229 47.43 -46.55 -6.31
CA GLY C 229 47.35 -46.38 -7.74
C GLY C 229 48.67 -46.72 -8.40
N PRO C 230 48.69 -46.71 -9.73
CA PRO C 230 49.88 -47.13 -10.50
C PRO C 230 51.16 -46.38 -10.15
N TRP C 231 51.05 -45.09 -9.86
CA TRP C 231 52.21 -44.26 -9.58
C TRP C 231 53.16 -44.91 -8.57
N ALA C 232 52.61 -45.67 -7.63
CA ALA C 232 53.40 -46.31 -6.58
C ALA C 232 54.30 -47.44 -7.12
N TRP C 233 53.80 -48.15 -8.13
CA TRP C 233 54.45 -49.35 -8.68
C TRP C 233 55.95 -49.19 -8.89
N SER C 234 56.33 -48.06 -9.48
CA SER C 234 57.74 -47.74 -9.72
C SER C 234 58.59 -48.06 -8.49
N ASN C 235 58.17 -47.51 -7.36
CA ASN C 235 58.93 -47.67 -6.11
C ASN C 235 58.99 -49.10 -5.58
N ILE C 236 57.97 -49.91 -5.90
CA ILE C 236 57.93 -51.30 -5.43
C ILE C 236 58.90 -52.15 -6.24
N ASP C 237 59.14 -51.73 -7.49
CA ASP C 237 60.08 -52.43 -8.38
C ASP C 237 61.50 -52.34 -7.82
N THR C 238 61.83 -51.18 -7.22
CA THR C 238 63.17 -50.95 -6.70
C THR C 238 63.42 -51.83 -5.48
N SER C 239 62.38 -52.10 -4.70
CA SER C 239 62.51 -52.95 -3.50
C SER C 239 62.64 -54.46 -3.81
N LYS C 240 62.42 -54.88 -5.06
CA LYS C 240 62.51 -56.30 -5.46
C LYS C 240 61.51 -57.18 -4.70
N VAL C 241 60.46 -56.58 -4.12
CA VAL C 241 59.42 -57.37 -3.48
C VAL C 241 58.62 -58.02 -4.61
N ASN C 242 58.31 -59.31 -4.46
CA ASN C 242 57.48 -59.99 -5.45
C ASN C 242 56.02 -59.74 -5.16
N TYR C 243 55.41 -58.82 -5.91
CA TYR C 243 54.07 -58.33 -5.59
C TYR C 243 53.07 -58.50 -6.72
N GLY C 244 51.79 -58.55 -6.35
CA GLY C 244 50.71 -58.59 -7.31
C GLY C 244 49.64 -57.57 -7.00
N VAL C 245 49.00 -57.06 -8.04
CA VAL C 245 47.91 -56.11 -7.93
C VAL C 245 46.60 -56.74 -8.38
N THR C 246 45.55 -56.65 -7.58
CA THR C 246 44.30 -57.33 -7.89
C THR C 246 43.08 -56.53 -7.42
N VAL C 247 41.90 -57.01 -7.82
CA VAL C 247 40.65 -56.32 -7.51
C VAL C 247 40.42 -56.21 -6.01
N LEU C 248 39.88 -55.06 -5.61
CA LEU C 248 39.55 -54.79 -4.22
C LEU C 248 38.42 -55.72 -3.76
N PRO C 249 38.37 -55.99 -2.44
CA PRO C 249 37.34 -56.84 -1.84
C PRO C 249 35.93 -56.23 -1.78
N THR C 250 34.91 -57.07 -1.93
CA THR C 250 33.50 -56.67 -1.79
C THR C 250 33.07 -56.60 -0.32
N PHE C 251 32.08 -55.75 -0.03
CA PHE C 251 31.53 -55.63 1.32
C PHE C 251 30.01 -55.87 1.28
N LYS C 252 29.50 -56.85 2.03
CA LYS C 252 28.07 -57.17 2.05
C LYS C 252 27.50 -57.55 0.67
N GLY C 253 28.33 -58.17 -0.16
CA GLY C 253 27.89 -58.67 -1.45
C GLY C 253 27.95 -57.64 -2.56
N GLN C 254 28.20 -56.38 -2.22
CA GLN C 254 28.25 -55.31 -3.20
C GLN C 254 29.70 -54.90 -3.39
N PRO C 255 30.07 -54.54 -4.63
CA PRO C 255 31.46 -54.21 -4.87
C PRO C 255 31.92 -52.95 -4.16
N SER C 256 33.22 -52.90 -3.87
CA SER C 256 33.84 -51.71 -3.32
C SER C 256 33.89 -50.66 -4.41
N LYS C 257 33.74 -49.39 -4.01
CA LYS C 257 33.63 -48.30 -4.97
C LYS C 257 34.76 -47.26 -4.88
N PRO C 258 35.94 -47.59 -5.45
CA PRO C 258 37.09 -46.69 -5.46
C PRO C 258 36.85 -45.43 -6.28
N PHE C 259 37.36 -44.31 -5.78
CA PHE C 259 37.25 -43.06 -6.52
C PHE C 259 38.12 -43.21 -7.75
N VAL C 260 37.54 -42.96 -8.92
CA VAL C 260 38.28 -43.07 -10.18
C VAL C 260 38.77 -41.69 -10.57
N GLY C 261 40.08 -41.57 -10.82
CA GLY C 261 40.70 -40.32 -11.19
C GLY C 261 40.66 -39.93 -12.65
N VAL C 262 40.93 -40.86 -13.57
CA VAL C 262 40.74 -40.66 -15.01
C VAL C 262 41.86 -39.84 -15.69
N LEU C 263 41.86 -39.88 -17.02
CA LEU C 263 42.69 -39.02 -17.85
C LEU C 263 41.92 -38.55 -19.09
N SER C 264 41.81 -37.23 -19.29
CA SER C 264 40.99 -36.70 -20.40
C SER C 264 41.69 -35.64 -21.25
N ALA C 265 41.28 -35.55 -22.52
CA ALA C 265 41.85 -34.59 -23.48
C ALA C 265 40.80 -33.64 -24.06
N GLY C 266 40.97 -32.33 -23.85
CA GLY C 266 40.00 -31.36 -24.30
C GLY C 266 40.53 -30.40 -25.35
N ILE C 267 39.62 -29.83 -26.15
CA ILE C 267 39.98 -28.95 -27.24
C ILE C 267 39.63 -27.51 -26.84
N ASN C 268 40.60 -26.61 -26.93
CA ASN C 268 40.39 -25.22 -26.57
C ASN C 268 39.28 -24.57 -27.38
N ALA C 269 38.39 -23.87 -26.69
CA ALA C 269 37.26 -23.22 -27.35
C ALA C 269 37.67 -22.09 -28.29
N ALA C 270 38.90 -21.60 -28.16
CA ALA C 270 39.38 -20.52 -29.01
C ALA C 270 40.17 -21.07 -30.21
N SER C 271 40.30 -22.38 -30.27
CA SER C 271 41.01 -23.03 -31.37
C SER C 271 40.19 -22.95 -32.65
N PRO C 272 40.79 -22.44 -33.74
CA PRO C 272 40.19 -22.51 -35.09
C PRO C 272 40.40 -23.86 -35.79
N ASN C 273 40.99 -24.82 -35.09
CA ASN C 273 41.45 -26.09 -35.66
C ASN C 273 40.74 -27.30 -35.06
N LYS C 274 39.47 -27.10 -34.69
CA LYS C 274 38.67 -28.12 -34.01
C LYS C 274 38.62 -29.40 -34.85
N GLU C 275 38.44 -29.19 -36.15
CA GLU C 275 38.33 -30.30 -37.09
C GLU C 275 39.60 -31.14 -37.19
N LEU C 276 40.74 -30.45 -37.21
CA LEU C 276 42.03 -31.13 -37.20
C LEU C 276 42.20 -31.92 -35.90
N ALA C 277 41.83 -31.27 -34.80
CA ALA C 277 41.91 -31.88 -33.48
C ALA C 277 41.06 -33.15 -33.42
N LYS C 278 39.88 -33.08 -34.03
CA LYS C 278 38.98 -34.22 -34.02
C LYS C 278 39.61 -35.37 -34.81
N GLU C 279 40.18 -35.05 -35.96
CA GLU C 279 40.83 -36.05 -36.80
C GLU C 279 41.99 -36.73 -36.07
N PHE C 280 42.81 -35.91 -35.42
CA PHE C 280 44.00 -36.41 -34.74
C PHE C 280 43.62 -37.33 -33.60
N LEU C 281 42.74 -36.84 -32.73
CA LEU C 281 42.34 -37.58 -31.55
C LEU C 281 41.60 -38.86 -31.94
N GLU C 282 40.72 -38.75 -32.94
CA GLU C 282 39.84 -39.86 -33.29
C GLU C 282 40.46 -40.95 -34.16
N ASN C 283 41.29 -40.56 -35.13
CA ASN C 283 41.80 -41.54 -36.09
C ASN C 283 43.26 -41.95 -35.96
N TYR C 284 43.99 -41.34 -35.02
CA TYR C 284 45.41 -41.69 -34.90
C TYR C 284 45.74 -42.08 -33.48
N LEU C 285 45.41 -41.19 -32.56
CA LEU C 285 45.65 -41.42 -31.14
C LEU C 285 44.74 -42.52 -30.61
N LEU C 286 43.42 -42.37 -30.78
CA LEU C 286 42.50 -43.40 -30.27
C LEU C 286 42.45 -44.59 -31.23
N THR C 287 43.62 -45.20 -31.46
CA THR C 287 43.77 -46.44 -32.23
C THR C 287 44.83 -47.29 -31.54
N ASP C 288 44.90 -48.58 -31.85
CA ASP C 288 45.90 -49.47 -31.24
C ASP C 288 47.32 -48.91 -31.36
N GLU C 289 47.65 -48.38 -32.54
CA GLU C 289 49.00 -47.88 -32.83
C GLU C 289 49.34 -46.62 -32.06
N GLY C 290 48.40 -45.66 -32.05
CA GLY C 290 48.60 -44.40 -31.37
C GLY C 290 48.77 -44.63 -29.88
N LEU C 291 47.80 -45.33 -29.30
CA LEU C 291 47.87 -45.68 -27.89
C LEU C 291 49.18 -46.40 -27.61
N GLU C 292 49.54 -47.34 -28.47
CA GLU C 292 50.80 -48.09 -28.28
C GLU C 292 52.03 -47.20 -28.27
N ALA C 293 52.08 -46.24 -29.20
CA ALA C 293 53.21 -45.33 -29.26
C ALA C 293 53.37 -44.61 -27.93
N VAL C 294 52.27 -44.03 -27.47
CA VAL C 294 52.28 -43.30 -26.20
C VAL C 294 52.60 -44.28 -25.05
N ASN C 295 52.06 -45.49 -25.13
CA ASN C 295 52.13 -46.45 -24.02
C ASN C 295 53.52 -47.05 -23.81
N LYS C 296 54.25 -47.19 -24.91
CA LYS C 296 55.64 -47.65 -24.84
C LYS C 296 56.53 -46.67 -24.09
N ASP C 297 56.38 -45.39 -24.42
CA ASP C 297 57.12 -44.33 -23.76
C ASP C 297 56.83 -44.33 -22.26
N LYS C 298 55.57 -44.12 -21.89
CA LYS C 298 55.18 -44.14 -20.49
C LYS C 298 53.84 -44.84 -20.40
N PRO C 299 53.80 -45.97 -19.67
CA PRO C 299 52.53 -46.69 -19.59
C PRO C 299 51.44 -45.75 -19.12
N LEU C 300 50.33 -45.80 -19.83
CA LEU C 300 49.19 -44.97 -19.54
C LEU C 300 48.45 -45.61 -18.40
N GLY C 301 48.80 -46.86 -18.10
CA GLY C 301 48.03 -47.59 -17.14
C GLY C 301 47.04 -48.42 -17.90
N ALA C 302 45.78 -48.10 -17.72
CA ALA C 302 44.71 -48.83 -18.37
C ALA C 302 44.05 -48.00 -19.46
N VAL C 303 44.28 -48.32 -20.74
CA VAL C 303 43.70 -47.45 -21.78
C VAL C 303 42.18 -47.62 -21.83
N ALA C 304 41.50 -46.66 -22.45
CA ALA C 304 40.04 -46.64 -22.50
C ALA C 304 39.51 -47.26 -23.79
N LEU C 305 40.42 -47.65 -24.68
CA LEU C 305 40.03 -48.29 -25.94
C LEU C 305 39.98 -49.79 -25.73
N LYS C 306 38.77 -50.32 -25.80
CA LYS C 306 38.51 -51.73 -25.52
C LYS C 306 39.48 -52.67 -26.24
N SER C 307 39.65 -52.45 -27.54
CA SER C 307 40.49 -53.32 -28.34
C SER C 307 41.90 -53.40 -27.77
N TYR C 308 42.50 -52.25 -27.48
CA TYR C 308 43.86 -52.22 -26.95
C TYR C 308 43.97 -52.57 -25.44
N GLU C 309 42.94 -52.22 -24.67
CA GLU C 309 42.95 -52.47 -23.24
C GLU C 309 42.94 -53.97 -22.97
N GLU C 310 42.07 -54.70 -23.67
CA GLU C 310 42.00 -56.16 -23.48
C GLU C 310 43.32 -56.85 -23.83
N GLU C 311 44.05 -56.26 -24.77
CA GLU C 311 45.38 -56.73 -25.13
C GLU C 311 46.37 -56.46 -24.01
N LEU C 312 46.24 -55.29 -23.38
CA LEU C 312 47.11 -54.95 -22.24
C LEU C 312 46.60 -55.52 -20.92
N ALA C 313 45.55 -56.33 -21.00
CA ALA C 313 44.92 -56.94 -19.84
C ALA C 313 45.73 -58.10 -19.26
N LYS C 314 46.76 -58.55 -19.95
CA LYS C 314 47.54 -59.67 -19.43
C LYS C 314 48.18 -59.23 -18.13
N ASP C 315 48.63 -57.98 -18.06
CA ASP C 315 49.17 -57.46 -16.81
C ASP C 315 48.06 -57.57 -15.78
N PRO C 316 48.24 -58.38 -14.73
CA PRO C 316 47.14 -58.48 -13.76
C PRO C 316 46.84 -57.11 -13.15
N ARG C 317 47.87 -56.26 -13.15
CA ARG C 317 47.77 -54.91 -12.63
C ARG C 317 46.79 -54.01 -13.39
N ILE C 318 46.92 -54.01 -14.71
CA ILE C 318 46.07 -53.18 -15.55
C ILE C 318 44.63 -53.68 -15.38
N ALA C 319 44.50 -55.00 -15.29
CA ALA C 319 43.21 -55.62 -15.11
C ALA C 319 42.59 -55.13 -13.82
N ALA C 320 43.34 -55.16 -12.73
CA ALA C 320 42.81 -54.71 -11.43
C ALA C 320 42.41 -53.24 -11.41
N THR C 321 43.20 -52.38 -12.04
CA THR C 321 42.82 -50.96 -12.09
C THR C 321 41.49 -50.87 -12.81
N MET C 322 41.38 -51.60 -13.92
CA MET C 322 40.16 -51.54 -14.74
C MET C 322 38.96 -52.22 -14.12
N GLU C 323 39.23 -53.30 -13.40
CA GLU C 323 38.15 -54.00 -12.75
C GLU C 323 37.62 -53.09 -11.63
N ASN C 324 38.53 -52.59 -10.79
CA ASN C 324 38.16 -51.62 -9.77
C ASN C 324 37.55 -50.31 -10.28
N ALA C 325 38.09 -49.79 -11.38
CA ALA C 325 37.61 -48.54 -11.95
C ALA C 325 36.14 -48.64 -12.32
N GLN C 326 35.77 -49.78 -12.90
CA GLN C 326 34.37 -49.97 -13.28
C GLN C 326 33.55 -50.04 -12.00
N LYS C 327 34.06 -50.81 -11.04
CA LYS C 327 33.37 -51.00 -9.76
C LYS C 327 33.32 -49.72 -8.93
N GLY C 328 34.23 -48.80 -9.19
CA GLY C 328 34.27 -47.53 -8.48
C GLY C 328 33.56 -46.33 -9.08
N GLU C 329 33.21 -45.41 -8.21
CA GLU C 329 32.49 -44.23 -8.63
C GLU C 329 33.49 -43.33 -9.30
N ILE C 330 32.99 -42.52 -10.21
CA ILE C 330 33.76 -41.48 -10.89
C ILE C 330 33.71 -40.19 -10.10
N MET C 331 34.83 -39.50 -9.90
CA MET C 331 34.79 -38.29 -9.07
C MET C 331 33.86 -37.27 -9.70
N PRO C 332 33.10 -36.55 -8.85
CA PRO C 332 32.33 -35.40 -9.34
C PRO C 332 33.24 -34.28 -9.81
N ASN C 333 32.75 -33.41 -10.69
CA ASN C 333 33.52 -32.25 -11.13
C ASN C 333 33.07 -30.89 -10.54
N ILE C 334 32.03 -30.88 -9.69
CA ILE C 334 31.42 -29.62 -9.17
C ILE C 334 32.45 -28.75 -8.41
N PRO C 335 32.22 -27.43 -8.27
CA PRO C 335 33.17 -26.52 -7.61
C PRO C 335 33.34 -26.84 -6.13
N GLN C 336 32.25 -27.42 -5.66
CA GLN C 336 31.98 -27.82 -4.29
C GLN C 336 32.85 -28.92 -3.71
N MET C 337 33.53 -29.63 -4.62
CA MET C 337 34.40 -30.74 -4.26
C MET C 337 35.29 -30.43 -3.04
N SER C 338 35.87 -29.25 -3.01
CA SER C 338 36.76 -28.90 -1.91
C SER C 338 36.06 -29.05 -0.56
N ALA C 339 34.78 -28.71 -0.47
CA ALA C 339 34.08 -28.86 0.81
C ALA C 339 34.00 -30.32 1.17
N PHE C 340 33.64 -31.13 0.18
CA PHE C 340 33.60 -32.59 0.34
C PHE C 340 34.92 -33.13 0.84
N TRP C 341 36.01 -32.82 0.13
CA TRP C 341 37.31 -33.33 0.56
C TRP C 341 37.65 -32.88 1.98
N TYR C 342 37.40 -31.60 2.29
CA TYR C 342 37.71 -31.09 3.62
C TYR C 342 36.85 -31.72 4.68
N ALA C 343 35.54 -31.79 4.40
CA ALA C 343 34.57 -32.39 5.31
C ALA C 343 34.85 -33.85 5.57
N VAL C 344 34.98 -34.61 4.50
CA VAL C 344 35.22 -36.04 4.64
C VAL C 344 36.57 -36.25 5.33
N ARG C 345 37.56 -35.40 5.04
CA ARG C 345 38.86 -35.53 5.69
C ARG C 345 38.76 -35.37 7.20
N THR C 346 38.10 -34.29 7.62
CA THR C 346 37.89 -34.03 9.03
C THR C 346 37.05 -35.12 9.66
N ALA C 347 36.00 -35.53 8.96
CA ALA C 347 35.04 -36.51 9.47
C ALA C 347 35.68 -37.87 9.71
N VAL C 348 36.37 -38.39 8.72
CA VAL C 348 37.01 -39.69 8.84
C VAL C 348 38.03 -39.67 9.99
N ILE C 349 38.96 -38.71 9.90
CA ILE C 349 40.03 -38.54 10.89
C ILE C 349 39.45 -38.44 12.28
N ASN C 350 38.47 -37.56 12.42
CA ASN C 350 37.77 -37.36 13.68
C ASN C 350 37.10 -38.65 14.16
N ALA C 351 36.38 -39.27 13.25
CA ALA C 351 35.65 -40.50 13.55
C ALA C 351 36.56 -41.67 13.93
N ALA C 352 37.73 -41.74 13.31
CA ALA C 352 38.68 -42.84 13.50
C ALA C 352 39.53 -42.67 14.76
N SER C 353 39.54 -41.44 15.29
CA SER C 353 40.30 -41.10 16.49
C SER C 353 39.45 -41.20 17.76
N GLY C 354 38.15 -41.41 17.60
CA GLY C 354 37.22 -41.46 18.71
C GLY C 354 36.74 -40.07 19.08
N ARG C 355 37.26 -39.08 18.39
CA ARG C 355 36.88 -37.68 18.58
C ARG C 355 35.38 -37.47 18.36
N GLN C 356 34.77 -38.35 17.58
CA GLN C 356 33.37 -38.23 17.14
C GLN C 356 32.79 -39.60 16.84
N THR C 357 31.47 -39.73 17.01
CA THR C 357 30.73 -40.93 16.65
C THR C 357 30.60 -41.05 15.14
N VAL C 358 30.30 -42.25 14.66
CA VAL C 358 30.09 -42.45 13.24
C VAL C 358 28.95 -41.57 12.84
N ASP C 359 27.85 -41.57 13.57
CA ASP C 359 26.64 -40.82 13.21
C ASP C 359 26.90 -39.31 13.13
N ALA C 360 27.59 -38.79 14.15
CA ALA C 360 27.87 -37.36 14.20
C ALA C 360 28.84 -36.87 13.11
N ALA C 361 29.90 -37.64 12.84
CA ALA C 361 30.85 -37.20 11.84
C ALA C 361 30.16 -37.15 10.48
N LEU C 362 29.36 -38.19 10.20
CA LEU C 362 28.72 -38.28 8.90
C LEU C 362 27.67 -37.22 8.68
N ALA C 363 26.92 -36.91 9.74
CA ALA C 363 25.88 -35.89 9.64
C ALA C 363 26.51 -34.55 9.38
N ALA C 364 27.57 -34.24 10.10
CA ALA C 364 28.25 -32.96 9.92
C ALA C 364 28.79 -32.86 8.51
N ALA C 365 29.34 -33.96 8.02
CA ALA C 365 29.91 -33.96 6.69
C ALA C 365 28.83 -33.67 5.65
N GLN C 366 27.68 -34.32 5.84
CA GLN C 366 26.57 -34.15 4.90
C GLN C 366 26.08 -32.70 4.91
N THR C 367 25.98 -32.12 6.10
CA THR C 367 25.50 -30.76 6.21
C THR C 367 26.47 -29.82 5.47
N ASN C 368 27.76 -30.07 5.64
CA ASN C 368 28.74 -29.20 5.03
C ASN C 368 28.70 -29.35 3.53
N ALA C 369 28.47 -30.57 3.07
CA ALA C 369 28.39 -30.81 1.64
C ALA C 369 27.19 -30.12 1.04
N ALA C 370 26.10 -30.12 1.79
CA ALA C 370 24.88 -29.52 1.29
C ALA C 370 25.08 -28.01 1.19
N ALA C 371 25.70 -27.42 2.20
CA ALA C 371 25.98 -25.98 2.17
C ALA C 371 27.40 -25.66 2.64
N PRO C 372 28.19 -25.02 1.78
CA PRO C 372 29.53 -24.59 2.15
C PRO C 372 29.65 -23.15 2.67
N GLY C 373 28.87 -22.22 2.15
CA GLY C 373 29.05 -20.81 2.47
C GLY C 373 28.85 -20.40 3.91
N LEU C 374 27.78 -20.90 4.53
CA LEU C 374 27.50 -20.68 5.92
C LEU C 374 28.53 -21.44 6.76
N HIS C 375 28.82 -22.68 6.36
CA HIS C 375 29.61 -23.55 7.23
C HIS C 375 31.11 -23.19 7.27
N ALA C 376 31.59 -22.57 6.21
CA ALA C 376 32.96 -22.08 6.14
C ALA C 376 33.15 -21.02 7.21
N ILE C 377 32.20 -20.12 7.28
CA ILE C 377 32.20 -19.06 8.28
C ILE C 377 32.05 -19.67 9.66
N TYR C 378 31.16 -20.66 9.82
CA TYR C 378 31.01 -21.22 11.16
C TYR C 378 32.33 -21.79 11.61
N GLY C 379 33.10 -22.34 10.66
CA GLY C 379 34.41 -22.88 11.02
C GLY C 379 35.30 -21.83 11.68
N GLU C 380 35.32 -20.66 11.06
CA GLU C 380 36.10 -19.54 11.61
C GLU C 380 35.57 -19.19 13.00
N CYS C 381 34.24 -19.23 13.11
CA CYS C 381 33.58 -18.97 14.40
C CYS C 381 33.93 -20.00 15.47
N ARG C 382 34.06 -21.26 15.06
CA ARG C 382 34.38 -22.32 16.01
C ARG C 382 35.82 -22.19 16.55
N ARG C 383 36.74 -21.83 15.65
CA ARG C 383 38.14 -21.61 16.02
C ARG C 383 38.26 -20.49 17.05
N LEU C 384 37.50 -19.40 16.89
CA LEU C 384 37.51 -18.35 17.93
C LEU C 384 36.75 -18.68 19.21
N TYR C 385 35.64 -19.39 19.09
CA TYR C 385 34.80 -19.65 20.27
C TYR C 385 34.42 -21.13 20.42
N PRO C 386 35.41 -21.99 20.74
CA PRO C 386 35.19 -23.42 20.96
C PRO C 386 34.28 -23.66 22.15
N ASP C 387 34.14 -22.65 23.00
CA ASP C 387 33.35 -22.80 24.19
C ASP C 387 31.88 -22.45 24.03
N GLN C 388 31.47 -22.01 22.82
CA GLN C 388 30.06 -21.65 22.58
C GLN C 388 29.61 -22.28 21.28
N PRO C 389 29.28 -23.59 21.32
CA PRO C 389 28.81 -24.30 20.13
C PRO C 389 27.45 -23.82 19.74
N ASN C 390 26.61 -23.48 20.72
CA ASN C 390 25.31 -22.90 20.40
C ASN C 390 25.05 -21.51 20.99
N PRO C 391 25.37 -20.47 20.22
CA PRO C 391 25.18 -19.08 20.60
C PRO C 391 23.76 -18.71 20.35
N LEU C 392 23.20 -17.78 21.12
CA LEU C 392 21.87 -17.28 20.81
C LEU C 392 21.94 -16.68 19.41
N GLN C 393 20.88 -16.82 18.63
CA GLN C 393 20.91 -16.37 17.24
C GLN C 393 19.66 -15.59 16.84
N VAL C 394 19.86 -14.55 16.02
CA VAL C 394 18.70 -13.87 15.42
C VAL C 394 18.54 -14.38 14.00
N THR C 395 17.39 -14.99 13.70
CA THR C 395 17.12 -15.54 12.39
C THR C 395 16.02 -14.75 11.69
N ALA C 396 16.28 -14.37 10.45
CA ALA C 396 15.27 -13.76 9.62
C ALA C 396 14.32 -14.84 9.14
N ILE C 397 13.10 -14.85 9.67
CA ILE C 397 12.14 -15.93 9.39
C ILE C 397 11.62 -15.87 7.95
N VAL C 398 11.37 -14.67 7.44
CA VAL C 398 11.04 -14.47 6.04
C VAL C 398 12.29 -14.17 5.24
N LYS C 399 12.78 -15.18 4.53
CA LYS C 399 14.05 -15.08 3.81
C LYS C 399 14.07 -14.03 2.70
N TYR C 400 15.21 -13.39 2.56
CA TYR C 400 15.38 -12.28 1.63
C TYR C 400 15.02 -12.66 0.19
N TRP C 401 15.42 -13.84 -0.24
CA TRP C 401 15.19 -14.25 -1.62
C TRP C 401 13.75 -14.66 -1.89
N LEU C 402 12.91 -14.65 -0.86
CA LEU C 402 11.48 -14.94 -1.02
C LEU C 402 10.66 -13.68 -0.81
N GLY C 403 11.30 -12.52 -0.87
CA GLY C 403 10.64 -11.24 -0.72
C GLY C 403 10.88 -10.56 0.62
N GLY C 404 11.59 -11.23 1.50
CA GLY C 404 11.82 -10.71 2.83
C GLY C 404 12.59 -9.40 2.86
N PRO C 405 12.30 -8.58 3.88
CA PRO C 405 12.96 -7.27 4.05
C PRO C 405 14.43 -7.35 4.49
N ASP C 406 14.75 -8.34 5.32
CA ASP C 406 16.07 -8.48 5.93
C ASP C 406 17.00 -9.37 5.11
N PRO C 407 18.10 -8.82 4.57
CA PRO C 407 19.06 -9.60 3.76
C PRO C 407 20.03 -10.50 4.55
N LEU C 408 20.17 -10.24 5.85
CA LEU C 408 21.01 -11.06 6.70
C LEU C 408 20.21 -12.24 7.27
N ASP C 409 20.49 -13.45 6.77
CA ASP C 409 19.78 -14.66 7.15
C ASP C 409 19.90 -14.95 8.65
N TYR C 410 21.13 -14.83 9.14
CA TYR C 410 21.44 -15.07 10.54
C TYR C 410 22.39 -13.99 11.08
N VAL C 411 22.28 -13.75 12.37
CA VAL C 411 23.27 -12.94 13.06
C VAL C 411 23.61 -13.68 14.34
N SER C 412 24.84 -14.22 14.39
CA SER C 412 25.27 -14.97 15.58
C SER C 412 25.81 -13.98 16.58
N MET C 413 25.50 -14.23 17.85
CA MET C 413 25.92 -13.35 18.93
C MET C 413 26.72 -14.09 19.98
N TYR C 414 27.94 -13.64 20.22
CA TYR C 414 28.83 -14.33 21.15
C TYR C 414 29.18 -13.45 22.34
N ARG C 415 29.64 -14.09 23.42
CA ARG C 415 30.29 -13.39 24.53
C ARG C 415 31.79 -13.60 24.39
N ASN C 416 32.53 -12.49 24.25
CA ASN C 416 33.99 -12.50 24.23
C ASN C 416 34.49 -11.90 25.54
N VAL C 417 35.14 -12.68 26.40
CA VAL C 417 35.51 -12.10 27.70
C VAL C 417 36.64 -11.08 27.60
N GLY C 418 37.36 -11.05 26.48
CA GLY C 418 38.39 -10.05 26.27
C GLY C 418 39.59 -10.20 27.16
N SER C 419 40.41 -9.15 27.19
CA SER C 419 41.58 -9.08 28.04
C SER C 419 41.48 -7.71 28.69
N PRO C 420 41.01 -7.65 29.95
CA PRO C 420 40.74 -6.36 30.59
C PRO C 420 41.94 -5.44 30.85
N SER C 421 43.04 -6.00 31.37
CA SER C 421 44.29 -5.30 31.65
C SER C 421 44.91 -4.84 30.36
N ALA C 422 44.72 -5.67 29.35
CA ALA C 422 45.16 -5.34 28.01
C ALA C 422 44.34 -4.17 27.50
N ASN C 423 43.25 -3.89 28.21
CA ASN C 423 42.29 -2.83 27.92
C ASN C 423 41.29 -3.16 26.82
N ILE C 424 41.15 -4.44 26.50
CA ILE C 424 40.11 -4.83 25.55
C ILE C 424 38.94 -5.12 26.46
N PRO C 425 37.90 -4.28 26.39
CA PRO C 425 36.82 -4.46 27.35
C PRO C 425 36.07 -5.77 27.12
N GLU C 426 35.32 -6.27 28.10
CA GLU C 426 34.50 -7.44 27.87
C GLU C 426 33.39 -7.04 26.91
N HIS C 427 33.06 -7.86 25.93
CA HIS C 427 32.05 -7.44 24.96
C HIS C 427 31.31 -8.56 24.27
N TRP C 428 30.27 -8.18 23.52
CA TRP C 428 29.49 -9.12 22.72
C TRP C 428 29.94 -9.01 21.27
N HIS C 429 30.09 -10.17 20.61
CA HIS C 429 30.57 -10.21 19.24
C HIS C 429 29.48 -10.69 18.33
N TYR C 430 29.02 -9.76 17.50
CA TYR C 430 27.97 -10.02 16.52
C TYR C 430 28.64 -10.34 15.20
N ILE C 431 28.20 -11.41 14.53
CA ILE C 431 28.70 -11.78 13.20
C ILE C 431 27.50 -12.04 12.31
N SER C 432 27.57 -11.61 11.04
CA SER C 432 26.37 -11.73 10.21
C SER C 432 26.53 -12.81 9.15
N PHE C 433 25.42 -13.28 8.60
CA PHE C 433 25.47 -14.26 7.53
C PHE C 433 24.49 -13.89 6.44
N GLY C 434 24.96 -13.59 5.25
CA GLY C 434 24.05 -13.24 4.17
C GLY C 434 24.68 -12.37 3.10
N LEU C 435 25.59 -11.49 3.49
CA LEU C 435 26.27 -10.61 2.56
C LEU C 435 27.22 -11.39 1.68
N SER C 436 27.72 -12.50 2.19
CA SER C 436 28.54 -13.45 1.43
C SER C 436 27.63 -14.47 0.74
N ASP C 437 28.19 -15.35 -0.08
CA ASP C 437 27.41 -16.41 -0.70
C ASP C 437 27.33 -17.63 0.21
N LEU C 438 26.23 -17.78 0.93
CA LEU C 438 26.10 -18.88 1.86
C LEU C 438 25.69 -20.17 1.17
N TYR C 439 24.65 -20.07 0.36
CA TYR C 439 24.04 -21.25 -0.29
C TYR C 439 24.71 -21.64 -1.61
N GLY C 440 25.17 -20.66 -2.38
CA GLY C 440 25.89 -20.91 -3.61
C GLY C 440 25.01 -21.43 -4.73
N ASP C 441 23.69 -21.32 -4.56
CA ASP C 441 22.76 -21.79 -5.58
C ASP C 441 22.24 -20.64 -6.41
N ASN C 442 22.78 -19.45 -6.19
CA ASN C 442 22.36 -18.26 -6.93
C ASN C 442 20.98 -17.77 -6.50
N ARG C 443 20.51 -18.26 -5.36
CA ARG C 443 19.24 -17.81 -4.82
C ARG C 443 19.32 -16.32 -4.49
N VAL C 444 20.47 -15.90 -4.00
CA VAL C 444 20.70 -14.48 -3.70
C VAL C 444 21.92 -13.90 -4.38
N HIS C 445 22.98 -14.67 -4.51
CA HIS C 445 24.23 -14.12 -5.06
C HIS C 445 24.65 -14.88 -6.31
N GLU C 446 25.08 -14.16 -7.33
CA GLU C 446 25.56 -14.78 -8.55
C GLU C 446 26.83 -15.57 -8.30
N PHE C 447 26.84 -16.83 -8.72
CA PHE C 447 27.98 -17.69 -8.43
C PHE C 447 29.17 -17.21 -9.25
N THR C 448 30.32 -17.07 -8.58
CA THR C 448 31.52 -16.55 -9.23
C THR C 448 32.66 -17.56 -9.17
N GLY C 449 32.56 -18.53 -8.28
CA GLY C 449 33.59 -19.55 -8.15
C GLY C 449 34.55 -19.27 -7.02
N THR C 450 35.56 -20.13 -6.89
CA THR C 450 36.52 -20.01 -5.81
C THR C 450 37.34 -18.74 -5.89
N ASP C 451 37.84 -18.44 -7.08
CA ASP C 451 38.62 -17.25 -7.30
C ASP C 451 37.71 -16.02 -7.40
N GLY C 452 37.98 -15.05 -6.53
CA GLY C 452 37.16 -13.85 -6.40
C GLY C 452 36.29 -13.90 -5.16
N PRO C 453 35.63 -12.78 -4.85
CA PRO C 453 34.85 -12.65 -3.61
C PRO C 453 33.59 -13.52 -3.58
N SER C 454 33.31 -14.12 -2.43
CA SER C 454 32.04 -14.81 -2.24
C SER C 454 30.98 -13.75 -1.98
N GLY C 455 30.00 -13.69 -2.87
CA GLY C 455 28.98 -12.66 -2.80
C GLY C 455 29.66 -11.30 -2.81
N PHE C 456 29.30 -10.47 -1.85
CA PHE C 456 29.95 -9.18 -1.72
C PHE C 456 31.34 -9.30 -1.11
N GLY C 457 31.72 -10.51 -0.73
CA GLY C 457 33.09 -10.78 -0.32
C GLY C 457 33.40 -10.56 1.15
N PHE C 458 32.41 -10.18 1.94
CA PHE C 458 32.63 -9.94 3.35
C PHE C 458 31.39 -10.12 4.18
N GLU C 459 31.57 -10.17 5.49
CA GLU C 459 30.45 -10.14 6.43
C GLU C 459 30.67 -9.04 7.43
N LEU C 460 29.60 -8.52 8.01
CA LEU C 460 29.72 -7.47 9.02
C LEU C 460 29.91 -8.10 10.40
N THR C 461 30.70 -7.42 11.24
CA THR C 461 30.81 -7.82 12.65
C THR C 461 30.69 -6.59 13.52
N PHE C 462 30.49 -6.80 14.82
CA PHE C 462 30.31 -5.65 15.71
C PHE C 462 30.70 -6.06 17.12
N ARG C 463 31.36 -5.17 17.85
CA ARG C 463 31.75 -5.46 19.22
C ARG C 463 31.22 -4.43 20.17
N LEU C 464 30.29 -4.87 21.02
CA LEU C 464 29.57 -3.97 21.94
C LEU C 464 29.99 -4.19 23.40
N LYS C 465 30.54 -3.15 24.02
CA LYS C 465 30.96 -3.25 25.40
C LYS C 465 29.82 -3.83 26.23
N ARG C 466 30.12 -4.84 27.04
CA ARG C 466 29.09 -5.45 27.85
C ARG C 466 28.85 -4.61 29.09
N GLU C 467 27.62 -4.12 29.24
CA GLU C 467 27.26 -3.36 30.41
C GLU C 467 27.15 -4.27 31.61
N THR C 468 27.34 -3.70 32.79
CA THR C 468 27.31 -4.47 34.03
C THR C 468 25.90 -5.02 34.24
N GLY C 469 25.79 -6.19 34.84
CA GLY C 469 24.49 -6.79 35.09
C GLY C 469 23.72 -7.12 33.84
N GLU C 470 24.45 -7.49 32.79
CA GLU C 470 23.87 -7.95 31.52
C GLU C 470 24.04 -9.46 31.42
N SER C 471 22.94 -10.20 31.26
CA SER C 471 23.02 -11.65 31.16
C SER C 471 23.26 -12.12 29.72
N ALA C 472 22.62 -11.44 28.79
CA ALA C 472 22.65 -11.81 27.39
C ALA C 472 22.87 -10.58 26.52
N PRO C 473 23.41 -10.78 25.31
CA PRO C 473 23.67 -9.67 24.40
C PRO C 473 22.38 -9.06 23.85
N PRO C 474 22.26 -7.71 23.88
CA PRO C 474 21.08 -7.07 23.29
C PRO C 474 21.01 -7.36 21.81
N THR C 475 19.80 -7.27 21.24
CA THR C 475 19.60 -7.70 19.88
C THR C 475 19.61 -6.55 18.88
N TRP C 476 19.58 -5.31 19.36
CA TRP C 476 19.47 -4.18 18.44
C TRP C 476 20.60 -4.15 17.39
N PRO C 477 21.82 -4.56 17.79
CA PRO C 477 22.88 -4.51 16.77
C PRO C 477 22.56 -5.38 15.55
N ALA C 478 21.70 -6.38 15.74
CA ALA C 478 21.31 -7.22 14.63
C ALA C 478 20.49 -6.40 13.66
N GLU C 479 19.55 -5.64 14.21
CA GLU C 479 18.70 -4.79 13.38
C GLU C 479 19.54 -3.73 12.65
N LEU C 480 20.52 -3.17 13.37
CA LEU C 480 21.44 -2.21 12.75
C LEU C 480 22.17 -2.83 11.56
N MET C 481 22.67 -4.04 11.79
CA MET C 481 23.39 -4.75 10.73
C MET C 481 22.48 -5.01 9.55
N GLN C 482 21.21 -5.28 9.82
CA GLN C 482 20.27 -5.48 8.72
C GLN C 482 20.19 -4.21 7.89
N GLY C 483 20.12 -3.07 8.58
CA GLY C 483 20.02 -1.79 7.87
C GLY C 483 21.18 -1.54 6.93
N LEU C 484 22.37 -1.66 7.53
CA LEU C 484 23.61 -1.52 6.75
C LEU C 484 23.63 -2.49 5.56
N ALA C 485 23.17 -3.70 5.84
CA ALA C 485 23.16 -4.75 4.83
C ALA C 485 22.26 -4.38 3.64
N ARG C 486 21.10 -3.79 3.98
CA ARG C 486 20.16 -3.40 2.94
C ARG C 486 20.84 -2.37 2.02
N TYR C 487 21.51 -1.41 2.67
CA TYR C 487 22.17 -0.35 1.90
C TYR C 487 23.16 -0.93 0.90
N VAL C 488 23.91 -1.93 1.37
CA VAL C 488 24.94 -2.52 0.52
C VAL C 488 24.33 -3.15 -0.73
N PHE C 489 23.21 -3.85 -0.55
CA PHE C 489 22.58 -4.52 -1.69
C PHE C 489 22.07 -3.55 -2.74
N GLN C 490 21.51 -2.42 -2.28
CA GLN C 490 21.02 -1.41 -3.22
C GLN C 490 22.22 -0.78 -3.95
N SER C 491 23.28 -0.52 -3.20
CA SER C 491 24.44 0.16 -3.76
C SER C 491 25.12 -0.74 -4.79
N GLU C 492 25.24 -2.02 -4.47
CA GLU C 492 25.95 -2.97 -5.33
C GLU C 492 27.45 -2.72 -5.22
N ASN C 493 27.84 -1.93 -4.23
CA ASN C 493 29.22 -1.51 -4.07
C ASN C 493 29.82 -2.03 -2.77
N THR C 494 30.97 -2.69 -2.87
CA THR C 494 31.60 -3.29 -1.70
C THR C 494 32.20 -2.24 -0.78
N PHE C 495 32.07 -2.50 0.51
CA PHE C 495 32.73 -1.70 1.54
C PHE C 495 34.18 -2.15 1.70
N CYS C 496 35.01 -1.24 2.18
CA CYS C 496 36.42 -1.54 2.43
C CYS C 496 36.82 -1.01 3.80
N SER C 497 37.89 -1.56 4.34
CA SER C 497 38.40 -1.06 5.59
C SER C 497 38.74 0.41 5.36
N GLY C 498 38.24 1.27 6.24
CA GLY C 498 38.53 2.69 6.15
C GLY C 498 37.32 3.54 5.77
N ASP C 499 36.34 2.90 5.13
CA ASP C 499 35.13 3.60 4.74
C ASP C 499 34.35 4.08 5.98
N HIS C 500 33.53 5.10 5.78
CA HIS C 500 32.68 5.66 6.83
C HIS C 500 31.23 5.54 6.42
N VAL C 501 30.34 5.65 7.40
CA VAL C 501 28.92 5.57 7.11
C VAL C 501 28.14 6.61 7.90
N SER C 502 27.60 7.59 7.17
CA SER C 502 26.79 8.65 7.73
C SER C 502 25.41 8.12 8.08
N TRP C 503 25.14 8.05 9.38
CA TRP C 503 23.92 7.50 9.95
C TRP C 503 23.02 8.54 10.68
N HIS C 504 23.62 9.62 11.16
CA HIS C 504 22.94 10.76 11.85
C HIS C 504 21.82 10.28 12.76
N SER C 505 22.00 9.11 13.36
CA SER C 505 21.06 8.68 14.39
C SER C 505 21.81 7.85 15.42
N PRO C 506 21.45 7.99 16.70
CA PRO C 506 22.08 7.12 17.69
C PRO C 506 21.89 5.67 17.27
N LEU C 507 22.95 4.90 17.24
CA LEU C 507 22.91 3.57 16.62
C LEU C 507 21.91 2.64 17.31
N ASP C 508 21.72 2.81 18.62
CA ASP C 508 20.86 1.90 19.37
C ASP C 508 19.52 2.52 19.72
N ASN C 509 19.16 3.59 19.03
CA ASN C 509 17.89 4.30 19.22
C ASN C 509 17.77 4.93 20.62
N SER C 510 18.90 5.10 21.30
CA SER C 510 18.96 5.75 22.61
C SER C 510 19.32 7.21 22.39
N GLU C 511 19.79 7.88 23.45
CA GLU C 511 20.28 9.25 23.35
C GLU C 511 21.80 9.37 23.15
N SER C 512 22.43 8.26 22.77
CA SER C 512 23.88 8.15 22.70
C SER C 512 24.48 9.13 21.71
N ARG C 513 25.69 9.56 21.99
CA ARG C 513 26.41 10.41 21.06
C ARG C 513 26.78 9.63 19.84
N ILE C 514 27.05 8.35 20.04
CA ILE C 514 27.54 7.48 18.96
C ILE C 514 26.49 7.39 17.91
N GLN C 515 26.64 8.20 16.88
CA GLN C 515 25.60 8.38 15.87
C GLN C 515 26.03 8.04 14.49
N HIS C 516 27.25 7.51 14.37
CA HIS C 516 27.80 7.19 13.08
C HIS C 516 28.65 5.93 13.13
N MET C 517 29.18 5.51 11.99
CA MET C 517 29.93 4.28 11.94
C MET C 517 31.18 4.38 11.04
N LEU C 518 32.28 3.75 11.49
CA LEU C 518 33.47 3.52 10.69
C LEU C 518 33.69 2.03 10.52
N LEU C 519 34.35 1.64 9.43
CA LEU C 519 34.57 0.24 9.13
C LEU C 519 36.05 -0.16 9.08
N THR C 520 36.35 -1.26 9.78
CA THR C 520 37.72 -1.78 9.86
C THR C 520 37.75 -3.30 9.80
N GLU C 521 38.92 -3.87 9.57
CA GLU C 521 39.05 -5.33 9.58
C GLU C 521 38.80 -5.82 10.99
N ASP C 522 38.07 -6.93 11.13
CA ASP C 522 37.85 -7.53 12.44
C ASP C 522 39.20 -7.93 12.92
N PRO C 523 39.56 -7.54 14.14
CA PRO C 523 40.94 -7.79 14.53
C PRO C 523 41.31 -9.26 14.57
N GLN C 524 40.40 -10.15 14.96
CA GLN C 524 40.76 -11.56 15.16
C GLN C 524 40.26 -12.51 14.09
N MET C 525 39.09 -12.26 13.53
CA MET C 525 38.57 -13.18 12.53
C MET C 525 39.41 -13.02 11.29
N GLN C 526 39.91 -14.17 10.84
CA GLN C 526 40.76 -14.23 9.68
C GLN C 526 39.87 -14.58 8.52
N PRO C 527 40.15 -14.02 7.33
CA PRO C 527 39.37 -14.35 6.14
C PRO C 527 39.32 -15.83 5.83
N VAL C 528 38.28 -16.26 5.12
CA VAL C 528 38.08 -17.70 4.88
C VAL C 528 37.89 -17.95 3.38
N GLN C 529 38.26 -19.16 2.98
CA GLN C 529 38.11 -19.65 1.61
C GLN C 529 36.96 -20.62 1.55
N THR C 530 35.99 -20.32 0.69
CA THR C 530 34.80 -21.12 0.57
C THR C 530 34.61 -21.47 -0.89
N PRO C 531 33.98 -22.61 -1.21
CA PRO C 531 33.84 -22.99 -2.63
C PRO C 531 33.27 -21.91 -3.54
N PHE C 532 32.66 -20.88 -2.96
CA PHE C 532 32.00 -19.82 -3.70
C PHE C 532 32.80 -18.49 -3.70
N GLY C 533 34.01 -18.49 -3.13
CA GLY C 533 34.82 -17.29 -3.12
C GLY C 533 35.55 -17.08 -1.79
N VAL C 534 36.05 -15.87 -1.59
CA VAL C 534 36.70 -15.50 -0.34
C VAL C 534 35.86 -14.52 0.47
N VAL C 535 35.83 -14.73 1.79
CA VAL C 535 35.06 -13.88 2.71
C VAL C 535 35.97 -13.23 3.74
N THR C 536 35.98 -11.90 3.79
CA THR C 536 36.68 -11.18 4.86
C THR C 536 35.66 -10.71 5.87
N PHE C 537 36.11 -10.10 6.96
CA PHE C 537 35.18 -9.64 7.97
C PHE C 537 35.42 -8.18 8.32
N LEU C 538 34.44 -7.35 8.02
CA LEU C 538 34.51 -5.92 8.33
C LEU C 538 33.79 -5.64 9.64
N GLN C 539 34.53 -5.21 10.65
CA GLN C 539 33.93 -4.81 11.91
C GLN C 539 33.36 -3.38 11.86
N ILE C 540 32.24 -3.20 12.55
CA ILE C 540 31.62 -1.88 12.68
C ILE C 540 32.12 -1.19 13.94
N VAL C 541 32.43 0.10 13.82
CA VAL C 541 32.91 0.89 14.95
C VAL C 541 32.06 2.16 15.10
N GLY C 542 31.40 2.27 16.24
CA GLY C 542 30.54 3.41 16.51
C GLY C 542 31.38 4.65 16.77
N VAL C 543 30.98 5.78 16.19
CA VAL C 543 31.74 7.01 16.38
C VAL C 543 30.80 8.19 16.58
N CYS C 544 31.36 9.30 17.06
CA CYS C 544 30.64 10.56 17.24
C CYS C 544 30.71 11.38 15.97
N THR C 545 29.79 12.34 15.84
CA THR C 545 29.69 13.18 14.65
C THR C 545 31.03 13.87 14.37
N GLU C 546 31.70 14.27 15.45
CA GLU C 546 32.98 14.96 15.35
C GLU C 546 34.06 14.08 14.76
N GLU C 547 34.08 12.84 15.23
CA GLU C 547 35.02 11.85 14.77
C GLU C 547 34.77 11.45 13.32
N LEU C 548 33.49 11.36 12.98
CA LEU C 548 33.11 11.05 11.61
C LEU C 548 33.67 12.12 10.70
N HIS C 549 33.50 13.36 11.16
CA HIS C 549 33.92 14.50 10.38
C HIS C 549 35.42 14.46 10.17
N SER C 550 36.13 14.07 11.23
CA SER C 550 37.58 14.02 11.16
C SER C 550 37.99 12.98 10.14
N ALA C 551 37.24 11.88 10.10
CA ALA C 551 37.55 10.83 9.15
C ALA C 551 37.35 11.37 7.73
N GLN C 552 36.27 12.13 7.55
CA GLN C 552 35.98 12.70 6.24
C GLN C 552 37.06 13.69 5.81
N GLN C 553 37.53 14.49 6.77
CA GLN C 553 38.49 15.55 6.48
C GLN C 553 39.86 14.98 6.17
N TRP C 554 40.23 13.87 6.82
CA TRP C 554 41.55 13.29 6.72
C TRP C 554 41.46 11.94 6.02
N ASN C 555 41.27 10.87 6.80
CA ASN C 555 40.92 9.56 6.25
C ASN C 555 40.50 8.62 7.39
N GLY C 556 39.88 7.50 7.03
CA GLY C 556 39.37 6.60 8.05
C GLY C 556 40.48 5.90 8.85
N GLN C 557 41.51 5.46 8.13
CA GLN C 557 42.56 4.66 8.74
C GLN C 557 43.17 5.45 9.90
N GLY C 558 43.35 6.74 9.67
CA GLY C 558 43.96 7.58 10.69
C GLY C 558 43.12 7.63 11.96
N ILE C 559 41.83 7.90 11.78
CA ILE C 559 40.92 8.03 12.91
C ILE C 559 40.76 6.69 13.63
N LEU C 560 40.88 5.60 12.88
CA LEU C 560 40.81 4.28 13.50
C LEU C 560 41.99 4.09 14.46
N GLU C 561 43.19 4.43 13.99
CA GLU C 561 44.35 4.33 14.87
C GLU C 561 44.16 5.15 16.13
N LEU C 562 43.73 6.39 15.97
CA LEU C 562 43.49 7.25 17.14
C LEU C 562 42.49 6.60 18.11
N LEU C 563 41.44 6.00 17.54
CA LEU C 563 40.44 5.32 18.36
C LEU C 563 41.06 4.15 19.11
N ARG C 564 42.06 3.52 18.51
CA ARG C 564 42.74 2.38 19.15
C ARG C 564 43.42 2.80 20.44
N THR C 565 44.01 4.00 20.41
CA THR C 565 44.79 4.51 21.54
C THR C 565 43.97 4.71 22.81
N VAL C 566 42.72 5.14 22.67
CA VAL C 566 41.89 5.45 23.83
C VAL C 566 41.04 4.25 24.29
N PRO C 567 41.21 3.84 25.56
CA PRO C 567 40.45 2.69 26.09
C PRO C 567 38.94 2.95 26.03
N ILE C 568 38.54 4.17 26.38
CA ILE C 568 37.14 4.57 26.36
C ILE C 568 36.63 4.67 24.93
N ALA C 569 37.51 5.13 24.05
CA ALA C 569 37.17 5.31 22.64
C ALA C 569 36.90 3.96 22.05
N GLY C 570 37.59 2.96 22.57
CA GLY C 570 37.46 1.60 22.07
C GLY C 570 38.64 0.74 22.46
N GLY C 571 39.82 1.10 21.97
CA GLY C 571 41.01 0.32 22.28
C GLY C 571 41.35 -0.60 21.15
N PRO C 572 42.39 -1.41 21.35
CA PRO C 572 43.01 -2.15 20.23
C PRO C 572 42.02 -2.91 19.33
N TRP C 573 40.93 -3.43 19.90
CA TRP C 573 39.93 -4.13 19.11
C TRP C 573 38.70 -3.25 18.76
N LEU C 574 38.73 -1.98 19.18
CA LEU C 574 37.72 -1.02 18.78
C LEU C 574 36.32 -1.48 19.16
N ILE C 575 36.13 -1.73 20.45
CA ILE C 575 34.81 -2.03 21.00
C ILE C 575 34.03 -0.73 21.09
N THR C 576 32.74 -0.76 20.74
CA THR C 576 31.89 0.42 20.81
C THR C 576 31.26 0.49 22.18
N ASP C 577 31.41 1.64 22.83
CA ASP C 577 30.73 1.85 24.09
C ASP C 577 29.68 2.92 23.82
N MET C 578 28.43 2.48 23.77
CA MET C 578 27.31 3.35 23.46
C MET C 578 27.14 4.47 24.49
N ARG C 579 27.56 4.21 25.73
CA ARG C 579 27.32 5.15 26.84
C ARG C 579 28.35 6.29 26.89
N ARG C 580 29.36 6.19 26.03
CA ARG C 580 30.45 7.15 25.96
C ARG C 580 29.91 8.54 25.70
N GLY C 581 30.42 9.53 26.43
CA GLY C 581 29.89 10.88 26.32
C GLY C 581 30.83 11.88 25.72
N GLU C 582 32.12 11.55 25.62
CA GLU C 582 33.14 12.45 25.10
C GLU C 582 33.77 11.93 23.82
N THR C 583 34.16 12.85 22.94
CA THR C 583 34.89 12.50 21.72
C THR C 583 36.34 12.24 22.07
N ILE C 584 37.08 11.61 21.16
CA ILE C 584 38.49 11.32 21.40
C ILE C 584 39.32 12.60 21.48
N PHE C 585 38.76 13.73 21.05
CA PHE C 585 39.46 15.02 21.08
C PHE C 585 39.21 15.77 22.37
N GLU C 586 38.06 15.56 22.98
CA GLU C 586 37.80 16.14 24.29
C GLU C 586 38.52 15.34 25.37
N ILE C 587 38.79 14.07 25.08
CA ILE C 587 39.51 13.18 26.01
C ILE C 587 41.02 13.39 25.94
N ASP C 588 41.51 13.58 24.72
CA ASP C 588 42.89 13.97 24.47
C ASP C 588 43.00 15.05 23.38
N PRO C 589 43.51 16.24 23.70
CA PRO C 589 43.81 17.22 22.64
C PRO C 589 44.82 16.82 21.53
N HIS C 590 45.81 16.05 21.94
CA HIS C 590 46.96 15.79 21.09
C HIS C 590 46.47 15.14 19.83
N LEU C 591 45.49 14.28 19.97
CA LEU C 591 44.96 13.56 18.82
C LEU C 591 44.55 14.55 17.74
N GLN C 592 43.92 15.64 18.15
CA GLN C 592 43.52 16.69 17.20
C GLN C 592 44.76 17.25 16.50
N GLU C 593 45.78 17.51 17.29
CA GLU C 593 47.01 18.04 16.70
C GLU C 593 47.55 17.07 15.64
N ARG C 594 47.51 15.79 15.99
CA ARG C 594 48.01 14.75 15.11
C ARG C 594 47.22 14.72 13.81
N VAL C 595 45.91 14.95 13.95
CA VAL C 595 45.03 14.97 12.78
C VAL C 595 45.45 16.09 11.84
N ASP C 596 45.69 17.28 12.38
CA ASP C 596 46.14 18.37 11.49
C ASP C 596 47.45 18.02 10.77
N LYS C 597 48.37 17.42 11.53
CA LYS C 597 49.64 17.04 10.93
C LYS C 597 49.42 16.04 9.78
N GLY C 598 48.52 15.08 10.01
CA GLY C 598 48.19 14.09 9.00
C GLY C 598 47.63 14.75 7.76
N ILE C 599 46.78 15.74 8.01
CA ILE C 599 46.14 16.49 6.93
C ILE C 599 47.17 17.16 6.01
N GLU C 600 48.27 17.66 6.57
CA GLU C 600 49.26 18.38 5.73
C GLU C 600 49.91 17.60 4.55
N THR C 601 50.18 16.31 4.77
CA THR C 601 50.97 15.42 3.93
C THR C 601 50.11 14.58 2.96
N ASP C 602 48.82 14.46 3.25
CA ASP C 602 47.91 13.65 2.42
C ASP C 602 46.97 14.46 1.51
N GLY C 603 46.72 15.73 1.85
CA GLY C 603 45.69 16.53 1.18
C GLY C 603 44.35 16.22 1.84
N SER C 604 43.28 16.95 1.52
CA SER C 604 41.96 16.69 2.15
C SER C 604 41.01 15.96 1.19
N ASN C 605 40.20 15.04 1.72
CA ASN C 605 39.21 14.28 0.93
C ASN C 605 37.79 14.85 0.81
N LEU C 606 37.50 15.94 1.51
CA LEU C 606 36.15 16.50 1.57
C LEU C 606 35.85 17.51 0.47
N SER C 607 35.11 17.12 -0.54
CA SER C 607 34.90 17.99 -1.70
C SER C 607 33.84 19.08 -1.46
N GLY C 608 33.08 18.97 -0.38
CA GLY C 608 32.04 19.93 -0.10
C GLY C 608 31.23 19.64 1.15
N VAL C 609 30.33 20.56 1.50
CA VAL C 609 29.47 20.37 2.67
C VAL C 609 28.14 21.09 2.40
N SER C 610 27.08 20.63 3.03
CA SER C 610 25.80 21.32 2.97
C SER C 610 25.60 22.07 4.28
N ALA C 611 25.46 23.38 4.18
CA ALA C 611 25.41 24.20 5.39
C ALA C 611 24.59 25.46 5.19
N LYS C 612 24.35 26.18 6.28
CA LYS C 612 23.70 27.46 6.21
C LYS C 612 24.69 28.49 5.70
N CYS C 613 24.47 28.95 4.46
CA CYS C 613 25.31 29.96 3.84
C CYS C 613 24.56 30.68 2.72
N ALA C 614 25.06 31.85 2.34
CA ALA C 614 24.52 32.58 1.20
C ALA C 614 25.52 33.59 0.68
N TRP C 615 25.40 33.95 -0.58
CA TRP C 615 26.19 35.02 -1.17
C TRP C 615 25.21 35.98 -1.84
N ASP C 616 25.58 37.26 -1.94
CA ASP C 616 24.67 38.25 -2.52
C ASP C 616 24.32 37.90 -3.97
N ASP C 617 23.03 37.91 -4.33
CA ASP C 617 22.64 37.52 -5.68
C ASP C 617 21.47 38.36 -6.18
N ILE C 626 19.08 31.63 -18.10
CA ILE C 626 20.14 31.88 -17.14
C ILE C 626 21.43 32.28 -17.86
N ARG C 627 22.08 33.33 -17.35
CA ARG C 627 23.35 33.80 -17.89
C ARG C 627 24.49 33.47 -16.92
N THR C 628 25.70 33.82 -17.33
CA THR C 628 26.87 33.72 -16.46
C THR C 628 27.37 35.13 -16.12
N ARG C 629 27.00 35.63 -14.96
CA ARG C 629 27.36 36.98 -14.59
C ARG C 629 28.81 37.01 -14.13
N GLN C 630 29.48 38.12 -14.40
CA GLN C 630 30.80 38.38 -13.84
C GLN C 630 30.63 39.45 -12.76
N LEU C 631 31.35 39.30 -11.65
CA LEU C 631 31.19 40.21 -10.52
C LEU C 631 32.53 40.73 -10.06
N GLU C 632 32.58 41.99 -9.63
CA GLU C 632 33.83 42.50 -9.08
C GLU C 632 33.73 42.75 -7.56
N SER C 633 32.52 42.64 -7.01
CA SER C 633 32.31 42.68 -5.57
C SER C 633 31.55 41.41 -5.14
N VAL C 634 32.03 40.75 -4.08
CA VAL C 634 31.33 39.57 -3.57
C VAL C 634 31.39 39.64 -2.07
N HIS C 635 30.26 39.33 -1.45
CA HIS C 635 30.14 39.22 -0.02
C HIS C 635 29.57 37.86 0.32
N LEU C 636 30.29 37.05 1.09
CA LEU C 636 29.80 35.75 1.50
C LEU C 636 29.32 35.76 2.97
N LYS C 637 28.26 35.01 3.27
CA LYS C 637 27.77 34.91 4.65
C LYS C 637 27.61 33.44 5.03
N PHE C 638 28.07 33.12 6.24
CA PHE C 638 28.15 31.76 6.77
C PHE C 638 27.61 31.68 8.18
N ASN C 639 27.01 30.52 8.46
CA ASN C 639 26.65 30.14 9.82
C ASN C 639 27.95 29.86 10.50
N GLN C 640 27.98 29.91 11.81
CA GLN C 640 29.25 29.71 12.52
C GLN C 640 29.87 28.33 12.20
N GLU C 641 29.00 27.31 12.16
CA GLU C 641 29.46 25.97 11.89
C GLU C 641 30.09 25.88 10.50
N SER C 642 29.45 26.52 9.51
CA SER C 642 29.98 26.53 8.15
C SER C 642 31.26 27.34 8.10
N GLY C 643 31.27 28.43 8.86
CA GLY C 643 32.41 29.34 8.92
C GLY C 643 33.64 28.66 9.46
N ALA C 644 33.44 27.75 10.41
CA ALA C 644 34.56 27.03 11.00
C ALA C 644 35.31 26.17 9.98
N LEU C 645 34.68 25.91 8.84
CA LEU C 645 35.26 25.05 7.82
C LEU C 645 36.07 25.84 6.80
N ILE C 646 36.01 27.17 6.85
CA ILE C 646 36.74 27.97 5.87
C ILE C 646 38.26 27.66 5.86
N PRO C 647 38.88 27.55 7.06
CA PRO C 647 40.29 27.15 7.07
C PRO C 647 40.55 25.80 6.36
N LEU C 648 39.68 24.82 6.60
CA LEU C 648 39.79 23.54 5.91
C LEU C 648 39.66 23.76 4.39
N CYS C 649 38.70 24.59 3.99
CA CYS C 649 38.48 24.85 2.59
C CYS C 649 39.75 25.41 1.97
N LEU C 650 40.36 26.36 2.67
CA LEU C 650 41.51 27.06 2.12
C LEU C 650 42.77 26.22 2.23
N ARG C 651 43.18 25.88 3.45
CA ARG C 651 44.40 25.10 3.66
C ARG C 651 44.26 23.68 3.17
N GLY C 652 43.09 23.10 3.37
CA GLY C 652 42.87 21.70 3.03
C GLY C 652 42.73 21.42 1.55
N ARG C 653 42.15 22.34 0.77
CA ARG C 653 41.90 22.03 -0.64
C ARG C 653 42.48 23.03 -1.62
N LEU C 654 42.25 24.32 -1.45
CA LEU C 654 42.76 25.29 -2.42
C LEU C 654 44.29 25.23 -2.55
N LEU C 655 44.97 25.04 -1.42
CA LEU C 655 46.42 24.97 -1.41
C LEU C 655 46.94 23.65 -2.05
N HIS C 656 46.05 22.69 -2.22
CA HIS C 656 46.37 21.42 -2.87
C HIS C 656 45.73 21.34 -4.25
N GLY C 657 45.46 22.50 -4.84
CA GLY C 657 44.89 22.60 -6.18
C GLY C 657 43.47 22.04 -6.34
N ARG C 658 42.72 21.97 -5.24
CA ARG C 658 41.37 21.40 -5.22
C ARG C 658 40.28 22.41 -4.91
N HIS C 659 39.06 22.14 -5.39
CA HIS C 659 37.89 23.02 -5.20
C HIS C 659 37.19 22.68 -3.89
N PHE C 660 36.23 23.51 -3.50
CA PHE C 660 35.36 23.21 -2.36
C PHE C 660 34.03 23.91 -2.52
N THR C 661 32.93 23.20 -2.24
CA THR C 661 31.60 23.75 -2.45
C THR C 661 30.70 23.75 -1.21
N TYR C 662 30.29 24.95 -0.80
CA TYR C 662 29.21 25.11 0.17
C TYR C 662 27.89 25.08 -0.60
N LYS C 663 26.95 24.25 -0.15
CA LYS C 663 25.61 24.20 -0.76
C LYS C 663 24.58 24.64 0.27
N SER C 664 23.75 25.62 -0.08
CA SER C 664 22.77 26.10 0.88
C SER C 664 21.66 25.08 1.04
N ILE C 665 21.41 24.66 2.28
CA ILE C 665 20.32 23.75 2.57
C ILE C 665 18.95 24.43 2.34
N THR C 666 18.84 25.65 2.83
CA THR C 666 17.59 26.40 2.75
C THR C 666 17.47 27.18 1.46
N GLY C 667 18.57 27.24 0.72
CA GLY C 667 18.61 28.02 -0.50
C GLY C 667 19.30 27.30 -1.65
N ASP C 668 18.95 27.69 -2.86
CA ASP C 668 19.61 27.19 -4.06
C ASP C 668 21.07 27.64 -4.11
N MET C 669 21.36 28.74 -3.42
CA MET C 669 22.65 29.41 -3.54
C MET C 669 23.79 28.46 -3.20
N ALA C 670 24.87 28.61 -3.97
CA ALA C 670 26.07 27.77 -3.84
C ALA C 670 27.34 28.61 -3.98
N ILE C 671 28.38 28.18 -3.28
CA ILE C 671 29.66 28.90 -3.28
C ILE C 671 30.78 27.89 -3.46
N THR C 672 31.46 27.95 -4.61
CA THR C 672 32.55 27.05 -4.88
C THR C 672 33.87 27.80 -4.90
N PHE C 673 34.64 27.61 -3.82
CA PHE C 673 35.98 28.14 -3.78
C PHE C 673 36.84 27.31 -4.73
N VAL C 674 37.56 28.04 -5.58
CA VAL C 674 38.37 27.46 -6.64
C VAL C 674 39.81 27.98 -6.53
N SER C 675 40.76 27.09 -6.69
CA SER C 675 42.17 27.48 -6.75
C SER C 675 42.63 27.81 -8.16
N THR C 676 43.81 28.41 -8.29
CA THR C 676 44.41 28.57 -9.60
C THR C 676 44.74 27.17 -10.13
N GLY C 677 44.60 26.96 -11.44
CA GLY C 677 44.93 25.68 -12.04
C GLY C 677 43.82 24.63 -12.13
N VAL C 678 42.62 24.98 -11.69
CA VAL C 678 41.46 24.10 -11.85
C VAL C 678 41.01 24.05 -13.30
N GLU C 679 40.19 23.05 -13.58
CA GLU C 679 39.62 22.85 -14.90
C GLU C 679 38.10 22.90 -14.88
N GLY C 680 37.54 23.54 -15.91
CA GLY C 680 36.11 23.59 -16.11
C GLY C 680 35.42 24.72 -15.38
N ALA C 681 36.20 25.50 -14.64
CA ALA C 681 35.65 26.64 -13.93
C ALA C 681 35.31 27.72 -14.93
N PHE C 682 34.26 28.48 -14.63
CA PHE C 682 33.91 29.65 -15.45
C PHE C 682 34.43 30.92 -14.75
N ALA C 683 35.05 30.74 -13.58
CA ALA C 683 35.77 31.82 -12.91
C ALA C 683 37.21 31.77 -13.37
N THR C 684 37.77 32.93 -13.74
CA THR C 684 39.11 33.03 -14.27
C THR C 684 39.94 34.02 -13.47
N GLU C 685 41.26 33.99 -13.62
CA GLU C 685 42.14 34.89 -12.89
C GLU C 685 41.81 36.33 -13.25
N GLU C 686 41.51 36.55 -14.53
CA GLU C 686 41.12 37.86 -15.03
C GLU C 686 39.82 38.34 -14.38
N HIS C 687 38.87 37.41 -14.23
CA HIS C 687 37.59 37.70 -13.59
C HIS C 687 37.31 36.65 -12.51
N PRO C 688 37.91 36.82 -11.32
CA PRO C 688 37.88 35.79 -10.28
C PRO C 688 36.48 35.45 -9.82
N TYR C 689 35.61 36.44 -9.70
CA TYR C 689 34.27 36.17 -9.21
C TYR C 689 33.27 36.13 -10.35
N ALA C 690 32.62 34.97 -10.51
CA ALA C 690 31.59 34.82 -11.53
C ALA C 690 30.49 33.92 -11.00
N ALA C 691 29.26 34.11 -11.50
CA ALA C 691 28.10 33.30 -11.07
C ALA C 691 27.23 32.88 -12.23
N HIS C 692 26.85 31.61 -12.25
CA HIS C 692 25.87 31.10 -13.22
C HIS C 692 24.60 30.72 -12.48
N GLY C 693 23.53 31.45 -12.73
CA GLY C 693 22.33 31.33 -11.93
C GLY C 693 22.64 31.74 -10.51
N PRO C 694 22.26 30.89 -9.56
CA PRO C 694 22.54 31.06 -8.13
C PRO C 694 23.96 30.67 -7.86
N TRP C 695 24.47 29.68 -8.59
CA TRP C 695 25.81 29.16 -8.35
C TRP C 695 26.93 30.15 -8.59
N LEU C 696 27.83 30.21 -7.62
CA LEU C 696 28.94 31.15 -7.65
C LEU C 696 30.29 30.44 -7.52
N GLN C 697 31.23 30.81 -8.39
CA GLN C 697 32.59 30.34 -8.29
C GLN C 697 33.47 31.54 -8.06
N ILE C 698 34.36 31.43 -7.07
CA ILE C 698 35.36 32.49 -6.85
C ILE C 698 36.74 31.84 -6.83
N LEU C 699 37.66 32.40 -7.61
CA LEU C 699 39.02 31.87 -7.75
C LEU C 699 39.95 32.68 -6.87
N LEU C 700 40.74 32.00 -6.06
CA LEU C 700 41.67 32.68 -5.16
C LEU C 700 43.12 32.25 -5.42
N THR C 701 44.04 33.22 -5.48
CA THR C 701 45.44 32.92 -5.69
C THR C 701 46.00 32.39 -4.38
N GLU C 702 47.05 31.59 -4.46
CA GLU C 702 47.61 30.96 -3.26
C GLU C 702 48.04 32.00 -2.23
N GLU C 703 48.64 33.09 -2.72
CA GLU C 703 49.14 34.14 -1.85
C GLU C 703 48.00 34.77 -1.06
N PHE C 704 46.91 35.07 -1.76
CA PHE C 704 45.76 35.70 -1.12
C PHE C 704 45.14 34.78 -0.08
N VAL C 705 45.15 33.48 -0.41
CA VAL C 705 44.60 32.45 0.47
C VAL C 705 45.37 32.46 1.77
N GLU C 706 46.70 32.64 1.63
CA GLU C 706 47.57 32.61 2.81
C GLU C 706 47.21 33.75 3.77
N LYS C 707 46.95 34.94 3.21
CA LYS C 707 46.55 36.08 4.05
C LYS C 707 45.25 35.83 4.75
N MET C 708 44.33 35.27 3.98
CA MET C 708 42.97 35.06 4.44
C MET C 708 43.06 34.12 5.64
N LEU C 709 43.94 33.12 5.50
CA LEU C 709 44.16 32.18 6.59
C LEU C 709 44.75 32.90 7.80
N GLU C 710 45.68 33.83 7.55
CA GLU C 710 46.29 34.55 8.66
C GLU C 710 45.27 35.39 9.41
N ASP C 711 44.41 36.05 8.65
CA ASP C 711 43.41 36.97 9.21
C ASP C 711 42.32 36.31 10.01
N LEU C 712 41.91 35.14 9.57
CA LEU C 712 40.80 34.44 10.21
C LEU C 712 41.20 33.86 11.56
N LEU C 723 30.04 36.72 17.69
CA LEU C 723 29.15 36.86 16.56
C LEU C 723 28.29 38.12 16.74
N PRO C 724 28.10 38.90 15.67
CA PRO C 724 28.69 38.66 14.35
C PRO C 724 30.18 38.96 14.26
N LYS C 725 30.81 38.26 13.33
CA LYS C 725 32.20 38.48 12.97
C LYS C 725 32.29 38.97 11.53
N GLU C 726 33.05 40.03 11.28
CA GLU C 726 33.16 40.60 9.95
C GLU C 726 34.59 40.69 9.42
N TYR C 727 34.77 40.32 8.16
CA TYR C 727 36.07 40.40 7.51
C TYR C 727 35.96 41.17 6.19
N SER C 728 36.97 41.97 5.89
CA SER C 728 36.95 42.78 4.66
C SER C 728 38.28 42.78 3.95
N TRP C 729 38.23 42.92 2.63
CA TRP C 729 39.44 43.04 1.83
C TRP C 729 39.12 44.00 0.68
N PRO C 730 40.16 44.45 -0.06
CA PRO C 730 39.95 45.35 -1.20
C PRO C 730 38.91 44.93 -2.22
N GLU C 731 38.64 43.62 -2.30
CA GLU C 731 37.79 43.04 -3.36
C GLU C 731 36.50 42.41 -2.88
N LYS C 732 36.49 41.98 -1.62
CA LYS C 732 35.47 41.08 -1.13
C LYS C 732 35.28 41.25 0.39
N LYS C 733 34.10 40.86 0.84
CA LYS C 733 33.70 40.93 2.25
C LYS C 733 33.24 39.57 2.70
N LEU C 734 33.44 39.23 3.97
CA LEU C 734 32.93 37.99 4.54
C LEU C 734 32.39 38.11 5.94
N LYS C 735 31.27 37.46 6.21
CA LYS C 735 30.66 37.55 7.53
C LYS C 735 30.21 36.23 8.11
N VAL C 736 30.31 36.11 9.43
CA VAL C 736 29.87 34.94 10.12
C VAL C 736 28.66 35.32 10.96
N SER C 737 27.50 34.76 10.64
CA SER C 737 26.25 35.12 11.35
C SER C 737 25.46 33.87 11.71
N ILE C 738 24.48 34.00 12.59
CA ILE C 738 23.75 32.80 13.06
C ILE C 738 22.21 32.71 12.77
N LEU C 739 21.48 33.64 13.35
CA LEU C 739 20.03 33.70 13.32
C LEU C 739 19.44 33.99 11.95
N PRO C 740 20.12 34.83 11.14
CA PRO C 740 19.55 35.30 9.88
C PRO C 740 19.15 34.16 8.93
N ASP C 741 19.98 33.12 8.85
CA ASP C 741 19.76 32.04 7.91
C ASP C 741 18.53 31.24 8.34
N VAL C 742 18.40 30.99 9.64
CA VAL C 742 17.30 30.19 10.17
C VAL C 742 15.95 30.89 9.99
N VAL C 743 15.89 32.16 10.35
CA VAL C 743 14.66 32.94 10.22
C VAL C 743 14.87 34.17 9.36
N PHE C 744 14.13 34.28 8.26
CA PHE C 744 14.20 35.48 7.44
C PHE C 744 13.58 36.65 8.20
N ASP C 745 14.19 37.81 8.11
CA ASP C 745 13.60 39.01 8.65
C ASP C 745 12.32 39.30 7.89
N SER C 746 12.42 39.16 6.58
CA SER C 746 11.28 39.42 5.69
C SER C 746 10.99 38.25 4.75
N GLU D 5 82.52 -3.58 -43.92
CA GLU D 5 81.84 -2.69 -44.85
C GLU D 5 80.39 -2.55 -44.42
N GLY D 6 79.65 -1.66 -45.09
CA GLY D 6 78.25 -1.44 -44.75
C GLY D 6 77.55 -0.54 -45.75
N LYS D 7 76.33 -0.93 -46.11
CA LYS D 7 75.54 -0.19 -47.09
C LYS D 7 74.61 0.84 -46.45
N LEU D 8 74.69 2.06 -46.98
CA LEU D 8 73.84 3.18 -46.55
C LEU D 8 72.60 3.32 -47.44
N VAL D 9 71.43 3.08 -46.86
CA VAL D 9 70.16 3.18 -47.60
C VAL D 9 69.31 4.30 -47.02
N ILE D 10 68.65 5.03 -47.91
CA ILE D 10 67.86 6.21 -47.55
C ILE D 10 66.46 6.19 -48.18
N TRP D 11 65.48 6.68 -47.44
CA TRP D 11 64.11 6.87 -47.90
C TRP D 11 63.67 8.33 -47.89
N ILE D 12 63.00 8.77 -48.94
CA ILE D 12 62.45 10.14 -49.00
C ILE D 12 61.18 10.23 -49.84
N ASN D 13 60.26 11.11 -49.43
CA ASN D 13 58.97 11.23 -50.10
C ASN D 13 59.15 11.61 -51.57
N GLY D 14 58.25 11.11 -52.43
CA GLY D 14 58.41 11.27 -53.87
C GLY D 14 58.36 12.70 -54.39
N ASP D 15 57.69 13.59 -53.67
CA ASP D 15 57.59 14.99 -54.11
C ASP D 15 58.86 15.80 -53.82
N LYS D 16 59.76 15.24 -53.02
CA LYS D 16 61.01 15.92 -52.67
C LYS D 16 62.14 15.65 -53.68
N GLY D 17 63.26 16.35 -53.52
CA GLY D 17 64.38 16.25 -54.45
C GLY D 17 65.33 15.08 -54.21
N TYR D 18 64.89 13.88 -54.61
CA TYR D 18 65.65 12.65 -54.40
C TYR D 18 66.85 12.44 -55.34
N ASN D 19 66.80 13.02 -56.54
CA ASN D 19 67.91 12.89 -57.48
C ASN D 19 69.15 13.68 -57.03
N GLY D 20 68.92 14.87 -56.49
CA GLY D 20 70.00 15.67 -55.95
C GLY D 20 70.67 14.98 -54.77
N LEU D 21 69.86 14.47 -53.86
CA LEU D 21 70.38 13.70 -52.74
C LEU D 21 71.17 12.50 -53.24
N ALA D 22 70.72 11.92 -54.35
CA ALA D 22 71.47 10.80 -54.93
C ALA D 22 72.83 11.27 -55.44
N GLU D 23 72.87 12.46 -56.03
CA GLU D 23 74.12 13.05 -56.49
C GLU D 23 75.04 13.30 -55.29
N VAL D 24 74.46 13.76 -54.19
CA VAL D 24 75.23 13.92 -52.96
C VAL D 24 75.70 12.55 -52.46
N GLY D 25 74.86 11.54 -52.66
CA GLY D 25 75.23 10.17 -52.33
C GLY D 25 76.35 9.67 -53.24
N LYS D 26 76.34 10.15 -54.48
CA LYS D 26 77.40 9.79 -55.43
C LYS D 26 78.71 10.45 -55.04
N LYS D 27 78.62 11.73 -54.67
CA LYS D 27 79.79 12.47 -54.23
C LYS D 27 80.30 11.81 -52.94
N PHE D 28 79.35 11.35 -52.11
CA PHE D 28 79.70 10.64 -50.89
C PHE D 28 80.40 9.34 -51.24
N GLU D 29 79.85 8.60 -52.19
CA GLU D 29 80.45 7.33 -52.59
C GLU D 29 81.84 7.48 -53.20
N LYS D 30 82.07 8.59 -53.91
CA LYS D 30 83.38 8.82 -54.53
C LYS D 30 84.42 9.11 -53.45
N ASP D 31 84.03 10.04 -52.58
CA ASP D 31 84.89 10.57 -51.52
C ASP D 31 85.03 9.60 -50.33
N THR D 32 84.03 8.73 -50.14
CA THR D 32 83.97 7.84 -48.97
C THR D 32 84.10 6.33 -49.24
N GLY D 33 83.76 5.92 -50.45
CA GLY D 33 83.84 4.55 -50.91
C GLY D 33 82.63 3.69 -50.60
N ILE D 34 81.70 4.23 -49.81
CA ILE D 34 80.45 3.52 -49.50
C ILE D 34 79.30 3.91 -50.44
N LYS D 35 78.60 2.94 -51.02
CA LYS D 35 77.48 3.25 -51.93
C LYS D 35 76.21 3.70 -51.19
N VAL D 36 75.60 4.78 -51.69
CA VAL D 36 74.36 5.35 -51.12
C VAL D 36 73.21 5.19 -52.10
N THR D 37 72.23 4.37 -51.72
CA THR D 37 71.04 4.13 -52.53
C THR D 37 69.90 4.99 -52.02
N VAL D 38 69.24 5.67 -52.95
CA VAL D 38 68.14 6.57 -52.62
C VAL D 38 66.83 6.09 -53.21
N GLU D 39 65.87 5.85 -52.32
CA GLU D 39 64.56 5.35 -52.71
C GLU D 39 63.45 6.33 -52.28
N HIS D 40 62.31 6.22 -52.94
CA HIS D 40 61.16 7.06 -52.65
C HIS D 40 59.89 6.23 -52.71
N PRO D 41 59.78 5.23 -51.82
CA PRO D 41 58.61 4.35 -51.82
C PRO D 41 57.33 5.08 -51.45
N ASP D 42 56.19 4.58 -51.92
CA ASP D 42 54.88 5.14 -51.54
C ASP D 42 54.60 4.92 -50.06
N LYS D 43 54.01 5.90 -49.40
CA LYS D 43 53.58 5.75 -48.01
C LYS D 43 54.73 5.30 -47.09
N LEU D 44 55.91 5.87 -47.30
CA LEU D 44 57.10 5.52 -46.52
C LEU D 44 56.90 5.83 -45.03
N GLU D 45 56.04 6.83 -44.76
CA GLU D 45 55.74 7.24 -43.40
C GLU D 45 55.00 6.14 -42.63
N GLU D 46 54.19 5.37 -43.36
CA GLU D 46 53.48 4.23 -42.81
C GLU D 46 54.35 2.98 -42.82
N LYS D 47 55.11 2.83 -43.90
CA LYS D 47 55.96 1.67 -44.10
C LYS D 47 57.11 1.60 -43.10
N PHE D 48 57.68 2.76 -42.76
CA PHE D 48 58.87 2.80 -41.90
C PHE D 48 58.69 2.08 -40.56
N PRO D 49 57.68 2.46 -39.75
CA PRO D 49 57.51 1.81 -38.46
C PRO D 49 57.19 0.33 -38.59
N GLN D 50 56.58 -0.04 -39.71
CA GLN D 50 56.24 -1.43 -39.97
C GLN D 50 57.51 -2.25 -40.15
N VAL D 51 58.37 -1.84 -41.09
CA VAL D 51 59.55 -2.65 -41.40
C VAL D 51 60.70 -2.38 -40.42
N ALA D 52 60.63 -1.30 -39.63
CA ALA D 52 61.68 -1.02 -38.65
C ALA D 52 61.70 -2.14 -37.59
N ALA D 53 60.54 -2.76 -37.39
CA ALA D 53 60.32 -3.83 -36.41
C ALA D 53 61.17 -5.08 -36.65
N THR D 54 61.28 -5.48 -37.91
CA THR D 54 62.10 -6.63 -38.33
C THR D 54 63.51 -6.17 -38.73
N GLY D 55 63.71 -4.85 -38.72
CA GLY D 55 65.00 -4.25 -39.05
C GLY D 55 65.32 -4.39 -40.52
N ASP D 56 64.29 -4.30 -41.35
CA ASP D 56 64.49 -4.30 -42.80
C ASP D 56 64.33 -2.90 -43.39
N GLY D 57 64.19 -1.89 -42.55
CA GLY D 57 64.03 -0.54 -43.03
C GLY D 57 65.34 0.12 -43.39
N PRO D 58 65.29 1.42 -43.71
CA PRO D 58 66.47 2.18 -44.11
C PRO D 58 67.41 2.47 -42.95
N ASP D 59 68.62 2.91 -43.27
CA ASP D 59 69.52 3.45 -42.27
C ASP D 59 69.11 4.87 -41.87
N ILE D 60 68.56 5.60 -42.84
CA ILE D 60 68.16 7.00 -42.66
C ILE D 60 66.75 7.23 -43.24
N ILE D 61 65.91 7.99 -42.52
CA ILE D 61 64.56 8.30 -42.97
C ILE D 61 64.29 9.80 -43.02
N PHE D 62 63.79 10.29 -44.15
CA PHE D 62 63.43 11.70 -44.29
C PHE D 62 61.92 11.81 -44.15
N TRP D 63 61.46 12.69 -43.27
CA TRP D 63 60.03 12.96 -43.11
C TRP D 63 59.76 14.13 -42.16
N ALA D 64 58.52 14.65 -42.16
CA ALA D 64 58.17 15.70 -41.21
C ALA D 64 58.41 15.17 -39.79
N HIS D 65 58.82 16.07 -38.89
CA HIS D 65 59.20 15.68 -37.52
C HIS D 65 58.05 15.06 -36.75
N ASP D 66 56.84 15.47 -37.11
CA ASP D 66 55.62 15.15 -36.37
C ASP D 66 55.41 13.66 -36.12
N ARG D 67 55.94 12.83 -37.01
CA ARG D 67 55.87 11.39 -36.86
C ARG D 67 56.92 10.89 -35.91
N PHE D 68 58.08 11.53 -36.00
CA PHE D 68 59.29 11.03 -35.39
C PHE D 68 59.09 10.77 -33.90
N GLY D 69 58.26 11.58 -33.26
CA GLY D 69 57.97 11.36 -31.85
C GLY D 69 57.40 9.99 -31.60
N GLY D 70 56.52 9.56 -32.48
CA GLY D 70 55.94 8.24 -32.40
C GLY D 70 57.01 7.18 -32.65
N TYR D 71 57.83 7.41 -33.67
CA TYR D 71 58.98 6.55 -33.97
C TYR D 71 59.87 6.37 -32.74
N ALA D 72 60.04 7.45 -32.00
CA ALA D 72 60.94 7.53 -30.84
C ALA D 72 60.41 6.72 -29.67
N GLN D 73 59.09 6.71 -29.52
CA GLN D 73 58.44 5.98 -28.43
C GLN D 73 58.58 4.47 -28.62
N SER D 74 58.79 4.08 -29.88
CA SER D 74 59.02 2.69 -30.27
C SER D 74 60.51 2.30 -30.29
N GLY D 75 61.39 3.26 -30.03
CA GLY D 75 62.81 2.97 -30.00
C GLY D 75 63.32 2.67 -31.40
N LEU D 76 62.73 3.35 -32.39
CA LEU D 76 63.13 3.17 -33.79
C LEU D 76 64.15 4.23 -34.19
N LEU D 77 64.41 5.20 -33.32
CA LEU D 77 65.29 6.30 -33.69
C LEU D 77 66.51 6.31 -32.76
N ALA D 78 67.70 6.46 -33.34
CA ALA D 78 68.93 6.59 -32.56
C ALA D 78 69.10 8.03 -32.08
N GLU D 79 69.65 8.23 -30.88
CA GLU D 79 69.95 9.60 -30.47
C GLU D 79 71.17 10.07 -31.29
N ILE D 80 71.09 11.27 -31.84
CA ILE D 80 72.20 11.81 -32.64
C ILE D 80 73.13 12.60 -31.73
N THR D 81 74.44 12.60 -32.02
CA THR D 81 75.37 13.25 -31.10
C THR D 81 76.24 14.26 -31.85
N PRO D 82 75.66 15.42 -32.22
CA PRO D 82 76.45 16.45 -32.89
C PRO D 82 77.19 17.27 -31.87
N ASP D 83 78.42 17.67 -32.17
CA ASP D 83 79.10 18.62 -31.30
C ASP D 83 78.50 20.00 -31.50
N LYS D 84 78.64 20.81 -30.46
CA LYS D 84 78.13 22.18 -30.40
C LYS D 84 78.48 22.98 -31.64
N ALA D 85 79.71 22.78 -32.11
CA ALA D 85 80.15 23.53 -33.28
C ALA D 85 79.17 23.24 -34.38
N PHE D 86 78.77 21.98 -34.48
CA PHE D 86 77.84 21.60 -35.53
C PHE D 86 76.47 22.22 -35.30
N GLN D 87 76.05 22.24 -34.05
CA GLN D 87 74.75 22.78 -33.67
C GLN D 87 74.60 24.25 -33.96
N ASP D 88 75.69 25.01 -33.87
CA ASP D 88 75.62 26.45 -34.10
C ASP D 88 75.62 26.75 -35.59
N LYS D 89 76.02 25.76 -36.38
CA LYS D 89 75.93 25.88 -37.83
C LYS D 89 74.47 26.13 -38.18
N LEU D 90 73.59 25.41 -37.49
CA LEU D 90 72.15 25.48 -37.74
C LEU D 90 71.47 26.39 -36.72
N TYR D 91 70.25 26.80 -37.02
CA TYR D 91 69.44 27.62 -36.10
C TYR D 91 68.89 26.82 -34.90
N PRO D 92 68.61 27.52 -33.78
CA PRO D 92 68.16 26.90 -32.53
C PRO D 92 66.78 26.22 -32.66
N PHE D 93 65.84 26.91 -33.28
CA PHE D 93 64.47 26.41 -33.37
C PHE D 93 64.33 25.12 -34.20
N THR D 94 65.24 24.92 -35.16
CA THR D 94 65.24 23.67 -35.90
C THR D 94 65.52 22.53 -34.96
N TRP D 95 66.48 22.75 -34.08
CA TRP D 95 66.84 21.77 -33.08
C TRP D 95 65.66 21.56 -32.13
N ASP D 96 65.05 22.66 -31.70
CA ASP D 96 63.87 22.58 -30.84
C ASP D 96 62.82 21.64 -31.44
N ALA D 97 62.68 21.70 -32.76
CA ALA D 97 61.65 20.92 -33.48
C ALA D 97 61.83 19.41 -33.50
N VAL D 98 63.06 18.95 -33.37
CA VAL D 98 63.36 17.54 -33.42
C VAL D 98 63.76 17.04 -32.04
N ARG D 99 63.36 17.79 -31.02
CA ARG D 99 63.64 17.41 -29.65
C ARG D 99 62.41 16.78 -29.02
N TYR D 100 62.58 15.52 -28.66
CA TYR D 100 61.54 14.74 -28.02
C TYR D 100 62.08 14.25 -26.68
N ASN D 101 61.37 14.59 -25.60
CA ASN D 101 61.79 14.25 -24.24
C ASN D 101 63.25 14.59 -23.98
N GLY D 102 63.67 15.78 -24.39
CA GLY D 102 65.02 16.22 -24.12
C GLY D 102 66.04 15.72 -25.11
N LYS D 103 65.73 14.66 -25.84
CA LYS D 103 66.68 14.08 -26.76
C LYS D 103 66.39 14.42 -28.23
N LEU D 104 67.44 14.58 -29.03
CA LEU D 104 67.33 14.79 -30.48
C LEU D 104 67.31 13.48 -31.26
N ILE D 105 66.28 13.31 -32.10
CA ILE D 105 66.06 12.06 -32.82
C ILE D 105 66.33 12.12 -34.34
N ALA D 106 66.61 13.31 -34.88
CA ALA D 106 66.82 13.53 -36.31
C ALA D 106 67.52 14.88 -36.48
N TYR D 107 68.07 15.16 -37.66
CA TYR D 107 68.76 16.43 -37.85
C TYR D 107 67.92 17.36 -38.70
N PRO D 108 67.67 18.57 -38.21
CA PRO D 108 66.81 19.49 -38.94
C PRO D 108 67.44 19.79 -40.29
N ILE D 109 66.64 19.77 -41.34
CA ILE D 109 67.13 20.03 -42.68
C ILE D 109 66.54 21.28 -43.34
N ALA D 110 65.47 21.78 -42.76
CA ALA D 110 64.78 22.89 -43.34
C ALA D 110 63.98 23.67 -42.31
N VAL D 111 63.68 24.93 -42.61
CA VAL D 111 62.97 25.78 -41.65
C VAL D 111 61.47 25.49 -41.71
N GLU D 112 60.90 25.15 -40.55
CA GLU D 112 59.51 24.74 -40.45
C GLU D 112 58.47 25.80 -40.82
N ALA D 113 58.73 27.05 -40.43
CA ALA D 113 57.71 28.10 -40.47
C ALA D 113 57.20 28.45 -41.87
N LEU D 114 55.90 28.75 -41.95
CA LEU D 114 55.26 29.17 -43.18
C LEU D 114 54.68 30.55 -43.01
N SER D 115 54.93 31.40 -44.00
CA SER D 115 54.57 32.80 -43.87
C SER D 115 53.48 33.16 -44.84
N LEU D 116 52.87 34.29 -44.53
CA LEU D 116 51.84 34.85 -45.36
C LEU D 116 52.49 35.62 -46.51
N ILE D 117 51.90 35.41 -47.68
CA ILE D 117 52.34 36.03 -48.91
C ILE D 117 51.38 37.16 -49.27
N TYR D 118 51.93 38.34 -49.59
CA TYR D 118 51.15 39.52 -49.89
C TYR D 118 51.46 40.01 -51.30
N ASN D 119 50.45 40.63 -51.88
CA ASN D 119 50.50 41.15 -53.24
C ASN D 119 51.08 42.55 -53.34
N LYS D 120 52.27 42.65 -53.92
CA LYS D 120 53.01 43.91 -54.01
C LYS D 120 52.24 44.99 -54.75
N ASP D 121 51.44 44.59 -55.74
CA ASP D 121 50.63 45.52 -56.51
C ASP D 121 49.51 46.12 -55.66
N LEU D 122 48.84 45.28 -54.88
CA LEU D 122 47.75 45.72 -54.05
C LEU D 122 48.24 46.41 -52.77
N LEU D 123 49.43 45.99 -52.31
CA LEU D 123 49.98 46.41 -51.03
C LEU D 123 51.50 46.45 -51.02
N PRO D 124 52.11 47.57 -51.46
CA PRO D 124 53.58 47.60 -51.52
C PRO D 124 54.24 47.29 -50.17
N ASN D 125 53.69 47.83 -49.10
CA ASN D 125 54.20 47.59 -47.76
C ASN D 125 53.17 46.92 -46.83
N PRO D 126 53.30 45.59 -46.61
CA PRO D 126 52.37 44.83 -45.76
C PRO D 126 52.38 45.29 -44.31
N PRO D 127 51.24 45.13 -43.61
CA PRO D 127 51.16 45.57 -42.22
C PRO D 127 52.09 44.79 -41.30
N LYS D 128 52.63 45.47 -40.29
CA LYS D 128 53.50 44.84 -39.30
C LYS D 128 52.76 44.37 -38.05
N THR D 129 51.49 44.76 -37.92
CA THR D 129 50.68 44.39 -36.76
C THR D 129 49.28 44.01 -37.24
N TRP D 130 48.60 43.15 -36.49
CA TRP D 130 47.25 42.74 -36.85
C TRP D 130 46.29 43.92 -36.77
N GLU D 131 46.52 44.82 -35.82
CA GLU D 131 45.57 45.90 -35.56
C GLU D 131 45.36 46.83 -36.76
N GLU D 132 46.29 46.86 -37.71
CA GLU D 132 46.12 47.68 -38.91
C GLU D 132 45.15 47.00 -39.87
N ILE D 133 45.13 45.66 -39.85
CA ILE D 133 44.45 44.87 -40.89
C ILE D 133 42.96 45.26 -41.03
N PRO D 134 42.27 45.53 -39.91
CA PRO D 134 40.89 46.04 -39.96
C PRO D 134 40.72 47.29 -40.81
N ALA D 135 41.53 48.32 -40.52
CA ALA D 135 41.52 49.58 -41.27
C ALA D 135 41.82 49.36 -42.74
N LEU D 136 42.77 48.48 -42.99
CA LEU D 136 43.26 48.14 -44.33
C LEU D 136 42.19 47.50 -45.20
N ASP D 137 41.40 46.62 -44.59
CA ASP D 137 40.32 45.96 -45.31
C ASP D 137 39.36 47.04 -45.82
N LYS D 138 39.10 48.06 -45.01
CA LYS D 138 38.16 49.12 -45.38
C LYS D 138 38.61 49.85 -46.64
N GLU D 139 39.90 50.17 -46.69
CA GLU D 139 40.50 50.80 -47.86
C GLU D 139 40.35 49.95 -49.10
N LEU D 140 40.73 48.68 -48.97
CA LEU D 140 40.69 47.75 -50.10
C LEU D 140 39.25 47.50 -50.55
N LYS D 141 38.30 47.45 -49.60
CA LYS D 141 36.88 47.29 -49.90
C LYS D 141 36.28 48.43 -50.72
N ALA D 142 36.82 49.64 -50.54
CA ALA D 142 36.35 50.81 -51.28
C ALA D 142 36.49 50.58 -52.78
N LYS D 143 37.53 49.86 -53.15
CA LYS D 143 37.83 49.55 -54.55
C LYS D 143 37.59 48.06 -54.91
N GLY D 144 36.62 47.41 -54.26
CA GLY D 144 36.22 46.07 -54.66
C GLY D 144 37.18 44.95 -54.32
N LYS D 145 38.06 45.20 -53.35
CA LYS D 145 39.06 44.22 -52.93
C LYS D 145 38.93 43.82 -51.45
N SER D 146 39.63 42.77 -51.03
CA SER D 146 39.67 42.36 -49.62
C SER D 146 41.11 42.30 -49.06
N ALA D 147 41.27 42.44 -47.75
CA ALA D 147 42.62 42.50 -47.17
C ALA D 147 43.27 41.14 -46.98
N LEU D 148 42.54 40.19 -46.40
CA LEU D 148 43.12 38.92 -45.98
C LEU D 148 42.12 37.78 -46.12
N MET D 149 42.58 36.65 -46.63
CA MET D 149 41.76 35.45 -46.70
C MET D 149 42.67 34.24 -46.52
N PHE D 150 42.35 33.39 -45.55
CA PHE D 150 43.11 32.17 -45.33
C PHE D 150 42.23 31.09 -44.69
N ASN D 151 42.72 29.85 -44.72
CA ASN D 151 41.95 28.69 -44.27
C ASN D 151 41.59 28.80 -42.79
N LEU D 152 40.29 28.92 -42.52
CA LEU D 152 39.80 29.05 -41.14
C LEU D 152 39.26 27.75 -40.55
N GLN D 153 39.36 26.65 -41.30
CA GLN D 153 38.82 25.37 -40.87
C GLN D 153 39.87 24.49 -40.18
N GLU D 154 41.15 24.82 -40.39
CA GLU D 154 42.25 24.08 -39.79
C GLU D 154 43.01 24.96 -38.79
N PRO D 155 43.18 24.47 -37.55
CA PRO D 155 43.88 25.31 -36.57
C PRO D 155 45.33 25.64 -36.94
N TYR D 156 45.87 24.92 -37.94
CA TYR D 156 47.25 25.13 -38.34
C TYR D 156 47.46 26.57 -38.80
N PHE D 157 46.41 27.12 -39.41
CA PHE D 157 46.43 28.46 -39.99
C PHE D 157 45.94 29.56 -39.07
N THR D 158 45.13 29.21 -38.08
CA THR D 158 44.59 30.18 -37.13
C THR D 158 45.34 30.21 -35.80
N TRP D 159 46.27 29.28 -35.61
CA TRP D 159 47.04 29.21 -34.36
C TRP D 159 47.99 30.37 -34.03
N PRO D 160 48.60 30.99 -35.07
CA PRO D 160 49.56 32.08 -34.85
C PRO D 160 49.04 33.24 -34.03
N LEU D 161 47.82 33.68 -34.28
CA LEU D 161 47.27 34.80 -33.53
C LEU D 161 46.94 34.33 -32.12
N ILE D 162 46.48 33.09 -31.98
CA ILE D 162 46.11 32.52 -30.68
C ILE D 162 47.34 32.33 -29.76
N ALA D 163 48.50 32.05 -30.37
CA ALA D 163 49.72 31.79 -29.60
C ALA D 163 50.49 33.07 -29.34
N ALA D 164 50.29 34.04 -30.24
CA ALA D 164 51.01 35.30 -30.25
C ALA D 164 51.21 35.90 -28.88
N ASP D 165 50.13 35.92 -28.11
CA ASP D 165 50.11 36.62 -26.84
C ASP D 165 50.35 35.69 -25.62
N GLY D 166 51.02 34.58 -25.87
CA GLY D 166 51.50 33.69 -24.83
C GLY D 166 50.71 32.43 -24.50
N GLY D 167 49.63 32.15 -25.23
CA GLY D 167 48.96 30.88 -25.07
C GLY D 167 49.85 29.76 -25.60
N TYR D 168 49.95 28.66 -24.86
CA TYR D 168 50.74 27.52 -25.29
C TYR D 168 49.94 26.22 -25.27
N ALA D 169 50.00 25.47 -26.35
CA ALA D 169 49.28 24.20 -26.42
C ALA D 169 49.82 23.21 -25.40
N PHE D 170 51.13 23.15 -25.26
CA PHE D 170 51.78 22.27 -24.31
C PHE D 170 52.99 22.97 -23.73
N LYS D 171 53.41 22.57 -22.53
CA LYS D 171 54.53 23.24 -21.90
C LYS D 171 55.68 22.27 -21.71
N TYR D 172 56.90 22.65 -22.12
CA TYR D 172 58.02 21.72 -21.97
C TYR D 172 58.75 22.12 -20.72
N GLU D 173 58.62 21.26 -19.70
CA GLU D 173 59.20 21.47 -18.39
C GLU D 173 60.01 20.25 -17.91
N ASN D 174 61.28 20.50 -17.59
CA ASN D 174 62.25 19.57 -16.98
C ASN D 174 62.44 18.31 -17.85
N GLY D 175 62.50 18.52 -19.16
CA GLY D 175 62.86 17.50 -20.14
C GLY D 175 61.74 16.68 -20.74
N LYS D 176 60.51 16.99 -20.34
CA LYS D 176 59.32 16.32 -20.86
C LYS D 176 58.16 17.30 -21.01
N TYR D 177 57.17 16.93 -21.84
CA TYR D 177 55.94 17.71 -21.93
C TYR D 177 54.92 17.13 -20.95
N ASP D 178 54.35 18.06 -20.17
CA ASP D 178 53.32 17.82 -19.17
C ASP D 178 51.97 17.81 -19.85
N ILE D 179 51.46 16.59 -20.03
CA ILE D 179 50.27 16.34 -20.83
C ILE D 179 48.97 16.85 -20.21
N LYS D 180 48.98 17.05 -18.90
CA LYS D 180 47.84 17.62 -18.17
C LYS D 180 47.85 19.15 -18.11
N ASP D 181 48.93 19.77 -18.58
CA ASP D 181 49.09 21.20 -18.57
C ASP D 181 49.00 21.78 -19.97
N VAL D 182 47.79 22.15 -20.35
CA VAL D 182 47.52 22.73 -21.64
C VAL D 182 47.31 24.23 -21.45
N GLY D 183 47.68 25.03 -22.45
CA GLY D 183 47.62 26.49 -22.35
C GLY D 183 46.87 27.13 -23.49
N VAL D 184 45.78 26.50 -23.90
CA VAL D 184 44.91 27.01 -24.96
C VAL D 184 43.76 27.80 -24.38
N ASP D 185 43.73 27.91 -23.05
CA ASP D 185 42.63 28.54 -22.34
C ASP D 185 43.06 29.86 -21.70
N ASN D 186 44.35 30.16 -21.75
CA ASN D 186 44.88 31.34 -21.07
C ASN D 186 44.57 32.64 -21.82
N ALA D 187 44.87 33.77 -21.18
CA ALA D 187 44.55 35.09 -21.70
C ALA D 187 45.05 35.29 -23.13
N GLY D 188 46.22 34.75 -23.43
CA GLY D 188 46.79 34.92 -24.76
C GLY D 188 45.88 34.35 -25.82
N ALA D 189 45.52 33.08 -25.66
CA ALA D 189 44.64 32.42 -26.60
C ALA D 189 43.31 33.16 -26.72
N LYS D 190 42.76 33.56 -25.59
CA LYS D 190 41.49 34.28 -25.58
C LYS D 190 41.57 35.61 -26.32
N ALA D 191 42.72 36.27 -26.20
CA ALA D 191 42.91 37.56 -26.83
C ALA D 191 42.95 37.38 -28.34
N GLY D 192 43.80 36.45 -28.77
CA GLY D 192 43.96 36.15 -30.18
C GLY D 192 42.67 35.70 -30.82
N LEU D 193 42.05 34.68 -30.22
CA LEU D 193 40.79 34.15 -30.77
C LEU D 193 39.73 35.24 -30.74
N THR D 194 39.72 36.09 -29.70
CA THR D 194 38.75 37.18 -29.67
C THR D 194 38.96 38.14 -30.84
N PHE D 195 40.22 38.41 -31.13
CA PHE D 195 40.54 39.30 -32.24
C PHE D 195 40.12 38.73 -33.59
N LEU D 196 40.44 37.46 -33.81
CA LEU D 196 40.05 36.75 -35.04
C LEU D 196 38.53 36.77 -35.20
N VAL D 197 37.84 36.46 -34.10
CA VAL D 197 36.39 36.42 -34.12
C VAL D 197 35.85 37.83 -34.40
N ASP D 198 36.53 38.84 -33.86
CA ASP D 198 36.10 40.22 -34.07
C ASP D 198 36.30 40.67 -35.51
N LEU D 199 37.40 40.21 -36.12
CA LEU D 199 37.64 40.48 -37.53
C LEU D 199 36.47 39.95 -38.34
N ILE D 200 36.06 38.72 -38.00
CA ILE D 200 34.93 38.08 -38.66
C ILE D 200 33.60 38.80 -38.36
N LYS D 201 33.43 39.26 -37.13
CA LYS D 201 32.20 39.98 -36.76
C LYS D 201 32.04 41.24 -37.59
N ASN D 202 33.15 41.93 -37.86
CA ASN D 202 33.09 43.15 -38.64
C ASN D 202 33.19 42.87 -40.14
N LYS D 203 33.07 41.60 -40.53
CA LYS D 203 32.98 41.22 -41.94
C LYS D 203 34.22 41.62 -42.72
N HIS D 204 35.39 41.51 -42.08
CA HIS D 204 36.67 41.67 -42.76
C HIS D 204 37.17 40.32 -43.26
N MET D 205 36.58 39.26 -42.72
CA MET D 205 36.87 37.92 -43.14
C MET D 205 35.54 37.22 -42.98
N ASN D 206 35.36 36.08 -43.63
CA ASN D 206 34.13 35.34 -43.53
C ASN D 206 34.42 33.99 -42.93
N ALA D 207 33.59 33.56 -42.00
CA ALA D 207 33.86 32.31 -41.29
C ALA D 207 33.89 31.11 -42.24
N ASP D 208 33.15 31.16 -43.35
CA ASP D 208 33.07 30.02 -44.25
C ASP D 208 34.35 29.79 -45.06
N THR D 209 35.20 30.81 -45.16
CA THR D 209 36.38 30.76 -46.04
C THR D 209 37.24 29.53 -45.70
N ASP D 210 37.61 28.77 -46.72
CA ASP D 210 38.41 27.55 -46.55
C ASP D 210 39.64 27.68 -47.42
N TYR D 211 40.45 26.64 -47.47
CA TYR D 211 41.72 26.67 -48.20
C TYR D 211 41.59 26.99 -49.70
N SER D 212 40.72 26.29 -50.42
CA SER D 212 40.62 26.50 -51.86
C SER D 212 40.08 27.90 -52.17
N ILE D 213 39.14 28.40 -51.36
CA ILE D 213 38.56 29.73 -51.57
C ILE D 213 39.61 30.83 -51.36
N ALA D 214 40.40 30.70 -50.30
CA ALA D 214 41.41 31.69 -49.97
C ALA D 214 42.54 31.71 -51.01
N GLU D 215 42.99 30.51 -51.37
CA GLU D 215 44.07 30.40 -52.36
C GLU D 215 43.60 30.99 -53.68
N ALA D 216 42.35 30.68 -54.05
CA ALA D 216 41.76 31.18 -55.28
C ALA D 216 41.64 32.69 -55.23
N ALA D 217 41.21 33.20 -54.08
CA ALA D 217 41.02 34.64 -53.92
C ALA D 217 42.34 35.35 -54.12
N PHE D 218 43.38 34.85 -53.47
CA PHE D 218 44.70 35.48 -53.55
C PHE D 218 45.32 35.27 -54.93
N ASN D 219 45.07 34.12 -55.53
CA ASN D 219 45.63 33.80 -56.84
C ASN D 219 44.99 34.61 -57.97
N LYS D 220 43.76 35.05 -57.74
CA LYS D 220 43.04 35.87 -58.70
C LYS D 220 43.31 37.36 -58.53
N GLY D 221 43.99 37.71 -57.45
CA GLY D 221 44.29 39.11 -57.17
C GLY D 221 43.09 39.81 -56.57
N GLU D 222 42.22 39.04 -55.93
CA GLU D 222 41.01 39.59 -55.33
C GLU D 222 41.29 40.05 -53.90
N THR D 223 42.26 39.40 -53.25
CA THR D 223 42.65 39.77 -51.90
C THR D 223 44.12 40.12 -51.86
N ALA D 224 44.46 41.01 -50.93
CA ALA D 224 45.79 41.57 -50.83
C ALA D 224 46.74 40.61 -50.11
N MET D 225 46.21 39.83 -49.19
CA MET D 225 47.03 38.94 -48.39
C MET D 225 46.41 37.56 -48.21
N THR D 226 47.25 36.60 -47.84
CA THR D 226 46.81 35.26 -47.49
C THR D 226 47.88 34.65 -46.60
N ILE D 227 47.57 33.52 -45.96
CA ILE D 227 48.57 32.83 -45.14
C ILE D 227 48.61 31.40 -45.67
N ASN D 228 49.78 30.95 -46.09
CA ASN D 228 49.88 29.64 -46.74
C ASN D 228 51.30 29.12 -46.70
N GLY D 229 51.47 27.83 -47.00
CA GLY D 229 52.79 27.22 -46.99
C GLY D 229 53.56 27.34 -48.27
N PRO D 230 54.86 26.96 -48.24
CA PRO D 230 55.67 27.09 -49.46
C PRO D 230 55.02 26.32 -50.58
N TRP D 231 54.39 25.20 -50.22
CA TRP D 231 53.77 24.34 -51.22
C TRP D 231 52.86 25.16 -52.13
N ALA D 232 52.25 26.21 -51.57
CA ALA D 232 51.33 27.05 -52.32
C ALA D 232 52.02 27.88 -53.39
N TRP D 233 53.24 28.33 -53.09
CA TRP D 233 54.02 29.24 -53.96
C TRP D 233 53.92 28.82 -55.42
N SER D 234 54.12 27.52 -55.63
CA SER D 234 54.04 26.92 -56.96
C SER D 234 52.79 27.42 -57.68
N ASN D 235 51.65 27.29 -57.02
CA ASN D 235 50.37 27.69 -57.60
C ASN D 235 50.28 29.20 -57.84
N ILE D 236 51.00 29.98 -57.05
CA ILE D 236 51.01 31.43 -57.22
C ILE D 236 51.89 31.83 -58.42
N ASP D 237 52.90 31.01 -58.72
CA ASP D 237 53.77 31.27 -59.86
C ASP D 237 52.99 31.16 -61.17
N THR D 238 52.10 30.17 -61.25
CA THR D 238 51.34 29.95 -62.47
C THR D 238 50.35 31.09 -62.69
N SER D 239 49.85 31.66 -61.59
CA SER D 239 48.91 32.77 -61.69
C SER D 239 49.62 34.06 -62.09
N LYS D 240 50.95 34.02 -62.12
CA LYS D 240 51.76 35.17 -62.51
C LYS D 240 51.54 36.40 -61.63
N VAL D 241 50.99 36.18 -60.44
CA VAL D 241 50.82 37.23 -59.44
C VAL D 241 52.16 37.66 -58.90
N ASN D 242 52.30 38.97 -58.68
CA ASN D 242 53.50 39.55 -58.12
C ASN D 242 53.35 39.38 -56.62
N TYR D 243 54.17 38.48 -56.08
CA TYR D 243 54.01 37.98 -54.73
C TYR D 243 55.21 38.22 -53.82
N GLY D 244 54.89 38.56 -52.58
CA GLY D 244 55.83 38.76 -51.51
C GLY D 244 55.55 38.01 -50.23
N VAL D 245 56.59 37.68 -49.50
CA VAL D 245 56.50 37.00 -48.23
C VAL D 245 56.78 38.01 -47.17
N THR D 246 55.91 37.97 -46.17
CA THR D 246 55.95 38.95 -45.13
C THR D 246 55.70 38.27 -43.84
N VAL D 247 56.41 38.80 -42.87
CA VAL D 247 56.34 38.36 -41.52
C VAL D 247 54.92 38.55 -41.11
N LEU D 248 54.45 37.62 -40.31
CA LEU D 248 53.09 37.67 -39.84
C LEU D 248 52.97 38.90 -38.97
N PRO D 249 51.77 39.49 -38.90
CA PRO D 249 51.66 40.67 -38.05
C PRO D 249 51.85 40.35 -36.57
N THR D 250 52.42 41.29 -35.83
CA THR D 250 52.59 41.14 -34.40
C THR D 250 51.26 41.58 -33.78
N PHE D 251 50.89 40.99 -32.64
CA PHE D 251 49.67 41.38 -31.95
C PHE D 251 50.06 41.95 -30.59
N LYS D 252 49.62 43.18 -30.30
CA LYS D 252 49.99 43.82 -29.04
C LYS D 252 51.51 43.88 -28.85
N GLY D 253 52.22 44.04 -29.97
CA GLY D 253 53.66 44.20 -29.95
C GLY D 253 54.48 42.91 -29.96
N GLN D 254 53.83 41.75 -29.89
CA GLN D 254 54.55 40.49 -29.81
C GLN D 254 54.27 39.64 -31.04
N PRO D 255 55.25 38.82 -31.47
CA PRO D 255 55.09 38.15 -32.76
C PRO D 255 54.00 37.06 -32.72
N SER D 256 53.38 36.81 -33.87
CA SER D 256 52.47 35.68 -33.99
C SER D 256 53.29 34.41 -34.12
N LYS D 257 52.95 33.40 -33.34
CA LYS D 257 53.72 32.18 -33.24
C LYS D 257 53.02 31.01 -33.93
N PRO D 258 53.21 30.89 -35.25
CA PRO D 258 52.66 29.75 -35.97
C PRO D 258 53.30 28.48 -35.48
N PHE D 259 52.49 27.43 -35.37
CA PHE D 259 53.01 26.12 -35.03
C PHE D 259 53.46 25.55 -36.36
N VAL D 260 54.76 25.26 -36.49
CA VAL D 260 55.31 24.92 -37.79
C VAL D 260 55.92 23.52 -37.86
N GLY D 261 55.49 22.76 -38.85
CA GLY D 261 56.07 21.46 -39.15
C GLY D 261 57.45 21.60 -39.78
N VAL D 262 58.34 20.67 -39.46
CA VAL D 262 59.67 20.62 -40.06
C VAL D 262 59.97 19.31 -40.77
N LEU D 263 60.55 19.45 -41.94
CA LEU D 263 61.13 18.29 -42.57
C LEU D 263 62.32 17.83 -41.72
N SER D 264 62.39 16.54 -41.47
CA SER D 264 63.43 15.99 -40.61
C SER D 264 64.04 14.71 -41.17
N ALA D 265 65.33 14.51 -40.92
CA ALA D 265 66.02 13.30 -41.35
C ALA D 265 66.51 12.53 -40.14
N GLY D 266 66.10 11.27 -40.01
CA GLY D 266 66.39 10.48 -38.83
C GLY D 266 67.19 9.23 -39.12
N ILE D 267 67.87 8.74 -38.10
CA ILE D 267 68.69 7.55 -38.22
C ILE D 267 68.03 6.41 -37.45
N ASN D 268 67.79 5.30 -38.14
CA ASN D 268 67.22 4.08 -37.55
C ASN D 268 68.12 3.46 -36.49
N ALA D 269 67.54 3.12 -35.34
CA ALA D 269 68.29 2.50 -34.25
C ALA D 269 68.63 1.03 -34.47
N ALA D 270 68.08 0.42 -35.53
CA ALA D 270 68.43 -0.95 -35.86
C ALA D 270 69.53 -0.95 -36.92
N SER D 271 70.08 0.23 -37.17
CA SER D 271 71.08 0.41 -38.22
C SER D 271 72.51 0.18 -37.72
N PRO D 272 73.27 -0.68 -38.42
CA PRO D 272 74.71 -0.82 -38.16
C PRO D 272 75.55 0.39 -38.54
N ASN D 273 75.04 1.22 -39.45
CA ASN D 273 75.81 2.25 -40.13
C ASN D 273 75.63 3.66 -39.59
N LYS D 274 75.39 3.75 -38.29
CA LYS D 274 75.10 5.03 -37.65
C LYS D 274 76.16 6.10 -37.93
N GLU D 275 77.43 5.74 -37.76
CA GLU D 275 78.50 6.71 -37.90
C GLU D 275 78.65 7.18 -39.34
N LEU D 276 78.52 6.26 -40.29
CA LEU D 276 78.54 6.60 -41.71
C LEU D 276 77.42 7.60 -41.98
N ALA D 277 76.26 7.36 -41.38
CA ALA D 277 75.14 8.26 -41.56
C ALA D 277 75.49 9.64 -41.01
N LYS D 278 76.15 9.66 -39.86
CA LYS D 278 76.57 10.93 -39.27
C LYS D 278 77.55 11.61 -40.22
N GLU D 279 78.45 10.84 -40.85
CA GLU D 279 79.42 11.41 -41.79
C GLU D 279 78.70 12.05 -42.99
N PHE D 280 77.71 11.31 -43.52
CA PHE D 280 76.94 11.74 -44.70
C PHE D 280 76.11 12.96 -44.39
N LEU D 281 75.31 12.85 -43.34
CA LEU D 281 74.42 13.91 -42.93
C LEU D 281 75.24 15.14 -42.53
N GLU D 282 76.34 14.95 -41.80
CA GLU D 282 77.07 16.10 -41.27
C GLU D 282 77.98 16.84 -42.26
N ASN D 283 78.81 16.11 -43.02
CA ASN D 283 79.85 16.77 -43.80
C ASN D 283 79.49 16.95 -45.27
N TYR D 284 78.35 16.41 -45.68
CA TYR D 284 77.93 16.50 -47.08
C TYR D 284 76.55 17.07 -47.23
N LEU D 285 75.58 16.48 -46.54
CA LEU D 285 74.21 16.94 -46.65
C LEU D 285 74.07 18.34 -46.04
N LEU D 286 74.49 18.54 -44.79
CA LEU D 286 74.36 19.87 -44.21
C LEU D 286 75.50 20.82 -44.64
N THR D 287 75.68 20.97 -45.95
CA THR D 287 76.64 21.94 -46.48
C THR D 287 76.03 22.70 -47.65
N ASP D 288 76.66 23.80 -48.02
CA ASP D 288 76.19 24.61 -49.13
C ASP D 288 76.01 23.73 -50.36
N GLU D 289 76.94 22.80 -50.57
CA GLU D 289 76.95 21.96 -51.77
C GLU D 289 75.84 20.92 -51.79
N GLY D 290 75.68 20.20 -50.68
CA GLY D 290 74.65 19.18 -50.57
C GLY D 290 73.28 19.81 -50.65
N LEU D 291 73.07 20.82 -49.81
CA LEU D 291 71.81 21.55 -49.81
C LEU D 291 71.48 22.13 -51.17
N GLU D 292 72.46 22.79 -51.77
CA GLU D 292 72.32 23.35 -53.11
C GLU D 292 72.01 22.23 -54.14
N ALA D 293 72.69 21.08 -54.04
CA ALA D 293 72.40 19.98 -54.97
C ALA D 293 70.95 19.54 -54.85
N VAL D 294 70.54 19.23 -53.62
CA VAL D 294 69.16 18.81 -53.34
C VAL D 294 68.17 19.88 -53.78
N ASN D 295 68.51 21.15 -53.59
CA ASN D 295 67.62 22.26 -53.94
C ASN D 295 67.40 22.51 -55.43
N LYS D 296 68.44 22.32 -56.25
CA LYS D 296 68.27 22.51 -57.71
C LYS D 296 67.28 21.52 -58.27
N ASP D 297 67.45 20.28 -57.85
CA ASP D 297 66.55 19.21 -58.22
C ASP D 297 65.15 19.60 -57.83
N LYS D 298 64.93 19.90 -56.56
CA LYS D 298 63.60 20.32 -56.12
C LYS D 298 63.72 21.35 -55.01
N PRO D 299 63.15 22.54 -55.20
CA PRO D 299 63.33 23.51 -54.12
C PRO D 299 62.77 22.95 -52.83
N LEU D 300 63.57 22.95 -51.78
CA LEU D 300 63.09 22.50 -50.48
C LEU D 300 62.09 23.54 -50.04
N GLY D 301 62.39 24.79 -50.39
CA GLY D 301 61.60 25.91 -49.92
C GLY D 301 62.12 26.24 -48.54
N ALA D 302 63.12 25.48 -48.11
CA ALA D 302 63.65 25.62 -46.78
C ALA D 302 65.11 25.16 -46.66
N VAL D 303 65.92 25.81 -45.81
CA VAL D 303 67.33 25.43 -45.74
C VAL D 303 67.78 25.11 -44.30
N ALA D 304 68.76 24.22 -44.12
CA ALA D 304 69.14 23.81 -42.76
C ALA D 304 70.25 24.64 -42.12
N LEU D 305 71.20 25.07 -42.94
CA LEU D 305 72.36 25.85 -42.51
C LEU D 305 72.30 27.36 -42.82
N LYS D 306 72.50 28.15 -41.76
CA LYS D 306 72.50 29.61 -41.81
C LYS D 306 73.30 30.15 -43.00
N SER D 307 74.46 29.55 -43.25
CA SER D 307 75.33 30.01 -44.32
C SER D 307 74.56 30.04 -45.64
N TYR D 308 73.92 28.92 -45.99
CA TYR D 308 73.22 28.80 -47.27
C TYR D 308 71.89 29.53 -47.24
N GLU D 309 71.29 29.59 -46.06
CA GLU D 309 69.99 30.23 -45.95
C GLU D 309 70.18 31.72 -46.22
N GLU D 310 71.27 32.27 -45.69
CA GLU D 310 71.60 33.68 -45.85
C GLU D 310 71.86 34.10 -47.31
N GLU D 311 72.40 33.18 -48.11
CA GLU D 311 72.67 33.48 -49.51
C GLU D 311 71.37 33.74 -50.24
N LEU D 312 70.36 32.93 -49.95
CA LEU D 312 69.06 33.02 -50.61
C LEU D 312 68.19 34.03 -49.88
N ALA D 313 68.71 34.61 -48.82
CA ALA D 313 67.97 35.58 -48.02
C ALA D 313 67.59 36.78 -48.87
N LYS D 314 68.40 37.09 -49.87
CA LYS D 314 68.07 38.15 -50.82
C LYS D 314 66.76 37.74 -51.46
N ASP D 315 66.63 36.45 -51.74
CA ASP D 315 65.38 35.89 -52.23
C ASP D 315 64.31 36.01 -51.15
N PRO D 316 63.07 36.37 -51.55
CA PRO D 316 61.98 36.55 -50.59
C PRO D 316 61.62 35.29 -49.78
N ARG D 317 61.68 34.14 -50.45
CA ARG D 317 61.08 32.90 -49.95
C ARG D 317 61.62 32.30 -48.64
N ILE D 318 62.94 32.27 -48.48
CA ILE D 318 63.52 31.55 -47.34
C ILE D 318 63.62 32.45 -46.13
N ALA D 319 64.04 33.70 -46.30
CA ALA D 319 64.38 34.55 -45.17
C ALA D 319 63.18 34.77 -44.23
N ALA D 320 62.02 35.06 -44.79
CA ALA D 320 60.85 35.37 -44.00
C ALA D 320 60.22 34.10 -43.41
N THR D 321 60.26 33.02 -44.20
CA THR D 321 59.78 31.74 -43.69
C THR D 321 60.68 31.43 -42.48
N MET D 322 61.98 31.67 -42.66
CA MET D 322 62.98 31.43 -41.59
C MET D 322 62.82 32.35 -40.37
N GLU D 323 62.41 33.58 -40.63
CA GLU D 323 62.22 34.55 -39.57
C GLU D 323 61.09 34.09 -38.65
N ASN D 324 59.95 33.76 -39.26
CA ASN D 324 58.82 33.21 -38.51
C ASN D 324 59.12 31.95 -37.73
N ALA D 325 59.89 31.05 -38.33
CA ALA D 325 60.24 29.82 -37.63
C ALA D 325 60.94 30.12 -36.34
N GLN D 326 61.76 31.16 -36.38
CA GLN D 326 62.40 31.52 -35.13
C GLN D 326 61.26 31.96 -34.22
N LYS D 327 60.39 32.78 -34.80
CA LYS D 327 59.22 33.34 -34.13
C LYS D 327 58.06 32.36 -33.92
N GLY D 328 58.26 31.06 -34.09
CA GLY D 328 57.20 30.08 -33.88
C GLY D 328 57.46 28.92 -32.95
N GLU D 329 56.41 28.14 -32.70
CA GLU D 329 56.49 26.98 -31.84
C GLU D 329 56.60 25.71 -32.67
N ILE D 330 57.15 24.70 -32.01
CA ILE D 330 57.30 23.36 -32.54
C ILE D 330 56.07 22.48 -32.39
N MET D 331 55.68 21.76 -33.44
CA MET D 331 54.57 20.84 -33.34
C MET D 331 55.02 19.81 -32.30
N PRO D 332 54.14 19.47 -31.35
CA PRO D 332 54.53 18.37 -30.45
C PRO D 332 54.69 17.03 -31.13
N ASN D 333 55.84 16.41 -30.91
CA ASN D 333 56.07 15.07 -31.43
C ASN D 333 55.19 14.04 -30.77
N ILE D 334 54.98 14.22 -29.46
CA ILE D 334 54.26 13.26 -28.64
C ILE D 334 52.84 13.05 -29.16
N PRO D 335 52.22 11.93 -28.80
CA PRO D 335 50.84 11.58 -29.20
C PRO D 335 49.75 12.43 -28.54
N GLN D 336 48.52 12.30 -29.06
CA GLN D 336 47.31 13.00 -28.54
C GLN D 336 47.05 14.32 -29.27
N MET D 337 47.95 14.68 -30.17
CA MET D 337 47.78 15.84 -31.04
C MET D 337 46.38 15.93 -31.62
N SER D 338 45.90 14.80 -32.14
CA SER D 338 44.59 14.74 -32.79
C SER D 338 43.53 15.37 -31.90
N ALA D 339 43.63 15.16 -30.60
CA ALA D 339 42.65 15.73 -29.69
C ALA D 339 42.70 17.25 -29.69
N PHE D 340 43.90 17.80 -29.56
CA PHE D 340 44.09 19.24 -29.65
C PHE D 340 43.46 19.67 -30.96
N TRP D 341 43.89 19.00 -32.03
CA TRP D 341 43.44 19.31 -33.38
C TRP D 341 41.90 19.36 -33.50
N TYR D 342 41.22 18.37 -32.93
CA TYR D 342 39.76 18.33 -33.00
C TYR D 342 39.15 19.41 -32.14
N ALA D 343 39.70 19.53 -30.93
CA ALA D 343 39.28 20.53 -29.98
C ALA D 343 39.35 21.94 -30.55
N VAL D 344 40.50 22.31 -31.11
CA VAL D 344 40.66 23.67 -31.62
C VAL D 344 39.73 23.84 -32.80
N ARG D 345 39.60 22.80 -33.63
CA ARG D 345 38.73 22.91 -34.79
C ARG D 345 37.31 23.27 -34.35
N THR D 346 36.81 22.51 -33.37
CA THR D 346 35.45 22.72 -32.86
C THR D 346 35.33 24.09 -32.19
N ALA D 347 36.35 24.46 -31.41
CA ALA D 347 36.33 25.73 -30.67
C ALA D 347 36.28 26.93 -31.62
N VAL D 348 37.20 26.93 -32.57
CA VAL D 348 37.33 28.02 -33.53
C VAL D 348 36.04 28.21 -34.34
N ILE D 349 35.57 27.12 -34.93
CA ILE D 349 34.35 27.19 -35.74
C ILE D 349 33.20 27.74 -34.89
N ASN D 350 32.93 27.09 -33.75
CA ASN D 350 31.84 27.51 -32.86
C ASN D 350 31.97 28.96 -32.40
N ALA D 351 33.21 29.39 -32.17
CA ALA D 351 33.47 30.75 -31.72
C ALA D 351 33.25 31.76 -32.84
N ALA D 352 33.49 31.31 -34.07
CA ALA D 352 33.38 32.18 -35.24
C ALA D 352 31.93 32.33 -35.71
N SER D 353 31.15 31.25 -35.60
CA SER D 353 29.75 31.31 -36.00
C SER D 353 28.92 32.08 -34.97
N GLY D 354 29.42 32.15 -33.74
CA GLY D 354 28.70 32.80 -32.66
C GLY D 354 27.78 31.86 -31.90
N ARG D 355 27.86 30.57 -32.19
CA ARG D 355 27.12 29.55 -31.46
C ARG D 355 27.51 29.61 -29.99
N GLN D 356 28.80 29.82 -29.77
CA GLN D 356 29.36 29.90 -28.42
C GLN D 356 30.31 31.10 -28.30
N THR D 357 30.48 31.56 -27.06
CA THR D 357 31.49 32.57 -26.72
C THR D 357 32.92 32.04 -26.76
N VAL D 358 33.89 32.95 -26.85
CA VAL D 358 35.29 32.58 -26.90
C VAL D 358 35.72 31.78 -25.67
N ASP D 359 35.26 32.24 -24.51
CA ASP D 359 35.64 31.62 -23.24
C ASP D 359 35.11 30.20 -23.17
N ALA D 360 33.86 30.03 -23.55
CA ALA D 360 33.25 28.70 -23.52
C ALA D 360 33.96 27.81 -24.53
N ALA D 361 34.35 28.36 -25.68
CA ALA D 361 35.00 27.53 -26.68
C ALA D 361 36.39 27.04 -26.24
N LEU D 362 37.24 27.96 -25.77
CA LEU D 362 38.59 27.55 -25.39
C LEU D 362 38.58 26.74 -24.09
N ALA D 363 37.63 27.10 -23.21
CA ALA D 363 37.48 26.40 -21.95
C ALA D 363 37.04 24.97 -22.17
N ALA D 364 36.01 24.83 -23.00
CA ALA D 364 35.48 23.53 -23.31
C ALA D 364 36.55 22.71 -24.00
N ALA D 365 37.37 23.37 -24.83
CA ALA D 365 38.39 22.61 -25.51
C ALA D 365 39.36 21.99 -24.51
N GLN D 366 39.87 22.81 -23.59
CA GLN D 366 40.87 22.30 -22.65
C GLN D 366 40.32 21.25 -21.68
N THR D 367 39.11 21.46 -21.18
CA THR D 367 38.56 20.45 -20.27
C THR D 367 38.38 19.14 -21.00
N ASN D 368 37.81 19.16 -22.21
CA ASN D 368 37.56 17.87 -22.85
C ASN D 368 38.78 17.38 -23.64
N ALA D 369 39.65 18.30 -24.07
CA ALA D 369 40.87 17.93 -24.76
C ALA D 369 41.82 17.19 -23.83
N ALA D 370 41.50 17.21 -22.54
CA ALA D 370 42.33 16.64 -21.49
C ALA D 370 42.40 15.12 -21.40
N ALA D 371 41.30 14.44 -21.66
CA ALA D 371 41.22 13.01 -21.41
C ALA D 371 40.92 12.19 -22.65
N PRO D 372 41.58 11.04 -22.76
CA PRO D 372 41.39 10.15 -23.91
C PRO D 372 39.95 9.63 -24.01
N GLY D 373 39.33 9.41 -22.85
CA GLY D 373 38.01 8.78 -22.83
C GLY D 373 36.96 9.57 -23.60
N LEU D 374 36.98 10.89 -23.46
CA LEU D 374 36.07 11.72 -24.25
C LEU D 374 36.26 11.40 -25.71
N HIS D 375 37.52 11.29 -26.08
CA HIS D 375 37.92 11.02 -27.44
C HIS D 375 37.50 9.67 -27.92
N ALA D 376 37.57 8.68 -27.06
CA ALA D 376 37.17 7.34 -27.46
C ALA D 376 35.67 7.36 -27.83
N ILE D 377 34.87 8.02 -26.98
CA ILE D 377 33.46 8.20 -27.34
C ILE D 377 33.36 9.02 -28.65
N TYR D 378 34.18 10.07 -28.73
CA TYR D 378 34.19 10.95 -29.89
C TYR D 378 34.59 10.18 -31.16
N GLY D 379 35.47 9.20 -30.97
CA GLY D 379 35.92 8.35 -32.04
C GLY D 379 34.78 7.58 -32.65
N GLU D 380 34.05 6.89 -31.77
CA GLU D 380 32.93 6.07 -32.20
C GLU D 380 31.90 6.93 -32.98
N CYS D 381 31.67 8.13 -32.45
CA CYS D 381 30.69 9.02 -33.09
C CYS D 381 31.11 9.41 -34.50
N ARG D 382 32.41 9.65 -34.67
CA ARG D 382 32.93 10.03 -35.99
C ARG D 382 32.90 8.86 -36.96
N ARG D 383 33.13 7.66 -36.44
CA ARG D 383 33.13 6.47 -37.30
C ARG D 383 31.81 6.36 -38.02
N LEU D 384 30.75 6.48 -37.22
CA LEU D 384 29.38 6.44 -37.73
C LEU D 384 28.97 7.72 -38.46
N TYR D 385 29.51 8.87 -38.04
CA TYR D 385 29.10 10.15 -38.63
C TYR D 385 30.30 10.98 -39.06
N PRO D 386 31.05 10.46 -40.05
CA PRO D 386 32.24 11.16 -40.53
C PRO D 386 31.88 12.48 -41.17
N ASP D 387 30.71 12.53 -41.79
CA ASP D 387 30.32 13.72 -42.53
C ASP D 387 30.27 14.95 -41.66
N GLN D 388 29.89 14.79 -40.40
CA GLN D 388 29.81 15.92 -39.47
C GLN D 388 30.87 15.81 -38.39
N PRO D 389 31.83 16.73 -38.39
CA PRO D 389 32.85 16.85 -37.35
C PRO D 389 32.49 17.80 -36.20
N ASN D 390 31.36 18.48 -36.33
CA ASN D 390 30.89 19.43 -35.32
C ASN D 390 29.42 19.28 -34.97
N PRO D 391 29.06 18.24 -34.21
CA PRO D 391 27.65 18.07 -33.86
C PRO D 391 27.15 19.13 -32.88
N LEU D 392 25.90 19.57 -33.02
CA LEU D 392 25.35 20.50 -32.06
C LEU D 392 25.51 19.74 -30.75
N GLN D 393 25.99 20.43 -29.72
CA GLN D 393 26.36 19.74 -28.50
C GLN D 393 25.88 20.54 -27.30
N VAL D 394 25.14 19.86 -26.41
CA VAL D 394 24.69 20.49 -25.17
C VAL D 394 25.75 20.28 -24.12
N THR D 395 26.20 21.38 -23.51
CA THR D 395 27.26 21.34 -22.51
C THR D 395 26.74 21.80 -21.15
N ALA D 396 27.09 21.07 -20.10
CA ALA D 396 26.83 21.52 -18.74
C ALA D 396 27.88 22.55 -18.35
N ILE D 397 27.48 23.80 -18.20
CA ILE D 397 28.43 24.88 -17.94
C ILE D 397 28.98 24.80 -16.51
N VAL D 398 28.14 24.38 -15.57
CA VAL D 398 28.57 24.11 -14.21
C VAL D 398 28.90 22.62 -14.07
N LYS D 399 30.17 22.26 -14.10
CA LYS D 399 30.53 20.84 -14.10
C LYS D 399 30.04 20.14 -12.83
N TYR D 400 29.64 18.89 -12.99
CA TYR D 400 29.07 18.07 -11.93
C TYR D 400 30.00 17.97 -10.73
N TRP D 401 31.28 17.75 -10.98
CA TRP D 401 32.23 17.55 -9.88
C TRP D 401 32.54 18.83 -9.13
N LEU D 402 31.94 19.94 -9.55
CA LEU D 402 32.05 21.20 -8.83
C LEU D 402 30.69 21.53 -8.22
N GLY D 403 29.85 20.50 -8.09
CA GLY D 403 28.54 20.65 -7.48
C GLY D 403 27.41 20.73 -8.48
N GLY D 404 27.73 20.71 -9.77
CA GLY D 404 26.71 20.90 -10.79
C GLY D 404 25.57 19.90 -10.72
N PRO D 405 24.39 20.30 -11.17
CA PRO D 405 23.23 19.40 -11.16
C PRO D 405 23.28 18.36 -12.27
N ASP D 406 23.87 18.73 -13.40
CA ASP D 406 23.90 17.85 -14.58
C ASP D 406 25.16 17.00 -14.58
N PRO D 407 25.03 15.68 -14.38
CA PRO D 407 26.22 14.83 -14.36
C PRO D 407 26.78 14.53 -15.75
N LEU D 408 25.97 14.72 -16.78
CA LEU D 408 26.43 14.50 -18.14
C LEU D 408 27.08 15.77 -18.65
N ASP D 409 28.40 15.74 -18.76
CA ASP D 409 29.16 16.91 -19.15
C ASP D 409 28.73 17.38 -20.53
N TYR D 410 28.62 16.42 -21.45
CA TYR D 410 28.25 16.72 -22.83
C TYR D 410 27.18 15.77 -23.34
N VAL D 411 26.34 16.28 -24.24
CA VAL D 411 25.41 15.42 -24.99
C VAL D 411 25.43 15.84 -26.46
N SER D 412 26.04 15.00 -27.30
CA SER D 412 26.20 15.31 -28.72
C SER D 412 24.96 14.89 -29.49
N MET D 413 24.59 15.66 -30.51
CA MET D 413 23.35 15.38 -31.25
C MET D 413 23.67 15.29 -32.74
N TYR D 414 23.47 14.10 -33.28
CA TYR D 414 23.87 13.77 -34.64
C TYR D 414 22.64 13.65 -35.53
N ARG D 415 22.83 13.81 -36.83
CA ARG D 415 21.75 13.57 -37.76
C ARG D 415 22.02 12.25 -38.43
N ASN D 416 21.12 11.29 -38.22
CA ASN D 416 21.25 10.00 -38.86
C ASN D 416 20.20 9.85 -39.91
N VAL D 417 20.63 9.67 -41.15
CA VAL D 417 19.71 9.53 -42.26
C VAL D 417 18.91 8.25 -42.13
N GLY D 418 19.52 7.23 -41.55
CA GLY D 418 18.91 5.92 -41.55
C GLY D 418 19.25 5.24 -42.87
N SER D 419 18.45 4.25 -43.24
CA SER D 419 18.65 3.51 -44.47
C SER D 419 17.33 3.19 -45.12
N PRO D 420 17.00 3.87 -46.22
CA PRO D 420 15.71 3.69 -46.92
C PRO D 420 15.50 2.29 -47.50
N SER D 421 16.56 1.57 -47.84
CA SER D 421 16.38 0.21 -48.35
C SER D 421 15.83 -0.71 -47.26
N ALA D 422 16.29 -0.50 -46.03
CA ALA D 422 15.83 -1.29 -44.89
C ALA D 422 14.56 -0.77 -44.24
N ASN D 423 14.02 0.34 -44.75
CA ASN D 423 12.82 0.94 -44.17
C ASN D 423 13.11 1.49 -42.78
N ILE D 424 14.24 2.18 -42.65
CA ILE D 424 14.63 2.84 -41.41
C ILE D 424 14.61 4.35 -41.61
N PRO D 425 13.70 5.05 -40.92
CA PRO D 425 13.53 6.50 -41.10
C PRO D 425 14.72 7.35 -40.66
N GLU D 426 14.82 8.55 -41.22
CA GLU D 426 15.77 9.56 -40.77
C GLU D 426 15.44 10.02 -39.35
N HIS D 427 16.45 10.13 -38.50
CA HIS D 427 16.26 10.44 -37.09
C HIS D 427 17.48 11.14 -36.45
N TRP D 428 17.31 11.61 -35.20
CA TRP D 428 18.41 12.20 -34.44
C TRP D 428 18.99 11.22 -33.43
N HIS D 429 20.32 11.16 -33.37
CA HIS D 429 21.00 10.22 -32.46
C HIS D 429 21.76 10.99 -31.38
N TYR D 430 21.28 10.89 -30.14
CA TYR D 430 21.93 11.58 -29.01
C TYR D 430 22.93 10.64 -28.32
N ILE D 431 24.15 11.15 -28.05
CA ILE D 431 25.15 10.41 -27.29
C ILE D 431 25.63 11.27 -26.12
N SER D 432 25.78 10.62 -24.97
CA SER D 432 26.14 11.29 -23.71
C SER D 432 27.58 11.07 -23.25
N PHE D 433 28.05 11.99 -22.40
CA PHE D 433 29.38 11.93 -21.83
C PHE D 433 29.33 12.30 -20.35
N GLY D 434 29.70 11.34 -19.50
CA GLY D 434 29.72 11.55 -18.07
C GLY D 434 29.54 10.26 -17.28
N LEU D 435 28.68 9.36 -17.72
CA LEU D 435 28.48 8.09 -17.00
C LEU D 435 29.74 7.25 -16.99
N SER D 436 30.44 7.22 -18.12
CA SER D 436 31.75 6.58 -18.17
C SER D 436 32.78 7.46 -17.47
N ASP D 437 33.93 6.90 -17.13
CA ASP D 437 35.00 7.66 -16.53
C ASP D 437 35.73 8.36 -17.66
N LEU D 438 35.47 9.65 -17.81
CA LEU D 438 36.02 10.42 -18.91
C LEU D 438 37.45 10.87 -18.72
N TYR D 439 37.77 11.36 -17.52
CA TYR D 439 39.05 12.00 -17.22
C TYR D 439 40.01 11.10 -16.43
N GLY D 440 39.44 10.23 -15.61
CA GLY D 440 40.21 9.26 -14.89
C GLY D 440 41.18 9.74 -13.84
N ASP D 441 40.74 10.74 -13.13
CA ASP D 441 41.51 11.30 -12.04
C ASP D 441 40.70 11.39 -10.76
N ASN D 442 39.66 10.56 -10.65
CA ASN D 442 38.85 10.48 -9.43
C ASN D 442 37.99 11.71 -9.15
N ARG D 443 37.89 12.62 -10.13
CA ARG D 443 37.10 13.83 -9.95
C ARG D 443 35.59 13.50 -9.89
N VAL D 444 35.15 12.49 -10.65
CA VAL D 444 33.76 12.02 -10.60
C VAL D 444 33.67 10.51 -10.34
N HIS D 445 34.53 9.73 -10.99
CA HIS D 445 34.46 8.29 -10.88
C HIS D 445 35.73 7.72 -10.29
N GLU D 446 35.54 6.82 -9.33
CA GLU D 446 36.65 6.15 -8.70
C GLU D 446 37.31 5.32 -9.77
N PHE D 447 38.59 5.59 -10.00
CA PHE D 447 39.40 4.94 -11.01
C PHE D 447 39.50 3.43 -10.82
N THR D 448 39.29 2.66 -11.89
CA THR D 448 39.36 1.20 -11.81
C THR D 448 40.39 0.57 -12.76
N GLY D 449 40.88 1.33 -13.75
CA GLY D 449 41.80 0.77 -14.72
C GLY D 449 41.13 0.33 -16.01
N THR D 450 41.94 -0.14 -16.94
CA THR D 450 41.49 -0.57 -18.27
C THR D 450 40.57 -1.79 -18.20
N ASP D 451 41.02 -2.85 -17.53
CA ASP D 451 40.17 -4.04 -17.35
C ASP D 451 38.96 -3.63 -16.53
N GLY D 452 37.77 -4.10 -16.94
CA GLY D 452 36.56 -3.71 -16.25
C GLY D 452 35.96 -2.45 -16.84
N PRO D 453 34.75 -2.09 -16.38
CA PRO D 453 33.97 -0.97 -16.89
C PRO D 453 34.57 0.38 -16.52
N SER D 454 34.51 1.33 -17.44
CA SER D 454 34.91 2.72 -17.20
C SER D 454 33.77 3.47 -16.51
N GLY D 455 33.99 3.96 -15.29
CA GLY D 455 32.90 4.57 -14.53
C GLY D 455 31.76 3.57 -14.37
N PHE D 456 30.55 3.99 -14.74
CA PHE D 456 29.41 3.08 -14.72
C PHE D 456 29.47 2.07 -15.86
N GLY D 457 30.45 2.22 -16.75
CA GLY D 457 30.74 1.22 -17.76
C GLY D 457 29.92 1.35 -19.03
N PHE D 458 29.10 2.38 -19.09
CA PHE D 458 28.29 2.63 -20.28
C PHE D 458 27.99 4.12 -20.44
N GLU D 459 27.50 4.47 -21.61
CA GLU D 459 26.98 5.83 -21.87
C GLU D 459 25.58 5.68 -22.45
N LEU D 460 24.75 6.70 -22.28
CA LEU D 460 23.39 6.65 -22.80
C LEU D 460 23.36 7.13 -24.24
N THR D 461 22.46 6.51 -25.02
CA THR D 461 22.18 7.01 -26.36
C THR D 461 20.65 7.04 -26.56
N PHE D 462 20.23 7.72 -27.63
CA PHE D 462 18.80 7.87 -27.88
C PHE D 462 18.59 8.11 -29.35
N ARG D 463 17.50 7.59 -29.92
CA ARG D 463 17.19 7.81 -31.33
C ARG D 463 15.79 8.37 -31.53
N LEU D 464 15.71 9.64 -31.91
CA LEU D 464 14.41 10.30 -32.03
C LEU D 464 14.05 10.52 -33.51
N LYS D 465 12.99 9.88 -33.97
CA LYS D 465 12.52 10.02 -35.35
C LYS D 465 12.43 11.50 -35.70
N ARG D 466 13.06 11.87 -36.81
CA ARG D 466 13.06 13.27 -37.25
C ARG D 466 11.71 13.63 -37.83
N GLU D 467 11.08 14.66 -37.28
CA GLU D 467 9.80 15.15 -37.77
C GLU D 467 10.02 15.98 -39.04
N THR D 468 8.96 16.24 -39.79
CA THR D 468 9.09 17.03 -41.01
C THR D 468 9.46 18.48 -40.70
N GLY D 469 10.28 19.06 -41.57
CA GLY D 469 10.70 20.45 -41.42
C GLY D 469 11.50 20.74 -40.16
N GLU D 470 12.13 19.70 -39.61
CA GLU D 470 13.01 19.88 -38.48
C GLU D 470 14.42 20.11 -39.01
N SER D 471 14.90 21.33 -38.85
CA SER D 471 16.22 21.72 -39.32
C SER D 471 17.31 21.20 -38.40
N ALA D 472 17.03 21.19 -37.10
CA ALA D 472 18.02 20.83 -36.08
C ALA D 472 17.41 19.86 -35.07
N PRO D 473 18.27 19.10 -34.36
CA PRO D 473 17.76 18.18 -33.34
C PRO D 473 17.19 18.91 -32.10
N PRO D 474 16.01 18.51 -31.60
CA PRO D 474 15.50 19.11 -30.35
C PRO D 474 16.40 18.78 -29.17
N THR D 475 16.36 19.60 -28.13
CA THR D 475 17.30 19.45 -27.03
C THR D 475 16.71 18.72 -25.82
N TRP D 476 15.39 18.51 -25.79
CA TRP D 476 14.77 17.92 -24.60
C TRP D 476 15.33 16.51 -24.26
N PRO D 477 15.73 15.71 -25.27
CA PRO D 477 16.29 14.40 -24.92
C PRO D 477 17.56 14.49 -24.08
N ALA D 478 18.28 15.61 -24.16
CA ALA D 478 19.46 15.80 -23.35
C ALA D 478 19.01 15.88 -21.89
N GLU D 479 17.93 16.63 -21.65
CA GLU D 479 17.39 16.77 -20.30
C GLU D 479 16.90 15.41 -19.78
N LEU D 480 16.26 14.64 -20.66
CA LEU D 480 15.84 13.30 -20.27
C LEU D 480 17.05 12.50 -19.84
N MET D 481 18.11 12.57 -20.65
CA MET D 481 19.35 11.85 -20.35
C MET D 481 19.98 12.33 -19.05
N GLN D 482 19.85 13.63 -18.80
CA GLN D 482 20.37 14.16 -17.54
C GLN D 482 19.63 13.50 -16.37
N GLY D 483 18.29 13.43 -16.50
CA GLY D 483 17.47 12.81 -15.47
C GLY D 483 17.89 11.39 -15.13
N LEU D 484 17.94 10.54 -16.17
CA LEU D 484 18.39 9.17 -15.97
C LEU D 484 19.77 9.15 -15.31
N ALA D 485 20.64 10.06 -15.76
CA ALA D 485 22.00 10.06 -15.23
C ALA D 485 21.98 10.35 -13.73
N ARG D 486 21.13 11.29 -13.31
CA ARG D 486 21.08 11.65 -11.90
C ARG D 486 20.66 10.41 -11.12
N TYR D 487 19.57 9.78 -11.59
CA TYR D 487 19.09 8.59 -10.90
C TYR D 487 20.25 7.62 -10.76
N VAL D 488 20.99 7.41 -11.84
CA VAL D 488 22.07 6.44 -11.79
C VAL D 488 23.13 6.84 -10.76
N PHE D 489 23.51 8.12 -10.73
CA PHE D 489 24.57 8.55 -9.81
C PHE D 489 24.16 8.53 -8.33
N GLN D 490 22.89 8.88 -8.09
CA GLN D 490 22.33 8.89 -6.75
C GLN D 490 22.12 7.50 -6.17
N SER D 491 21.54 6.62 -6.99
CA SER D 491 21.10 5.33 -6.50
C SER D 491 22.20 4.29 -6.62
N GLU D 492 23.29 4.67 -7.30
CA GLU D 492 24.48 3.84 -7.35
C GLU D 492 24.26 2.47 -7.99
N ASN D 493 23.18 2.31 -8.75
CA ASN D 493 22.85 1.03 -9.36
C ASN D 493 22.87 1.13 -10.87
N THR D 494 23.60 0.23 -11.51
CA THR D 494 23.73 0.22 -12.95
C THR D 494 22.53 -0.35 -13.69
N PHE D 495 22.42 0.03 -14.95
CA PHE D 495 21.47 -0.55 -15.89
C PHE D 495 22.12 -1.59 -16.81
N CYS D 496 21.31 -2.53 -17.29
CA CYS D 496 21.76 -3.57 -18.20
C CYS D 496 20.75 -3.62 -19.34
N SER D 497 21.15 -4.17 -20.48
CA SER D 497 20.24 -4.27 -21.60
C SER D 497 19.02 -5.10 -21.21
N GLY D 498 17.83 -4.60 -21.57
CA GLY D 498 16.61 -5.30 -21.24
C GLY D 498 16.04 -4.75 -19.96
N ASP D 499 16.82 -3.92 -19.27
CA ASP D 499 16.32 -3.23 -18.08
C ASP D 499 15.21 -2.25 -18.49
N HIS D 500 14.28 -2.00 -17.59
CA HIS D 500 13.16 -1.10 -17.86
C HIS D 500 13.16 0.02 -16.87
N VAL D 501 12.66 1.17 -17.28
CA VAL D 501 12.67 2.33 -16.43
C VAL D 501 11.31 2.97 -16.40
N SER D 502 10.62 2.88 -15.28
CA SER D 502 9.29 3.50 -15.18
C SER D 502 9.39 5.01 -15.08
N TRP D 503 8.87 5.73 -16.08
CA TRP D 503 8.97 7.19 -16.08
C TRP D 503 7.54 7.78 -15.95
N HIS D 504 6.53 7.06 -16.39
CA HIS D 504 5.15 7.45 -16.12
C HIS D 504 4.85 8.90 -16.49
N SER D 505 5.60 9.41 -17.43
CA SER D 505 5.37 10.74 -17.91
C SER D 505 5.92 10.86 -19.30
N PRO D 506 5.23 11.60 -20.17
CA PRO D 506 5.71 11.80 -21.53
C PRO D 506 7.12 12.33 -21.52
N LEU D 507 7.98 11.63 -22.25
CA LEU D 507 9.42 11.87 -22.18
C LEU D 507 9.76 13.30 -22.61
N ASP D 508 8.98 13.84 -23.52
CA ASP D 508 9.24 15.15 -24.08
C ASP D 508 8.32 16.25 -23.55
N ASN D 509 7.70 16.03 -22.39
CA ASN D 509 6.83 17.04 -21.79
C ASN D 509 5.64 17.44 -22.67
N SER D 510 5.15 16.47 -23.42
CA SER D 510 3.98 16.64 -24.29
C SER D 510 2.86 15.71 -23.83
N GLU D 511 1.76 15.63 -24.57
CA GLU D 511 0.67 14.71 -24.23
C GLU D 511 0.87 13.34 -24.87
N SER D 512 2.09 13.03 -25.30
CA SER D 512 2.36 11.80 -26.03
C SER D 512 2.05 10.60 -25.15
N ARG D 513 1.60 9.53 -25.79
CA ARG D 513 1.24 8.31 -25.07
C ARG D 513 2.46 7.72 -24.41
N ILE D 514 3.60 7.90 -25.05
CA ILE D 514 4.86 7.37 -24.52
C ILE D 514 5.18 8.04 -23.21
N GLN D 515 5.56 7.24 -22.22
CA GLN D 515 5.80 7.72 -20.86
C GLN D 515 6.79 6.85 -20.07
N HIS D 516 7.46 5.91 -20.72
CA HIS D 516 8.38 5.01 -20.03
C HIS D 516 9.55 4.68 -20.94
N MET D 517 10.50 3.89 -20.45
CA MET D 517 11.73 3.59 -21.20
C MET D 517 12.20 2.14 -21.03
N LEU D 518 12.76 1.60 -22.11
CA LEU D 518 13.49 0.33 -22.04
C LEU D 518 14.91 0.61 -22.49
N LEU D 519 15.85 -0.24 -22.05
CA LEU D 519 17.25 -0.03 -22.37
C LEU D 519 17.79 -1.22 -23.16
N THR D 520 18.48 -0.91 -24.26
CA THR D 520 19.06 -1.95 -25.11
C THR D 520 20.41 -1.52 -25.62
N GLU D 521 21.21 -2.48 -26.09
CA GLU D 521 22.51 -2.15 -26.67
C GLU D 521 22.24 -1.33 -27.94
N ASP D 522 22.99 -0.26 -28.13
CA ASP D 522 22.82 0.49 -29.37
C ASP D 522 23.25 -0.38 -30.54
N PRO D 523 22.40 -0.50 -31.57
CA PRO D 523 22.77 -1.32 -32.72
C PRO D 523 23.97 -0.78 -33.50
N GLN D 524 24.01 0.54 -33.73
CA GLN D 524 25.07 1.14 -34.53
C GLN D 524 26.44 1.19 -33.84
N MET D 525 26.44 1.48 -32.55
CA MET D 525 27.67 1.71 -31.78
C MET D 525 28.42 0.44 -31.39
N GLN D 526 29.75 0.51 -31.34
CA GLN D 526 30.54 -0.57 -30.79
C GLN D 526 31.29 -0.14 -29.51
N PRO D 527 31.35 -1.03 -28.50
CA PRO D 527 32.06 -0.67 -27.27
C PRO D 527 33.52 -0.30 -27.52
N VAL D 528 34.08 0.57 -26.69
CA VAL D 528 35.43 1.07 -26.93
C VAL D 528 36.29 0.80 -25.69
N GLN D 529 37.59 0.66 -25.91
CA GLN D 529 38.52 0.43 -24.82
C GLN D 529 39.29 1.71 -24.49
N THR D 530 39.25 2.11 -23.22
CA THR D 530 39.91 3.32 -22.76
C THR D 530 40.82 3.05 -21.57
N PRO D 531 41.90 3.83 -21.42
CA PRO D 531 42.83 3.59 -20.31
C PRO D 531 42.15 3.47 -18.94
N PHE D 532 40.92 3.97 -18.84
CA PHE D 532 40.13 3.93 -17.60
C PHE D 532 38.99 2.90 -17.56
N GLY D 533 38.91 2.01 -18.55
CA GLY D 533 37.88 1.00 -18.55
C GLY D 533 37.31 0.72 -19.93
N VAL D 534 36.19 0.01 -19.95
CA VAL D 534 35.47 -0.35 -21.18
C VAL D 534 34.13 0.38 -21.20
N VAL D 535 33.78 0.95 -22.35
CA VAL D 535 32.52 1.68 -22.44
C VAL D 535 31.63 1.08 -23.51
N THR D 536 30.44 0.65 -23.07
CA THR D 536 29.41 0.19 -23.97
C THR D 536 28.42 1.33 -24.09
N PHE D 537 27.44 1.15 -24.96
CA PHE D 537 26.44 2.20 -25.18
C PHE D 537 25.01 1.63 -25.06
N LEU D 538 24.29 2.12 -24.05
CA LEU D 538 22.91 1.70 -23.82
C LEU D 538 21.96 2.71 -24.43
N GLN D 539 21.25 2.27 -25.47
CA GLN D 539 20.23 3.11 -26.06
C GLN D 539 18.92 3.08 -25.28
N ILE D 540 18.28 4.26 -25.23
CA ILE D 540 17.00 4.42 -24.59
C ILE D 540 15.93 4.18 -25.63
N VAL D 541 14.87 3.47 -25.25
CA VAL D 541 13.74 3.23 -26.16
C VAL D 541 12.44 3.61 -25.48
N GLY D 542 11.75 4.60 -26.04
CA GLY D 542 10.51 5.09 -25.46
C GLY D 542 9.41 4.08 -25.68
N VAL D 543 8.64 3.81 -24.62
CA VAL D 543 7.57 2.83 -24.71
C VAL D 543 6.33 3.35 -24.01
N CYS D 544 5.21 2.66 -24.25
CA CYS D 544 3.92 2.98 -23.64
C CYS D 544 3.78 2.22 -22.32
N THR D 545 2.82 2.66 -21.50
CA THR D 545 2.64 2.07 -20.18
C THR D 545 2.38 0.56 -20.32
N GLU D 546 1.63 0.19 -21.36
CA GLU D 546 1.29 -1.20 -21.59
C GLU D 546 2.52 -2.03 -21.96
N GLU D 547 3.36 -1.46 -22.80
CA GLU D 547 4.56 -2.17 -23.23
C GLU D 547 5.55 -2.36 -22.06
N LEU D 548 5.63 -1.36 -21.18
CA LEU D 548 6.45 -1.45 -19.99
C LEU D 548 5.97 -2.60 -19.13
N HIS D 549 4.63 -2.65 -19.01
CA HIS D 549 4.03 -3.67 -18.15
C HIS D 549 4.35 -5.06 -18.70
N SER D 550 4.33 -5.17 -20.03
CA SER D 550 4.59 -6.46 -20.64
C SER D 550 6.01 -6.88 -20.35
N ALA D 551 6.92 -5.89 -20.36
CA ALA D 551 8.34 -6.16 -20.09
C ALA D 551 8.51 -6.66 -18.65
N GLN D 552 7.77 -6.04 -17.73
CA GLN D 552 7.83 -6.43 -16.33
C GLN D 552 7.31 -7.86 -16.15
N GLN D 553 6.25 -8.19 -16.91
CA GLN D 553 5.57 -9.47 -16.75
C GLN D 553 6.31 -10.62 -17.40
N TRP D 554 6.93 -10.33 -18.54
CA TRP D 554 7.67 -11.32 -19.31
C TRP D 554 9.18 -11.05 -19.15
N ASN D 555 9.77 -10.22 -20.02
CA ASN D 555 11.13 -9.70 -19.83
C ASN D 555 11.45 -8.61 -20.84
N GLY D 556 12.55 -7.89 -20.62
CA GLY D 556 12.88 -6.77 -21.47
C GLY D 556 13.23 -7.15 -22.91
N GLN D 557 14.07 -8.19 -23.02
CA GLN D 557 14.57 -8.62 -24.32
C GLN D 557 13.41 -8.99 -25.26
N GLY D 558 12.40 -9.65 -24.70
CA GLY D 558 11.27 -10.07 -25.51
C GLY D 558 10.53 -8.88 -26.10
N ILE D 559 10.18 -7.92 -25.26
CA ILE D 559 9.45 -6.74 -25.73
C ILE D 559 10.31 -5.93 -26.70
N LEU D 560 11.63 -5.98 -26.51
CA LEU D 560 12.52 -5.28 -27.42
C LEU D 560 12.44 -5.88 -28.84
N GLU D 561 12.49 -7.21 -28.90
CA GLU D 561 12.36 -7.85 -30.21
C GLU D 561 11.04 -7.49 -30.87
N LEU D 562 9.95 -7.59 -30.11
CA LEU D 562 8.64 -7.21 -30.66
C LEU D 562 8.66 -5.77 -31.19
N LEU D 563 9.33 -4.88 -30.47
CA LEU D 563 9.45 -3.49 -30.93
C LEU D 563 10.24 -3.40 -32.22
N ARG D 564 11.15 -4.36 -32.42
CA ARG D 564 11.96 -4.38 -33.66
C ARG D 564 11.08 -4.58 -34.88
N THR D 565 10.04 -5.40 -34.73
CA THR D 565 9.15 -5.75 -35.82
C THR D 565 8.38 -4.54 -36.36
N VAL D 566 7.97 -3.65 -35.49
CA VAL D 566 7.14 -2.52 -35.91
C VAL D 566 7.95 -1.23 -36.17
N PRO D 567 7.83 -0.67 -37.39
CA PRO D 567 8.57 0.54 -37.74
C PRO D 567 8.16 1.70 -36.82
N ILE D 568 6.86 1.79 -36.54
CA ILE D 568 6.32 2.81 -35.65
C ILE D 568 6.80 2.53 -34.23
N ALA D 569 6.87 1.24 -33.92
CA ALA D 569 7.37 0.80 -32.64
C ALA D 569 8.80 1.17 -32.44
N GLY D 570 9.53 1.13 -33.53
CA GLY D 570 10.96 1.36 -33.48
C GLY D 570 11.66 0.82 -34.70
N GLY D 571 11.59 -0.49 -34.89
CA GLY D 571 12.26 -1.14 -35.99
C GLY D 571 13.64 -1.60 -35.60
N PRO D 572 14.40 -2.16 -36.55
CA PRO D 572 15.64 -2.85 -36.23
C PRO D 572 16.57 -1.99 -35.37
N TRP D 573 16.49 -0.67 -35.53
CA TRP D 573 17.32 0.24 -34.75
C TRP D 573 16.61 0.86 -33.55
N LEU D 574 15.34 0.51 -33.37
CA LEU D 574 14.57 0.94 -32.21
C LEU D 574 14.54 2.46 -32.06
N ILE D 575 14.08 3.12 -33.11
CA ILE D 575 13.86 4.56 -33.07
C ILE D 575 12.59 4.89 -32.28
N THR D 576 12.67 5.88 -31.41
CA THR D 576 11.54 6.23 -30.57
C THR D 576 10.80 7.46 -31.07
N ASP D 577 9.48 7.35 -31.19
CA ASP D 577 8.64 8.48 -31.58
C ASP D 577 7.60 8.88 -30.55
N MET D 578 7.64 10.15 -30.14
CA MET D 578 6.67 10.71 -29.22
C MET D 578 5.29 10.66 -29.87
N ARG D 579 5.26 10.87 -31.18
CA ARG D 579 4.01 11.02 -31.92
C ARG D 579 3.11 9.79 -31.91
N ARG D 580 3.70 8.61 -31.88
CA ARG D 580 2.91 7.39 -32.00
C ARG D 580 1.79 7.37 -30.97
N GLY D 581 0.63 6.95 -31.44
CA GLY D 581 -0.60 7.03 -30.69
C GLY D 581 -1.12 5.66 -30.39
N GLU D 582 -0.52 4.61 -30.93
CA GLU D 582 -0.95 3.22 -30.74
C GLU D 582 0.13 2.36 -30.09
N THR D 583 -0.26 1.40 -29.25
CA THR D 583 0.65 0.40 -28.71
C THR D 583 0.92 -0.68 -29.74
N ILE D 584 1.98 -1.45 -29.53
CA ILE D 584 2.32 -2.53 -30.45
C ILE D 584 1.27 -3.62 -30.48
N PHE D 585 0.40 -3.66 -29.48
CA PHE D 585 -0.63 -4.69 -29.40
C PHE D 585 -1.89 -4.26 -30.16
N GLU D 586 -2.15 -2.96 -30.16
CA GLU D 586 -3.24 -2.40 -30.95
C GLU D 586 -2.94 -2.47 -32.44
N ILE D 587 -1.67 -2.45 -32.79
CA ILE D 587 -1.26 -2.55 -34.18
C ILE D 587 -1.30 -4.02 -34.58
N ASP D 588 -1.01 -4.91 -33.64
CA ASP D 588 -1.02 -6.34 -33.92
C ASP D 588 -1.30 -7.14 -32.63
N PRO D 589 -2.55 -7.59 -32.42
CA PRO D 589 -2.97 -8.38 -31.25
C PRO D 589 -2.22 -9.72 -31.10
N HIS D 590 -1.89 -10.34 -32.23
CA HIS D 590 -1.21 -11.64 -32.27
C HIS D 590 0.12 -11.59 -31.53
N LEU D 591 0.71 -10.40 -31.49
CA LEU D 591 1.96 -10.17 -30.78
C LEU D 591 1.80 -10.56 -29.31
N GLN D 592 0.63 -10.22 -28.77
CA GLN D 592 0.29 -10.59 -27.39
C GLN D 592 0.47 -12.09 -27.18
N GLU D 593 -0.04 -12.88 -28.14
CA GLU D 593 0.14 -14.34 -28.06
C GLU D 593 1.58 -14.73 -27.82
N ARG D 594 2.51 -14.05 -28.49
CA ARG D 594 3.92 -14.41 -28.37
C ARG D 594 4.39 -14.21 -26.92
N VAL D 595 3.89 -13.14 -26.28
CA VAL D 595 4.27 -12.85 -24.90
C VAL D 595 3.88 -13.99 -23.98
N ASP D 596 2.64 -14.48 -24.14
CA ASP D 596 2.15 -15.60 -23.33
C ASP D 596 3.06 -16.80 -23.53
N LYS D 597 3.41 -17.10 -24.77
CA LYS D 597 4.32 -18.21 -25.09
C LYS D 597 5.70 -18.06 -24.47
N GLY D 598 6.23 -16.84 -24.53
CA GLY D 598 7.54 -16.55 -23.97
C GLY D 598 7.56 -16.84 -22.48
N ILE D 599 6.54 -16.37 -21.79
CA ILE D 599 6.38 -16.60 -20.36
C ILE D 599 6.37 -18.09 -20.05
N GLU D 600 5.72 -18.88 -20.90
CA GLU D 600 5.56 -20.31 -20.63
C GLU D 600 6.91 -21.03 -20.63
N THR D 601 7.78 -20.64 -21.56
CA THR D 601 9.07 -21.29 -21.74
C THR D 601 10.24 -20.59 -21.05
N ASP D 602 10.05 -19.33 -20.68
CA ASP D 602 11.13 -18.55 -20.05
C ASP D 602 10.90 -18.31 -18.58
N GLY D 603 9.64 -18.36 -18.15
CA GLY D 603 9.29 -17.91 -16.81
C GLY D 603 9.03 -16.42 -16.79
N SER D 604 8.62 -15.91 -15.63
CA SER D 604 8.32 -14.49 -15.52
C SER D 604 9.35 -13.76 -14.65
N ASN D 605 9.58 -12.49 -14.97
CA ASN D 605 10.48 -11.65 -14.19
C ASN D 605 9.78 -10.93 -13.05
N LEU D 606 8.48 -11.08 -12.94
CA LEU D 606 7.70 -10.35 -11.94
C LEU D 606 7.72 -11.06 -10.58
N SER D 607 8.50 -10.56 -9.65
CA SER D 607 8.69 -11.24 -8.37
C SER D 607 7.56 -11.07 -7.37
N GLY D 608 6.71 -10.09 -7.62
CA GLY D 608 5.64 -9.78 -6.68
C GLY D 608 4.86 -8.58 -7.17
N VAL D 609 3.78 -8.26 -6.45
CA VAL D 609 2.99 -7.09 -6.78
C VAL D 609 2.39 -6.54 -5.50
N SER D 610 2.14 -5.23 -5.49
CA SER D 610 1.37 -4.62 -4.43
C SER D 610 -0.05 -4.48 -4.92
N ALA D 611 -1.00 -5.10 -4.24
CA ALA D 611 -2.37 -5.07 -4.71
C ALA D 611 -3.31 -5.31 -3.54
N LYS D 612 -4.59 -5.09 -3.79
CA LYS D 612 -5.59 -5.37 -2.79
C LYS D 612 -5.74 -6.87 -2.69
N CYS D 613 -5.54 -7.39 -1.49
CA CYS D 613 -5.68 -8.81 -1.29
C CYS D 613 -5.72 -9.04 0.21
N ALA D 614 -6.13 -10.22 0.65
CA ALA D 614 -6.14 -10.49 2.07
C ALA D 614 -6.41 -11.95 2.29
N TRP D 615 -6.25 -12.38 3.53
CA TRP D 615 -6.55 -13.75 3.86
C TRP D 615 -6.88 -13.84 5.33
N ASP D 616 -7.54 -14.91 5.69
CA ASP D 616 -7.78 -15.20 7.09
C ASP D 616 -7.93 -16.68 7.29
N ASP D 617 -7.60 -17.08 8.51
CA ASP D 617 -7.62 -18.50 8.82
C ASP D 617 -9.02 -19.04 8.67
N LEU D 618 -10.04 -18.21 9.00
CA LEU D 618 -11.51 -18.52 9.01
C LEU D 618 -12.08 -17.86 10.30
N PRO D 619 -11.49 -18.22 11.47
CA PRO D 619 -11.79 -17.52 12.73
C PRO D 619 -11.35 -16.07 12.64
N SER D 620 -10.14 -15.87 12.13
CA SER D 620 -9.63 -14.52 11.86
C SER D 620 -9.36 -13.77 13.18
N ARG D 621 -9.19 -12.45 13.04
CA ARG D 621 -9.23 -11.53 14.17
C ARG D 621 -8.25 -11.87 15.28
N GLY D 622 -7.09 -12.35 14.91
CA GLY D 622 -6.01 -12.53 15.89
C GLY D 622 -4.90 -11.56 15.52
N GLU D 623 -4.52 -10.67 16.42
CA GLU D 623 -3.57 -9.64 16.02
C GLU D 623 -2.16 -10.02 16.49
N ASP D 624 -2.02 -11.30 16.85
CA ASP D 624 -0.80 -11.76 17.52
C ASP D 624 0.48 -11.53 16.69
N PRO D 625 1.52 -11.04 17.32
CA PRO D 625 2.70 -10.80 16.48
C PRO D 625 3.81 -11.80 16.80
N ILE D 626 4.79 -11.91 15.90
CA ILE D 626 5.95 -12.80 16.10
C ILE D 626 5.71 -14.25 15.76
N ARG D 627 4.82 -14.88 16.53
CA ARG D 627 4.74 -16.34 16.52
C ARG D 627 4.31 -16.87 15.15
N THR D 628 4.86 -18.03 14.84
CA THR D 628 4.58 -18.74 13.61
C THR D 628 3.54 -19.80 13.89
N ARG D 629 2.54 -19.89 13.01
CA ARG D 629 1.48 -20.85 13.21
C ARG D 629 1.20 -21.53 11.91
N GLN D 630 0.62 -22.72 11.99
CA GLN D 630 0.23 -23.45 10.79
C GLN D 630 -1.27 -23.63 10.76
N LEU D 631 -1.87 -23.32 9.62
CA LEU D 631 -3.32 -23.42 9.47
C LEU D 631 -3.69 -24.40 8.37
N GLU D 632 -4.65 -25.28 8.65
CA GLU D 632 -5.11 -26.24 7.66
C GLU D 632 -5.90 -25.60 6.52
N SER D 633 -6.75 -24.63 6.85
CA SER D 633 -7.65 -24.04 5.87
C SER D 633 -7.29 -22.59 5.59
N VAL D 634 -7.23 -22.24 4.30
CA VAL D 634 -6.77 -20.92 3.91
C VAL D 634 -7.85 -20.31 3.05
N HIS D 635 -8.14 -19.04 3.27
CA HIS D 635 -9.06 -18.34 2.38
C HIS D 635 -8.33 -17.11 1.85
N LEU D 636 -8.06 -17.11 0.54
CA LEU D 636 -7.39 -15.99 -0.11
C LEU D 636 -8.48 -15.14 -0.71
N LYS D 637 -8.27 -13.84 -0.68
CA LYS D 637 -9.24 -12.91 -1.21
C LYS D 637 -8.56 -11.95 -2.18
N PHE D 638 -9.19 -11.69 -3.32
CA PHE D 638 -8.52 -10.84 -4.30
C PHE D 638 -9.41 -9.76 -4.91
N ASN D 639 -8.75 -8.71 -5.37
CA ASN D 639 -9.31 -7.67 -6.20
C ASN D 639 -9.41 -8.25 -7.59
N GLN D 640 -10.18 -7.61 -8.46
CA GLN D 640 -10.28 -8.10 -9.82
C GLN D 640 -8.87 -8.02 -10.44
N GLU D 641 -8.21 -6.88 -10.21
CA GLU D 641 -6.90 -6.65 -10.83
C GLU D 641 -5.89 -7.63 -10.32
N SER D 642 -5.90 -7.88 -9.01
CA SER D 642 -4.92 -8.77 -8.41
C SER D 642 -5.20 -10.19 -8.86
N GLY D 643 -6.47 -10.56 -8.93
CA GLY D 643 -6.84 -11.91 -9.29
C GLY D 643 -6.39 -12.23 -10.70
N ALA D 644 -6.52 -11.24 -11.58
CA ALA D 644 -6.15 -11.45 -12.97
C ALA D 644 -4.72 -11.92 -13.13
N LEU D 645 -3.90 -11.79 -12.08
CA LEU D 645 -2.50 -12.19 -12.14
C LEU D 645 -2.27 -13.63 -11.68
N ILE D 646 -3.29 -14.28 -11.11
CA ILE D 646 -3.12 -15.61 -10.56
C ILE D 646 -2.59 -16.55 -11.63
N PRO D 647 -3.12 -16.47 -12.85
CA PRO D 647 -2.50 -17.31 -13.88
C PRO D 647 -1.01 -17.03 -14.06
N LEU D 648 -0.62 -15.76 -14.06
CA LEU D 648 0.79 -15.42 -14.16
C LEU D 648 1.60 -15.98 -13.00
N CYS D 649 1.04 -15.85 -11.80
CA CYS D 649 1.68 -16.32 -10.59
C CYS D 649 1.93 -17.82 -10.67
N LEU D 650 0.93 -18.57 -11.13
CA LEU D 650 1.02 -20.02 -11.17
C LEU D 650 1.85 -20.49 -12.36
N ARG D 651 1.39 -20.20 -13.57
CA ARG D 651 2.09 -20.63 -14.79
C ARG D 651 3.43 -19.98 -14.99
N GLY D 652 3.48 -18.68 -14.72
CA GLY D 652 4.66 -17.89 -14.98
C GLY D 652 5.80 -18.11 -13.99
N ARG D 653 5.47 -18.49 -12.76
CA ARG D 653 6.50 -18.65 -11.73
C ARG D 653 6.53 -19.97 -10.99
N LEU D 654 5.42 -20.41 -10.41
CA LEU D 654 5.41 -21.66 -9.68
C LEU D 654 5.87 -22.84 -10.56
N LEU D 655 5.43 -22.86 -11.81
CA LEU D 655 5.82 -23.93 -12.73
C LEU D 655 7.28 -23.86 -13.11
N HIS D 656 7.94 -22.73 -12.82
CA HIS D 656 9.37 -22.57 -13.08
C HIS D 656 10.19 -22.58 -11.79
N GLY D 657 9.63 -23.16 -10.73
CA GLY D 657 10.31 -23.28 -9.46
C GLY D 657 10.56 -21.97 -8.75
N ARG D 658 9.74 -20.97 -9.03
CA ARG D 658 9.94 -19.64 -8.45
C ARG D 658 8.73 -19.21 -7.60
N HIS D 659 8.97 -18.32 -6.65
CA HIS D 659 7.96 -17.84 -5.71
C HIS D 659 7.21 -16.64 -6.28
N PHE D 660 6.15 -16.21 -5.60
CA PHE D 660 5.48 -14.96 -5.98
C PHE D 660 4.75 -14.37 -4.78
N THR D 661 4.88 -13.06 -4.55
CA THR D 661 4.31 -12.44 -3.36
C THR D 661 3.28 -11.35 -3.71
N TYR D 662 2.04 -11.55 -3.25
CA TYR D 662 1.06 -10.48 -3.22
C TYR D 662 1.22 -9.75 -1.91
N LYS D 663 1.39 -8.41 -1.99
CA LYS D 663 1.49 -7.58 -0.79
C LYS D 663 0.31 -6.61 -0.69
N SER D 664 -0.31 -6.58 0.48
CA SER D 664 -1.50 -5.79 0.71
C SER D 664 -1.11 -4.32 0.74
N ILE D 665 -1.79 -3.51 -0.06
CA ILE D 665 -1.53 -2.06 -0.07
C ILE D 665 -1.92 -1.44 1.26
N THR D 666 -3.01 -1.92 1.86
CA THR D 666 -3.51 -1.33 3.09
C THR D 666 -3.02 -2.08 4.31
N GLY D 667 -3.07 -3.40 4.21
CA GLY D 667 -2.76 -4.25 5.34
C GLY D 667 -1.27 -4.42 5.49
N ASP D 668 -0.89 -5.16 6.51
CA ASP D 668 0.48 -5.61 6.63
C ASP D 668 0.53 -7.03 6.05
N MET D 669 -0.59 -7.46 5.50
CA MET D 669 -0.71 -8.82 4.99
C MET D 669 0.09 -9.07 3.74
N ALA D 670 0.44 -10.35 3.56
CA ALA D 670 1.17 -10.82 2.42
C ALA D 670 0.82 -12.29 2.15
N ILE D 671 0.85 -12.67 0.88
CA ILE D 671 0.58 -14.03 0.44
C ILE D 671 1.68 -14.42 -0.50
N THR D 672 2.50 -15.40 -0.12
CA THR D 672 3.57 -15.85 -1.00
C THR D 672 3.30 -17.26 -1.51
N PHE D 673 2.98 -17.37 -2.80
CA PHE D 673 2.84 -18.67 -3.44
C PHE D 673 4.24 -19.24 -3.63
N VAL D 674 4.40 -20.49 -3.20
CA VAL D 674 5.69 -21.14 -3.19
C VAL D 674 5.62 -22.49 -3.91
N SER D 675 6.56 -22.76 -4.81
CA SER D 675 6.62 -24.05 -5.52
C SER D 675 7.45 -25.10 -4.80
N THR D 676 7.38 -26.34 -5.30
CA THR D 676 8.23 -27.40 -4.77
C THR D 676 9.71 -27.09 -5.05
N GLY D 677 10.55 -27.39 -4.08
CA GLY D 677 11.98 -27.18 -4.25
C GLY D 677 12.54 -25.81 -3.92
N VAL D 678 11.71 -24.89 -3.44
CA VAL D 678 12.21 -23.59 -3.00
C VAL D 678 12.96 -23.77 -1.71
N GLU D 679 13.79 -22.81 -1.37
CA GLU D 679 14.59 -22.92 -0.16
C GLU D 679 14.19 -21.80 0.76
N GLY D 680 14.19 -22.03 2.05
CA GLY D 680 13.94 -20.98 3.01
C GLY D 680 12.51 -20.78 3.42
N ALA D 681 11.58 -21.48 2.78
CA ALA D 681 10.16 -21.32 3.14
C ALA D 681 9.80 -22.05 4.42
N PHE D 682 8.91 -21.48 5.21
CA PHE D 682 8.46 -22.17 6.42
C PHE D 682 7.20 -22.95 6.10
N ALA D 683 6.83 -22.95 4.83
CA ALA D 683 5.75 -23.76 4.32
C ALA D 683 6.34 -25.03 3.73
N THR D 684 5.87 -26.19 4.19
CA THR D 684 6.42 -27.46 3.76
C THR D 684 5.32 -28.24 3.07
N GLU D 685 5.67 -29.25 2.29
CA GLU D 685 4.65 -30.04 1.60
C GLU D 685 3.77 -30.71 2.63
N GLU D 686 4.39 -31.12 3.72
CA GLU D 686 3.68 -31.77 4.80
C GLU D 686 2.66 -30.82 5.40
N HIS D 687 3.00 -29.55 5.49
CA HIS D 687 2.06 -28.53 5.99
C HIS D 687 2.14 -27.34 5.05
N PRO D 688 1.36 -27.37 3.96
CA PRO D 688 1.49 -26.39 2.87
C PRO D 688 1.20 -24.96 3.29
N TYR D 689 0.23 -24.75 4.16
CA TYR D 689 -0.15 -23.40 4.49
C TYR D 689 0.34 -23.03 5.88
N ALA D 690 1.22 -22.03 5.92
CA ALA D 690 1.74 -21.54 7.19
C ALA D 690 1.92 -20.05 7.13
N ALA D 691 1.84 -19.40 8.29
CA ALA D 691 1.98 -17.94 8.31
C ALA D 691 2.81 -17.49 9.48
N HIS D 692 3.71 -16.56 9.16
CA HIS D 692 4.51 -15.85 10.15
C HIS D 692 4.01 -14.42 10.32
N GLY D 693 3.35 -14.17 11.44
CA GLY D 693 2.65 -12.91 11.61
C GLY D 693 1.61 -12.82 10.52
N PRO D 694 1.49 -11.67 9.88
CA PRO D 694 0.52 -11.50 8.83
C PRO D 694 1.02 -12.01 7.49
N TRP D 695 2.25 -12.49 7.44
CA TRP D 695 2.82 -12.93 6.18
C TRP D 695 2.50 -14.42 6.00
N LEU D 696 1.90 -14.79 4.88
CA LEU D 696 1.48 -16.17 4.65
C LEU D 696 2.25 -16.77 3.48
N GLN D 697 2.74 -17.99 3.66
CA GLN D 697 3.35 -18.76 2.59
C GLN D 697 2.51 -19.98 2.36
N ILE D 698 2.17 -20.24 1.10
CA ILE D 698 1.46 -21.48 0.77
C ILE D 698 2.21 -22.23 -0.33
N LEU D 699 2.47 -23.52 -0.08
CA LEU D 699 3.23 -24.34 -1.02
C LEU D 699 2.26 -25.14 -1.87
N LEU D 700 2.42 -25.07 -3.18
CA LEU D 700 1.56 -25.82 -4.08
C LEU D 700 2.37 -26.80 -4.94
N THR D 701 1.86 -28.02 -5.07
CA THR D 701 2.50 -29.04 -5.90
C THR D 701 2.24 -28.78 -7.37
N GLU D 702 3.14 -29.24 -8.25
CA GLU D 702 3.00 -28.96 -9.69
C GLU D 702 1.67 -29.52 -10.23
N GLU D 703 1.32 -30.73 -9.78
CA GLU D 703 0.11 -31.37 -10.26
C GLU D 703 -1.10 -30.51 -9.91
N PHE D 704 -1.13 -30.07 -8.66
CA PHE D 704 -2.24 -29.26 -8.16
C PHE D 704 -2.31 -27.91 -8.86
N VAL D 705 -1.15 -27.35 -9.19
CA VAL D 705 -1.09 -26.06 -9.87
C VAL D 705 -1.74 -26.20 -11.25
N GLU D 706 -1.43 -27.30 -11.93
CA GLU D 706 -1.98 -27.51 -13.27
C GLU D 706 -3.49 -27.65 -13.17
N LYS D 707 -3.91 -28.37 -12.12
CA LYS D 707 -5.35 -28.51 -11.91
C LYS D 707 -5.92 -27.12 -11.67
N MET D 708 -5.21 -26.33 -10.87
CA MET D 708 -5.70 -25.04 -10.42
C MET D 708 -5.93 -24.12 -11.60
N LEU D 709 -4.98 -24.15 -12.54
CA LEU D 709 -5.10 -23.38 -13.75
C LEU D 709 -6.28 -23.88 -14.56
N GLU D 710 -6.49 -25.20 -14.57
CA GLU D 710 -7.58 -25.73 -15.38
C GLU D 710 -8.92 -25.19 -14.90
N ASP D 711 -9.12 -25.11 -13.58
CA ASP D 711 -10.42 -24.68 -13.08
C ASP D 711 -10.52 -23.16 -13.06
N LEU D 712 -9.43 -22.49 -13.40
CA LEU D 712 -9.36 -21.03 -13.37
C LEU D 712 -9.27 -20.41 -14.77
N GLU D 713 -8.43 -21.02 -15.61
CA GLU D 713 -8.03 -20.42 -16.87
C GLU D 713 -9.18 -19.97 -17.73
N ASP D 714 -10.14 -20.86 -17.93
CA ASP D 714 -11.29 -20.57 -18.79
C ASP D 714 -12.58 -21.22 -18.27
N LEU D 715 -13.47 -20.38 -17.75
CA LEU D 715 -14.76 -20.86 -17.29
C LEU D 715 -15.57 -21.43 -18.46
N THR D 716 -15.50 -20.75 -19.60
CA THR D 716 -16.20 -21.16 -20.81
C THR D 716 -17.67 -20.71 -20.81
N SER D 717 -18.04 -19.92 -19.81
CA SER D 717 -19.41 -19.42 -19.70
C SER D 717 -19.45 -18.08 -18.98
N LYS D 722 -17.50 -13.45 -13.92
CA LYS D 722 -17.86 -12.17 -13.34
C LYS D 722 -17.47 -12.10 -11.87
N LEU D 723 -17.95 -11.07 -11.18
CA LEU D 723 -17.65 -10.90 -9.77
C LEU D 723 -18.94 -10.91 -8.95
N PRO D 724 -18.94 -11.54 -7.78
CA PRO D 724 -17.79 -12.29 -7.24
C PRO D 724 -17.60 -13.66 -7.89
N LYS D 725 -16.35 -14.09 -8.01
CA LYS D 725 -16.01 -15.42 -8.51
C LYS D 725 -15.50 -16.26 -7.35
N GLU D 726 -16.02 -17.47 -7.21
CA GLU D 726 -15.68 -18.31 -6.07
C GLU D 726 -15.00 -19.59 -6.52
N TYR D 727 -13.96 -19.98 -5.80
CA TYR D 727 -13.28 -21.22 -6.07
C TYR D 727 -13.10 -21.99 -4.77
N SER D 728 -13.20 -23.31 -4.87
CA SER D 728 -13.09 -24.18 -3.71
C SER D 728 -12.29 -25.40 -4.12
N TRP D 729 -11.60 -26.02 -3.16
CA TRP D 729 -10.87 -27.25 -3.38
C TRP D 729 -10.98 -28.14 -2.11
N PRO D 730 -10.49 -29.41 -2.19
CA PRO D 730 -10.62 -30.23 -0.99
C PRO D 730 -9.96 -29.60 0.26
N GLU D 731 -8.89 -28.83 0.13
CA GLU D 731 -8.18 -28.31 1.30
C GLU D 731 -8.32 -26.82 1.55
N LYS D 732 -8.68 -26.07 0.52
CA LYS D 732 -8.64 -24.61 0.58
C LYS D 732 -9.64 -23.93 -0.33
N LYS D 733 -9.99 -22.69 0.00
CA LYS D 733 -10.90 -21.94 -0.83
C LYS D 733 -10.29 -20.60 -1.22
N LEU D 734 -10.50 -20.19 -2.48
CA LEU D 734 -10.01 -18.89 -2.92
C LEU D 734 -11.16 -18.15 -3.59
N LYS D 735 -11.27 -16.85 -3.33
CA LYS D 735 -12.33 -16.06 -3.97
C LYS D 735 -11.84 -14.73 -4.57
N VAL D 736 -12.49 -14.34 -5.66
CA VAL D 736 -12.23 -13.05 -6.30
C VAL D 736 -13.41 -12.16 -5.98
N SER D 737 -13.14 -10.95 -5.49
CA SER D 737 -14.19 -10.12 -4.94
C SER D 737 -14.19 -8.68 -5.42
N ILE D 738 -15.36 -8.06 -5.32
CA ILE D 738 -15.53 -6.64 -5.56
C ILE D 738 -14.80 -5.95 -4.41
N LEU D 739 -14.41 -4.70 -4.58
CA LEU D 739 -13.51 -4.10 -3.60
C LEU D 739 -14.23 -3.55 -2.38
N PRO D 740 -14.23 -4.40 -1.26
CA PRO D 740 -14.68 -3.74 -0.04
C PRO D 740 -13.47 -3.37 0.82
N ASP D 741 -12.28 -3.63 0.28
CA ASP D 741 -11.02 -3.43 0.98
C ASP D 741 -10.78 -1.96 1.35
N VAL D 742 -11.16 -1.05 0.47
CA VAL D 742 -10.90 0.36 0.70
C VAL D 742 -11.57 0.80 1.99
N VAL D 743 -10.87 1.65 2.75
CA VAL D 743 -11.33 2.03 4.09
C VAL D 743 -11.31 3.54 4.37
N PHE D 744 -12.28 4.26 3.80
CA PHE D 744 -12.48 5.67 4.17
C PHE D 744 -13.96 6.09 4.25
N ASP D 745 -14.86 5.21 3.80
CA ASP D 745 -16.29 5.52 3.79
C ASP D 745 -16.96 5.34 5.16
N SER D 746 -18.12 5.96 5.34
CA SER D 746 -18.84 5.89 6.60
C SER D 746 -19.90 4.78 6.59
#